data_9JSL
#
_entry.id   9JSL
#
_cell.length_a   1.00
_cell.length_b   1.00
_cell.length_c   1.00
_cell.angle_alpha   90.00
_cell.angle_beta   90.00
_cell.angle_gamma   90.00
#
_symmetry.space_group_name_H-M   'P 1'
#
loop_
_entity.id
_entity.type
_entity.pdbx_description
1 polymer 'Iota toxin component Ib'
2 non-polymer 'CALCIUM ION'
#
_entity_poly.entity_id   1
_entity_poly.type   'polypeptide(L)'
_entity_poly.pdbx_seq_one_letter_code
;NNFFDVRFFSAAWEDEDLDTDNDNIPDAYEKNGYTIKDSIAVKWNDSFAEQGYKKYVSSYLESNTAGDPYTDYQKASGSI
DKAIKLEARDPLVAAYPVVGVGMENLIISTNEHASSDQGKTVSRATTNSKTDANTVGVSISAGYQNGFTGNITTSYSHTT
DNSTAVQDSNGESWNTGLSINKGESAYINANVRYYNTGTAPMYKVTPTTNLVLDGETLATIKAQDNQIGNNLSPNETYPK
KGLSPLALNTMDQFNARLIPINYDQLKKLDSGKQIKLETTQVSGNYGTKNSQGQIITEGNSWSNYISQIDSVSASIILDT
GSQTFERRVAAKEQGNPEDKTPEITIGEAIKKAFSATKNGELLYFNGIPIDESCVELIFDDNTSEIIKEQLKYLDDKKIY
NVKLERGMNILIKVPSYFTNFDEYNNFPASWSNIDTKNQDGLQSVANKLSGETKIIIPMSKLKPYKRYVFSGYSKDPSTS
NSITVNIKSKEQKTDYLVPEKDYTKFSYEFETTGKDSSDIEITLTSSGVIFLDNLSITELNSTPEILKEPEIKVPSDQEI
LDAHNKYYADIKLDTNTGNTYIDGIYFEPTQTNKEALDYIQKYRVEATLQYSGFKDIGTKDKEIRNYLGDQNQPKTNYIN
FRSYFTSGENVMTYKKLRIYAVTPDNRELLVLSVNLEHHHHHH
;
_entity_poly.pdbx_strand_id   A,B,C,D,E,F,G
#
loop_
_chem_comp.id
_chem_comp.type
_chem_comp.name
_chem_comp.formula
CA non-polymer 'CALCIUM ION' 'Ca 2'
#
# COMPACT_ATOMS: atom_id res chain seq x y z
N GLU A 16 13.21 -48.35 -15.56
CA GLU A 16 12.24 -48.07 -14.50
C GLU A 16 11.62 -46.70 -14.69
N ASP A 17 10.75 -46.31 -13.76
CA ASP A 17 10.07 -45.02 -13.82
C ASP A 17 10.09 -44.31 -12.47
N LEU A 18 11.09 -44.63 -11.63
CA LEU A 18 11.18 -44.03 -10.30
C LEU A 18 11.68 -42.60 -10.41
N ASP A 19 10.94 -41.67 -9.82
CA ASP A 19 11.29 -40.24 -9.83
C ASP A 19 11.39 -39.78 -8.39
N THR A 20 12.61 -39.69 -7.87
CA THR A 20 12.81 -39.28 -6.48
C THR A 20 12.59 -37.78 -6.31
N ASP A 21 13.08 -36.98 -7.25
CA ASP A 21 12.99 -35.53 -7.15
C ASP A 21 11.76 -34.95 -7.84
N ASN A 22 10.95 -35.78 -8.49
CA ASN A 22 9.68 -35.37 -9.10
C ASN A 22 9.88 -34.23 -10.10
N ASP A 23 10.61 -34.54 -11.17
CA ASP A 23 10.80 -33.59 -12.27
C ASP A 23 10.52 -34.23 -13.62
N ASN A 24 9.68 -35.28 -13.65
CA ASN A 24 9.22 -35.96 -14.85
C ASN A 24 10.32 -36.70 -15.60
N ILE A 25 11.53 -36.79 -15.03
CA ILE A 25 12.62 -37.55 -15.63
C ILE A 25 13.04 -38.65 -14.68
N PRO A 26 12.90 -39.92 -15.06
CA PRO A 26 13.28 -41.02 -14.16
C PRO A 26 14.75 -40.96 -13.79
N ASP A 27 15.06 -41.36 -12.55
CA ASP A 27 16.42 -41.26 -12.05
C ASP A 27 17.38 -42.15 -12.83
N ALA A 28 16.89 -43.27 -13.37
CA ALA A 28 17.73 -44.12 -14.19
C ALA A 28 18.23 -43.40 -15.44
N TYR A 29 17.37 -42.55 -16.02
CA TYR A 29 17.79 -41.76 -17.17
C TYR A 29 18.68 -40.59 -16.77
N GLU A 30 18.47 -40.04 -15.58
CA GLU A 30 19.27 -38.88 -15.15
C GLU A 30 20.70 -39.31 -14.78
N LYS A 31 20.85 -40.49 -14.19
CA LYS A 31 22.19 -40.97 -13.83
C LYS A 31 23.05 -41.14 -15.08
N ASN A 32 22.53 -41.83 -16.09
CA ASN A 32 23.21 -41.97 -17.38
C ASN A 32 22.79 -40.82 -18.29
N GLY A 33 23.12 -40.92 -19.57
CA GLY A 33 22.69 -39.92 -20.51
C GLY A 33 21.20 -40.00 -20.81
N TYR A 34 20.63 -38.86 -21.19
CA TYR A 34 19.22 -38.81 -21.58
C TYR A 34 19.01 -37.61 -22.50
N THR A 35 17.95 -37.70 -23.29
CA THR A 35 17.59 -36.62 -24.22
C THR A 35 16.06 -36.55 -24.31
N ILE A 36 15.58 -35.40 -24.75
CA ILE A 36 14.14 -35.13 -24.83
C ILE A 36 13.68 -35.34 -26.26
N LYS A 37 12.70 -36.22 -26.44
CA LYS A 37 12.10 -36.48 -27.74
C LYS A 37 10.58 -36.43 -27.59
N ASP A 38 9.97 -35.46 -28.28
CA ASP A 38 8.52 -35.24 -28.18
C ASP A 38 8.08 -34.99 -26.74
N SER A 39 8.86 -34.17 -26.03
CA SER A 39 8.56 -33.70 -24.68
C SER A 39 8.55 -34.81 -23.64
N ILE A 40 9.16 -35.96 -23.94
CA ILE A 40 9.30 -37.03 -22.95
C ILE A 40 10.75 -37.52 -22.98
N ALA A 41 11.32 -37.75 -21.80
CA ALA A 41 12.69 -38.22 -21.71
C ALA A 41 12.79 -39.66 -22.21
N VAL A 42 13.86 -39.93 -22.96
CA VAL A 42 14.11 -41.27 -23.50
C VAL A 42 15.55 -41.66 -23.20
N LYS A 43 15.78 -42.95 -23.08
CA LYS A 43 17.14 -43.46 -22.85
C LYS A 43 18.05 -43.09 -24.01
N TRP A 44 19.22 -42.56 -23.69
CA TRP A 44 20.14 -42.11 -24.73
C TRP A 44 20.71 -43.30 -25.49
N ASN A 45 20.86 -43.12 -26.80
CA ASN A 45 21.46 -44.12 -27.68
C ASN A 45 22.56 -43.46 -28.49
N ASP A 46 23.55 -44.26 -28.89
CA ASP A 46 24.69 -43.74 -29.62
C ASP A 46 24.33 -43.29 -31.04
N SER A 47 23.16 -43.67 -31.55
CA SER A 47 22.76 -43.34 -32.90
C SER A 47 22.02 -42.01 -33.02
N PHE A 48 21.76 -41.34 -31.88
CA PHE A 48 21.00 -40.09 -31.92
C PHE A 48 21.84 -38.88 -32.31
N ALA A 49 23.16 -39.01 -32.34
CA ALA A 49 24.01 -37.86 -32.67
C ALA A 49 23.92 -37.49 -34.15
N GLU A 50 23.49 -38.43 -35.01
CA GLU A 50 23.41 -38.14 -36.44
C GLU A 50 22.41 -37.03 -36.73
N GLN A 51 21.25 -37.06 -36.06
CA GLN A 51 20.25 -36.03 -36.27
C GLN A 51 20.63 -34.71 -35.60
N GLY A 52 21.67 -34.68 -34.78
CA GLY A 52 22.08 -33.49 -34.07
C GLY A 52 21.63 -33.40 -32.63
N TYR A 53 21.12 -34.50 -32.06
CA TYR A 53 20.67 -34.48 -30.68
C TYR A 53 21.86 -34.32 -29.73
N LYS A 54 21.55 -34.12 -28.45
CA LYS A 54 22.55 -33.92 -27.43
C LYS A 54 22.28 -34.84 -26.24
N LYS A 55 23.34 -35.15 -25.50
CA LYS A 55 23.28 -36.05 -24.35
C LYS A 55 23.38 -35.21 -23.08
N TYR A 56 22.38 -35.33 -22.22
CA TYR A 56 22.30 -34.56 -20.99
C TYR A 56 22.50 -35.46 -19.77
N VAL A 57 23.13 -34.91 -18.74
CA VAL A 57 23.28 -35.60 -17.46
C VAL A 57 22.96 -34.61 -16.34
N SER A 58 22.42 -35.13 -15.25
CA SER A 58 22.06 -34.30 -14.11
C SER A 58 21.89 -35.19 -12.89
N SER A 59 21.86 -34.56 -11.71
CA SER A 59 21.70 -35.30 -10.47
C SER A 59 20.28 -35.83 -10.33
N TYR A 60 20.15 -37.01 -9.73
CA TYR A 60 18.86 -37.65 -9.58
C TYR A 60 18.18 -37.34 -8.26
N LEU A 61 18.68 -36.35 -7.51
CA LEU A 61 18.09 -35.98 -6.24
C LEU A 61 17.60 -34.54 -6.19
N GLU A 62 18.00 -33.68 -7.13
CA GLU A 62 17.65 -32.27 -7.11
C GLU A 62 16.86 -31.91 -8.36
N SER A 63 15.86 -31.05 -8.18
CA SER A 63 15.10 -30.54 -9.32
C SER A 63 15.83 -29.42 -10.04
N ASN A 64 16.68 -28.67 -9.34
CA ASN A 64 17.48 -27.58 -9.91
C ASN A 64 18.94 -27.96 -9.72
N THR A 65 19.50 -28.66 -10.71
CA THR A 65 20.89 -29.12 -10.60
C THR A 65 21.87 -27.96 -10.60
N ALA A 66 21.67 -26.98 -11.49
CA ALA A 66 22.59 -25.85 -11.62
C ALA A 66 22.22 -24.68 -10.72
N GLY A 67 21.08 -24.71 -10.05
CA GLY A 67 20.67 -23.65 -9.15
C GLY A 67 19.78 -22.60 -9.77
N ASP A 68 19.71 -22.52 -11.10
CA ASP A 68 18.92 -21.50 -11.76
C ASP A 68 17.43 -21.79 -11.58
N PRO A 69 16.57 -20.77 -11.72
CA PRO A 69 15.15 -20.93 -11.36
C PRO A 69 14.36 -21.88 -12.25
N TYR A 70 15.01 -22.52 -13.21
CA TYR A 70 14.36 -23.47 -14.10
C TYR A 70 14.89 -24.87 -13.80
N THR A 71 13.98 -25.85 -13.84
CA THR A 71 14.30 -27.21 -13.43
C THR A 71 15.07 -27.93 -14.53
N ASP A 72 15.33 -29.22 -14.34
CA ASP A 72 16.06 -29.99 -15.34
C ASP A 72 15.20 -30.28 -16.57
N TYR A 73 13.94 -30.66 -16.35
CA TYR A 73 13.05 -30.93 -17.48
C TYR A 73 12.78 -29.68 -18.29
N GLN A 74 12.57 -28.54 -17.62
CA GLN A 74 12.31 -27.30 -18.33
C GLN A 74 13.52 -26.87 -19.16
N LYS A 75 14.73 -27.05 -18.62
CA LYS A 75 15.92 -26.66 -19.34
C LYS A 75 16.21 -27.61 -20.51
N ALA A 76 15.99 -28.91 -20.30
CA ALA A 76 16.30 -29.89 -21.34
C ALA A 76 15.29 -29.84 -22.47
N SER A 77 14.01 -29.69 -22.15
CA SER A 77 12.95 -29.68 -23.15
C SER A 77 12.74 -28.30 -23.77
N GLY A 78 13.46 -27.29 -23.33
CA GLY A 78 13.30 -25.95 -23.86
C GLY A 78 11.96 -25.31 -23.54
N SER A 79 11.46 -25.52 -22.32
CA SER A 79 10.21 -24.92 -21.86
C SER A 79 10.45 -23.60 -21.13
N ILE A 80 11.51 -22.88 -21.48
CA ILE A 80 11.88 -21.64 -20.81
C ILE A 80 11.80 -20.49 -21.81
N ASP A 81 12.13 -19.29 -21.36
CA ASP A 81 12.09 -18.11 -22.23
C ASP A 81 12.95 -18.32 -23.47
N LYS A 82 12.39 -17.97 -24.63
CA LYS A 82 13.04 -18.26 -25.90
C LYS A 82 14.26 -17.39 -26.16
N ALA A 83 14.50 -16.36 -25.37
CA ALA A 83 15.69 -15.54 -25.51
C ALA A 83 16.88 -16.07 -24.71
N ILE A 84 16.67 -17.13 -23.92
CA ILE A 84 17.76 -17.78 -23.20
C ILE A 84 18.53 -18.66 -24.19
N LYS A 85 19.85 -18.54 -24.19
CA LYS A 85 20.67 -19.22 -25.17
C LYS A 85 20.57 -20.73 -25.00
N LEU A 86 20.80 -21.44 -26.12
CA LEU A 86 20.86 -22.90 -26.07
C LEU A 86 22.07 -23.40 -25.30
N GLU A 87 23.02 -22.52 -25.00
CA GLU A 87 24.15 -22.87 -24.15
C GLU A 87 23.70 -23.14 -22.71
N ALA A 88 22.51 -22.66 -22.33
CA ALA A 88 21.98 -22.84 -20.99
C ALA A 88 20.95 -23.96 -20.89
N ARG A 89 20.53 -24.53 -22.01
CA ARG A 89 19.56 -25.62 -21.98
C ARG A 89 20.13 -26.90 -21.37
N ASP A 90 21.45 -27.01 -21.24
CA ASP A 90 22.06 -28.14 -20.57
C ASP A 90 21.90 -27.98 -19.06
N PRO A 91 21.33 -28.96 -18.36
CA PRO A 91 21.09 -28.80 -16.92
C PRO A 91 22.34 -28.49 -16.10
N LEU A 92 23.52 -28.72 -16.66
CA LEU A 92 24.77 -28.44 -15.97
C LEU A 92 25.25 -27.01 -16.13
N VAL A 93 24.57 -26.19 -16.93
CA VAL A 93 24.96 -24.80 -17.17
C VAL A 93 23.87 -23.90 -16.63
N ALA A 94 24.23 -23.06 -15.67
CA ALA A 94 23.28 -22.13 -15.06
C ALA A 94 22.90 -21.03 -16.05
N ALA A 95 21.65 -20.58 -15.94
CA ALA A 95 21.13 -19.51 -16.80
C ALA A 95 21.39 -18.14 -16.18
N TYR A 96 22.67 -17.85 -15.95
CA TYR A 96 23.11 -16.66 -15.27
C TYR A 96 23.23 -15.47 -16.22
N PRO A 97 22.47 -14.40 -15.97
CA PRO A 97 22.70 -13.16 -16.71
C PRO A 97 23.75 -12.29 -16.04
N VAL A 98 24.85 -12.02 -16.73
CA VAL A 98 25.95 -11.23 -16.19
C VAL A 98 25.84 -9.84 -16.81
N VAL A 99 25.20 -8.93 -16.08
CA VAL A 99 24.95 -7.58 -16.56
C VAL A 99 25.95 -6.63 -15.92
N GLY A 100 26.61 -5.82 -16.74
CA GLY A 100 27.51 -4.78 -16.28
C GLY A 100 27.09 -3.43 -16.79
N VAL A 101 27.88 -2.42 -16.42
CA VAL A 101 27.65 -1.04 -16.83
C VAL A 101 28.92 -0.50 -17.46
N GLY A 102 28.78 0.10 -18.64
CA GLY A 102 29.90 0.68 -19.36
C GLY A 102 29.70 2.18 -19.51
N MET A 103 30.74 2.93 -19.16
CA MET A 103 30.71 4.39 -19.19
C MET A 103 31.39 4.89 -20.45
N GLU A 104 30.70 5.76 -21.19
CA GLU A 104 31.17 6.24 -22.48
C GLU A 104 31.82 7.61 -22.40
N ASN A 105 31.09 8.61 -21.91
CA ASN A 105 31.55 9.99 -21.91
C ASN A 105 31.30 10.62 -20.56
N LEU A 106 32.13 11.60 -20.21
CA LEU A 106 32.01 12.34 -18.97
C LEU A 106 31.91 13.83 -19.28
N ILE A 107 31.00 14.51 -18.59
CA ILE A 107 30.78 15.94 -18.78
C ILE A 107 30.87 16.64 -17.44
N ILE A 108 31.71 17.67 -17.35
CA ILE A 108 31.86 18.48 -16.15
C ILE A 108 31.50 19.91 -16.50
N SER A 109 30.55 20.48 -15.76
CA SER A 109 30.12 21.85 -16.00
C SER A 109 29.54 22.42 -14.71
N THR A 110 29.52 23.74 -14.64
CA THR A 110 29.00 24.44 -13.46
C THR A 110 27.51 24.69 -13.60
N SER A 185 28.57 24.17 -6.32
CA SER A 185 29.71 23.91 -7.19
C SER A 185 29.26 23.34 -8.54
N ALA A 186 30.18 22.69 -9.24
CA ALA A 186 29.86 22.10 -10.53
C ALA A 186 29.01 20.86 -10.36
N TYR A 187 28.50 20.35 -11.49
CA TYR A 187 27.69 19.14 -11.52
C TYR A 187 28.36 18.11 -12.41
N ILE A 188 28.18 16.84 -12.07
CA ILE A 188 28.83 15.74 -12.78
C ILE A 188 27.75 14.80 -13.32
N ASN A 189 27.79 14.55 -14.62
CA ASN A 189 26.94 13.55 -15.25
C ASN A 189 27.74 12.78 -16.29
N ALA A 190 27.29 11.57 -16.60
CA ALA A 190 27.99 10.69 -17.52
C ALA A 190 27.00 10.04 -18.45
N ASN A 191 27.50 9.62 -19.62
CA ASN A 191 26.74 8.88 -20.61
C ASN A 191 27.15 7.41 -20.50
N VAL A 192 26.26 6.58 -19.98
CA VAL A 192 26.58 5.17 -19.75
C VAL A 192 25.73 4.30 -20.67
N ARG A 193 26.05 3.01 -20.73
CA ARG A 193 25.30 2.05 -21.54
C ARG A 193 25.47 0.68 -20.93
N TYR A 194 24.35 0.04 -20.58
CA TYR A 194 24.40 -1.25 -19.92
C TYR A 194 24.92 -2.32 -20.87
N TYR A 195 25.60 -3.32 -20.30
CA TYR A 195 26.15 -4.43 -21.07
C TYR A 195 25.70 -5.75 -20.44
N ASN A 196 25.42 -6.73 -21.28
CA ASN A 196 25.06 -8.08 -20.84
C ASN A 196 25.97 -9.07 -21.54
N THR A 197 26.59 -9.96 -20.76
CA THR A 197 27.47 -10.99 -21.30
C THR A 197 27.13 -12.39 -20.81
N GLY A 198 25.99 -12.55 -20.15
CA GLY A 198 25.59 -13.83 -19.59
C GLY A 198 24.86 -14.70 -20.59
N THR A 199 23.99 -15.55 -20.07
CA THR A 199 23.23 -16.49 -20.89
C THR A 199 21.73 -16.42 -20.62
N ALA A 200 21.22 -15.25 -20.23
CA ALA A 200 19.79 -15.09 -19.97
C ALA A 200 19.40 -13.62 -20.03
N PRO A 201 18.13 -13.31 -20.28
CA PRO A 201 17.70 -11.90 -20.27
C PRO A 201 17.38 -11.41 -18.87
N MET A 202 17.52 -10.11 -18.64
CA MET A 202 17.24 -9.50 -17.35
C MET A 202 16.27 -8.34 -17.56
N TYR A 203 15.01 -8.55 -17.20
CA TYR A 203 14.02 -7.49 -17.29
C TYR A 203 14.12 -6.55 -16.09
N LYS A 204 13.82 -5.27 -16.34
CA LYS A 204 13.83 -4.24 -15.31
C LYS A 204 15.19 -4.15 -14.63
N VAL A 205 16.19 -3.74 -15.42
CA VAL A 205 17.56 -3.62 -14.92
C VAL A 205 17.67 -2.33 -14.12
N THR A 206 18.15 -2.45 -12.88
CA THR A 206 18.33 -1.31 -11.98
C THR A 206 19.74 -1.35 -11.40
N PRO A 207 20.74 -1.00 -12.19
CA PRO A 207 22.13 -1.09 -11.70
C PRO A 207 22.43 -0.07 -10.63
N THR A 208 23.33 -0.43 -9.73
CA THR A 208 23.88 0.47 -8.73
C THR A 208 25.37 0.59 -8.97
N THR A 209 25.84 1.81 -9.20
CA THR A 209 27.24 2.04 -9.58
C THR A 209 27.88 3.02 -8.60
N ASN A 210 29.20 2.97 -8.54
CA ASN A 210 29.99 3.80 -7.64
C ASN A 210 30.87 4.74 -8.44
N LEU A 211 30.96 5.99 -7.98
CA LEU A 211 31.76 7.02 -8.63
C LEU A 211 33.03 7.21 -7.80
N VAL A 212 34.10 6.50 -8.18
CA VAL A 212 35.36 6.54 -7.45
C VAL A 212 36.39 7.26 -8.31
N LEU A 213 37.10 8.21 -7.71
CA LEU A 213 38.13 8.96 -8.43
C LEU A 213 39.50 8.33 -8.19
N ASP A 214 39.93 8.22 -6.94
CA ASP A 214 41.11 7.43 -6.58
C ASP A 214 40.89 6.92 -5.16
N GLY A 215 40.43 5.69 -5.03
CA GLY A 215 40.15 5.13 -3.72
C GLY A 215 38.90 5.70 -3.08
N GLU A 216 38.87 7.02 -2.91
CA GLU A 216 37.69 7.67 -2.35
C GLU A 216 36.50 7.50 -3.28
N THR A 217 35.35 7.18 -2.70
CA THR A 217 34.10 7.01 -3.46
C THR A 217 33.27 8.28 -3.26
N LEU A 218 33.08 9.02 -4.35
CA LEU A 218 32.38 10.31 -4.25
C LEU A 218 30.95 10.12 -3.78
N ALA A 219 30.19 9.25 -4.46
CA ALA A 219 28.80 9.02 -4.11
C ALA A 219 28.31 7.78 -4.84
N THR A 220 27.58 6.94 -4.13
CA THR A 220 26.95 5.76 -4.72
C THR A 220 25.62 6.19 -5.34
N ILE A 221 25.32 5.66 -6.52
CA ILE A 221 24.12 6.03 -7.27
C ILE A 221 23.41 4.76 -7.71
N LYS A 222 22.09 4.76 -7.61
CA LYS A 222 21.24 3.67 -8.05
C LYS A 222 20.27 4.18 -9.10
N ALA A 223 20.07 3.39 -10.15
CA ALA A 223 19.23 3.81 -11.26
C ALA A 223 17.81 4.08 -10.79
N GLN A 224 17.28 5.24 -11.17
CA GLN A 224 15.93 5.63 -10.83
C GLN A 224 14.96 5.10 -11.88
N ASP A 225 13.72 5.58 -11.85
CA ASP A 225 12.73 5.18 -12.85
C ASP A 225 13.11 5.65 -14.25
N ASN A 226 14.05 6.57 -14.37
CA ASN A 226 14.45 7.10 -15.67
C ASN A 226 15.53 6.26 -16.36
N GLN A 227 16.23 5.41 -15.63
CA GLN A 227 17.34 4.64 -16.16
C GLN A 227 17.14 3.14 -15.93
N ILE A 228 15.95 2.64 -16.22
CA ILE A 228 15.61 1.23 -16.04
C ILE A 228 15.49 0.60 -17.42
N GLY A 229 16.25 -0.47 -17.65
CA GLY A 229 16.18 -1.18 -18.91
C GLY A 229 15.08 -2.21 -18.94
N ASN A 230 14.09 -2.02 -19.81
CA ASN A 230 12.96 -2.92 -19.86
C ASN A 230 13.36 -4.33 -20.30
N ASN A 231 14.21 -4.42 -21.33
CA ASN A 231 14.68 -5.70 -21.83
C ASN A 231 16.18 -5.62 -22.09
N LEU A 232 16.88 -6.72 -21.81
CA LEU A 232 18.32 -6.79 -22.05
C LEU A 232 18.65 -8.25 -22.42
N SER A 233 18.68 -8.52 -23.72
CA SER A 233 18.97 -9.85 -24.22
C SER A 233 20.46 -10.16 -24.09
N PRO A 234 20.83 -11.45 -24.08
CA PRO A 234 22.25 -11.79 -24.00
C PRO A 234 23.03 -11.25 -25.20
N ASN A 235 24.25 -10.79 -24.92
CA ASN A 235 25.15 -10.23 -25.93
C ASN A 235 24.55 -8.99 -26.61
N GLU A 236 23.70 -8.26 -25.89
CA GLU A 236 23.13 -7.03 -26.39
C GLU A 236 23.11 -5.99 -25.28
N THR A 237 23.07 -4.73 -25.67
CA THR A 237 23.21 -3.60 -24.75
C THR A 237 21.90 -2.82 -24.67
N TYR A 238 21.84 -1.93 -23.69
CA TYR A 238 20.74 -0.97 -23.55
C TYR A 238 21.35 0.40 -23.28
N PRO A 239 21.14 1.39 -24.16
CA PRO A 239 20.39 1.27 -25.42
C PRO A 239 21.12 0.41 -26.46
N LYS A 240 20.36 -0.22 -27.35
CA LYS A 240 20.90 -1.16 -28.30
C LYS A 240 21.82 -0.48 -29.31
N LYS A 241 22.46 -1.26 -30.17
CA LYS A 241 23.37 -0.70 -31.16
C LYS A 241 22.63 0.26 -32.08
N GLY A 242 23.26 1.40 -32.35
CA GLY A 242 22.66 2.43 -33.18
C GLY A 242 21.93 3.52 -32.43
N LEU A 243 22.04 3.56 -31.10
CA LEU A 243 21.40 4.59 -30.29
C LEU A 243 22.41 5.18 -29.32
N SER A 244 22.24 6.47 -29.03
CA SER A 244 23.17 7.16 -28.16
C SER A 244 23.03 6.66 -26.72
N PRO A 245 24.11 6.71 -25.93
CA PRO A 245 24.01 6.29 -24.53
C PRO A 245 23.12 7.20 -23.72
N LEU A 246 22.50 6.62 -22.69
CA LEU A 246 21.61 7.37 -21.82
C LEU A 246 22.40 8.21 -20.82
N ALA A 247 21.81 9.33 -20.42
CA ALA A 247 22.44 10.21 -19.45
C ALA A 247 22.19 9.72 -18.03
N LEU A 248 23.16 9.95 -17.16
CA LEU A 248 23.12 9.49 -15.76
C LEU A 248 23.44 10.69 -14.87
N ASN A 249 22.39 11.44 -14.50
CA ASN A 249 22.58 12.66 -13.72
C ASN A 249 21.71 12.63 -12.48
N THR A 250 20.57 11.94 -12.56
CA THR A 250 19.61 11.94 -11.47
C THR A 250 20.23 11.39 -10.18
N MET A 251 19.99 12.09 -9.08
CA MET A 251 20.53 11.73 -7.77
C MET A 251 19.40 11.66 -6.76
N ASP A 252 19.57 10.79 -5.77
CA ASP A 252 18.62 10.61 -4.68
C ASP A 252 17.23 10.25 -5.21
N ASN A 255 13.98 14.04 -6.10
CA ASN A 255 15.35 13.73 -6.51
C ASN A 255 16.20 14.99 -6.60
N ALA A 256 17.52 14.80 -6.62
CA ALA A 256 18.45 15.93 -6.65
C ALA A 256 19.53 15.72 -7.69
N ARG A 257 20.55 16.57 -7.68
CA ARG A 257 21.66 16.49 -8.62
C ARG A 257 22.90 15.90 -7.94
N LEU A 258 23.84 15.46 -8.76
CA LEU A 258 25.13 14.97 -8.27
C LEU A 258 26.06 16.17 -8.08
N ILE A 259 26.22 16.60 -6.84
CA ILE A 259 26.94 17.83 -6.53
C ILE A 259 28.22 17.45 -5.79
N PRO A 260 29.39 17.57 -6.42
CA PRO A 260 30.68 17.50 -5.70
C PRO A 260 31.03 18.86 -5.09
N ILE A 261 30.43 19.14 -3.93
CA ILE A 261 30.60 20.44 -3.28
C ILE A 261 32.06 20.67 -2.92
N ASN A 262 32.76 19.63 -2.50
CA ASN A 262 34.18 19.74 -2.17
C ASN A 262 34.97 20.01 -3.44
N TYR A 263 35.58 21.19 -3.52
CA TYR A 263 36.36 21.56 -4.69
C TYR A 263 37.76 20.96 -4.70
N ASP A 264 38.14 20.24 -3.64
CA ASP A 264 39.39 19.49 -3.67
C ASP A 264 39.35 18.41 -4.75
N GLN A 265 38.18 17.82 -4.98
CA GLN A 265 38.04 16.88 -6.10
C GLN A 265 38.27 17.58 -7.43
N LEU A 266 37.76 18.81 -7.58
CA LEU A 266 38.03 19.57 -8.79
C LEU A 266 39.52 19.87 -8.95
N LYS A 267 40.19 20.22 -7.85
CA LYS A 267 41.64 20.45 -7.90
C LYS A 267 42.38 19.19 -8.32
N LYS A 268 41.95 18.04 -7.80
CA LYS A 268 42.55 16.78 -8.20
C LYS A 268 42.33 16.50 -9.69
N LEU A 269 41.12 16.80 -10.17
CA LEU A 269 40.84 16.65 -11.61
C LEU A 269 41.67 17.60 -12.46
N ASP A 270 42.07 18.74 -11.89
CA ASP A 270 42.91 19.68 -12.64
C ASP A 270 44.24 19.03 -13.04
N SER A 271 44.77 18.15 -12.18
CA SER A 271 45.99 17.43 -12.53
C SER A 271 45.79 16.46 -13.67
N GLY A 272 44.56 16.12 -14.00
CA GLY A 272 44.25 15.21 -15.07
C GLY A 272 43.67 13.86 -14.66
N LYS A 273 43.18 13.73 -13.43
CA LYS A 273 42.61 12.47 -12.98
C LYS A 273 41.28 12.20 -13.68
N GLN A 274 40.98 10.92 -13.86
CA GLN A 274 39.73 10.49 -14.46
C GLN A 274 38.90 9.74 -13.43
N ILE A 275 37.58 9.87 -13.53
CA ILE A 275 36.64 9.27 -12.59
C ILE A 275 36.18 7.93 -13.16
N LYS A 276 36.28 6.88 -12.34
CA LYS A 276 35.94 5.54 -12.76
C LYS A 276 34.58 5.14 -12.23
N LEU A 277 33.77 4.51 -13.07
CA LEU A 277 32.44 4.05 -12.73
C LEU A 277 32.47 2.53 -12.61
N GLU A 278 32.30 2.03 -11.39
CA GLU A 278 32.28 0.60 -11.12
C GLU A 278 30.88 0.18 -10.68
N THR A 279 30.44 -0.98 -11.14
CA THR A 279 29.13 -1.51 -10.81
C THR A 279 29.25 -2.44 -9.61
N THR A 280 28.30 -2.32 -8.68
CA THR A 280 28.30 -3.12 -7.45
C THR A 280 27.21 -4.18 -7.43
N GLN A 281 25.97 -3.79 -7.72
CA GLN A 281 24.85 -4.73 -7.72
C GLN A 281 23.89 -4.36 -8.85
N VAL A 282 23.21 -5.37 -9.37
CA VAL A 282 22.21 -5.20 -10.42
C VAL A 282 20.99 -6.02 -10.06
N SER A 283 19.81 -5.43 -10.24
CA SER A 283 18.54 -6.07 -9.91
C SER A 283 17.73 -6.31 -11.18
N GLY A 284 17.08 -7.47 -11.24
CA GLY A 284 16.36 -7.86 -12.44
C GLY A 284 15.45 -9.06 -12.28
N ASN A 285 14.66 -9.36 -13.30
CA ASN A 285 13.63 -10.38 -13.22
C ASN A 285 13.93 -11.52 -14.21
N TYR A 286 13.21 -12.63 -14.05
CA TYR A 286 13.16 -13.67 -15.08
C TYR A 286 11.75 -13.71 -15.63
N GLY A 287 11.53 -14.61 -16.59
CA GLY A 287 10.22 -14.82 -17.18
C GLY A 287 9.73 -16.23 -16.91
N THR A 288 8.64 -16.32 -16.15
CA THR A 288 8.01 -17.59 -15.82
C THR A 288 6.55 -17.55 -16.20
N LYS A 289 6.03 -18.68 -16.67
CA LYS A 289 4.66 -18.74 -17.16
C LYS A 289 3.69 -19.03 -16.01
N ASN A 290 2.59 -18.29 -15.97
CA ASN A 290 1.56 -18.49 -14.96
C ASN A 290 0.65 -19.65 -15.39
N SER A 291 -0.48 -19.82 -14.70
CA SER A 291 -1.39 -20.90 -15.02
C SER A 291 -2.14 -20.68 -16.32
N GLN A 292 -2.33 -19.42 -16.73
CA GLN A 292 -3.10 -19.10 -17.93
C GLN A 292 -2.25 -19.07 -19.19
N GLY A 293 -0.96 -19.37 -19.09
CA GLY A 293 -0.08 -19.39 -20.24
C GLY A 293 0.68 -18.11 -20.49
N GLN A 294 0.34 -17.02 -19.81
CA GLN A 294 1.06 -15.77 -19.97
C GLN A 294 2.37 -15.80 -19.18
N ILE A 295 3.27 -14.90 -19.54
CA ILE A 295 4.55 -14.75 -18.86
C ILE A 295 4.42 -13.64 -17.82
N ILE A 296 4.78 -13.94 -16.58
CA ILE A 296 4.76 -12.97 -15.49
C ILE A 296 6.19 -12.74 -15.03
N THR A 297 6.55 -11.46 -14.85
CA THR A 297 7.91 -11.09 -14.47
C THR A 297 7.93 -10.10 -13.32
N GLU A 298 6.90 -10.13 -12.45
CA GLU A 298 6.81 -9.13 -11.39
C GLU A 298 7.28 -9.67 -10.04
N GLY A 299 6.87 -10.89 -9.66
CA GLY A 299 7.30 -11.45 -8.39
C GLY A 299 8.67 -12.07 -8.40
N ASN A 300 9.22 -12.31 -9.59
CA ASN A 300 10.52 -12.94 -9.72
C ASN A 300 11.63 -11.96 -9.37
N SER A 301 12.83 -12.49 -9.14
CA SER A 301 14.00 -11.66 -8.88
C SER A 301 15.26 -12.50 -8.99
N TRP A 302 16.18 -12.09 -9.86
CA TRP A 302 17.45 -12.80 -10.00
C TRP A 302 18.32 -12.72 -8.76
N SER A 303 18.10 -11.74 -7.89
CA SER A 303 18.90 -11.58 -6.69
C SER A 303 18.70 -12.73 -5.70
N ASN A 304 17.64 -13.52 -5.85
CA ASN A 304 17.42 -14.69 -5.01
C ASN A 304 18.26 -15.89 -5.42
N TYR A 305 18.70 -15.96 -6.67
CA TYR A 305 19.43 -17.11 -7.19
C TYR A 305 20.89 -16.80 -7.51
N ILE A 306 21.37 -15.62 -7.16
CA ILE A 306 22.79 -15.31 -7.35
C ILE A 306 23.64 -16.05 -6.33
N SER A 307 23.23 -16.02 -5.06
CA SER A 307 23.97 -16.70 -4.01
C SER A 307 24.00 -18.20 -4.24
N GLN A 308 22.87 -18.78 -4.65
CA GLN A 308 22.80 -20.22 -4.88
C GLN A 308 23.68 -20.62 -6.06
N ILE A 309 23.58 -19.88 -7.18
CA ILE A 309 24.34 -20.23 -8.37
C ILE A 309 25.83 -20.05 -8.14
N ASP A 310 26.22 -19.00 -7.41
CA ASP A 310 27.64 -18.77 -7.16
C ASP A 310 28.26 -19.90 -6.35
N SER A 311 27.52 -20.44 -5.39
CA SER A 311 28.05 -21.40 -4.43
C SER A 311 27.90 -22.85 -4.87
N VAL A 312 27.43 -23.10 -6.09
CA VAL A 312 27.27 -24.48 -6.56
C VAL A 312 27.88 -24.62 -7.94
N SER A 313 28.63 -23.61 -8.38
CA SER A 313 29.12 -23.58 -9.75
C SER A 313 30.54 -23.04 -9.78
N ALA A 314 31.22 -23.30 -10.89
CA ALA A 314 32.57 -22.81 -11.15
C ALA A 314 32.54 -21.80 -12.28
N SER A 315 33.23 -20.68 -12.10
CA SER A 315 33.20 -19.58 -13.05
C SER A 315 34.17 -19.84 -14.20
N ILE A 316 33.69 -19.65 -15.43
CA ILE A 316 34.51 -19.75 -16.62
C ILE A 316 34.27 -18.51 -17.46
N ILE A 317 35.36 -17.86 -17.89
CA ILE A 317 35.30 -16.63 -18.67
C ILE A 317 36.11 -16.82 -19.95
N LEU A 318 35.54 -16.43 -21.08
CA LEU A 318 36.20 -16.52 -22.37
C LEU A 318 36.35 -15.12 -22.96
N ASP A 319 37.55 -14.82 -23.44
CA ASP A 319 37.85 -13.53 -24.05
C ASP A 319 38.22 -13.75 -25.52
N THR A 320 37.55 -13.03 -26.42
CA THR A 320 37.79 -13.12 -27.85
C THR A 320 38.29 -11.80 -28.40
N GLY A 321 39.13 -11.11 -27.62
CA GLY A 321 39.64 -9.80 -28.04
C GLY A 321 38.69 -8.64 -27.84
N SER A 322 37.45 -8.77 -28.34
CA SER A 322 36.43 -7.75 -28.19
C SER A 322 35.22 -8.22 -27.39
N GLN A 323 34.72 -9.42 -27.66
CA GLN A 323 33.54 -9.96 -26.99
C GLN A 323 33.97 -10.90 -25.87
N THR A 324 33.44 -10.68 -24.67
CA THR A 324 33.72 -11.49 -23.51
C THR A 324 32.46 -12.22 -23.08
N PHE A 325 32.61 -13.48 -22.68
CA PHE A 325 31.49 -14.30 -22.22
C PHE A 325 31.80 -14.83 -20.83
N GLU A 326 30.85 -14.67 -19.90
CA GLU A 326 30.98 -15.19 -18.55
C GLU A 326 29.91 -16.26 -18.34
N ARG A 327 30.34 -17.45 -17.95
CA ARG A 327 29.44 -18.59 -17.77
C ARG A 327 29.77 -19.28 -16.46
N ARG A 328 28.76 -19.97 -15.91
CA ARG A 328 28.92 -20.74 -14.69
C ARG A 328 28.51 -22.18 -14.97
N VAL A 329 29.34 -23.12 -14.53
CA VAL A 329 29.12 -24.54 -14.76
C VAL A 329 28.99 -25.24 -13.42
N ALA A 330 27.94 -26.04 -13.26
CA ALA A 330 27.70 -26.73 -12.01
C ALA A 330 28.78 -27.76 -11.70
N ALA A 331 29.07 -27.93 -10.42
CA ALA A 331 30.07 -28.89 -9.97
C ALA A 331 29.62 -29.48 -8.64
N LYS A 332 30.18 -30.65 -8.31
CA LYS A 332 29.77 -31.39 -7.12
C LYS A 332 30.73 -31.13 -5.97
N GLU A 333 30.21 -31.28 -4.74
CA GLU A 333 31.02 -31.15 -3.54
C GLU A 333 31.94 -32.36 -3.41
N GLN A 334 33.01 -32.18 -2.62
CA GLN A 334 33.99 -33.23 -2.45
C GLN A 334 33.73 -34.08 -1.21
N GLY A 335 33.36 -33.45 -0.09
CA GLY A 335 33.14 -34.18 1.14
C GLY A 335 31.76 -34.77 1.31
N ASN A 336 30.79 -34.36 0.50
CA ASN A 336 29.42 -34.84 0.65
C ASN A 336 29.19 -36.04 -0.26
N PRO A 337 28.87 -37.22 0.29
CA PRO A 337 28.54 -38.36 -0.57
C PRO A 337 27.14 -38.30 -1.14
N GLU A 338 26.29 -37.39 -0.67
CA GLU A 338 24.90 -37.30 -1.12
C GLU A 338 24.71 -36.28 -2.23
N ASP A 339 25.78 -35.67 -2.74
CA ASP A 339 25.68 -34.72 -3.84
C ASP A 339 25.96 -35.47 -5.13
N LYS A 340 24.96 -35.54 -6.01
CA LYS A 340 25.01 -36.38 -7.20
C LYS A 340 25.24 -35.61 -8.48
N THR A 341 25.80 -34.40 -8.39
CA THR A 341 26.08 -33.62 -9.59
C THR A 341 27.13 -34.36 -10.44
N PRO A 342 26.89 -34.50 -11.75
CA PRO A 342 27.85 -35.24 -12.58
C PRO A 342 29.19 -34.54 -12.67
N GLU A 343 30.23 -35.35 -12.86
CA GLU A 343 31.61 -34.85 -12.98
C GLU A 343 32.00 -34.80 -14.45
N ILE A 344 32.52 -33.65 -14.88
CA ILE A 344 32.94 -33.43 -16.25
C ILE A 344 34.31 -32.77 -16.27
N THR A 345 35.08 -33.04 -17.31
CA THR A 345 36.40 -32.45 -17.46
C THR A 345 36.28 -30.97 -17.81
N ILE A 346 37.41 -30.26 -17.70
CA ILE A 346 37.43 -28.84 -18.02
C ILE A 346 37.09 -28.61 -19.49
N GLY A 347 37.66 -29.42 -20.38
CA GLY A 347 37.36 -29.28 -21.80
C GLY A 347 35.90 -29.59 -22.11
N GLU A 348 35.37 -30.66 -21.51
CA GLU A 348 33.96 -30.99 -21.72
C GLU A 348 33.07 -29.89 -21.15
N ALA A 349 33.43 -29.33 -20.00
CA ALA A 349 32.66 -28.24 -19.43
C ALA A 349 32.68 -27.02 -20.34
N ILE A 350 33.84 -26.71 -20.93
CA ILE A 350 33.95 -25.59 -21.86
C ILE A 350 33.07 -25.84 -23.08
N LYS A 351 33.11 -27.04 -23.62
CA LYS A 351 32.29 -27.38 -24.78
C LYS A 351 30.80 -27.24 -24.45
N LYS A 352 30.39 -27.72 -23.27
CA LYS A 352 28.99 -27.62 -22.88
C LYS A 352 28.57 -26.16 -22.68
N ALA A 353 29.42 -25.35 -22.05
CA ALA A 353 29.03 -24.00 -21.69
C ALA A 353 29.01 -23.08 -22.91
N PHE A 354 30.00 -23.18 -23.79
CA PHE A 354 30.13 -22.26 -24.90
C PHE A 354 29.62 -22.83 -26.22
N SER A 355 29.01 -24.02 -26.19
CA SER A 355 28.48 -24.67 -27.39
C SER A 355 29.54 -24.72 -28.50
N ALA A 356 30.66 -25.35 -28.17
CA ALA A 356 31.79 -25.44 -29.08
C ALA A 356 31.67 -26.69 -29.95
N THR A 357 31.94 -26.54 -31.24
CA THR A 357 31.89 -27.67 -32.15
C THR A 357 33.21 -28.44 -32.10
N LYS A 358 33.12 -29.76 -31.91
CA LYS A 358 34.28 -30.62 -31.81
C LYS A 358 34.40 -31.42 -33.10
N ASN A 359 35.41 -31.10 -33.92
CA ASN A 359 35.65 -31.81 -35.16
C ASN A 359 36.65 -32.94 -34.95
N GLY A 360 36.28 -33.85 -34.07
CA GLY A 360 37.12 -34.99 -33.74
C GLY A 360 38.00 -34.76 -32.53
N GLU A 361 38.91 -33.80 -32.61
CA GLU A 361 39.82 -33.54 -31.51
C GLU A 361 39.83 -32.09 -31.07
N LEU A 362 39.71 -31.15 -32.00
CA LEU A 362 39.79 -29.73 -31.67
C LEU A 362 38.44 -29.21 -31.20
N LEU A 363 38.46 -28.05 -30.54
CA LEU A 363 37.27 -27.34 -30.10
C LEU A 363 37.18 -26.02 -30.85
N TYR A 364 36.17 -25.89 -31.70
CA TYR A 364 35.97 -24.69 -32.50
C TYR A 364 34.77 -23.93 -31.96
N PHE A 365 34.99 -22.70 -31.51
CA PHE A 365 33.92 -21.89 -30.96
C PHE A 365 33.12 -21.21 -32.06
N ASN A 366 33.77 -20.34 -32.84
CA ASN A 366 33.17 -19.64 -33.96
C ASN A 366 34.10 -19.69 -35.16
N GLY A 367 34.71 -20.84 -35.38
CA GLY A 367 35.79 -20.99 -36.32
C GLY A 367 37.16 -20.70 -35.76
N ILE A 368 37.23 -20.07 -34.58
CA ILE A 368 38.49 -19.80 -33.89
C ILE A 368 38.80 -21.00 -33.01
N PRO A 369 39.99 -21.61 -33.14
CA PRO A 369 40.33 -22.77 -32.30
C PRO A 369 40.63 -22.34 -30.88
N ILE A 370 39.94 -22.95 -29.92
CA ILE A 370 40.13 -22.62 -28.51
C ILE A 370 40.72 -23.81 -27.78
N ASP A 371 41.48 -24.63 -28.51
CA ASP A 371 42.13 -25.78 -27.90
C ASP A 371 43.19 -25.31 -26.90
N GLU A 372 43.56 -26.23 -25.99
CA GLU A 372 44.49 -25.89 -24.92
C GLU A 372 45.81 -25.36 -25.47
N SER A 373 46.34 -26.00 -26.51
CA SER A 373 47.59 -25.55 -27.10
C SER A 373 47.43 -24.29 -27.94
N CYS A 374 46.22 -23.98 -28.37
CA CYS A 374 45.98 -22.84 -29.25
C CYS A 374 45.42 -21.62 -28.53
N VAL A 375 45.42 -21.62 -27.20
CA VAL A 375 44.90 -20.50 -26.43
C VAL A 375 45.59 -20.48 -25.07
N GLU A 376 45.63 -19.31 -24.45
CA GLU A 376 46.26 -19.12 -23.16
C GLU A 376 45.22 -19.14 -22.04
N LEU A 377 45.52 -19.86 -20.97
CA LEU A 377 44.62 -20.01 -19.84
C LEU A 377 45.21 -19.33 -18.61
N ILE A 378 44.37 -18.59 -17.88
CA ILE A 378 44.78 -17.87 -16.69
C ILE A 378 43.90 -18.32 -15.54
N PHE A 379 44.52 -18.83 -14.48
CA PHE A 379 43.84 -19.24 -13.27
C PHE A 379 44.28 -18.38 -12.09
N ASP A 380 43.49 -18.42 -11.02
CA ASP A 380 43.88 -17.78 -9.78
C ASP A 380 44.78 -18.74 -9.00
N ASP A 381 45.14 -18.39 -7.78
CA ASP A 381 46.08 -19.20 -7.01
C ASP A 381 45.49 -20.56 -6.66
N ASN A 382 44.24 -20.57 -6.19
CA ASN A 382 43.61 -21.81 -5.73
C ASN A 382 43.47 -22.81 -6.88
N THR A 383 42.97 -22.33 -8.03
CA THR A 383 42.85 -23.21 -9.19
C THR A 383 44.23 -23.67 -9.67
N SER A 384 45.22 -22.78 -9.56
CA SER A 384 46.58 -23.15 -9.98
C SER A 384 47.12 -24.30 -9.14
N GLU A 385 46.98 -24.22 -7.81
CA GLU A 385 47.49 -25.29 -6.97
C GLU A 385 46.67 -26.57 -7.14
N ILE A 386 45.35 -26.43 -7.34
CA ILE A 386 44.51 -27.61 -7.57
C ILE A 386 44.95 -28.32 -8.85
N ILE A 387 45.17 -27.56 -9.92
CA ILE A 387 45.57 -28.14 -11.20
C ILE A 387 46.95 -28.78 -11.07
N LYS A 388 47.88 -28.11 -10.38
CA LYS A 388 49.22 -28.67 -10.22
C LYS A 388 49.17 -29.97 -9.42
N GLU A 389 48.35 -30.03 -8.38
CA GLU A 389 48.21 -31.26 -7.61
C GLU A 389 47.59 -32.37 -8.45
N GLN A 390 46.57 -32.03 -9.25
CA GLN A 390 45.88 -33.07 -10.03
C GLN A 390 46.71 -33.54 -11.21
N LEU A 391 47.66 -32.72 -11.66
CA LEU A 391 48.45 -33.08 -12.84
C LEU A 391 49.42 -34.22 -12.56
N LYS A 392 49.91 -34.32 -11.32
CA LYS A 392 50.89 -35.36 -11.00
C LYS A 392 50.32 -36.76 -11.10
N TYR A 393 49.00 -36.92 -11.02
CA TYR A 393 48.34 -38.22 -11.13
C TYR A 393 47.73 -38.46 -12.50
N LEU A 394 47.99 -37.58 -13.47
CA LEU A 394 47.43 -37.70 -14.81
C LEU A 394 48.51 -38.17 -15.77
N ASP A 395 48.21 -39.23 -16.53
CA ASP A 395 49.17 -39.74 -17.50
C ASP A 395 49.25 -38.84 -18.73
N ASP A 396 48.11 -38.29 -19.16
CA ASP A 396 48.11 -37.45 -20.36
C ASP A 396 48.81 -36.12 -20.12
N LYS A 397 48.80 -35.64 -18.88
CA LYS A 397 49.41 -34.36 -18.51
C LYS A 397 48.84 -33.21 -19.35
N LYS A 398 47.52 -33.20 -19.48
CA LYS A 398 46.81 -32.19 -20.24
C LYS A 398 45.84 -31.46 -19.32
N ILE A 399 45.80 -30.14 -19.42
CA ILE A 399 44.98 -29.32 -18.53
C ILE A 399 43.50 -29.62 -18.74
N TYR A 400 43.08 -29.74 -20.00
CA TYR A 400 41.66 -29.91 -20.31
C TYR A 400 41.10 -31.25 -19.84
N ASN A 401 41.96 -32.20 -19.44
CA ASN A 401 41.50 -33.50 -18.97
C ASN A 401 41.26 -33.54 -17.47
N VAL A 402 41.60 -32.49 -16.74
CA VAL A 402 41.42 -32.45 -15.30
C VAL A 402 39.95 -32.24 -14.98
N LYS A 403 39.44 -32.94 -13.97
CA LYS A 403 38.04 -32.83 -13.59
C LYS A 403 37.72 -31.44 -13.06
N LEU A 404 36.55 -30.92 -13.46
CA LEU A 404 36.08 -29.65 -12.95
C LEU A 404 35.65 -29.80 -11.50
N GLU A 405 35.87 -28.75 -10.71
CA GLU A 405 35.57 -28.79 -9.28
C GLU A 405 34.88 -27.50 -8.87
N ARG A 406 34.08 -27.61 -7.80
CA ARG A 406 33.37 -26.45 -7.27
C ARG A 406 34.36 -25.41 -6.76
N GLY A 407 34.10 -24.15 -7.10
CA GLY A 407 34.93 -23.05 -6.68
C GLY A 407 36.08 -22.71 -7.60
N MET A 408 36.29 -23.49 -8.66
CA MET A 408 37.38 -23.21 -9.59
C MET A 408 37.09 -21.95 -10.39
N ASN A 409 38.14 -21.23 -10.75
CA ASN A 409 38.05 -20.05 -11.59
C ASN A 409 38.96 -20.25 -12.80
N ILE A 410 38.41 -20.04 -14.00
CA ILE A 410 39.15 -20.20 -15.24
C ILE A 410 38.88 -18.99 -16.12
N LEU A 411 39.94 -18.42 -16.68
CA LEU A 411 39.84 -17.33 -17.64
C LEU A 411 40.61 -17.72 -18.89
N ILE A 412 39.95 -17.63 -20.04
CA ILE A 412 40.53 -18.01 -21.33
C ILE A 412 40.72 -16.75 -22.15
N LYS A 413 41.95 -16.52 -22.61
CA LYS A 413 42.29 -15.34 -23.40
C LYS A 413 42.78 -15.78 -24.76
N VAL A 414 42.02 -15.45 -25.80
CA VAL A 414 42.37 -15.80 -27.17
C VAL A 414 43.47 -14.85 -27.66
N PRO A 415 44.63 -15.37 -28.08
CA PRO A 415 45.69 -14.49 -28.57
C PRO A 415 45.26 -13.73 -29.81
N SER A 416 45.71 -12.47 -29.91
CA SER A 416 45.39 -11.67 -31.08
C SER A 416 46.09 -12.20 -32.32
N TYR A 417 47.37 -12.52 -32.22
CA TYR A 417 48.14 -13.09 -33.31
C TYR A 417 48.59 -14.49 -32.94
N PHE A 418 48.25 -15.47 -33.79
CA PHE A 418 48.57 -16.86 -33.52
C PHE A 418 48.88 -17.54 -34.85
N THR A 419 50.02 -18.21 -34.93
CA THR A 419 50.43 -18.93 -36.13
C THR A 419 50.75 -20.37 -35.76
N ASN A 420 50.33 -21.30 -36.61
CA ASN A 420 50.60 -22.72 -36.43
C ASN A 420 51.32 -23.34 -37.61
N PHE A 421 51.65 -22.54 -38.64
CA PHE A 421 52.36 -22.97 -39.85
C PHE A 421 51.59 -23.99 -40.66
N ASP A 422 50.32 -24.25 -40.33
CA ASP A 422 49.51 -25.22 -41.06
C ASP A 422 48.33 -24.57 -41.77
N GLU A 423 47.46 -23.87 -41.05
CA GLU A 423 46.27 -23.29 -41.64
C GLU A 423 45.93 -21.90 -41.13
N TYR A 424 46.79 -21.29 -40.31
CA TYR A 424 46.48 -19.98 -39.73
C TYR A 424 47.78 -19.23 -39.49
N ASN A 425 47.94 -18.07 -40.14
CA ASN A 425 49.10 -17.22 -39.94
C ASN A 425 48.65 -15.78 -40.13
N ASN A 426 48.31 -15.11 -39.02
CA ASN A 426 47.82 -13.75 -39.05
C ASN A 426 48.90 -12.72 -38.71
N PHE A 427 50.15 -13.14 -38.58
CA PHE A 427 51.23 -12.21 -38.28
C PHE A 427 51.48 -11.32 -39.49
N PRO A 428 51.45 -9.99 -39.32
CA PRO A 428 51.67 -9.11 -40.49
C PRO A 428 53.03 -9.24 -41.12
N ALA A 429 54.07 -9.55 -40.34
CA ALA A 429 55.44 -9.64 -40.84
C ALA A 429 55.88 -11.10 -40.88
N SER A 430 56.47 -11.49 -42.00
CA SER A 430 56.95 -12.85 -42.15
C SER A 430 58.15 -13.11 -41.24
N TRP A 431 58.22 -14.31 -40.71
CA TRP A 431 59.32 -14.70 -39.84
C TRP A 431 60.58 -15.00 -40.67
N SER A 432 61.70 -15.15 -39.98
CA SER A 432 62.99 -15.40 -40.60
C SER A 432 63.48 -16.79 -40.25
N ASN A 433 64.13 -17.44 -41.24
CA ASN A 433 64.69 -18.78 -41.08
C ASN A 433 63.62 -19.78 -40.67
N ILE A 434 62.66 -19.97 -41.56
CA ILE A 434 61.52 -20.87 -41.35
C ILE A 434 61.56 -21.97 -42.40
N ASP A 435 61.32 -23.20 -41.97
CA ASP A 435 61.25 -24.36 -42.86
C ASP A 435 59.99 -25.14 -42.54
N THR A 436 59.13 -25.32 -43.54
CA THR A 436 57.87 -26.03 -43.36
C THR A 436 57.97 -27.51 -43.68
N LYS A 437 59.13 -28.00 -44.08
CA LYS A 437 59.31 -29.41 -44.41
C LYS A 437 59.59 -30.17 -43.12
N ASN A 438 58.52 -30.66 -42.49
CA ASN A 438 58.64 -31.39 -41.24
C ASN A 438 57.45 -32.32 -41.10
N GLN A 439 57.59 -33.32 -40.22
CA GLN A 439 56.50 -34.25 -39.95
C GLN A 439 56.37 -34.58 -38.47
N ASP A 440 57.05 -33.87 -37.58
CA ASP A 440 57.00 -34.12 -36.14
C ASP A 440 56.34 -32.97 -35.40
N GLY A 441 55.42 -32.26 -36.04
CA GLY A 441 54.76 -31.14 -35.42
C GLY A 441 53.68 -31.54 -34.45
N LEU A 442 53.11 -30.53 -33.79
CA LEU A 442 52.06 -30.78 -32.81
C LEU A 442 50.82 -31.39 -33.46
N GLN A 443 50.40 -30.84 -34.60
CA GLN A 443 49.24 -31.37 -35.31
C GLN A 443 49.62 -31.88 -36.70
N SER A 444 50.23 -31.07 -37.56
CA SER A 444 50.61 -31.52 -38.89
C SER A 444 52.12 -31.45 -39.13
N VAL A 445 52.73 -30.27 -38.97
CA VAL A 445 54.16 -30.08 -39.19
C VAL A 445 54.68 -29.12 -38.13
N ALA A 446 56.00 -28.98 -38.06
CA ALA A 446 56.63 -28.02 -37.17
C ALA A 446 57.53 -27.08 -37.94
N ASN A 447 58.26 -26.21 -37.25
CA ASN A 447 59.19 -25.27 -37.87
C ASN A 447 60.60 -25.76 -37.65
N LYS A 448 61.32 -26.02 -38.75
CA LYS A 448 62.70 -26.50 -38.69
C LYS A 448 63.64 -25.31 -38.71
N LEU A 449 64.05 -24.87 -37.51
CA LEU A 449 64.94 -23.73 -37.38
C LEU A 449 66.38 -24.20 -37.31
N SER A 450 67.24 -23.60 -38.14
CA SER A 450 68.68 -23.88 -38.14
C SER A 450 69.39 -22.54 -37.94
N GLY A 451 69.66 -22.20 -36.69
CA GLY A 451 70.30 -20.94 -36.36
C GLY A 451 69.50 -20.09 -35.40
N GLU A 452 69.00 -18.94 -35.87
CA GLU A 452 68.27 -18.01 -35.03
C GLU A 452 67.03 -17.52 -35.77
N THR A 453 66.05 -17.05 -35.00
CA THR A 453 64.82 -16.49 -35.53
C THR A 453 64.64 -15.08 -35.00
N LYS A 454 64.46 -14.13 -35.92
CA LYS A 454 64.22 -12.73 -35.57
C LYS A 454 63.03 -12.23 -36.35
N ILE A 455 62.12 -11.53 -35.66
CA ILE A 455 60.90 -11.00 -36.26
C ILE A 455 60.82 -9.51 -35.96
N ILE A 456 60.50 -8.72 -36.99
CA ILE A 456 60.32 -7.28 -36.85
C ILE A 456 58.83 -7.00 -36.91
N ILE A 457 58.24 -6.66 -35.76
CA ILE A 457 56.81 -6.43 -35.66
C ILE A 457 56.57 -4.93 -35.62
N PRO A 458 55.88 -4.36 -36.61
CA PRO A 458 55.51 -2.94 -36.54
C PRO A 458 54.51 -2.71 -35.41
N MET A 459 54.59 -1.52 -34.81
CA MET A 459 53.76 -1.18 -33.67
C MET A 459 52.41 -0.59 -34.07
N SER A 460 52.17 -0.43 -35.38
CA SER A 460 50.90 0.15 -35.83
C SER A 460 49.71 -0.70 -35.40
N LYS A 461 49.88 -2.03 -35.39
CA LYS A 461 48.82 -2.94 -34.99
C LYS A 461 48.92 -3.35 -33.53
N LEU A 462 49.47 -2.49 -32.68
CA LEU A 462 49.66 -2.77 -31.27
C LEU A 462 48.84 -1.79 -30.42
N LYS A 463 48.59 -2.19 -29.17
CA LYS A 463 47.87 -1.36 -28.23
C LYS A 463 48.85 -0.75 -27.24
N PRO A 464 49.03 0.56 -27.22
CA PRO A 464 50.01 1.17 -26.31
C PRO A 464 49.56 1.05 -24.86
N TYR A 465 50.54 1.12 -23.96
CA TYR A 465 50.33 1.05 -22.52
C TYR A 465 49.66 -0.27 -22.12
N LYS A 466 50.03 -1.35 -22.81
CA LYS A 466 49.46 -2.67 -22.55
C LYS A 466 50.57 -3.70 -22.42
N ARG A 467 50.40 -4.59 -21.44
CA ARG A 467 51.32 -5.69 -21.21
C ARG A 467 51.07 -6.79 -22.23
N TYR A 468 52.15 -7.39 -22.74
CA TYR A 468 52.06 -8.46 -23.72
C TYR A 468 52.88 -9.65 -23.26
N VAL A 469 52.40 -10.85 -23.59
CA VAL A 469 53.05 -12.10 -23.24
C VAL A 469 53.22 -12.92 -24.51
N PHE A 470 54.45 -13.41 -24.74
CA PHE A 470 54.76 -14.24 -25.90
C PHE A 470 54.90 -15.68 -25.45
N SER A 471 54.21 -16.59 -26.16
CA SER A 471 54.20 -18.00 -25.82
C SER A 471 54.47 -18.83 -27.05
N GLY A 472 55.05 -20.00 -26.83
CA GLY A 472 55.36 -20.93 -27.91
C GLY A 472 55.74 -22.28 -27.34
N TYR A 473 55.83 -23.26 -28.25
CA TYR A 473 56.16 -24.62 -27.89
C TYR A 473 57.44 -25.04 -28.60
N SER A 474 58.41 -25.55 -27.82
CA SER A 474 59.71 -25.95 -28.34
C SER A 474 59.94 -27.43 -28.08
N LYS A 475 60.42 -28.14 -29.09
CA LYS A 475 60.70 -29.57 -29.00
C LYS A 475 62.13 -29.84 -29.43
N ASP A 476 62.90 -30.49 -28.55
CA ASP A 476 64.29 -30.83 -28.81
C ASP A 476 64.64 -32.19 -28.24
N PRO A 477 64.57 -33.25 -29.03
CA PRO A 477 64.99 -34.58 -28.53
C PRO A 477 66.45 -34.62 -28.10
N SER A 478 67.31 -33.77 -28.69
CA SER A 478 68.72 -33.77 -28.33
C SER A 478 68.93 -33.35 -26.88
N THR A 479 68.18 -32.35 -26.41
CA THR A 479 68.29 -31.82 -25.05
C THR A 479 69.73 -31.37 -24.75
N SER A 480 70.37 -30.74 -25.75
CA SER A 480 71.73 -30.27 -25.58
C SER A 480 71.96 -28.89 -26.17
N ASN A 481 70.89 -28.17 -26.54
CA ASN A 481 71.01 -26.83 -27.12
C ASN A 481 70.38 -25.82 -26.19
N SER A 482 71.10 -24.72 -25.96
CA SER A 482 70.62 -23.63 -25.11
C SER A 482 70.09 -22.50 -26.00
N ILE A 483 68.90 -22.01 -25.65
CA ILE A 483 68.22 -20.98 -26.43
C ILE A 483 68.05 -19.74 -25.55
N THR A 484 68.52 -18.60 -26.05
CA THR A 484 68.35 -17.32 -25.40
C THR A 484 67.43 -16.43 -26.22
N VAL A 485 66.64 -15.60 -25.54
CA VAL A 485 65.66 -14.74 -26.18
C VAL A 485 65.98 -13.29 -25.83
N ASN A 486 65.96 -12.43 -26.83
CA ASN A 486 66.14 -11.00 -26.66
C ASN A 486 64.88 -10.28 -27.12
N ILE A 487 64.25 -9.56 -26.20
CA ILE A 487 62.99 -8.85 -26.46
C ILE A 487 63.19 -7.38 -26.12
N LYS A 488 62.79 -6.51 -27.04
CA LYS A 488 62.89 -5.06 -26.83
C LYS A 488 61.55 -4.53 -26.33
N SER A 489 61.59 -3.78 -25.24
CA SER A 489 60.41 -3.23 -24.60
C SER A 489 60.84 -2.01 -23.78
N LYS A 490 59.98 -1.57 -22.86
CA LYS A 490 60.37 -0.50 -21.94
C LYS A 490 61.64 -0.88 -21.18
N GLU A 491 61.76 -2.15 -20.80
CA GLU A 491 63.00 -2.70 -20.25
C GLU A 491 63.37 -3.93 -21.06
N GLN A 492 64.58 -3.95 -21.61
CA GLN A 492 65.00 -5.06 -22.44
C GLN A 492 65.14 -6.33 -21.60
N LYS A 493 64.66 -7.44 -22.15
CA LYS A 493 64.64 -8.72 -21.45
C LYS A 493 65.56 -9.71 -22.17
N THR A 494 66.40 -10.39 -21.40
CA THR A 494 67.29 -11.43 -21.93
C THR A 494 67.22 -12.62 -20.99
N ASP A 495 66.67 -13.73 -21.49
CA ASP A 495 66.51 -14.94 -20.69
C ASP A 495 66.98 -16.15 -21.49
N TYR A 496 67.39 -17.19 -20.77
CA TYR A 496 67.87 -18.42 -21.36
C TYR A 496 66.84 -19.53 -21.16
N LEU A 497 66.73 -20.41 -22.14
CA LEU A 497 65.75 -21.50 -22.11
C LEU A 497 66.45 -22.83 -22.36
N VAL A 498 66.03 -23.85 -21.61
CA VAL A 498 66.55 -25.20 -21.77
C VAL A 498 65.41 -26.10 -22.22
N PRO A 499 65.25 -26.32 -23.52
CA PRO A 499 64.14 -27.15 -24.00
C PRO A 499 64.27 -28.59 -23.54
N GLU A 500 63.12 -29.24 -23.35
CA GLU A 500 63.08 -30.63 -22.93
C GLU A 500 63.01 -31.54 -24.16
N LYS A 501 62.93 -32.86 -23.90
CA LYS A 501 62.87 -33.82 -24.99
C LYS A 501 61.61 -33.65 -25.83
N ASP A 502 60.47 -33.43 -25.18
CA ASP A 502 59.20 -33.23 -25.86
C ASP A 502 58.87 -31.74 -25.92
N TYR A 503 57.66 -31.44 -26.40
CA TYR A 503 57.23 -30.06 -26.52
C TYR A 503 57.10 -29.41 -25.16
N THR A 504 57.66 -28.21 -25.04
CA THR A 504 57.63 -27.44 -23.79
C THR A 504 57.20 -26.02 -24.08
N LYS A 505 56.27 -25.52 -23.28
CA LYS A 505 55.72 -24.18 -23.46
C LYS A 505 56.56 -23.17 -22.67
N PHE A 506 57.05 -22.15 -23.36
CA PHE A 506 57.81 -21.08 -22.74
C PHE A 506 56.99 -19.79 -22.80
N SER A 507 56.94 -19.08 -21.68
CA SER A 507 56.17 -17.84 -21.56
C SER A 507 57.08 -16.73 -21.07
N TYR A 508 57.01 -15.58 -21.74
CA TYR A 508 57.79 -14.40 -21.37
C TYR A 508 56.86 -13.20 -21.28
N GLU A 509 57.07 -12.37 -20.26
CA GLU A 509 56.22 -11.22 -19.99
C GLU A 509 56.98 -9.92 -20.22
N PHE A 510 56.33 -8.97 -20.87
CA PHE A 510 56.93 -7.68 -21.15
C PHE A 510 55.83 -6.65 -21.32
N GLU A 511 56.21 -5.38 -21.24
CA GLU A 511 55.27 -4.27 -21.35
C GLU A 511 55.76 -3.26 -22.37
N THR A 512 54.83 -2.71 -23.14
CA THR A 512 55.11 -1.67 -24.11
C THR A 512 54.37 -0.40 -23.70
N THR A 513 55.10 0.71 -23.64
CA THR A 513 54.55 1.98 -23.19
C THR A 513 54.81 3.06 -24.22
N GLY A 514 53.76 3.83 -24.54
CA GLY A 514 53.91 4.96 -25.45
C GLY A 514 53.70 4.59 -26.90
N LYS A 515 52.74 5.25 -27.56
CA LYS A 515 52.52 5.00 -28.98
C LYS A 515 53.73 5.42 -29.81
N ASP A 516 54.31 6.57 -29.50
CA ASP A 516 55.49 7.07 -30.21
C ASP A 516 56.76 6.65 -29.48
N SER A 517 56.96 5.35 -29.41
CA SER A 517 58.11 4.76 -28.75
C SER A 517 58.93 3.95 -29.75
N SER A 518 60.00 3.32 -29.25
CA SER A 518 60.85 2.51 -30.11
C SER A 518 60.11 1.27 -30.60
N ASP A 519 60.43 0.84 -31.81
CA ASP A 519 59.80 -0.35 -32.37
C ASP A 519 60.18 -1.58 -31.57
N ILE A 520 59.24 -2.51 -31.44
CA ILE A 520 59.44 -3.72 -30.67
C ILE A 520 60.34 -4.68 -31.46
N GLU A 521 61.40 -5.15 -30.82
CA GLU A 521 62.34 -6.07 -31.43
C GLU A 521 62.41 -7.35 -30.60
N ILE A 522 62.20 -8.49 -31.26
CA ILE A 522 62.25 -9.79 -30.61
C ILE A 522 63.22 -10.68 -31.38
N THR A 523 64.19 -11.25 -30.68
CA THR A 523 65.19 -12.09 -31.31
C THR A 523 65.50 -13.28 -30.40
N LEU A 524 65.56 -14.48 -31.00
CA LEU A 524 65.92 -15.69 -30.29
C LEU A 524 66.92 -16.48 -31.12
N THR A 525 67.86 -17.12 -30.44
CA THR A 525 68.92 -17.88 -31.09
C THR A 525 68.91 -19.31 -30.56
N SER A 526 69.23 -20.26 -31.44
CA SER A 526 69.28 -21.67 -31.09
C SER A 526 70.66 -22.22 -31.40
N SER A 527 71.20 -23.04 -30.49
CA SER A 527 72.53 -23.61 -30.69
C SER A 527 72.55 -24.54 -31.89
N GLY A 528 71.51 -25.37 -32.05
CA GLY A 528 71.46 -26.30 -33.15
C GLY A 528 70.17 -26.22 -33.95
N VAL A 529 69.49 -27.35 -34.10
CA VAL A 529 68.23 -27.42 -34.84
C VAL A 529 67.11 -27.66 -33.84
N ILE A 530 66.09 -26.80 -33.88
CA ILE A 530 64.99 -26.86 -32.94
C ILE A 530 63.67 -26.86 -33.70
N PHE A 531 62.62 -27.28 -33.01
CA PHE A 531 61.26 -27.33 -33.57
C PHE A 531 60.39 -26.32 -32.83
N LEU A 532 59.67 -25.49 -33.59
CA LEU A 532 58.79 -24.48 -33.03
C LEU A 532 57.39 -24.62 -33.61
N ASP A 533 56.39 -24.41 -32.77
CA ASP A 533 55.00 -24.53 -33.21
C ASP A 533 54.11 -23.71 -32.28
N ASN A 534 53.02 -23.20 -32.84
CA ASN A 534 51.99 -22.48 -32.08
C ASN A 534 52.58 -21.25 -31.37
N LEU A 535 53.07 -20.31 -32.17
CA LEU A 535 53.55 -19.04 -31.66
C LEU A 535 52.38 -18.07 -31.56
N SER A 536 52.17 -17.51 -30.37
CA SER A 536 51.01 -16.69 -30.08
C SER A 536 51.42 -15.38 -29.42
N ILE A 537 50.67 -14.32 -29.72
CA ILE A 537 50.84 -13.01 -29.10
C ILE A 537 49.52 -12.66 -28.42
N THR A 538 49.58 -12.40 -27.11
CA THR A 538 48.38 -12.19 -26.31
C THR A 538 48.47 -10.86 -25.58
N GLU A 539 47.39 -10.07 -25.68
CA GLU A 539 47.28 -8.84 -24.91
C GLU A 539 46.95 -9.15 -23.46
N LEU A 540 47.51 -8.38 -22.55
CA LEU A 540 47.26 -8.51 -21.12
C LEU A 540 46.77 -7.17 -20.56
N ASN A 541 46.59 -7.13 -19.24
CA ASN A 541 46.12 -5.93 -18.57
C ASN A 541 47.20 -4.86 -18.47
N GLU B 16 -5.00 -37.26 -36.52
CA GLU B 16 -5.92 -37.92 -35.60
C GLU B 16 -6.52 -36.92 -34.62
N ASP B 17 -6.54 -37.29 -33.35
CA ASP B 17 -7.06 -36.44 -32.28
C ASP B 17 -6.04 -36.25 -31.17
N LEU B 18 -4.75 -36.29 -31.52
CA LEU B 18 -3.66 -36.18 -30.55
C LEU B 18 -3.05 -34.78 -30.65
N ASP B 19 -3.05 -34.06 -29.54
CA ASP B 19 -2.46 -32.72 -29.46
C ASP B 19 -1.44 -32.73 -28.34
N THR B 20 -0.17 -32.89 -28.70
CA THR B 20 0.90 -32.88 -27.70
C THR B 20 1.06 -31.52 -27.06
N ASP B 21 0.90 -30.45 -27.84
CA ASP B 21 1.10 -29.08 -27.36
C ASP B 21 -0.07 -28.56 -26.54
N ASN B 22 -1.23 -29.22 -26.57
CA ASN B 22 -2.42 -28.83 -25.81
C ASN B 22 -2.87 -27.42 -26.20
N ASP B 23 -3.17 -27.26 -27.49
CA ASP B 23 -3.72 -26.01 -27.99
C ASP B 23 -4.98 -26.24 -28.84
N ASN B 24 -5.73 -27.31 -28.54
CA ASN B 24 -7.02 -27.62 -29.16
C ASN B 24 -6.91 -27.91 -30.65
N ILE B 25 -5.70 -28.19 -31.16
CA ILE B 25 -5.50 -28.53 -32.55
C ILE B 25 -4.69 -29.82 -32.61
N PRO B 26 -5.13 -30.85 -33.34
CA PRO B 26 -4.39 -32.11 -33.36
C PRO B 26 -3.03 -31.96 -34.05
N ASP B 27 -2.12 -32.87 -33.68
CA ASP B 27 -0.77 -32.83 -34.25
C ASP B 27 -0.79 -33.05 -35.76
N ALA B 28 -1.61 -33.99 -36.22
CA ALA B 28 -1.68 -34.29 -37.65
C ALA B 28 -2.17 -33.08 -38.44
N TYR B 29 -3.17 -32.37 -37.91
CA TYR B 29 -3.69 -31.20 -38.61
C TYR B 29 -2.66 -30.08 -38.63
N GLU B 30 -1.84 -29.96 -37.59
CA GLU B 30 -0.84 -28.90 -37.56
C GLU B 30 0.35 -29.23 -38.47
N LYS B 31 0.74 -30.50 -38.54
CA LYS B 31 1.85 -30.88 -39.42
C LYS B 31 1.52 -30.58 -40.87
N ASN B 32 0.30 -30.91 -41.29
CA ASN B 32 -0.19 -30.55 -42.61
C ASN B 32 -0.92 -29.21 -42.52
N GLY B 33 -1.64 -28.84 -43.56
CA GLY B 33 -2.45 -27.64 -43.51
C GLY B 33 -3.72 -27.83 -42.73
N TYR B 34 -4.20 -26.75 -42.12
CA TYR B 34 -5.46 -26.77 -41.39
C TYR B 34 -6.13 -25.41 -41.50
N THR B 35 -7.44 -25.41 -41.30
CA THR B 35 -8.22 -24.18 -41.31
C THR B 35 -9.34 -24.30 -40.29
N ILE B 36 -9.84 -23.15 -39.85
CA ILE B 36 -10.85 -23.07 -38.80
C ILE B 36 -12.21 -22.88 -39.44
N LYS B 37 -13.17 -23.73 -39.05
CA LYS B 37 -14.54 -23.65 -39.54
C LYS B 37 -15.49 -23.80 -38.36
N ASP B 38 -16.08 -22.70 -37.92
CA ASP B 38 -17.04 -22.68 -36.82
C ASP B 38 -16.42 -23.18 -35.52
N SER B 39 -15.32 -22.53 -35.13
CA SER B 39 -14.66 -22.70 -33.83
C SER B 39 -14.03 -24.07 -33.65
N ILE B 40 -13.93 -24.88 -34.70
CA ILE B 40 -13.26 -26.17 -34.64
C ILE B 40 -12.32 -26.29 -35.83
N ALA B 41 -11.13 -26.83 -35.59
CA ALA B 41 -10.17 -27.04 -36.67
C ALA B 41 -10.58 -28.23 -37.53
N VAL B 42 -10.42 -28.07 -38.85
CA VAL B 42 -10.81 -29.09 -39.80
C VAL B 42 -9.66 -29.32 -40.77
N LYS B 43 -9.57 -30.54 -41.29
CA LYS B 43 -8.53 -30.88 -42.25
C LYS B 43 -8.63 -29.99 -43.48
N TRP B 44 -7.49 -29.45 -43.91
CA TRP B 44 -7.48 -28.52 -45.03
C TRP B 44 -7.72 -29.25 -46.35
N ASN B 45 -8.49 -28.62 -47.23
CA ASN B 45 -8.71 -29.10 -48.58
C ASN B 45 -8.48 -27.95 -49.56
N ASP B 46 -8.02 -28.31 -50.76
CA ASP B 46 -7.72 -27.28 -51.76
C ASP B 46 -8.98 -26.60 -52.28
N SER B 47 -10.15 -27.21 -52.12
CA SER B 47 -11.39 -26.60 -52.57
C SER B 47 -11.89 -25.50 -51.63
N PHE B 48 -11.32 -25.39 -50.42
CA PHE B 48 -11.75 -24.35 -49.49
C PHE B 48 -11.22 -22.98 -49.87
N ALA B 49 -10.11 -22.92 -50.59
CA ALA B 49 -9.47 -21.63 -50.89
C ALA B 49 -10.35 -20.74 -51.76
N GLU B 50 -11.29 -21.31 -52.52
CA GLU B 50 -12.15 -20.49 -53.36
C GLU B 50 -13.20 -19.74 -52.57
N GLN B 51 -13.49 -20.17 -51.34
CA GLN B 51 -14.50 -19.54 -50.51
C GLN B 51 -13.91 -18.52 -49.54
N GLY B 52 -12.61 -18.26 -49.60
CA GLY B 52 -11.95 -17.33 -48.71
C GLY B 52 -11.17 -18.00 -47.60
N TYR B 53 -11.42 -19.27 -47.33
CA TYR B 53 -10.65 -19.99 -46.31
C TYR B 53 -9.19 -20.10 -46.74
N LYS B 54 -8.29 -19.91 -45.78
CA LYS B 54 -6.85 -19.97 -46.04
C LYS B 54 -6.22 -21.06 -45.19
N LYS B 55 -5.12 -21.61 -45.71
CA LYS B 55 -4.44 -22.73 -45.08
C LYS B 55 -3.43 -22.22 -44.06
N TYR B 56 -3.42 -22.84 -42.88
CA TYR B 56 -2.51 -22.51 -41.80
C TYR B 56 -1.56 -23.66 -41.54
N VAL B 57 -0.32 -23.31 -41.20
CA VAL B 57 0.68 -24.27 -40.73
C VAL B 57 1.36 -23.69 -39.50
N SER B 58 1.79 -24.56 -38.60
CA SER B 58 2.43 -24.13 -37.37
C SER B 58 3.19 -25.30 -36.78
N SER B 59 3.84 -25.06 -35.64
CA SER B 59 4.58 -26.09 -34.94
C SER B 59 3.67 -26.78 -33.93
N TYR B 60 3.79 -28.11 -33.84
CA TYR B 60 2.91 -28.92 -33.00
C TYR B 60 3.50 -29.21 -31.63
N LEU B 61 4.58 -28.53 -31.25
CA LEU B 61 5.20 -28.72 -29.94
C LEU B 61 5.04 -27.52 -29.03
N GLU B 62 4.76 -26.34 -29.56
CA GLU B 62 4.60 -25.13 -28.75
C GLU B 62 3.25 -24.49 -29.04
N SER B 63 2.59 -24.01 -27.99
CA SER B 63 1.33 -23.31 -28.15
C SER B 63 1.52 -22.00 -28.88
N ASN B 64 2.51 -21.21 -28.47
CA ASN B 64 2.84 -19.94 -29.10
C ASN B 64 3.95 -20.17 -30.11
N THR B 65 3.59 -20.17 -31.40
CA THR B 65 4.60 -20.44 -32.44
C THR B 65 5.51 -19.25 -32.64
N ALA B 66 4.96 -18.04 -32.66
CA ALA B 66 5.74 -16.84 -32.88
C ALA B 66 6.22 -16.19 -31.58
N GLY B 67 5.83 -16.70 -30.43
CA GLY B 67 6.19 -16.13 -29.16
C GLY B 67 5.24 -15.06 -28.65
N ASP B 68 4.27 -14.65 -29.45
CA ASP B 68 3.33 -13.62 -29.04
C ASP B 68 2.34 -14.19 -28.00
N PRO B 69 1.68 -13.31 -27.23
CA PRO B 69 0.87 -13.80 -26.10
C PRO B 69 -0.27 -14.73 -26.48
N TYR B 70 -0.71 -14.68 -27.74
CA TYR B 70 -1.87 -15.43 -28.20
C TYR B 70 -1.44 -16.76 -28.79
N THR B 71 -2.16 -17.82 -28.45
CA THR B 71 -1.80 -19.17 -28.87
C THR B 71 -2.11 -19.36 -30.35
N ASP B 72 -1.87 -20.59 -30.83
CA ASP B 72 -2.17 -20.91 -32.22
C ASP B 72 -3.68 -20.89 -32.47
N TYR B 73 -4.46 -21.47 -31.56
CA TYR B 73 -5.91 -21.51 -31.75
C TYR B 73 -6.52 -20.11 -31.69
N GLN B 74 -6.05 -19.27 -30.75
CA GLN B 74 -6.58 -17.92 -30.65
C GLN B 74 -6.29 -17.11 -31.92
N LYS B 75 -5.08 -17.27 -32.47
CA LYS B 75 -4.74 -16.53 -33.68
C LYS B 75 -5.51 -17.06 -34.89
N ALA B 76 -5.61 -18.39 -35.02
CA ALA B 76 -6.26 -18.97 -36.20
C ALA B 76 -7.76 -18.69 -36.19
N SER B 77 -8.42 -18.92 -35.07
CA SER B 77 -9.86 -18.77 -34.98
C SER B 77 -10.30 -17.33 -34.77
N GLY B 78 -9.36 -16.40 -34.62
CA GLY B 78 -9.71 -15.01 -34.41
C GLY B 78 -10.39 -14.73 -33.08
N SER B 79 -9.93 -15.36 -32.01
CA SER B 79 -10.47 -15.15 -30.68
C SER B 79 -9.63 -14.18 -29.86
N ILE B 80 -9.05 -13.18 -30.52
CA ILE B 80 -8.20 -12.18 -29.86
C ILE B 80 -8.85 -10.81 -30.01
N ASP B 81 -8.19 -9.78 -29.47
CA ASP B 81 -8.69 -8.42 -29.60
C ASP B 81 -8.88 -8.06 -31.06
N LYS B 82 -10.04 -7.48 -31.37
CA LYS B 82 -10.44 -7.25 -32.76
C LYS B 82 -9.64 -6.15 -33.44
N ALA B 83 -8.86 -5.36 -32.69
CA ALA B 83 -8.03 -4.33 -33.28
C ALA B 83 -6.72 -4.87 -33.82
N ILE B 84 -6.46 -6.16 -33.65
CA ILE B 84 -5.26 -6.79 -34.21
C ILE B 84 -5.52 -7.12 -35.67
N LYS B 85 -4.60 -6.73 -36.54
CA LYS B 85 -4.80 -6.86 -37.98
C LYS B 85 -5.00 -8.32 -38.37
N LEU B 86 -5.81 -8.53 -39.40
CA LEU B 86 -6.07 -9.90 -39.87
C LEU B 86 -4.80 -10.59 -40.34
N GLU B 87 -3.81 -9.81 -40.78
CA GLU B 87 -2.53 -10.39 -41.18
C GLU B 87 -1.81 -11.06 -40.01
N ALA B 88 -2.18 -10.74 -38.78
CA ALA B 88 -1.63 -11.38 -37.60
C ALA B 88 -2.43 -12.59 -37.14
N ARG B 89 -3.50 -12.94 -37.85
CA ARG B 89 -4.23 -14.16 -37.54
C ARG B 89 -3.46 -15.40 -37.95
N ASP B 90 -2.51 -15.28 -38.87
CA ASP B 90 -1.65 -16.40 -39.22
C ASP B 90 -0.79 -16.76 -38.01
N PRO B 91 -0.75 -18.04 -37.61
CA PRO B 91 0.07 -18.41 -36.44
C PRO B 91 1.54 -18.09 -36.58
N LEU B 92 2.06 -18.01 -37.81
CA LEU B 92 3.47 -17.78 -38.04
C LEU B 92 3.86 -16.30 -38.02
N VAL B 93 2.89 -15.40 -37.85
CA VAL B 93 3.15 -13.95 -37.84
C VAL B 93 2.96 -13.45 -36.42
N ALA B 94 3.95 -12.73 -35.90
CA ALA B 94 3.93 -12.24 -34.54
C ALA B 94 3.22 -10.90 -34.47
N ALA B 95 2.34 -10.75 -33.46
CA ALA B 95 1.63 -9.50 -33.24
C ALA B 95 2.52 -8.59 -32.38
N TYR B 96 3.50 -7.99 -33.04
CA TYR B 96 4.51 -7.19 -32.36
C TYR B 96 4.28 -5.71 -32.64
N PRO B 97 3.85 -4.92 -31.65
CA PRO B 97 3.64 -3.48 -31.90
C PRO B 97 4.93 -2.68 -31.89
N VAL B 98 5.28 -2.09 -33.02
CA VAL B 98 6.47 -1.26 -33.16
C VAL B 98 6.02 0.19 -33.00
N VAL B 99 6.29 0.78 -31.84
CA VAL B 99 5.85 2.14 -31.52
C VAL B 99 7.06 3.06 -31.50
N GLY B 100 6.95 4.18 -32.22
CA GLY B 100 8.02 5.15 -32.26
C GLY B 100 7.49 6.55 -31.99
N VAL B 101 8.41 7.46 -31.72
CA VAL B 101 8.08 8.86 -31.41
C VAL B 101 8.67 9.74 -32.50
N GLY B 102 7.84 10.61 -33.06
CA GLY B 102 8.27 11.58 -34.05
C GLY B 102 8.20 12.98 -33.46
N MET B 103 9.19 13.80 -33.81
CA MET B 103 9.27 15.18 -33.33
C MET B 103 8.72 16.10 -34.39
N GLU B 104 7.85 17.03 -33.99
CA GLU B 104 7.17 17.92 -34.91
C GLU B 104 7.62 19.36 -34.82
N ASN B 105 8.04 19.84 -33.65
CA ASN B 105 8.48 21.21 -33.50
C ASN B 105 9.35 21.32 -32.26
N LEU B 106 10.26 22.29 -32.28
CA LEU B 106 11.17 22.55 -31.16
C LEU B 106 11.03 24.00 -30.75
N ILE B 107 10.70 24.23 -29.48
CA ILE B 107 10.55 25.57 -28.92
C ILE B 107 11.47 25.68 -27.71
N ILE B 108 12.44 26.57 -27.78
CA ILE B 108 13.40 26.77 -26.70
C ILE B 108 13.48 28.26 -26.40
N SER B 109 13.44 28.59 -25.10
CA SER B 109 13.52 29.98 -24.66
C SER B 109 14.03 30.00 -23.23
N THR B 110 14.50 31.18 -22.81
CA THR B 110 15.02 31.35 -21.47
C THR B 110 13.89 31.54 -20.45
N SER B 185 18.28 29.09 -16.72
CA SER B 185 18.66 29.44 -18.09
C SER B 185 17.54 29.11 -19.07
N ALA B 186 17.90 28.52 -20.20
CA ALA B 186 16.93 28.22 -21.25
C ALA B 186 16.10 26.99 -20.88
N TYR B 187 14.86 26.98 -21.34
CA TYR B 187 13.95 25.85 -21.19
C TYR B 187 13.62 25.29 -22.56
N ILE B 188 13.47 23.97 -22.65
CA ILE B 188 13.23 23.29 -23.91
C ILE B 188 11.82 22.72 -23.90
N ASN B 189 11.05 23.06 -24.94
CA ASN B 189 9.69 22.56 -25.12
C ASN B 189 9.58 21.94 -26.50
N ALA B 190 9.03 20.73 -26.57
CA ALA B 190 8.92 20.01 -27.82
C ALA B 190 7.51 19.48 -28.00
N ASN B 191 7.09 19.39 -29.26
CA ASN B 191 5.79 18.83 -29.63
C ASN B 191 6.03 17.50 -30.34
N VAL B 192 5.62 16.41 -29.71
CA VAL B 192 5.87 15.07 -30.22
C VAL B 192 4.54 14.38 -30.52
N ARG B 193 4.64 13.30 -31.29
CA ARG B 193 3.48 12.50 -31.66
C ARG B 193 3.92 11.05 -31.83
N TYR B 194 3.19 10.14 -31.21
CA TYR B 194 3.54 8.73 -31.22
C TYR B 194 3.07 8.08 -32.51
N TYR B 195 3.89 7.14 -33.02
CA TYR B 195 3.60 6.43 -34.25
C TYR B 195 3.63 4.93 -34.00
N ASN B 196 2.69 4.21 -34.59
CA ASN B 196 2.61 2.76 -34.48
C ASN B 196 2.63 2.15 -35.87
N THR B 197 3.35 1.03 -36.02
CA THR B 197 3.49 0.37 -37.31
C THR B 197 3.29 -1.15 -37.25
N GLY B 198 3.16 -1.74 -36.07
CA GLY B 198 3.02 -3.18 -35.95
C GLY B 198 1.65 -3.68 -36.36
N THR B 199 1.24 -4.83 -35.81
CA THR B 199 -0.05 -5.43 -36.14
C THR B 199 -0.97 -5.52 -34.93
N ALA B 200 -0.56 -5.02 -33.77
CA ALA B 200 -1.37 -5.07 -32.56
C ALA B 200 -1.37 -3.71 -31.89
N PRO B 201 -2.49 -3.31 -31.29
CA PRO B 201 -2.53 -2.03 -30.58
C PRO B 201 -1.76 -2.08 -29.28
N MET B 202 -1.30 -0.91 -28.84
CA MET B 202 -0.58 -0.77 -27.58
C MET B 202 -1.38 0.15 -26.65
N TYR B 203 -1.66 -0.36 -25.45
CA TYR B 203 -2.40 0.39 -24.44
C TYR B 203 -1.44 0.94 -23.40
N LYS B 204 -1.70 2.17 -22.95
CA LYS B 204 -0.87 2.87 -21.97
C LYS B 204 0.56 3.02 -22.48
N VAL B 205 0.69 3.71 -23.61
CA VAL B 205 2.00 3.97 -24.19
C VAL B 205 2.80 4.89 -23.28
N THR B 206 4.08 4.59 -23.12
CA THR B 206 4.95 5.42 -22.30
C THR B 206 6.38 5.33 -22.82
N PRO B 207 6.73 6.11 -23.85
CA PRO B 207 8.07 5.99 -24.44
C PRO B 207 9.13 6.69 -23.59
N THR B 208 10.36 6.25 -23.77
CA THR B 208 11.53 6.88 -23.18
C THR B 208 12.39 7.47 -24.29
N THR B 209 12.70 8.76 -24.17
CA THR B 209 13.36 9.49 -25.24
C THR B 209 14.73 9.99 -24.79
N ASN B 210 15.64 10.11 -25.76
CA ASN B 210 16.96 10.66 -25.55
C ASN B 210 17.08 11.97 -26.31
N LEU B 211 17.49 13.04 -25.63
CA LEU B 211 17.66 14.36 -26.24
C LEU B 211 19.13 14.51 -26.61
N VAL B 212 19.52 13.94 -27.74
CA VAL B 212 20.91 13.99 -28.20
C VAL B 212 21.11 15.26 -29.03
N LEU B 213 22.18 15.99 -28.73
CA LEU B 213 22.51 17.19 -29.49
C LEU B 213 23.50 16.88 -30.62
N ASP B 214 24.68 16.38 -30.25
CA ASP B 214 25.63 15.82 -31.22
C ASP B 214 26.41 14.73 -30.49
N GLY B 215 25.91 13.50 -30.57
CA GLY B 215 26.50 12.41 -29.82
C GLY B 215 26.18 12.50 -28.33
N GLU B 216 26.45 13.67 -27.76
CA GLU B 216 26.16 13.92 -26.35
C GLU B 216 24.65 13.88 -26.10
N THR B 217 24.26 13.22 -25.02
CA THR B 217 22.86 13.13 -24.62
C THR B 217 22.61 14.11 -23.48
N LEU B 218 21.75 15.09 -23.73
CA LEU B 218 21.50 16.12 -22.72
C LEU B 218 20.73 15.57 -21.53
N ALA B 219 19.66 14.83 -21.79
CA ALA B 219 18.83 14.28 -20.72
C ALA B 219 17.92 13.21 -21.31
N THR B 220 17.66 12.17 -20.52
CA THR B 220 16.74 11.10 -20.89
C THR B 220 15.42 11.35 -20.20
N ILE B 221 14.34 11.38 -20.97
CA ILE B 221 13.01 11.71 -20.44
C ILE B 221 12.13 10.48 -20.49
N LYS B 222 11.26 10.36 -19.49
CA LYS B 222 10.25 9.31 -19.43
C LYS B 222 8.88 9.96 -19.37
N ALA B 223 7.94 9.44 -20.15
CA ALA B 223 6.63 10.06 -20.24
C ALA B 223 5.88 9.94 -18.92
N GLN B 224 5.37 11.07 -18.44
CA GLN B 224 4.58 11.11 -17.21
C GLN B 224 3.11 10.86 -17.54
N ASP B 225 2.24 11.06 -16.55
CA ASP B 225 0.81 10.81 -16.75
C ASP B 225 0.18 11.78 -17.74
N ASN B 226 0.82 12.91 -18.01
CA ASN B 226 0.29 13.86 -18.98
C ASN B 226 0.65 13.50 -20.41
N GLN B 227 1.61 12.59 -20.62
CA GLN B 227 2.04 12.18 -21.95
C GLN B 227 1.83 10.70 -22.21
N ILE B 228 0.94 10.06 -21.46
CA ILE B 228 0.67 8.63 -21.62
C ILE B 228 -0.55 8.49 -22.53
N GLY B 229 -0.38 7.81 -23.66
CA GLY B 229 -1.48 7.55 -24.56
C GLY B 229 -2.30 6.36 -24.10
N ASN B 230 -3.61 6.56 -23.91
CA ASN B 230 -4.47 5.48 -23.44
C ASN B 230 -4.52 4.35 -24.46
N ASN B 231 -4.83 4.67 -25.72
CA ASN B 231 -4.94 3.69 -26.78
C ASN B 231 -4.11 4.12 -27.97
N LEU B 232 -3.57 3.13 -28.69
CA LEU B 232 -2.82 3.39 -29.92
C LEU B 232 -3.05 2.21 -30.85
N SER B 233 -4.04 2.36 -31.74
CA SER B 233 -4.33 1.35 -32.74
C SER B 233 -3.24 1.34 -33.80
N PRO B 234 -3.03 0.21 -34.48
CA PRO B 234 -2.02 0.17 -35.55
C PRO B 234 -2.33 1.17 -36.65
N ASN B 235 -1.26 1.75 -37.20
CA ASN B 235 -1.36 2.79 -38.24
C ASN B 235 -2.12 4.02 -37.74
N GLU B 236 -2.08 4.27 -36.44
CA GLU B 236 -2.73 5.42 -35.84
C GLU B 236 -1.76 6.10 -34.87
N THR B 237 -2.00 7.38 -34.62
CA THR B 237 -1.12 8.20 -33.82
C THR B 237 -1.86 8.76 -32.60
N TYR B 238 -1.09 9.11 -31.57
CA TYR B 238 -1.61 9.83 -30.42
C TYR B 238 -0.74 11.06 -30.21
N PRO B 239 -1.30 12.28 -30.35
CA PRO B 239 -2.70 12.57 -30.67
C PRO B 239 -3.06 12.20 -32.11
N LYS B 240 -4.33 11.87 -32.33
CA LYS B 240 -4.77 11.37 -33.61
C LYS B 240 -4.67 12.46 -34.69
N LYS B 241 -4.86 12.05 -35.94
CA LYS B 241 -4.82 12.98 -37.07
C LYS B 241 -5.86 14.07 -36.89
N GLY B 242 -5.45 15.31 -37.19
CA GLY B 242 -6.29 16.46 -36.98
C GLY B 242 -6.15 17.12 -35.63
N LEU B 243 -5.38 16.53 -34.72
CA LEU B 243 -5.14 17.08 -33.39
C LEU B 243 -3.70 17.53 -33.28
N SER B 244 -3.48 18.66 -32.63
CA SER B 244 -2.13 19.18 -32.47
C SER B 244 -1.30 18.25 -31.60
N PRO B 245 -0.01 18.12 -31.88
CA PRO B 245 0.84 17.24 -31.08
C PRO B 245 0.94 17.70 -29.63
N LEU B 246 1.07 16.74 -28.73
CA LEU B 246 1.18 17.04 -27.31
C LEU B 246 2.56 17.64 -27.01
N ALA B 247 2.66 18.26 -25.84
CA ALA B 247 3.88 18.94 -25.42
C ALA B 247 4.60 18.13 -24.35
N LEU B 248 5.89 17.90 -24.55
CA LEU B 248 6.74 17.17 -23.61
C LEU B 248 7.81 18.13 -23.13
N ASN B 249 7.63 18.66 -21.91
CA ASN B 249 8.56 19.66 -21.39
C ASN B 249 8.89 19.48 -19.91
N THR B 250 8.46 18.40 -19.27
CA THR B 250 8.62 18.24 -17.83
C THR B 250 9.33 16.93 -17.50
N MET B 251 10.08 16.96 -16.40
CA MET B 251 10.75 15.78 -15.87
C MET B 251 9.84 15.09 -14.86
N ASP B 252 10.39 14.16 -14.09
CA ASP B 252 9.64 13.44 -13.06
C ASP B 252 9.00 14.41 -12.06
N ASN B 255 5.94 16.82 -12.95
CA ASN B 255 5.93 17.85 -11.91
C ASN B 255 7.33 18.43 -11.71
N ALA B 256 7.95 18.86 -12.80
CA ALA B 256 9.28 19.45 -12.79
C ALA B 256 9.47 20.25 -14.06
N ARG B 257 10.71 20.68 -14.30
CA ARG B 257 11.04 21.46 -15.49
C ARG B 257 12.29 20.90 -16.14
N LEU B 258 12.38 21.06 -17.47
CA LEU B 258 13.54 20.61 -18.21
C LEU B 258 14.42 21.79 -18.56
N ILE B 259 15.73 21.60 -18.41
CA ILE B 259 16.69 22.69 -18.59
C ILE B 259 18.08 22.14 -18.85
N PRO B 260 18.81 22.68 -19.83
CA PRO B 260 20.26 22.40 -19.92
C PRO B 260 20.99 23.09 -18.79
N ILE B 261 21.90 22.36 -18.15
CA ILE B 261 22.55 22.84 -16.93
C ILE B 261 23.57 23.94 -17.24
N ASN B 262 23.82 24.18 -18.53
CA ASN B 262 24.78 25.21 -18.91
C ASN B 262 24.47 25.69 -20.32
N TYR B 263 25.04 26.83 -20.67
CA TYR B 263 24.88 27.45 -21.98
C TYR B 263 25.91 26.95 -22.99
N ASP B 264 26.82 26.06 -22.59
CA ASP B 264 27.74 25.47 -23.55
C ASP B 264 26.99 24.66 -24.60
N GLN B 265 25.89 24.02 -24.20
CA GLN B 265 25.02 23.37 -25.17
C GLN B 265 24.40 24.38 -26.12
N LEU B 266 24.00 25.54 -25.60
CA LEU B 266 23.44 26.58 -26.45
C LEU B 266 24.47 27.09 -27.45
N LYS B 267 25.75 27.10 -27.06
CA LYS B 267 26.81 27.52 -27.96
C LYS B 267 26.85 26.63 -29.21
N LYS B 268 26.77 25.31 -29.00
CA LYS B 268 26.72 24.39 -30.13
C LYS B 268 25.41 24.52 -30.88
N LEU B 269 24.30 24.72 -30.14
CA LEU B 269 22.99 24.84 -30.78
C LEU B 269 22.94 25.99 -31.77
N ASP B 270 23.55 27.12 -31.41
CA ASP B 270 23.62 28.25 -32.33
C ASP B 270 24.47 27.92 -33.55
N SER B 271 25.54 27.15 -33.36
CA SER B 271 26.50 26.86 -34.43
C SER B 271 26.02 25.69 -35.30
N GLY B 272 24.80 25.82 -35.80
CA GLY B 272 24.28 24.87 -36.78
C GLY B 272 24.18 23.44 -36.30
N LYS B 273 23.69 23.23 -35.08
CA LYS B 273 23.46 21.90 -34.53
C LYS B 273 21.98 21.74 -34.25
N GLN B 274 21.44 20.55 -34.56
CA GLN B 274 20.03 20.25 -34.37
C GLN B 274 19.90 19.15 -33.32
N ILE B 275 19.10 19.42 -32.29
CA ILE B 275 18.85 18.42 -31.26
C ILE B 275 17.91 17.36 -31.82
N LYS B 276 18.35 16.10 -31.78
CA LYS B 276 17.57 15.00 -32.32
C LYS B 276 16.78 14.32 -31.21
N LEU B 277 15.98 13.33 -31.60
CA LEU B 277 15.15 12.60 -30.64
C LEU B 277 15.05 11.15 -31.10
N GLU B 278 15.40 10.22 -30.21
CA GLU B 278 15.33 8.80 -30.52
C GLU B 278 14.80 8.05 -29.31
N THR B 279 13.88 7.12 -29.56
CA THR B 279 13.20 6.40 -28.49
C THR B 279 13.96 5.11 -28.18
N THR B 280 14.46 5.00 -26.95
CA THR B 280 15.15 3.79 -26.54
C THR B 280 14.18 2.63 -26.34
N GLN B 281 13.06 2.88 -25.66
CA GLN B 281 12.13 1.82 -25.28
C GLN B 281 10.73 2.39 -25.18
N VAL B 282 9.74 1.50 -25.27
CA VAL B 282 8.33 1.86 -25.10
C VAL B 282 7.69 0.82 -24.19
N SER B 283 6.87 1.29 -23.25
CA SER B 283 6.20 0.41 -22.30
C SER B 283 4.69 0.49 -22.50
N GLY B 284 4.05 -0.67 -22.60
CA GLY B 284 2.61 -0.73 -22.81
C GLY B 284 2.04 -2.11 -22.59
N ASN B 285 0.73 -2.19 -22.35
CA ASN B 285 0.05 -3.44 -22.06
C ASN B 285 -0.54 -4.04 -23.33
N TYR B 286 -1.01 -5.28 -23.21
CA TYR B 286 -1.69 -5.98 -24.30
C TYR B 286 -3.02 -6.52 -23.80
N GLY B 287 -3.95 -6.71 -24.74
CA GLY B 287 -5.31 -7.07 -24.38
C GLY B 287 -5.47 -8.56 -24.19
N THR B 288 -6.11 -8.95 -23.09
CA THR B 288 -6.41 -10.34 -22.78
C THR B 288 -7.80 -10.43 -22.17
N LYS B 289 -8.34 -11.64 -22.20
CA LYS B 289 -9.68 -11.93 -21.68
C LYS B 289 -9.57 -12.72 -20.38
N ASN B 290 -10.49 -12.47 -19.47
CA ASN B 290 -10.59 -13.20 -18.22
C ASN B 290 -11.77 -14.18 -18.27
N SER B 291 -12.01 -14.85 -17.15
CA SER B 291 -13.12 -15.80 -17.07
C SER B 291 -14.46 -15.09 -17.21
N GLN B 292 -14.61 -13.92 -16.56
CA GLN B 292 -15.87 -13.19 -16.59
C GLN B 292 -16.20 -12.62 -17.96
N GLY B 293 -15.23 -12.57 -18.87
CA GLY B 293 -15.45 -12.12 -20.23
C GLY B 293 -14.90 -10.75 -20.54
N GLN B 294 -14.62 -9.93 -19.52
CA GLN B 294 -14.09 -8.60 -19.77
C GLN B 294 -12.66 -8.67 -20.30
N ILE B 295 -12.26 -7.62 -21.00
CA ILE B 295 -10.88 -7.47 -21.45
C ILE B 295 -10.11 -6.72 -20.38
N ILE B 296 -9.00 -7.29 -19.94
CA ILE B 296 -8.16 -6.70 -18.90
C ILE B 296 -6.79 -6.39 -19.49
N THR B 297 -6.33 -5.14 -19.28
CA THR B 297 -5.01 -4.72 -19.74
C THR B 297 -4.25 -4.02 -18.62
N GLU B 298 -4.37 -4.51 -17.39
CA GLU B 298 -3.74 -3.89 -16.24
C GLU B 298 -2.46 -4.59 -15.80
N GLY B 299 -2.47 -5.92 -15.74
CA GLY B 299 -1.29 -6.65 -15.34
C GLY B 299 -0.46 -7.12 -16.51
N ASN B 300 -1.04 -7.04 -17.71
CA ASN B 300 -0.35 -7.46 -18.92
C ASN B 300 0.71 -6.43 -19.31
N SER B 301 1.81 -6.90 -19.89
CA SER B 301 2.87 -6.03 -20.33
C SER B 301 3.56 -6.64 -21.55
N TRP B 302 3.94 -5.77 -22.48
CA TRP B 302 4.64 -6.20 -23.69
C TRP B 302 6.11 -6.52 -23.46
N SER B 303 6.70 -6.00 -22.39
CA SER B 303 8.12 -6.19 -22.11
C SER B 303 8.47 -7.67 -21.96
N ASN B 304 7.51 -8.46 -21.49
CA ASN B 304 7.74 -9.90 -21.34
C ASN B 304 7.95 -10.57 -22.68
N TYR B 305 7.17 -10.18 -23.69
CA TYR B 305 7.12 -10.86 -24.98
C TYR B 305 7.85 -10.11 -26.08
N ILE B 306 8.89 -9.34 -25.75
CA ILE B 306 9.71 -8.67 -26.73
C ILE B 306 11.01 -9.43 -26.99
N SER B 307 11.72 -9.81 -25.93
CA SER B 307 12.93 -10.60 -26.10
C SER B 307 12.60 -11.99 -26.64
N GLN B 308 11.41 -12.50 -26.32
CA GLN B 308 11.01 -13.80 -26.85
C GLN B 308 10.64 -13.72 -28.33
N ILE B 309 9.92 -12.67 -28.74
CA ILE B 309 9.57 -12.53 -30.14
C ILE B 309 10.77 -12.19 -31.02
N ASP B 310 11.65 -11.28 -30.56
CA ASP B 310 12.80 -10.91 -31.37
C ASP B 310 13.81 -12.03 -31.53
N SER B 311 13.78 -13.03 -30.65
CA SER B 311 14.75 -14.13 -30.71
C SER B 311 14.27 -15.30 -31.56
N VAL B 312 13.02 -15.31 -32.00
CA VAL B 312 12.47 -16.40 -32.80
C VAL B 312 12.08 -15.98 -34.20
N SER B 313 11.89 -14.69 -34.45
CA SER B 313 11.31 -14.22 -35.71
C SER B 313 12.32 -13.38 -36.48
N ALA B 314 12.21 -13.40 -37.80
CA ALA B 314 13.06 -12.64 -38.69
C ALA B 314 12.35 -11.35 -39.09
N SER B 315 13.05 -10.23 -38.96
CA SER B 315 12.45 -8.93 -39.24
C SER B 315 12.24 -8.72 -40.74
N ILE B 316 11.10 -8.13 -41.07
CA ILE B 316 10.80 -7.71 -42.43
C ILE B 316 10.20 -6.30 -42.37
N ILE B 317 10.72 -5.40 -43.19
CA ILE B 317 10.27 -4.01 -43.22
C ILE B 317 9.91 -3.64 -44.65
N LEU B 318 8.77 -2.99 -44.83
CA LEU B 318 8.32 -2.51 -46.13
C LEU B 318 8.15 -1.00 -46.07
N ASP B 319 8.78 -0.29 -47.01
CA ASP B 319 8.67 1.15 -47.12
C ASP B 319 8.15 1.51 -48.50
N THR B 320 7.02 2.20 -48.55
CA THR B 320 6.38 2.59 -49.80
C THR B 320 6.52 4.09 -50.06
N GLY B 321 7.52 4.72 -49.46
CA GLY B 321 7.70 6.17 -49.60
C GLY B 321 6.82 6.99 -48.69
N SER B 322 5.55 6.61 -48.55
CA SER B 322 4.61 7.33 -47.69
C SER B 322 4.43 6.62 -46.35
N GLN B 323 4.05 5.34 -46.37
CA GLN B 323 3.80 4.57 -45.17
C GLN B 323 4.82 3.45 -45.03
N THR B 324 5.21 3.17 -43.79
CA THR B 324 6.19 2.14 -43.47
C THR B 324 5.54 1.07 -42.62
N PHE B 325 5.72 -0.19 -43.00
CA PHE B 325 5.19 -1.33 -42.27
C PHE B 325 6.35 -2.20 -41.80
N GLU B 326 6.29 -2.60 -40.52
CA GLU B 326 7.32 -3.43 -39.90
C GLU B 326 6.69 -4.71 -39.38
N ARG B 327 7.27 -5.84 -39.75
CA ARG B 327 6.72 -7.14 -39.40
C ARG B 327 7.83 -8.08 -38.96
N ARG B 328 7.43 -9.10 -38.21
CA ARG B 328 8.33 -10.16 -37.77
C ARG B 328 7.68 -11.51 -38.06
N VAL B 329 8.42 -12.41 -38.70
CA VAL B 329 7.90 -13.71 -39.11
C VAL B 329 8.76 -14.79 -38.46
N ALA B 330 8.10 -15.74 -37.79
CA ALA B 330 8.80 -16.77 -37.06
C ALA B 330 9.50 -17.74 -38.00
N ALA B 331 10.72 -18.13 -37.65
CA ALA B 331 11.52 -19.06 -38.44
C ALA B 331 12.15 -20.10 -37.52
N LYS B 332 12.32 -21.30 -38.05
CA LYS B 332 12.86 -22.41 -37.26
C LYS B 332 14.35 -22.24 -37.03
N GLU B 333 14.82 -22.82 -35.94
CA GLU B 333 16.25 -22.84 -35.65
C GLU B 333 16.94 -23.91 -36.49
N GLN B 334 18.09 -23.56 -37.06
CA GLN B 334 18.74 -24.43 -38.02
C GLN B 334 19.35 -25.66 -37.37
N GLY B 335 20.03 -25.48 -36.24
CA GLY B 335 20.70 -26.59 -35.59
C GLY B 335 19.89 -27.39 -34.61
N ASN B 336 18.61 -27.08 -34.43
CA ASN B 336 17.78 -27.77 -33.45
C ASN B 336 17.00 -28.88 -34.14
N PRO B 337 17.22 -30.15 -33.78
CA PRO B 337 16.41 -31.23 -34.35
C PRO B 337 15.04 -31.36 -33.70
N GLU B 338 14.82 -30.71 -32.55
CA GLU B 338 13.56 -30.79 -31.82
C GLU B 338 12.63 -29.62 -32.13
N ASP B 339 13.06 -28.71 -33.01
CA ASP B 339 12.28 -27.53 -33.37
C ASP B 339 11.41 -27.85 -34.58
N LYS B 340 10.10 -27.76 -34.43
CA LYS B 340 9.16 -28.15 -35.46
C LYS B 340 8.54 -26.97 -36.20
N THR B 341 9.10 -25.77 -36.07
CA THR B 341 8.55 -24.62 -36.77
C THR B 341 8.68 -24.82 -38.28
N PRO B 342 7.61 -24.62 -39.04
CA PRO B 342 7.66 -24.87 -40.48
C PRO B 342 8.56 -23.87 -41.21
N GLU B 343 9.04 -24.30 -42.38
CA GLU B 343 9.93 -23.50 -43.20
C GLU B 343 9.15 -22.86 -44.34
N ILE B 344 9.36 -21.57 -44.55
CA ILE B 344 8.67 -20.81 -45.58
C ILE B 344 9.69 -19.99 -46.37
N THR B 345 9.35 -19.69 -47.61
CA THR B 345 10.21 -18.90 -48.47
C THR B 345 10.04 -17.41 -48.17
N ILE B 346 10.97 -16.60 -48.71
CA ILE B 346 10.91 -15.16 -48.48
C ILE B 346 9.65 -14.57 -49.08
N GLY B 347 9.30 -14.96 -50.31
CA GLY B 347 8.08 -14.46 -50.91
C GLY B 347 6.84 -14.90 -50.15
N GLU B 348 6.79 -16.17 -49.72
CA GLU B 348 5.68 -16.64 -48.91
C GLU B 348 5.63 -15.91 -47.58
N ALA B 349 6.79 -15.63 -46.98
CA ALA B 349 6.83 -14.87 -45.73
C ALA B 349 6.25 -13.48 -45.93
N ILE B 350 6.63 -12.81 -47.02
CA ILE B 350 6.10 -11.46 -47.28
C ILE B 350 4.59 -11.53 -47.49
N LYS B 351 4.13 -12.51 -48.26
CA LYS B 351 2.68 -12.64 -48.51
C LYS B 351 1.93 -12.88 -47.21
N LYS B 352 2.45 -13.74 -46.33
CA LYS B 352 1.79 -14.00 -45.06
C LYS B 352 1.81 -12.77 -44.16
N ALA B 353 2.92 -12.04 -44.14
CA ALA B 353 3.04 -10.91 -43.22
C ALA B 353 2.17 -9.74 -43.65
N PHE B 354 2.19 -9.39 -44.93
CA PHE B 354 1.49 -8.21 -45.41
C PHE B 354 0.12 -8.53 -46.02
N SER B 355 -0.27 -9.80 -46.06
CA SER B 355 -1.55 -10.21 -46.64
C SER B 355 -1.70 -9.71 -48.07
N ALA B 356 -0.60 -9.74 -48.81
CA ALA B 356 -0.60 -9.26 -50.19
C ALA B 356 -1.35 -10.24 -51.10
N THR B 357 -2.02 -9.69 -52.11
CA THR B 357 -2.74 -10.50 -53.07
C THR B 357 -1.75 -11.15 -54.05
N LYS B 358 -2.02 -12.41 -54.40
CA LYS B 358 -1.16 -13.18 -55.31
C LYS B 358 -2.04 -13.72 -56.44
N ASN B 359 -2.03 -13.02 -57.58
CA ASN B 359 -2.82 -13.43 -58.75
C ASN B 359 -1.90 -14.20 -59.69
N GLY B 360 -1.73 -15.48 -59.39
CA GLY B 360 -0.88 -16.35 -60.19
C GLY B 360 0.58 -16.25 -59.85
N GLU B 361 1.24 -15.19 -60.30
CA GLU B 361 2.64 -14.97 -60.00
C GLU B 361 2.91 -13.60 -59.41
N LEU B 362 2.21 -12.56 -59.87
CA LEU B 362 2.45 -11.21 -59.39
C LEU B 362 1.94 -11.04 -57.96
N LEU B 363 2.61 -10.16 -57.22
CA LEU B 363 2.25 -9.88 -55.84
C LEU B 363 1.99 -8.39 -55.69
N TYR B 364 0.78 -8.05 -55.23
CA TYR B 364 0.39 -6.66 -55.03
C TYR B 364 0.01 -6.44 -53.57
N PHE B 365 0.50 -5.35 -52.99
CA PHE B 365 0.18 -5.03 -51.60
C PHE B 365 -1.18 -4.35 -51.50
N ASN B 366 -1.31 -3.17 -52.10
CA ASN B 366 -2.58 -2.44 -52.17
C ASN B 366 -2.74 -1.84 -53.55
N GLY B 367 -2.43 -2.61 -54.59
CA GLY B 367 -2.35 -2.13 -55.94
C GLY B 367 -0.95 -1.78 -56.40
N ILE B 368 -0.03 -1.55 -55.45
CA ILE B 368 1.38 -1.32 -55.76
C ILE B 368 2.07 -2.68 -55.78
N PRO B 369 2.74 -3.05 -56.88
CA PRO B 369 3.39 -4.36 -56.93
C PRO B 369 4.65 -4.39 -56.10
N ILE B 370 4.83 -5.50 -55.38
CA ILE B 370 6.01 -5.70 -54.54
C ILE B 370 6.79 -6.90 -55.04
N ASP B 371 6.66 -7.19 -56.33
CA ASP B 371 7.43 -8.28 -56.93
C ASP B 371 8.92 -7.93 -56.92
N GLU B 372 9.75 -8.98 -56.96
CA GLU B 372 11.19 -8.79 -56.87
C GLU B 372 11.71 -7.91 -58.00
N SER B 373 11.14 -8.05 -59.20
CA SER B 373 11.55 -7.23 -60.33
C SER B 373 10.97 -5.83 -60.30
N CYS B 374 10.08 -5.52 -59.36
CA CYS B 374 9.44 -4.22 -59.27
C CYS B 374 9.90 -3.41 -58.07
N VAL B 375 10.70 -3.99 -57.17
CA VAL B 375 11.18 -3.28 -55.98
C VAL B 375 12.66 -3.57 -55.80
N GLU B 376 13.32 -2.71 -55.02
CA GLU B 376 14.72 -2.87 -54.69
C GLU B 376 14.83 -3.32 -53.23
N LEU B 377 15.36 -4.52 -53.02
CA LEU B 377 15.52 -5.07 -51.69
C LEU B 377 16.87 -4.68 -51.11
N ILE B 378 16.88 -4.30 -49.84
CA ILE B 378 18.09 -3.94 -49.12
C ILE B 378 18.29 -4.94 -47.99
N PHE B 379 19.45 -5.59 -47.99
CA PHE B 379 19.79 -6.58 -46.98
C PHE B 379 21.02 -6.12 -46.20
N ASP B 380 21.10 -6.54 -44.94
CA ASP B 380 22.31 -6.35 -44.17
C ASP B 380 23.36 -7.38 -44.60
N ASP B 381 24.51 -7.38 -43.92
CA ASP B 381 25.61 -8.25 -44.32
C ASP B 381 25.22 -9.72 -44.23
N ASN B 382 24.70 -10.14 -43.06
CA ASN B 382 24.43 -11.55 -42.82
C ASN B 382 23.40 -12.10 -43.79
N THR B 383 22.28 -11.40 -43.95
CA THR B 383 21.24 -11.87 -44.85
C THR B 383 21.73 -11.91 -46.29
N SER B 384 22.50 -10.90 -46.69
CA SER B 384 23.03 -10.87 -48.05
C SER B 384 23.94 -12.06 -48.33
N GLU B 385 24.87 -12.34 -47.41
CA GLU B 385 25.77 -13.46 -47.65
C GLU B 385 25.03 -14.79 -47.57
N ILE B 386 24.02 -14.88 -46.70
CA ILE B 386 23.24 -16.11 -46.60
C ILE B 386 22.51 -16.38 -47.90
N ILE B 387 21.86 -15.35 -48.46
CA ILE B 387 21.17 -15.51 -49.73
C ILE B 387 22.16 -15.84 -50.84
N LYS B 388 23.36 -15.24 -50.80
CA LYS B 388 24.37 -15.57 -51.79
C LYS B 388 24.77 -17.04 -51.72
N GLU B 389 24.92 -17.56 -50.49
CA GLU B 389 25.29 -18.97 -50.34
C GLU B 389 24.19 -19.89 -50.85
N GLN B 390 22.92 -19.61 -50.52
CA GLN B 390 21.88 -20.54 -50.97
C GLN B 390 21.49 -20.32 -52.42
N LEU B 391 21.90 -19.21 -53.04
CA LEU B 391 21.52 -18.95 -54.42
C LEU B 391 22.17 -19.94 -55.38
N LYS B 392 23.45 -20.25 -55.16
CA LYS B 392 24.17 -21.11 -56.09
C LYS B 392 23.64 -22.54 -56.13
N TYR B 393 22.92 -22.96 -55.11
CA TYR B 393 22.37 -24.31 -55.05
C TYR B 393 20.95 -24.40 -55.59
N LEU B 394 20.41 -23.32 -56.13
CA LEU B 394 19.05 -23.30 -56.67
C LEU B 394 19.12 -23.06 -58.17
N ASP B 395 18.40 -23.89 -58.93
CA ASP B 395 18.38 -23.74 -60.39
C ASP B 395 17.59 -22.51 -60.79
N ASP B 396 16.51 -22.20 -60.07
CA ASP B 396 15.70 -21.03 -60.41
C ASP B 396 16.49 -19.74 -60.23
N LYS B 397 17.29 -19.64 -59.17
CA LYS B 397 18.11 -18.47 -58.88
C LYS B 397 17.24 -17.22 -58.75
N LYS B 398 16.36 -17.24 -57.76
CA LYS B 398 15.47 -16.13 -57.48
C LYS B 398 15.50 -15.83 -55.99
N ILE B 399 15.50 -14.54 -55.64
CA ILE B 399 15.62 -14.15 -54.24
C ILE B 399 14.42 -14.61 -53.43
N TYR B 400 13.22 -14.46 -54.00
CA TYR B 400 11.99 -14.78 -53.26
C TYR B 400 11.81 -16.27 -53.02
N ASN B 401 12.62 -17.12 -53.65
CA ASN B 401 12.51 -18.57 -53.47
C ASN B 401 13.44 -19.11 -52.39
N VAL B 402 14.18 -18.25 -51.70
CA VAL B 402 15.07 -18.69 -50.64
C VAL B 402 14.28 -18.86 -49.36
N LYS B 403 14.58 -19.94 -48.63
CA LYS B 403 13.88 -20.22 -47.38
C LYS B 403 14.24 -19.18 -46.32
N LEU B 404 13.21 -18.67 -45.63
CA LEU B 404 13.43 -17.71 -44.56
C LEU B 404 14.13 -18.38 -43.39
N GLU B 405 15.06 -17.65 -42.76
CA GLU B 405 15.84 -18.17 -41.65
C GLU B 405 15.84 -17.18 -40.50
N ARG B 406 16.10 -17.70 -39.30
CA ARG B 406 16.07 -16.87 -38.10
C ARG B 406 17.15 -15.80 -38.15
N GLY B 407 16.78 -14.60 -37.72
CA GLY B 407 17.71 -13.49 -37.65
C GLY B 407 17.89 -12.70 -38.93
N MET B 408 17.26 -13.12 -40.03
CA MET B 408 17.39 -12.41 -41.29
C MET B 408 16.67 -11.06 -41.23
N ASN B 409 17.29 -10.06 -41.84
CA ASN B 409 16.70 -8.73 -41.98
C ASN B 409 16.49 -8.43 -43.44
N ILE B 410 15.26 -8.08 -43.82
CA ILE B 410 14.91 -7.76 -45.19
C ILE B 410 14.15 -6.43 -45.20
N LEU B 411 14.56 -5.53 -46.07
CA LEU B 411 13.90 -4.23 -46.22
C LEU B 411 13.48 -4.07 -47.67
N ILE B 412 12.22 -3.71 -47.88
CA ILE B 412 11.66 -3.55 -49.22
C ILE B 412 11.40 -2.06 -49.45
N LYS B 413 12.10 -1.50 -50.43
CA LYS B 413 11.94 -0.11 -50.82
C LYS B 413 11.19 -0.07 -52.15
N VAL B 414 9.92 0.31 -52.10
CA VAL B 414 9.13 0.48 -53.32
C VAL B 414 9.69 1.68 -54.08
N PRO B 415 10.07 1.51 -55.34
CA PRO B 415 10.67 2.62 -56.08
C PRO B 415 9.71 3.79 -56.22
N SER B 416 10.27 5.00 -56.15
CA SER B 416 9.46 6.20 -56.30
C SER B 416 8.89 6.31 -57.71
N TYR B 417 9.75 6.13 -58.71
CA TYR B 417 9.34 6.12 -60.11
C TYR B 417 9.59 4.73 -60.69
N PHE B 418 8.53 4.11 -61.21
CA PHE B 418 8.61 2.75 -61.72
C PHE B 418 7.92 2.68 -63.07
N THR B 419 8.65 2.22 -64.08
CA THR B 419 8.08 2.03 -65.41
C THR B 419 8.43 0.62 -65.91
N ASN B 420 7.46 -0.02 -66.56
CA ASN B 420 7.65 -1.34 -67.14
C ASN B 420 7.26 -1.41 -68.61
N PHE B 421 6.87 -0.30 -69.23
CA PHE B 421 6.49 -0.20 -70.63
C PHE B 421 5.24 -1.00 -70.97
N ASP B 422 4.51 -1.49 -69.97
CA ASP B 422 3.31 -2.27 -70.20
C ASP B 422 2.04 -1.58 -69.70
N GLU B 423 2.00 -1.23 -68.41
CA GLU B 423 0.81 -0.63 -67.83
C GLU B 423 1.09 0.48 -66.83
N TYR B 424 2.34 0.87 -66.62
CA TYR B 424 2.66 1.90 -65.64
C TYR B 424 3.91 2.65 -66.07
N ASN B 425 3.80 3.98 -66.16
CA ASN B 425 4.95 4.84 -66.46
C ASN B 425 4.70 6.17 -65.77
N ASN B 426 5.25 6.30 -64.57
CA ASN B 426 5.06 7.50 -63.75
C ASN B 426 6.16 8.55 -63.94
N PHE B 427 7.09 8.31 -64.85
CA PHE B 427 8.13 9.29 -65.12
C PHE B 427 7.53 10.55 -65.74
N PRO B 428 7.77 11.73 -65.17
CA PRO B 428 7.22 12.96 -65.77
C PRO B 428 7.71 13.21 -67.19
N ALA B 429 8.95 12.81 -67.50
CA ALA B 429 9.51 12.98 -68.83
C ALA B 429 9.65 11.62 -69.50
N SER B 430 9.16 11.52 -70.73
CA SER B 430 9.23 10.26 -71.45
C SER B 430 10.66 9.96 -71.89
N TRP B 431 10.93 8.68 -72.10
CA TRP B 431 12.24 8.23 -72.53
C TRP B 431 12.45 8.54 -74.02
N SER B 432 13.70 8.42 -74.46
CA SER B 432 14.08 8.70 -75.84
C SER B 432 14.54 7.42 -76.52
N ASN B 433 14.16 7.26 -77.79
CA ASN B 433 14.53 6.10 -78.59
C ASN B 433 14.05 4.80 -77.95
N ILE B 434 12.73 4.68 -77.83
CA ILE B 434 12.09 3.54 -77.20
C ILE B 434 11.15 2.89 -78.21
N ASP B 435 11.27 1.57 -78.35
CA ASP B 435 10.40 0.79 -79.23
C ASP B 435 9.74 -0.30 -78.41
N THR B 436 8.40 -0.35 -78.45
CA THR B 436 7.63 -1.31 -77.67
C THR B 436 7.32 -2.59 -78.45
N LYS B 437 7.75 -2.68 -79.71
CA LYS B 437 7.49 -3.86 -80.52
C LYS B 437 8.52 -4.93 -80.16
N ASN B 438 8.19 -5.74 -79.16
CA ASN B 438 9.08 -6.80 -78.70
C ASN B 438 8.25 -7.86 -78.00
N GLN B 439 8.85 -9.05 -77.86
CA GLN B 439 8.18 -10.16 -77.18
C GLN B 439 9.11 -10.91 -76.24
N ASP B 440 10.30 -10.39 -75.95
CA ASP B 440 11.26 -11.04 -75.06
C ASP B 440 11.33 -10.38 -73.69
N GLY B 441 10.31 -9.63 -73.31
CA GLY B 441 10.31 -8.95 -72.03
C GLY B 441 10.09 -9.91 -70.88
N LEU B 442 10.29 -9.39 -69.67
CA LEU B 442 10.13 -10.21 -68.46
C LEU B 442 8.68 -10.67 -68.31
N GLN B 443 7.72 -9.78 -68.54
CA GLN B 443 6.32 -10.14 -68.42
C GLN B 443 5.57 -10.07 -69.74
N SER B 444 5.56 -8.91 -70.42
CA SER B 444 4.88 -8.80 -71.70
C SER B 444 5.82 -8.40 -72.82
N VAL B 445 6.54 -7.28 -72.69
CA VAL B 445 7.42 -6.77 -73.73
C VAL B 445 8.66 -6.17 -73.07
N ALA B 446 9.65 -5.81 -73.89
CA ALA B 446 10.86 -5.14 -73.44
C ALA B 446 11.02 -3.84 -74.23
N ASN B 447 12.15 -3.18 -74.02
CA ASN B 447 12.48 -1.94 -74.70
C ASN B 447 13.52 -2.22 -75.78
N LYS B 448 13.16 -1.94 -77.03
CA LYS B 448 14.07 -2.15 -78.16
C LYS B 448 14.80 -0.84 -78.43
N LEU B 449 16.03 -0.75 -77.92
CA LEU B 449 16.86 0.43 -78.09
C LEU B 449 17.90 0.19 -79.17
N SER B 450 18.02 1.15 -80.09
CA SER B 450 19.01 1.11 -81.17
C SER B 450 19.80 2.42 -81.10
N GLY B 451 20.87 2.43 -80.30
CA GLY B 451 21.68 3.61 -80.13
C GLY B 451 21.92 3.98 -78.68
N GLU B 452 21.49 5.16 -78.27
CA GLU B 452 21.67 5.62 -76.91
C GLU B 452 20.38 6.23 -76.40
N THR B 453 20.19 6.19 -75.09
CA THR B 453 19.01 6.74 -74.43
C THR B 453 19.43 7.81 -73.44
N LYS B 454 18.83 9.00 -73.56
CA LYS B 454 19.06 10.10 -72.64
C LYS B 454 17.72 10.58 -72.11
N ILE B 455 17.62 10.71 -70.80
CA ILE B 455 16.39 11.13 -70.14
C ILE B 455 16.67 12.40 -69.35
N ILE B 456 15.82 13.41 -69.52
CA ILE B 456 15.95 14.68 -68.81
C ILE B 456 14.88 14.65 -67.73
N ILE B 457 15.26 14.18 -66.55
CA ILE B 457 14.33 14.06 -65.43
C ILE B 457 14.14 15.43 -64.78
N PRO B 458 12.91 15.92 -64.69
CA PRO B 458 12.67 17.19 -63.98
C PRO B 458 13.06 17.08 -62.51
N MET B 459 13.65 18.15 -61.99
CA MET B 459 14.09 18.16 -60.60
C MET B 459 12.95 18.44 -59.63
N SER B 460 11.83 18.98 -60.14
CA SER B 460 10.74 19.38 -59.26
C SER B 460 10.18 18.20 -58.47
N LYS B 461 10.29 17.00 -59.01
CA LYS B 461 9.78 15.79 -58.35
C LYS B 461 10.89 14.97 -57.71
N LEU B 462 12.00 15.60 -57.33
CA LEU B 462 13.11 14.92 -56.69
C LEU B 462 13.43 15.60 -55.36
N LYS B 463 13.90 14.79 -54.41
CA LYS B 463 14.20 15.29 -53.07
C LYS B 463 15.69 15.64 -52.98
N PRO B 464 16.04 16.89 -52.71
CA PRO B 464 17.47 17.24 -52.61
C PRO B 464 18.09 16.71 -51.32
N TYR B 465 19.42 16.75 -51.29
CA TYR B 465 20.21 16.31 -50.14
C TYR B 465 19.94 14.84 -49.81
N LYS B 466 19.66 14.04 -50.84
CA LYS B 466 19.36 12.62 -50.67
C LYS B 466 20.09 11.82 -51.74
N ARG B 467 20.32 10.55 -51.42
CA ARG B 467 20.98 9.62 -52.33
C ARG B 467 19.95 8.76 -53.04
N TYR B 468 20.17 8.50 -54.32
CA TYR B 468 19.26 7.69 -55.12
C TYR B 468 20.05 6.61 -55.86
N VAL B 469 19.36 5.52 -56.17
CA VAL B 469 19.94 4.40 -56.88
C VAL B 469 19.10 4.14 -58.13
N PHE B 470 19.76 4.09 -59.29
CA PHE B 470 19.11 3.85 -60.57
C PHE B 470 19.30 2.38 -60.93
N SER B 471 18.19 1.68 -61.18
CA SER B 471 18.22 0.24 -61.41
C SER B 471 17.37 -0.11 -62.63
N GLY B 472 17.72 -1.21 -63.27
CA GLY B 472 16.98 -1.69 -64.43
C GLY B 472 17.46 -3.07 -64.81
N TYR B 473 16.77 -3.65 -65.79
CA TYR B 473 17.09 -4.98 -66.30
C TYR B 473 17.54 -4.88 -67.74
N SER B 474 18.68 -5.52 -68.04
CA SER B 474 19.27 -5.49 -69.38
C SER B 474 19.49 -6.91 -69.86
N LYS B 475 19.19 -7.14 -71.14
CA LYS B 475 19.36 -8.45 -71.76
C LYS B 475 20.05 -8.28 -73.12
N ASP B 476 21.11 -9.06 -73.34
CA ASP B 476 21.85 -9.03 -74.59
C ASP B 476 22.34 -10.42 -74.95
N PRO B 477 21.60 -11.15 -75.81
CA PRO B 477 22.08 -12.48 -76.22
C PRO B 477 23.42 -12.45 -76.95
N SER B 478 23.71 -11.36 -77.67
CA SER B 478 24.96 -11.28 -78.43
C SER B 478 26.17 -11.26 -77.49
N THR B 479 26.05 -10.55 -76.36
CA THR B 479 27.15 -10.38 -75.40
C THR B 479 28.38 -9.81 -76.07
N SER B 480 28.18 -8.86 -76.99
CA SER B 480 29.27 -8.22 -77.71
C SER B 480 29.20 -6.70 -77.67
N ASN B 481 28.24 -6.11 -76.96
CA ASN B 481 28.08 -4.67 -76.88
C ASN B 481 28.30 -4.21 -75.45
N SER B 482 29.10 -3.16 -75.28
CA SER B 482 29.40 -2.60 -73.97
C SER B 482 28.53 -1.37 -73.73
N ILE B 483 28.04 -1.24 -72.50
CA ILE B 483 27.16 -0.14 -72.12
C ILE B 483 27.85 0.70 -71.05
N THR B 484 27.97 1.99 -71.30
CA THR B 484 28.54 2.94 -70.36
C THR B 484 27.52 4.01 -70.04
N VAL B 485 27.54 4.51 -68.81
CA VAL B 485 26.56 5.47 -68.31
C VAL B 485 27.28 6.76 -67.92
N ASN B 486 26.64 7.89 -68.21
CA ASN B 486 27.12 9.21 -67.81
C ASN B 486 26.00 9.89 -67.05
N ILE B 487 26.20 10.08 -65.74
CA ILE B 487 25.18 10.64 -64.85
C ILE B 487 25.74 11.90 -64.22
N LYS B 488 24.98 12.98 -64.30
CA LYS B 488 25.38 14.26 -63.71
C LYS B 488 24.88 14.33 -62.27
N SER B 489 25.78 14.70 -61.35
CA SER B 489 25.46 14.77 -59.93
C SER B 489 26.47 15.72 -59.29
N LYS B 490 26.55 15.67 -57.95
CA LYS B 490 27.55 16.46 -57.24
C LYS B 490 28.96 16.09 -57.70
N GLU B 491 29.22 14.79 -57.85
CA GLU B 491 30.47 14.30 -58.43
C GLU B 491 30.12 13.59 -59.74
N GLN B 492 30.74 14.00 -60.83
CA GLN B 492 30.46 13.41 -62.13
C GLN B 492 30.83 11.94 -62.14
N LYS B 493 29.92 11.11 -62.64
CA LYS B 493 30.08 9.66 -62.63
C LYS B 493 30.15 9.14 -64.06
N THR B 494 31.14 8.28 -64.31
CA THR B 494 31.30 7.62 -65.62
C THR B 494 31.69 6.18 -65.36
N ASP B 495 30.76 5.26 -65.61
CA ASP B 495 30.97 3.84 -65.34
C ASP B 495 30.62 3.02 -66.57
N TYR B 496 31.19 1.83 -66.64
CA TYR B 496 30.97 0.91 -67.74
C TYR B 496 30.30 -0.37 -67.24
N LEU B 497 29.49 -0.97 -68.09
CA LEU B 497 28.76 -2.19 -67.75
C LEU B 497 28.92 -3.21 -68.87
N VAL B 498 28.99 -4.48 -68.49
CA VAL B 498 29.12 -5.59 -69.43
C VAL B 498 27.84 -6.41 -69.33
N PRO B 499 26.92 -6.26 -70.28
CA PRO B 499 25.66 -7.02 -70.21
C PRO B 499 25.89 -8.51 -70.38
N GLU B 500 25.02 -9.30 -69.75
CA GLU B 500 25.07 -10.74 -69.82
C GLU B 500 24.08 -11.23 -70.89
N LYS B 501 24.10 -12.56 -71.13
CA LYS B 501 23.20 -13.14 -72.12
C LYS B 501 21.75 -13.00 -71.70
N ASP B 502 21.45 -13.25 -70.43
CA ASP B 502 20.09 -13.18 -69.92
C ASP B 502 19.86 -11.86 -69.19
N TYR B 503 18.65 -11.69 -68.65
CA TYR B 503 18.32 -10.48 -67.93
C TYR B 503 19.15 -10.37 -66.66
N THR B 504 19.67 -9.17 -66.40
CA THR B 504 20.48 -8.90 -65.24
C THR B 504 20.12 -7.53 -64.68
N LYS B 505 20.05 -7.44 -63.35
CA LYS B 505 19.71 -6.20 -62.67
C LYS B 505 20.97 -5.52 -62.15
N PHE B 506 21.03 -4.21 -62.29
CA PHE B 506 22.19 -3.42 -61.91
C PHE B 506 21.75 -2.25 -61.03
N SER B 507 22.73 -1.59 -60.41
CA SER B 507 22.49 -0.44 -59.57
C SER B 507 23.61 0.57 -59.74
N TYR B 508 23.23 1.85 -59.83
CA TYR B 508 24.17 2.96 -59.93
C TYR B 508 23.86 3.95 -58.82
N GLU B 509 24.89 4.38 -58.10
CA GLU B 509 24.74 5.20 -56.91
C GLU B 509 25.26 6.61 -57.18
N PHE B 510 24.46 7.61 -56.84
CA PHE B 510 24.86 9.00 -56.97
C PHE B 510 24.11 9.83 -55.93
N GLU B 511 24.66 11.02 -55.64
CA GLU B 511 24.11 11.92 -54.64
C GLU B 511 23.76 13.25 -55.28
N THR B 512 22.58 13.77 -54.96
CA THR B 512 22.14 15.08 -55.40
C THR B 512 22.02 15.99 -54.18
N THR B 513 22.73 17.12 -54.21
CA THR B 513 22.77 18.05 -53.10
C THR B 513 22.45 19.45 -53.58
N GLY B 514 21.66 20.18 -52.79
CA GLY B 514 21.33 21.55 -53.10
C GLY B 514 20.05 21.71 -53.87
N LYS B 515 19.08 22.45 -53.31
CA LYS B 515 17.85 22.73 -54.03
C LYS B 515 18.13 23.59 -55.27
N ASP B 516 18.99 24.60 -55.13
CA ASP B 516 19.35 25.45 -56.25
C ASP B 516 20.60 24.92 -56.95
N SER B 517 20.48 23.70 -57.47
CA SER B 517 21.57 23.02 -58.15
C SER B 517 21.19 22.76 -59.60
N SER B 518 22.16 22.24 -60.35
CA SER B 518 21.94 21.93 -61.76
C SER B 518 20.99 20.76 -61.93
N ASP B 519 20.30 20.73 -63.07
CA ASP B 519 19.38 19.65 -63.36
C ASP B 519 20.14 18.33 -63.53
N ILE B 520 19.56 17.25 -63.01
CA ILE B 520 20.19 15.93 -63.08
C ILE B 520 20.11 15.42 -64.52
N GLU B 521 21.25 14.96 -65.03
CA GLU B 521 21.35 14.45 -66.39
C GLU B 521 21.73 12.97 -66.33
N ILE B 522 20.96 12.14 -67.03
CA ILE B 522 21.21 10.71 -67.11
C ILE B 522 21.36 10.32 -68.58
N THR B 523 22.48 9.69 -68.91
CA THR B 523 22.77 9.30 -70.29
C THR B 523 23.40 7.93 -70.30
N LEU B 524 22.90 7.05 -71.18
CA LEU B 524 23.47 5.73 -71.37
C LEU B 524 23.57 5.46 -72.86
N THR B 525 24.65 4.79 -73.26
CA THR B 525 24.91 4.48 -74.66
C THR B 525 25.07 2.97 -74.85
N SER B 526 24.47 2.45 -75.91
CA SER B 526 24.56 1.04 -76.26
C SER B 526 25.25 0.91 -77.61
N SER B 527 26.24 0.02 -77.69
CA SER B 527 26.97 -0.18 -78.93
C SER B 527 26.06 -0.70 -80.04
N GLY B 528 25.18 -1.65 -79.70
CA GLY B 528 24.26 -2.20 -80.68
C GLY B 528 22.81 -2.08 -80.25
N VAL B 529 22.07 -3.17 -80.34
CA VAL B 529 20.67 -3.23 -79.95
C VAL B 529 20.57 -3.98 -78.63
N ILE B 530 19.92 -3.36 -77.64
CA ILE B 530 19.80 -3.92 -76.30
C ILE B 530 18.33 -3.96 -75.91
N PHE B 531 18.03 -4.82 -74.95
CA PHE B 531 16.68 -4.99 -74.40
C PHE B 531 16.66 -4.51 -72.96
N LEU B 532 15.73 -3.60 -72.65
CA LEU B 532 15.61 -3.02 -71.33
C LEU B 532 14.20 -3.22 -70.80
N ASP B 533 14.09 -3.41 -69.49
CA ASP B 533 12.79 -3.56 -68.85
C ASP B 533 12.91 -3.22 -67.37
N ASN B 534 11.79 -2.79 -66.80
CA ASN B 534 11.68 -2.50 -65.37
C ASN B 534 12.72 -1.49 -64.92
N LEU B 535 12.62 -0.29 -65.49
CA LEU B 535 13.48 0.82 -65.09
C LEU B 535 12.84 1.54 -63.91
N SER B 536 13.65 1.85 -62.90
CA SER B 536 13.10 2.43 -61.68
C SER B 536 14.11 3.37 -61.04
N ILE B 537 13.59 4.30 -60.25
CA ILE B 537 14.38 5.20 -59.43
C ILE B 537 13.93 5.03 -57.99
N THR B 538 14.86 4.72 -57.10
CA THR B 538 14.56 4.44 -55.70
C THR B 538 15.38 5.36 -54.80
N GLU B 539 14.72 6.01 -53.85
CA GLU B 539 15.41 6.88 -52.91
C GLU B 539 16.14 6.05 -51.86
N LEU B 540 17.30 6.54 -51.44
CA LEU B 540 18.16 5.86 -50.47
C LEU B 540 18.52 6.83 -49.36
N ASN B 541 19.22 6.31 -48.35
CA ASN B 541 19.65 7.15 -47.23
C ASN B 541 20.74 8.13 -47.68
N SER B 542 20.68 9.34 -47.17
CA SER B 542 21.65 10.37 -47.51
C SER B 542 23.00 10.09 -46.84
N GLU C 16 -33.46 -25.28 -32.31
CA GLU C 16 -32.86 -26.32 -31.49
C GLU C 16 -32.35 -25.75 -30.17
N ASP C 17 -31.33 -26.39 -29.60
CA ASP C 17 -30.73 -25.96 -28.35
C ASP C 17 -29.21 -26.01 -28.44
N LEU C 18 -28.66 -25.55 -29.56
CA LEU C 18 -27.22 -25.51 -29.78
C LEU C 18 -26.73 -24.08 -29.65
N ASP C 19 -25.69 -23.88 -28.83
CA ASP C 19 -25.13 -22.56 -28.58
C ASP C 19 -23.62 -22.63 -28.74
N THR C 20 -23.12 -22.23 -29.91
CA THR C 20 -21.69 -22.28 -30.17
C THR C 20 -20.93 -21.27 -29.32
N ASP C 21 -21.40 -20.01 -29.32
CA ASP C 21 -20.72 -18.96 -28.58
C ASP C 21 -21.13 -18.89 -27.11
N ASN C 22 -22.16 -19.63 -26.72
CA ASN C 22 -22.58 -19.74 -25.31
C ASN C 22 -22.93 -18.37 -24.72
N ASP C 23 -23.98 -17.76 -25.28
CA ASP C 23 -24.50 -16.50 -24.77
C ASP C 23 -26.01 -16.59 -24.51
N ASN C 24 -26.48 -17.78 -24.13
CA ASN C 24 -27.86 -18.05 -23.73
C ASN C 24 -28.86 -17.94 -24.87
N ILE C 25 -28.41 -17.84 -26.12
CA ILE C 25 -29.32 -17.76 -27.26
C ILE C 25 -28.88 -18.77 -28.32
N PRO C 26 -29.77 -19.60 -28.83
CA PRO C 26 -29.36 -20.61 -29.82
C PRO C 26 -28.88 -19.98 -31.11
N ASP C 27 -28.07 -20.74 -31.85
CA ASP C 27 -27.51 -20.25 -33.11
C ASP C 27 -28.62 -19.99 -34.13
N ALA C 28 -29.60 -20.88 -34.20
CA ALA C 28 -30.70 -20.69 -35.15
C ALA C 28 -31.49 -19.43 -34.84
N TYR C 29 -31.73 -19.17 -33.55
CA TYR C 29 -32.49 -17.98 -33.17
C TYR C 29 -31.72 -16.70 -33.49
N GLU C 30 -30.38 -16.75 -33.41
CA GLU C 30 -29.59 -15.57 -33.74
C GLU C 30 -29.48 -15.38 -35.24
N LYS C 31 -29.45 -16.47 -36.01
CA LYS C 31 -29.38 -16.35 -37.47
C LYS C 31 -30.62 -15.64 -38.01
N ASN C 32 -31.79 -16.08 -37.59
CA ASN C 32 -33.03 -15.41 -37.94
C ASN C 32 -33.37 -14.38 -36.86
N GLY C 33 -34.58 -13.85 -36.88
CA GLY C 33 -34.99 -12.92 -35.85
C GLY C 33 -35.25 -13.61 -34.53
N TYR C 34 -35.07 -12.85 -33.44
CA TYR C 34 -35.38 -13.35 -32.11
C TYR C 34 -35.76 -12.18 -31.23
N THR C 35 -36.45 -12.49 -30.14
CA THR C 35 -36.86 -11.47 -29.18
C THR C 35 -36.87 -12.09 -27.79
N ILE C 36 -36.79 -11.22 -26.78
CA ILE C 36 -36.67 -11.64 -25.38
C ILE C 36 -38.02 -11.45 -24.71
N LYS C 37 -38.63 -12.56 -24.29
CA LYS C 37 -39.90 -12.56 -23.58
C LYS C 37 -39.70 -13.28 -22.25
N ASP C 38 -39.90 -12.56 -21.15
CA ASP C 38 -39.71 -13.09 -19.79
C ASP C 38 -38.29 -13.63 -19.61
N SER C 39 -37.30 -12.91 -20.12
CA SER C 39 -35.87 -13.20 -19.93
C SER C 39 -35.42 -14.49 -20.57
N ILE C 40 -36.16 -15.00 -21.56
CA ILE C 40 -35.73 -16.16 -22.34
C ILE C 40 -35.94 -15.84 -23.82
N ALA C 41 -34.95 -16.17 -24.64
CA ALA C 41 -35.03 -15.87 -26.07
C ALA C 41 -36.01 -16.82 -26.75
N VAL C 42 -36.90 -16.26 -27.58
CA VAL C 42 -37.88 -17.02 -28.32
C VAL C 42 -37.81 -16.64 -29.79
N LYS C 43 -38.30 -17.55 -30.63
CA LYS C 43 -38.32 -17.30 -32.07
C LYS C 43 -39.21 -16.11 -32.39
N TRP C 44 -38.70 -15.20 -33.21
CA TRP C 44 -39.47 -14.03 -33.59
C TRP C 44 -40.59 -14.42 -34.54
N ASN C 45 -41.74 -13.78 -34.37
CA ASN C 45 -42.90 -14.02 -35.22
C ASN C 45 -43.39 -12.69 -35.78
N ASP C 46 -44.08 -12.76 -36.91
CA ASP C 46 -44.58 -11.55 -37.55
C ASP C 46 -45.69 -10.88 -36.75
N SER C 47 -46.27 -11.57 -35.77
CA SER C 47 -47.36 -11.02 -34.97
C SER C 47 -46.88 -10.37 -33.68
N PHE C 48 -45.57 -10.36 -33.43
CA PHE C 48 -45.05 -9.73 -32.20
C PHE C 48 -44.88 -8.23 -32.34
N ALA C 49 -44.96 -7.69 -33.56
CA ALA C 49 -44.76 -6.25 -33.75
C ALA C 49 -45.85 -5.43 -33.08
N GLU C 50 -47.10 -5.91 -33.15
CA GLU C 50 -48.22 -5.14 -32.61
C GLU C 50 -48.16 -5.02 -31.09
N GLN C 51 -47.53 -5.96 -30.40
CA GLN C 51 -47.37 -5.85 -28.96
C GLN C 51 -46.27 -4.87 -28.56
N GLY C 52 -45.46 -4.39 -29.50
CA GLY C 52 -44.39 -3.47 -29.20
C GLY C 52 -43.02 -4.09 -29.12
N TYR C 53 -42.88 -5.39 -29.37
CA TYR C 53 -41.58 -6.03 -29.34
C TYR C 53 -40.76 -5.62 -30.56
N LYS C 54 -39.49 -6.00 -30.55
CA LYS C 54 -38.58 -5.68 -31.63
C LYS C 54 -37.82 -6.94 -32.03
N LYS C 55 -37.35 -6.97 -33.27
CA LYS C 55 -36.67 -8.12 -33.85
C LYS C 55 -35.16 -7.89 -33.79
N TYR C 56 -34.46 -8.78 -33.10
CA TYR C 56 -33.02 -8.66 -32.90
C TYR C 56 -32.29 -9.70 -33.74
N VAL C 57 -31.12 -9.31 -34.26
CA VAL C 57 -30.25 -10.22 -34.98
C VAL C 57 -28.82 -9.96 -34.54
N SER C 58 -28.03 -11.03 -34.42
CA SER C 58 -26.64 -10.90 -33.99
C SER C 58 -25.86 -12.10 -34.49
N SER C 59 -24.53 -11.96 -34.45
CA SER C 59 -23.65 -13.03 -34.90
C SER C 59 -23.69 -14.21 -33.94
N TYR C 60 -23.66 -15.42 -34.50
CA TYR C 60 -23.74 -16.63 -33.71
C TYR C 60 -22.38 -17.25 -33.39
N LEU C 61 -21.28 -16.58 -33.75
CA LEU C 61 -19.95 -17.07 -33.43
C LEU C 61 -19.22 -16.22 -32.41
N GLU C 62 -19.81 -15.09 -31.98
CA GLU C 62 -19.19 -14.21 -31.00
C GLU C 62 -20.18 -13.91 -29.89
N SER C 63 -19.68 -13.87 -28.66
CA SER C 63 -20.48 -13.48 -27.51
C SER C 63 -20.58 -11.97 -27.36
N ASN C 64 -19.85 -11.21 -28.18
CA ASN C 64 -19.94 -9.75 -28.23
C ASN C 64 -19.99 -9.37 -29.71
N THR C 65 -21.21 -9.26 -30.25
CA THR C 65 -21.36 -8.98 -31.68
C THR C 65 -20.79 -7.60 -32.03
N ALA C 66 -21.07 -6.60 -31.19
CA ALA C 66 -20.56 -5.25 -31.43
C ALA C 66 -19.25 -4.97 -30.73
N GLY C 67 -18.77 -5.89 -29.88
CA GLY C 67 -17.51 -5.73 -29.21
C GLY C 67 -17.56 -4.95 -27.91
N ASP C 68 -18.70 -4.40 -27.54
CA ASP C 68 -18.81 -3.61 -26.33
C ASP C 68 -18.74 -4.50 -25.09
N PRO C 69 -18.42 -3.92 -23.92
CA PRO C 69 -18.25 -4.71 -22.69
C PRO C 69 -19.37 -5.70 -22.38
N TYR C 70 -20.58 -5.44 -22.89
CA TYR C 70 -21.74 -6.26 -22.59
C TYR C 70 -21.98 -7.27 -23.71
N THR C 71 -22.61 -8.38 -23.36
CA THR C 71 -22.84 -9.46 -24.29
C THR C 71 -24.15 -9.27 -25.04
N ASP C 72 -24.44 -10.17 -25.97
CA ASP C 72 -25.67 -10.08 -26.75
C ASP C 72 -26.90 -10.27 -25.88
N TYR C 73 -26.85 -11.23 -24.95
CA TYR C 73 -28.01 -11.50 -24.10
C TYR C 73 -28.24 -10.36 -23.11
N GLN C 74 -27.17 -9.82 -22.53
CA GLN C 74 -27.31 -8.70 -21.60
C GLN C 74 -27.92 -7.49 -22.29
N LYS C 75 -27.47 -7.20 -23.51
CA LYS C 75 -28.01 -6.05 -24.23
C LYS C 75 -29.45 -6.30 -24.66
N ALA C 76 -29.75 -7.49 -25.19
CA ALA C 76 -31.09 -7.77 -25.69
C ALA C 76 -32.11 -7.78 -24.56
N SER C 77 -31.79 -8.45 -23.45
CA SER C 77 -32.73 -8.58 -22.34
C SER C 77 -32.76 -7.35 -21.44
N GLY C 78 -31.84 -6.41 -21.62
CA GLY C 78 -31.84 -5.20 -20.82
C GLY C 78 -31.34 -5.39 -19.40
N SER C 79 -30.39 -6.30 -19.19
CA SER C 79 -29.82 -6.55 -17.87
C SER C 79 -28.60 -5.68 -17.59
N ILE C 80 -28.53 -4.51 -18.21
CA ILE C 80 -27.41 -3.58 -18.01
C ILE C 80 -27.94 -2.33 -17.33
N ASP C 81 -27.05 -1.37 -17.07
CA ASP C 81 -27.43 -0.13 -16.40
C ASP C 81 -28.59 0.54 -17.11
N LYS C 82 -29.49 1.15 -16.32
CA LYS C 82 -30.61 1.87 -16.91
C LYS C 82 -30.18 3.20 -17.50
N ALA C 83 -29.04 3.73 -17.08
CA ALA C 83 -28.52 4.94 -17.70
C ALA C 83 -28.13 4.71 -19.15
N ILE C 84 -27.83 3.47 -19.53
CA ILE C 84 -27.56 3.15 -20.93
C ILE C 84 -28.85 3.25 -21.71
N LYS C 85 -28.83 4.00 -22.81
CA LYS C 85 -30.05 4.31 -23.53
C LYS C 85 -30.64 3.06 -24.18
N LEU C 86 -31.93 3.15 -24.50
CA LEU C 86 -32.63 2.05 -25.15
C LEU C 86 -32.07 1.74 -26.54
N GLU C 87 -31.38 2.69 -27.15
CA GLU C 87 -30.79 2.47 -28.47
C GLU C 87 -29.64 1.48 -28.43
N ALA C 88 -29.06 1.23 -27.26
CA ALA C 88 -27.98 0.27 -27.13
C ALA C 88 -28.45 -1.13 -26.76
N ARG C 89 -29.76 -1.32 -26.53
CA ARG C 89 -30.29 -2.65 -26.27
C ARG C 89 -30.27 -3.52 -27.51
N ASP C 90 -30.14 -2.95 -28.70
CA ASP C 90 -30.00 -3.73 -29.91
C ASP C 90 -28.59 -4.30 -29.96
N PRO C 91 -28.42 -5.62 -30.10
CA PRO C 91 -27.08 -6.22 -30.01
C PRO C 91 -26.11 -5.70 -31.08
N LEU C 92 -26.65 -5.15 -32.16
CA LEU C 92 -25.82 -4.58 -33.22
C LEU C 92 -25.25 -3.22 -32.85
N VAL C 93 -25.97 -2.41 -32.09
CA VAL C 93 -25.52 -1.07 -31.71
C VAL C 93 -24.80 -1.16 -30.37
N ALA C 94 -23.56 -0.70 -30.34
CA ALA C 94 -22.73 -0.79 -29.15
C ALA C 94 -22.83 0.48 -28.32
N ALA C 95 -22.74 0.32 -27.01
CA ALA C 95 -22.64 1.46 -26.11
C ALA C 95 -21.26 2.11 -26.26
N TYR C 96 -21.26 3.44 -26.33
CA TYR C 96 -20.00 4.15 -26.60
C TYR C 96 -20.07 5.57 -26.07
N PRO C 97 -19.61 5.82 -24.84
CA PRO C 97 -19.49 7.20 -24.35
C PRO C 97 -18.57 8.03 -25.22
N VAL C 98 -19.13 9.04 -25.90
CA VAL C 98 -18.34 9.97 -26.70
C VAL C 98 -18.27 11.27 -25.91
N VAL C 99 -17.23 11.42 -25.10
CA VAL C 99 -17.11 12.53 -24.17
C VAL C 99 -16.04 13.49 -24.66
N GLY C 100 -16.40 14.77 -24.75
CA GLY C 100 -15.45 15.82 -25.05
C GLY C 100 -15.46 16.87 -23.95
N VAL C 101 -14.69 17.92 -24.18
CA VAL C 101 -14.59 19.05 -23.25
C VAL C 101 -14.85 20.33 -24.03
N GLY C 102 -15.77 21.15 -23.52
CA GLY C 102 -16.08 22.44 -24.12
C GLY C 102 -15.70 23.57 -23.17
N MET C 103 -15.26 24.67 -23.75
CA MET C 103 -14.81 25.82 -22.99
C MET C 103 -15.85 26.93 -23.03
N GLU C 104 -16.11 27.53 -21.86
CA GLU C 104 -17.07 28.62 -21.75
C GLU C 104 -16.43 29.96 -21.42
N ASN C 105 -15.33 29.98 -20.67
CA ASN C 105 -14.65 31.21 -20.33
C ASN C 105 -13.15 31.02 -20.46
N LEU C 106 -12.46 32.06 -20.92
CA LEU C 106 -11.00 32.08 -20.97
C LEU C 106 -10.52 33.32 -20.22
N ILE C 107 -9.67 33.11 -19.22
CA ILE C 107 -9.23 34.16 -18.32
C ILE C 107 -7.70 34.19 -18.31
N ILE C 108 -7.13 35.38 -18.49
CA ILE C 108 -5.69 35.58 -18.44
C ILE C 108 -5.40 36.60 -17.34
N SER C 109 -4.52 36.23 -16.42
CA SER C 109 -4.16 37.11 -15.31
C SER C 109 -2.67 36.98 -15.03
N THR C 110 -2.11 38.02 -14.42
CA THR C 110 -0.69 38.03 -14.08
C THR C 110 -0.47 38.57 -12.68
N SER C 185 5.32 35.36 -14.62
CA SER C 185 4.60 35.66 -15.85
C SER C 185 3.09 35.59 -15.62
N ALA C 186 2.33 35.46 -16.71
CA ALA C 186 0.88 35.42 -16.61
C ALA C 186 0.41 34.04 -16.16
N TYR C 187 -0.83 33.99 -15.69
CA TYR C 187 -1.49 32.75 -15.29
C TYR C 187 -2.76 32.58 -16.10
N ILE C 188 -2.98 31.36 -16.59
CA ILE C 188 -4.13 31.06 -17.45
C ILE C 188 -5.01 30.04 -16.75
N ASN C 189 -6.30 30.32 -16.68
CA ASN C 189 -7.30 29.40 -16.16
C ASN C 189 -8.54 29.46 -17.05
N ALA C 190 -9.23 28.33 -17.14
CA ALA C 190 -10.40 28.21 -18.00
C ALA C 190 -11.52 27.52 -17.25
N ASN C 191 -12.76 27.80 -17.67
CA ASN C 191 -13.95 27.15 -17.13
C ASN C 191 -14.53 26.24 -18.21
N VAL C 192 -14.63 24.95 -17.89
CA VAL C 192 -14.98 23.93 -18.87
C VAL C 192 -16.14 23.10 -18.35
N ARG C 193 -16.88 22.52 -19.29
CA ARG C 193 -17.94 21.56 -19.00
C ARG C 193 -17.78 20.36 -19.91
N TYR C 194 -17.93 19.17 -19.34
CA TYR C 194 -17.81 17.94 -20.10
C TYR C 194 -19.14 17.60 -20.75
N TYR C 195 -19.08 17.11 -21.99
CA TYR C 195 -20.26 16.75 -22.76
C TYR C 195 -20.22 15.28 -23.10
N ASN C 196 -21.39 14.64 -23.08
CA ASN C 196 -21.53 13.24 -23.47
C ASN C 196 -22.61 13.14 -24.54
N THR C 197 -22.25 12.61 -25.70
CA THR C 197 -23.18 12.44 -26.81
C THR C 197 -23.32 10.98 -27.23
N GLY C 198 -22.90 10.05 -26.40
CA GLY C 198 -22.95 8.63 -26.70
C GLY C 198 -24.23 7.99 -26.23
N THR C 199 -24.15 6.68 -25.97
CA THR C 199 -25.29 5.91 -25.50
C THR C 199 -25.00 5.15 -24.21
N ALA C 200 -24.07 5.65 -23.40
CA ALA C 200 -23.75 4.99 -22.13
C ALA C 200 -23.17 6.03 -21.20
N PRO C 201 -23.32 5.84 -19.90
CA PRO C 201 -22.69 6.73 -18.92
C PRO C 201 -21.19 6.47 -18.85
N MET C 202 -20.50 7.38 -18.15
CA MET C 202 -19.05 7.31 -18.03
C MET C 202 -18.68 7.84 -16.65
N TYR C 203 -18.38 6.92 -15.73
CA TYR C 203 -18.00 7.31 -14.38
C TYR C 203 -16.52 7.61 -14.30
N LYS C 204 -16.16 8.52 -13.40
CA LYS C 204 -14.77 8.93 -13.15
C LYS C 204 -14.12 9.46 -14.44
N VAL C 205 -14.65 10.58 -14.91
CA VAL C 205 -14.17 11.19 -16.15
C VAL C 205 -12.90 11.98 -15.85
N THR C 206 -11.81 11.62 -16.54
CA THR C 206 -10.52 12.29 -16.40
C THR C 206 -9.99 12.66 -17.78
N PRO C 207 -10.58 13.66 -18.42
CA PRO C 207 -10.15 14.02 -19.78
C PRO C 207 -8.75 14.61 -19.81
N THR C 208 -8.07 14.37 -20.93
CA THR C 208 -6.78 14.98 -21.21
C THR C 208 -6.97 16.00 -22.32
N THR C 209 -6.51 17.24 -22.08
CA THR C 209 -6.77 18.35 -22.98
C THR C 209 -5.46 18.98 -23.42
N ASN C 210 -5.54 19.73 -24.53
CA ASN C 210 -4.40 20.41 -25.11
C ASN C 210 -4.68 21.91 -25.17
N LEU C 211 -3.64 22.71 -24.93
CA LEU C 211 -3.71 24.17 -25.01
C LEU C 211 -2.92 24.60 -26.24
N VAL C 212 -3.63 25.04 -27.28
CA VAL C 212 -3.02 25.50 -28.51
C VAL C 212 -3.48 26.93 -28.77
N LEU C 213 -2.52 27.80 -29.13
CA LEU C 213 -2.87 29.18 -29.45
C LEU C 213 -2.88 29.38 -30.97
N ASP C 214 -1.79 28.98 -31.64
CA ASP C 214 -1.80 28.92 -33.11
C ASP C 214 -0.87 27.76 -33.51
N GLY C 215 -1.46 26.58 -33.68
CA GLY C 215 -0.69 25.42 -34.08
C GLY C 215 0.18 24.86 -32.96
N GLU C 216 1.02 25.70 -32.38
CA GLU C 216 1.89 25.28 -31.29
C GLU C 216 1.06 24.92 -30.06
N THR C 217 1.46 23.87 -29.36
CA THR C 217 0.79 23.40 -28.17
C THR C 217 1.49 23.96 -26.94
N LEU C 218 0.76 24.69 -26.11
CA LEU C 218 1.36 25.26 -24.90
C LEU C 218 1.69 24.19 -23.88
N ALA C 219 0.75 23.30 -23.59
CA ALA C 219 0.93 22.25 -22.61
C ALA C 219 -0.21 21.25 -22.74
N THR C 220 -0.02 20.09 -22.11
CA THR C 220 -1.06 19.07 -22.03
C THR C 220 -1.47 18.92 -20.57
N ILE C 221 -2.77 18.85 -20.33
CA ILE C 221 -3.34 18.86 -18.98
C ILE C 221 -4.17 17.60 -18.79
N LYS C 222 -3.97 16.93 -17.67
CA LYS C 222 -4.83 15.84 -17.23
C LYS C 222 -5.61 16.28 -16.01
N ALA C 223 -6.88 15.90 -15.95
CA ALA C 223 -7.74 16.32 -14.85
C ALA C 223 -7.24 15.77 -13.53
N GLN C 224 -7.16 16.63 -12.52
CA GLN C 224 -6.73 16.24 -11.18
C GLN C 224 -7.94 15.75 -10.39
N ASP C 225 -7.77 15.57 -9.08
CA ASP C 225 -8.86 15.11 -8.24
C ASP C 225 -9.99 16.13 -8.12
N ASN C 226 -9.78 17.36 -8.56
CA ASN C 226 -10.82 18.37 -8.46
C ASN C 226 -11.79 18.33 -9.63
N GLN C 227 -11.30 18.02 -10.83
CA GLN C 227 -12.08 18.10 -12.05
C GLN C 227 -12.67 16.76 -12.47
N ILE C 228 -12.44 15.70 -11.70
CA ILE C 228 -13.01 14.40 -12.04
C ILE C 228 -14.51 14.41 -11.82
N GLY C 229 -15.26 13.96 -12.82
CA GLY C 229 -16.71 13.88 -12.73
C GLY C 229 -17.13 12.50 -12.30
N ASN C 230 -17.90 12.45 -11.21
CA ASN C 230 -18.34 11.17 -10.66
C ASN C 230 -19.27 10.43 -11.61
N ASN C 231 -20.22 11.15 -12.22
CA ASN C 231 -21.19 10.55 -13.12
C ASN C 231 -21.35 11.44 -14.35
N LEU C 232 -21.61 10.81 -15.50
CA LEU C 232 -21.89 11.55 -16.72
C LEU C 232 -22.85 10.71 -17.56
N SER C 233 -24.14 10.98 -17.39
CA SER C 233 -25.18 10.29 -18.15
C SER C 233 -25.20 10.79 -19.58
N PRO C 234 -25.71 9.98 -20.52
CA PRO C 234 -25.78 10.43 -21.91
C PRO C 234 -26.62 11.68 -22.07
N ASN C 235 -26.19 12.54 -23.01
CA ASN C 235 -26.85 13.82 -23.29
C ASN C 235 -26.88 14.74 -22.09
N GLU C 236 -25.99 14.53 -21.12
CA GLU C 236 -25.89 15.38 -19.94
C GLU C 236 -24.46 15.89 -19.82
N THR C 237 -24.26 16.81 -18.87
CA THR C 237 -22.98 17.49 -18.70
C THR C 237 -22.52 17.35 -17.26
N TYR C 238 -21.29 17.83 -17.02
CA TYR C 238 -20.76 17.97 -15.66
C TYR C 238 -19.97 19.26 -15.57
N PRO C 239 -20.40 20.24 -14.77
CA PRO C 239 -21.58 20.22 -13.89
C PRO C 239 -22.90 20.21 -14.66
N LYS C 240 -23.97 19.73 -14.01
CA LYS C 240 -25.25 19.59 -14.67
C LYS C 240 -25.79 20.94 -15.10
N LYS C 241 -26.89 20.90 -15.86
CA LYS C 241 -27.55 22.12 -16.29
C LYS C 241 -28.00 22.93 -15.09
N GLY C 242 -27.78 24.24 -15.15
CA GLY C 242 -28.13 25.12 -14.06
C GLY C 242 -27.01 25.43 -13.09
N LEU C 243 -25.80 24.94 -13.35
CA LEU C 243 -24.65 25.18 -12.50
C LEU C 243 -23.51 25.77 -13.32
N SER C 244 -22.70 26.60 -12.67
CA SER C 244 -21.59 27.25 -13.35
C SER C 244 -20.52 26.23 -13.70
N PRO C 245 -19.74 26.48 -14.75
CA PRO C 245 -18.70 25.53 -15.14
C PRO C 245 -17.61 25.41 -14.08
N LEU C 246 -16.99 24.24 -14.04
CA LEU C 246 -15.91 23.98 -13.09
C LEU C 246 -14.62 24.66 -13.55
N ALA C 247 -13.66 24.74 -12.64
CA ALA C 247 -12.41 25.43 -12.89
C ALA C 247 -11.33 24.47 -13.36
N LEU C 248 -10.39 25.01 -14.14
CA LEU C 248 -9.25 24.22 -14.64
C LEU C 248 -8.04 25.14 -14.65
N ASN C 249 -7.23 25.08 -13.60
CA ASN C 249 -6.06 25.95 -13.46
C ASN C 249 -4.80 25.21 -13.08
N THR C 250 -4.88 23.91 -12.77
CA THR C 250 -3.71 23.16 -12.31
C THR C 250 -2.98 22.53 -13.49
N MET C 251 -1.70 22.82 -13.61
CA MET C 251 -0.90 22.25 -14.69
C MET C 251 -0.62 20.77 -14.46
N ASP C 252 -0.24 20.39 -13.24
CA ASP C 252 0.06 19.01 -12.92
C ASP C 252 -0.84 18.49 -11.80
N ASN C 255 0.19 19.91 -7.44
CA ASN C 255 -0.71 20.89 -8.03
C ASN C 255 -0.04 22.26 -8.15
N ALA C 256 0.15 22.72 -9.38
CA ALA C 256 0.78 24.01 -9.65
C ALA C 256 0.00 24.74 -10.73
N ARG C 257 0.10 26.07 -10.70
CA ARG C 257 -0.62 26.88 -11.66
C ARG C 257 -0.05 26.72 -13.06
N LEU C 258 -0.92 26.87 -14.06
CA LEU C 258 -0.48 26.87 -15.45
C LEU C 258 0.38 28.10 -15.73
N ILE C 259 1.17 28.03 -16.80
CA ILE C 259 2.12 29.09 -17.09
C ILE C 259 2.44 29.19 -18.58
N PRO C 260 2.27 30.37 -19.19
CA PRO C 260 2.97 30.65 -20.45
C PRO C 260 4.46 30.83 -20.18
N ILE C 261 5.28 29.94 -20.74
CA ILE C 261 6.67 29.81 -20.33
C ILE C 261 7.50 30.92 -20.96
N ASN C 262 6.90 31.69 -21.86
CA ASN C 262 7.63 32.72 -22.58
C ASN C 262 6.79 33.98 -22.65
N TYR C 263 7.45 35.12 -22.89
CA TYR C 263 6.74 36.35 -23.16
C TYR C 263 6.17 36.38 -24.58
N ASP C 264 6.65 35.47 -25.45
CA ASP C 264 6.15 35.41 -26.82
C ASP C 264 4.66 35.06 -26.87
N GLN C 265 4.15 34.36 -25.85
CA GLN C 265 2.71 34.13 -25.79
C GLN C 265 1.95 35.44 -25.66
N LEU C 266 2.44 36.37 -24.83
CA LEU C 266 1.82 37.68 -24.76
C LEU C 266 2.10 38.51 -26.01
N LYS C 267 3.25 38.31 -26.67
CA LYS C 267 3.44 38.91 -27.99
C LYS C 267 2.32 38.50 -28.94
N LYS C 268 2.04 37.20 -29.01
CA LYS C 268 1.00 36.71 -29.90
C LYS C 268 -0.40 37.14 -29.44
N LEU C 269 -0.60 37.25 -28.12
CA LEU C 269 -1.88 37.75 -27.61
C LEU C 269 -2.10 39.20 -28.04
N ASP C 270 -1.02 39.99 -28.09
CA ASP C 270 -1.14 41.36 -28.57
C ASP C 270 -1.63 41.42 -30.01
N SER C 271 -1.38 40.36 -30.78
CA SER C 271 -1.82 40.29 -32.17
C SER C 271 -3.23 39.74 -32.31
N GLY C 272 -3.98 39.61 -31.23
CA GLY C 272 -5.34 39.10 -31.28
C GLY C 272 -5.43 37.64 -31.68
N LYS C 273 -4.57 36.79 -31.11
CA LYS C 273 -4.59 35.37 -31.36
C LYS C 273 -5.42 34.68 -30.28
N GLN C 274 -6.28 33.75 -30.71
CA GLN C 274 -7.22 33.08 -29.81
C GLN C 274 -6.65 31.74 -29.34
N ILE C 275 -6.72 31.50 -28.04
CA ILE C 275 -6.31 30.23 -27.45
C ILE C 275 -7.49 29.27 -27.53
N LYS C 276 -7.23 28.05 -27.96
CA LYS C 276 -8.26 27.03 -28.16
C LYS C 276 -8.04 25.88 -27.19
N LEU C 277 -8.99 24.94 -27.20
CA LEU C 277 -8.96 23.80 -26.30
C LEU C 277 -9.51 22.58 -27.02
N GLU C 278 -8.73 21.51 -27.07
CA GLU C 278 -9.14 20.27 -27.71
C GLU C 278 -8.77 19.09 -26.83
N THR C 279 -9.60 18.05 -26.85
CA THR C 279 -9.41 16.89 -26.00
C THR C 279 -8.75 15.77 -26.79
N THR C 280 -7.57 15.35 -26.35
CA THR C 280 -6.87 14.26 -27.03
C THR C 280 -7.46 12.91 -26.67
N GLN C 281 -7.84 12.71 -25.41
CA GLN C 281 -8.36 11.42 -24.95
C GLN C 281 -9.14 11.66 -23.66
N VAL C 282 -9.86 10.62 -23.22
CA VAL C 282 -10.64 10.72 -22.00
C VAL C 282 -10.65 9.35 -21.30
N SER C 283 -10.50 9.37 -19.98
CA SER C 283 -10.47 8.16 -19.18
C SER C 283 -11.73 8.06 -18.33
N GLY C 284 -12.31 6.87 -18.27
CA GLY C 284 -13.53 6.67 -17.51
C GLY C 284 -13.85 5.20 -17.30
N ASN C 285 -14.83 4.92 -16.45
CA ASN C 285 -15.18 3.57 -16.06
C ASN C 285 -16.55 3.19 -16.58
N TYR C 286 -16.81 1.88 -16.64
CA TYR C 286 -18.10 1.34 -17.01
C TYR C 286 -18.59 0.40 -15.92
N GLY C 287 -19.91 0.23 -15.83
CA GLY C 287 -20.54 -0.45 -14.72
C GLY C 287 -21.00 -1.86 -15.12
N THR C 288 -20.59 -2.83 -14.31
CA THR C 288 -21.05 -4.21 -14.43
C THR C 288 -21.44 -4.74 -13.06
N LYS C 289 -22.52 -5.50 -13.02
CA LYS C 289 -22.99 -6.10 -11.78
C LYS C 289 -22.04 -7.23 -11.39
N ASN C 290 -21.53 -7.19 -10.16
CA ASN C 290 -20.55 -8.16 -9.70
C ASN C 290 -21.25 -9.48 -9.35
N SER C 291 -20.49 -10.41 -8.77
CA SER C 291 -21.01 -11.74 -8.47
C SER C 291 -22.00 -11.74 -7.30
N GLN C 292 -22.14 -10.63 -6.57
CA GLN C 292 -23.05 -10.57 -5.44
C GLN C 292 -24.35 -9.82 -5.75
N GLY C 293 -24.30 -8.82 -6.62
CA GLY C 293 -25.46 -8.02 -6.94
C GLY C 293 -25.24 -6.52 -6.92
N GLN C 294 -24.01 -6.05 -6.75
CA GLN C 294 -23.69 -4.64 -6.71
C GLN C 294 -22.98 -4.20 -7.99
N ILE C 295 -23.15 -2.94 -8.34
CA ILE C 295 -22.51 -2.36 -9.51
C ILE C 295 -21.12 -1.88 -9.12
N ILE C 296 -20.10 -2.35 -9.81
CA ILE C 296 -18.72 -1.98 -9.55
C ILE C 296 -18.15 -1.31 -10.80
N THR C 297 -17.56 -0.13 -10.60
CA THR C 297 -16.89 0.61 -11.67
C THR C 297 -15.47 0.97 -11.27
N GLU C 298 -14.79 0.09 -10.54
CA GLU C 298 -13.45 0.39 -10.05
C GLU C 298 -12.38 -0.09 -11.03
N GLY C 299 -12.34 -1.39 -11.30
CA GLY C 299 -11.37 -1.95 -12.21
C GLY C 299 -11.84 -2.09 -13.64
N ASN C 300 -13.00 -1.52 -13.98
CA ASN C 300 -13.57 -1.63 -15.31
C ASN C 300 -13.31 -0.33 -16.06
N SER C 301 -12.39 -0.36 -17.00
CA SER C 301 -12.00 0.82 -17.77
C SER C 301 -12.63 0.76 -19.16
N TRP C 302 -13.04 1.93 -19.66
CA TRP C 302 -13.55 2.05 -21.02
C TRP C 302 -12.46 2.04 -22.07
N SER C 303 -11.22 2.37 -21.70
CA SER C 303 -10.12 2.43 -22.65
C SER C 303 -9.78 1.08 -23.25
N ASN C 304 -10.28 -0.02 -22.67
CA ASN C 304 -10.05 -1.34 -23.22
C ASN C 304 -10.90 -1.60 -24.46
N TYR C 305 -12.09 -1.01 -24.55
CA TYR C 305 -13.07 -1.30 -25.59
C TYR C 305 -13.25 -0.11 -26.51
N ILE C 306 -12.19 0.68 -26.72
CA ILE C 306 -12.25 1.78 -27.67
C ILE C 306 -11.71 1.31 -29.00
N SER C 307 -10.49 0.75 -28.98
CA SER C 307 -9.88 0.27 -30.22
C SER C 307 -10.66 -0.89 -30.81
N GLN C 308 -11.18 -1.78 -29.96
CA GLN C 308 -11.95 -2.91 -30.46
C GLN C 308 -13.24 -2.46 -31.11
N ILE C 309 -13.97 -1.53 -30.47
CA ILE C 309 -15.22 -1.05 -31.03
C ILE C 309 -15.03 -0.20 -32.28
N ASP C 310 -13.99 0.63 -32.32
CA ASP C 310 -13.78 1.48 -33.50
C ASP C 310 -13.51 0.64 -34.76
N SER C 311 -13.00 -0.57 -34.60
CA SER C 311 -12.65 -1.42 -35.73
C SER C 311 -13.68 -2.49 -36.03
N VAL C 312 -14.83 -2.48 -35.34
CA VAL C 312 -15.89 -3.44 -35.62
C VAL C 312 -17.18 -2.65 -35.80
N SER C 313 -17.06 -1.41 -36.26
CA SER C 313 -18.24 -0.55 -36.37
C SER C 313 -17.99 0.56 -37.39
N ALA C 314 -19.08 1.19 -37.80
CA ALA C 314 -19.05 2.34 -38.70
C ALA C 314 -19.61 3.56 -37.97
N SER C 315 -18.98 4.71 -38.18
CA SER C 315 -19.34 5.92 -37.46
C SER C 315 -20.52 6.61 -38.11
N ILE C 316 -21.54 6.93 -37.32
CA ILE C 316 -22.73 7.64 -37.78
C ILE C 316 -22.99 8.79 -36.84
N ILE C 317 -23.25 9.98 -37.40
CA ILE C 317 -23.48 11.19 -36.63
C ILE C 317 -24.74 11.86 -37.13
N LEU C 318 -25.56 12.35 -36.19
CA LEU C 318 -26.77 13.10 -36.51
C LEU C 318 -26.74 14.43 -35.78
N ASP C 319 -26.96 15.51 -36.50
CA ASP C 319 -27.00 16.85 -35.93
C ASP C 319 -28.35 17.49 -36.21
N THR C 320 -29.00 17.97 -35.16
CA THR C 320 -30.31 18.61 -35.25
C THR C 320 -30.21 20.12 -35.05
N GLY C 321 -29.10 20.71 -35.48
CA GLY C 321 -28.92 22.14 -35.36
C GLY C 321 -28.32 22.58 -34.04
N SER C 322 -28.82 22.04 -32.94
CA SER C 322 -28.36 22.41 -31.60
C SER C 322 -27.79 21.23 -30.82
N GLN C 323 -28.42 20.07 -30.88
CA GLN C 323 -28.00 18.90 -30.12
C GLN C 323 -27.51 17.82 -31.08
N THR C 324 -26.39 17.18 -30.72
CA THR C 324 -25.70 16.23 -31.58
C THR C 324 -25.65 14.87 -30.90
N PHE C 325 -25.81 13.81 -31.69
CA PHE C 325 -25.78 12.44 -31.20
C PHE C 325 -24.86 11.62 -32.10
N GLU C 326 -24.01 10.80 -31.49
CA GLU C 326 -23.08 9.95 -32.21
C GLU C 326 -23.35 8.49 -31.88
N ARG C 327 -23.36 7.64 -32.90
CA ARG C 327 -23.62 6.22 -32.74
C ARG C 327 -22.62 5.42 -33.57
N ARG C 328 -22.44 4.16 -33.18
CA ARG C 328 -21.56 3.24 -33.89
C ARG C 328 -22.31 1.92 -34.08
N VAL C 329 -22.44 1.49 -35.33
CA VAL C 329 -23.20 0.29 -35.67
C VAL C 329 -22.24 -0.76 -36.19
N ALA C 330 -22.35 -1.98 -35.67
CA ALA C 330 -21.45 -3.05 -36.07
C ALA C 330 -21.70 -3.50 -37.50
N ALA C 331 -20.62 -3.77 -38.22
CA ALA C 331 -20.67 -4.25 -39.59
C ALA C 331 -19.71 -5.42 -39.76
N LYS C 332 -20.01 -6.26 -40.75
CA LYS C 332 -19.23 -7.48 -40.96
C LYS C 332 -18.03 -7.19 -41.87
N GLU C 333 -17.03 -8.06 -41.76
CA GLU C 333 -15.87 -7.98 -42.63
C GLU C 333 -16.22 -8.46 -44.04
N GLN C 334 -15.39 -8.05 -45.00
CA GLN C 334 -15.68 -8.35 -46.41
C GLN C 334 -15.26 -9.77 -46.79
N GLY C 335 -13.97 -10.07 -46.68
CA GLY C 335 -13.45 -11.34 -47.15
C GLY C 335 -13.48 -12.49 -46.18
N ASN C 336 -13.83 -12.25 -44.91
CA ASN C 336 -13.79 -13.30 -43.91
C ASN C 336 -15.05 -14.16 -44.02
N PRO C 337 -14.92 -15.47 -44.25
CA PRO C 337 -16.12 -16.33 -44.30
C PRO C 337 -16.68 -16.62 -42.91
N GLU C 338 -15.84 -16.58 -41.88
CA GLU C 338 -16.29 -16.89 -40.52
C GLU C 338 -16.99 -15.71 -39.85
N ASP C 339 -17.03 -14.55 -40.48
CA ASP C 339 -17.71 -13.39 -39.92
C ASP C 339 -19.19 -13.50 -40.24
N LYS C 340 -20.00 -13.82 -39.22
CA LYS C 340 -21.43 -14.00 -39.39
C LYS C 340 -22.23 -12.79 -38.90
N THR C 341 -21.61 -11.62 -38.86
CA THR C 341 -22.32 -10.41 -38.46
C THR C 341 -23.37 -10.06 -39.51
N PRO C 342 -24.62 -9.80 -39.10
CA PRO C 342 -25.67 -9.53 -40.07
C PRO C 342 -25.44 -8.24 -40.83
N GLU C 343 -25.97 -8.18 -42.05
CA GLU C 343 -25.84 -7.04 -42.94
C GLU C 343 -27.16 -6.28 -42.99
N ILE C 344 -27.09 -4.97 -42.78
CA ILE C 344 -28.26 -4.10 -42.81
C ILE C 344 -27.94 -2.87 -43.64
N THR C 345 -28.97 -2.24 -44.18
CA THR C 345 -28.79 -1.08 -45.05
C THR C 345 -28.56 0.18 -44.23
N ILE C 346 -28.28 1.28 -44.93
CA ILE C 346 -28.01 2.55 -44.26
C ILE C 346 -29.25 3.03 -43.50
N GLY C 347 -30.42 2.96 -44.14
CA GLY C 347 -31.63 3.38 -43.45
C GLY C 347 -31.95 2.52 -42.25
N GLU C 348 -31.80 1.20 -42.39
CA GLU C 348 -32.02 0.30 -41.26
C GLU C 348 -31.01 0.57 -40.15
N ALA C 349 -29.75 0.85 -40.53
CA ALA C 349 -28.74 1.18 -39.53
C ALA C 349 -29.09 2.45 -38.77
N ILE C 350 -29.56 3.47 -39.49
CA ILE C 350 -29.96 4.72 -38.85
C ILE C 350 -31.14 4.50 -37.91
N LYS C 351 -32.13 3.73 -38.37
CA LYS C 351 -33.30 3.45 -37.54
C LYS C 351 -32.90 2.68 -36.28
N LYS C 352 -31.98 1.73 -36.41
CA LYS C 352 -31.54 0.97 -35.24
C LYS C 352 -30.73 1.84 -34.29
N ALA C 353 -29.86 2.70 -34.82
CA ALA C 353 -28.96 3.48 -33.98
C ALA C 353 -29.71 4.57 -33.23
N PHE C 354 -30.59 5.30 -33.92
CA PHE C 354 -31.27 6.43 -33.31
C PHE C 354 -32.69 6.12 -32.87
N SER C 355 -33.13 4.88 -33.00
CA SER C 355 -34.46 4.45 -32.57
C SER C 355 -35.55 5.33 -33.17
N ALA C 356 -35.39 5.68 -34.43
CA ALA C 356 -36.38 6.50 -35.11
C ALA C 356 -37.63 5.70 -35.40
N THR C 357 -38.77 6.37 -35.36
CA THR C 357 -40.05 5.72 -35.64
C THR C 357 -40.30 5.66 -37.14
N LYS C 358 -40.88 4.53 -37.59
CA LYS C 358 -41.17 4.31 -38.99
C LYS C 358 -42.69 4.26 -39.17
N ASN C 359 -43.24 5.34 -39.71
CA ASN C 359 -44.67 5.38 -40.06
C ASN C 359 -44.83 5.07 -41.55
N GLY C 360 -44.61 3.80 -41.88
CA GLY C 360 -44.69 3.33 -43.24
C GLY C 360 -43.40 3.53 -44.02
N GLU C 361 -43.15 4.76 -44.46
CA GLU C 361 -41.92 5.07 -45.19
C GLU C 361 -41.16 6.24 -44.59
N LEU C 362 -41.85 7.24 -44.06
CA LEU C 362 -41.18 8.40 -43.50
C LEU C 362 -40.42 8.02 -42.23
N LEU C 363 -39.39 8.79 -41.94
CA LEU C 363 -38.56 8.59 -40.75
C LEU C 363 -38.51 9.89 -39.96
N TYR C 364 -38.95 9.84 -38.71
CA TYR C 364 -38.95 11.00 -37.82
C TYR C 364 -38.12 10.65 -36.59
N PHE C 365 -37.08 11.46 -36.33
CA PHE C 365 -36.26 11.25 -35.15
C PHE C 365 -37.08 11.45 -33.88
N ASN C 366 -37.57 12.66 -33.67
CA ASN C 366 -38.46 12.97 -32.55
C ASN C 366 -39.59 13.87 -33.03
N GLY C 367 -40.14 13.56 -34.20
CA GLY C 367 -41.13 14.39 -34.84
C GLY C 367 -40.61 15.23 -35.99
N ILE C 368 -39.30 15.27 -36.18
CA ILE C 368 -38.68 16.04 -37.27
C ILE C 368 -38.22 15.07 -38.34
N PRO C 369 -38.46 15.36 -39.63
CA PRO C 369 -38.04 14.42 -40.67
C PRO C 369 -36.53 14.34 -40.79
N ILE C 370 -36.02 13.11 -40.93
CA ILE C 370 -34.60 12.88 -41.14
C ILE C 370 -34.43 11.94 -42.33
N ASP C 371 -35.48 11.79 -43.13
CA ASP C 371 -35.44 10.91 -44.29
C ASP C 371 -34.44 11.43 -45.32
N GLU C 372 -34.17 10.59 -46.32
CA GLU C 372 -33.14 10.91 -47.30
C GLU C 372 -33.48 12.19 -48.07
N SER C 373 -34.74 12.35 -48.46
CA SER C 373 -35.14 13.55 -49.21
C SER C 373 -35.25 14.78 -48.34
N CYS C 374 -35.24 14.63 -47.01
CA CYS C 374 -35.42 15.75 -46.10
C CYS C 374 -34.13 16.19 -45.42
N VAL C 375 -32.97 15.65 -45.84
CA VAL C 375 -31.70 16.00 -45.24
C VAL C 375 -30.60 15.65 -46.22
N GLU C 376 -29.46 16.33 -46.12
CA GLU C 376 -28.29 16.02 -46.91
C GLU C 376 -27.30 15.26 -46.05
N LEU C 377 -26.63 14.27 -46.67
CA LEU C 377 -25.67 13.43 -45.98
C LEU C 377 -24.26 13.86 -46.36
N ILE C 378 -23.44 14.14 -45.36
CA ILE C 378 -22.06 14.60 -45.56
C ILE C 378 -21.14 13.42 -45.29
N PHE C 379 -20.39 13.03 -46.32
CA PHE C 379 -19.55 11.85 -46.29
C PHE C 379 -18.08 12.24 -46.36
N ASP C 380 -17.22 11.31 -45.96
CA ASP C 380 -15.80 11.44 -46.22
C ASP C 380 -15.50 10.84 -47.60
N ASP C 381 -14.23 10.66 -47.92
CA ASP C 381 -13.87 10.16 -49.25
C ASP C 381 -14.28 8.71 -49.42
N ASN C 382 -13.66 7.80 -48.64
CA ASN C 382 -13.82 6.37 -48.86
C ASN C 382 -15.30 5.97 -48.93
N THR C 383 -16.12 6.54 -48.04
CA THR C 383 -17.55 6.33 -48.12
C THR C 383 -18.10 6.81 -49.45
N SER C 384 -17.62 7.95 -49.94
CA SER C 384 -18.12 8.49 -51.20
C SER C 384 -17.84 7.53 -52.35
N GLU C 385 -16.60 7.07 -52.49
CA GLU C 385 -16.33 6.13 -53.59
C GLU C 385 -17.06 4.80 -53.41
N ILE C 386 -17.13 4.27 -52.19
CA ILE C 386 -17.80 2.98 -51.98
C ILE C 386 -19.27 3.09 -52.37
N ILE C 387 -19.96 4.14 -51.89
CA ILE C 387 -21.37 4.28 -52.19
C ILE C 387 -21.59 4.56 -53.67
N LYS C 388 -20.74 5.40 -54.28
CA LYS C 388 -20.88 5.68 -55.70
C LYS C 388 -20.71 4.41 -56.53
N GLU C 389 -19.75 3.56 -56.14
CA GLU C 389 -19.57 2.28 -56.84
C GLU C 389 -20.78 1.38 -56.64
N GLN C 390 -21.36 1.36 -55.44
CA GLN C 390 -22.46 0.45 -55.17
C GLN C 390 -23.79 0.92 -55.75
N LEU C 391 -23.94 2.21 -56.07
CA LEU C 391 -25.23 2.69 -56.57
C LEU C 391 -25.52 2.15 -57.97
N LYS C 392 -24.52 2.05 -58.83
CA LYS C 392 -24.76 1.67 -60.23
C LYS C 392 -25.27 0.24 -60.35
N TYR C 393 -25.04 -0.60 -59.34
CA TYR C 393 -25.50 -1.99 -59.37
C TYR C 393 -26.83 -2.19 -58.65
N LEU C 394 -27.48 -1.13 -58.20
CA LEU C 394 -28.72 -1.22 -57.45
C LEU C 394 -29.80 -0.46 -58.21
N ASP C 395 -30.99 -1.06 -58.33
CA ASP C 395 -32.03 -0.50 -59.18
C ASP C 395 -32.68 0.73 -58.55
N ASP C 396 -32.88 0.70 -57.23
CA ASP C 396 -33.55 1.82 -56.57
C ASP C 396 -32.73 3.10 -56.65
N LYS C 397 -31.39 2.97 -56.60
CA LYS C 397 -30.47 4.11 -56.70
C LYS C 397 -30.71 5.12 -55.59
N LYS C 398 -30.70 4.65 -54.35
CA LYS C 398 -30.85 5.49 -53.18
C LYS C 398 -29.76 5.17 -52.17
N ILE C 399 -29.35 6.20 -51.42
CA ILE C 399 -28.28 6.03 -50.44
C ILE C 399 -28.73 5.11 -49.31
N TYR C 400 -29.99 5.20 -48.93
CA TYR C 400 -30.50 4.42 -47.80
C TYR C 400 -30.62 2.93 -48.12
N ASN C 401 -30.46 2.52 -49.37
CA ASN C 401 -30.54 1.12 -49.75
C ASN C 401 -29.17 0.47 -49.88
N VAL C 402 -28.10 1.19 -49.61
CA VAL C 402 -26.74 0.66 -49.71
C VAL C 402 -26.44 -0.19 -48.49
N LYS C 403 -25.84 -1.36 -48.71
CA LYS C 403 -25.47 -2.24 -47.60
C LYS C 403 -24.37 -1.60 -46.76
N LEU C 404 -24.49 -1.72 -45.44
CA LEU C 404 -23.49 -1.15 -44.54
C LEU C 404 -22.18 -1.92 -44.65
N GLU C 405 -21.09 -1.26 -44.28
CA GLU C 405 -19.76 -1.83 -44.38
C GLU C 405 -18.88 -1.24 -43.30
N ARG C 406 -17.86 -1.99 -42.91
CA ARG C 406 -16.95 -1.54 -41.87
C ARG C 406 -16.13 -0.34 -42.34
N GLY C 407 -15.96 0.63 -41.45
CA GLY C 407 -15.10 1.77 -41.71
C GLY C 407 -15.78 2.99 -42.30
N MET C 408 -17.05 2.89 -42.69
CA MET C 408 -17.73 4.04 -43.27
C MET C 408 -17.96 5.12 -42.23
N ASN C 409 -17.79 6.38 -42.65
CA ASN C 409 -18.08 7.53 -41.81
C ASN C 409 -19.25 8.30 -42.41
N ILE C 410 -20.29 8.51 -41.61
CA ILE C 410 -21.50 9.19 -42.07
C ILE C 410 -21.76 10.38 -41.15
N LEU C 411 -22.08 11.53 -41.74
CA LEU C 411 -22.43 12.72 -41.00
C LEU C 411 -23.73 13.27 -41.57
N ILE C 412 -24.65 13.66 -40.68
CA ILE C 412 -25.99 14.10 -41.06
C ILE C 412 -26.26 15.44 -40.41
N LYS C 413 -26.74 16.40 -41.20
CA LYS C 413 -27.04 17.76 -40.73
C LYS C 413 -28.48 18.08 -41.06
N VAL C 414 -29.37 17.95 -40.08
CA VAL C 414 -30.80 18.23 -40.32
C VAL C 414 -30.97 19.68 -40.75
N PRO C 415 -31.77 19.96 -41.78
CA PRO C 415 -31.90 21.33 -42.27
C PRO C 415 -32.52 22.26 -41.23
N SER C 416 -32.08 23.51 -41.23
CA SER C 416 -32.64 24.54 -40.39
C SER C 416 -33.78 25.28 -41.08
N TYR C 417 -33.53 25.78 -42.29
CA TYR C 417 -34.55 26.40 -43.13
C TYR C 417 -34.90 25.41 -44.23
N PHE C 418 -36.08 24.80 -44.12
CA PHE C 418 -36.51 23.77 -45.06
C PHE C 418 -37.99 23.97 -45.38
N THR C 419 -38.34 23.79 -46.65
CA THR C 419 -39.71 23.86 -47.10
C THR C 419 -40.00 22.69 -48.04
N ASN C 420 -41.22 22.15 -47.93
CA ASN C 420 -41.68 21.09 -48.80
C ASN C 420 -43.00 21.40 -49.47
N PHE C 421 -43.60 22.56 -49.20
CA PHE C 421 -44.86 23.00 -49.78
C PHE C 421 -46.02 22.07 -49.43
N ASP C 422 -45.82 21.19 -48.44
CA ASP C 422 -46.87 20.28 -47.99
C ASP C 422 -47.27 20.51 -46.54
N GLU C 423 -46.31 20.48 -45.61
CA GLU C 423 -46.63 20.63 -44.20
C GLU C 423 -45.64 21.46 -43.41
N TYR C 424 -44.62 22.04 -44.04
CA TYR C 424 -43.61 22.77 -43.29
C TYR C 424 -42.96 23.83 -44.18
N ASN C 425 -42.88 25.06 -43.67
CA ASN C 425 -42.15 26.13 -44.34
C ASN C 425 -41.77 27.14 -43.26
N ASN C 426 -40.51 27.07 -42.82
CA ASN C 426 -40.02 27.92 -41.73
C ASN C 426 -39.37 29.21 -42.23
N PHE C 427 -39.36 29.45 -43.53
CA PHE C 427 -38.77 30.68 -44.05
C PHE C 427 -39.62 31.87 -43.62
N PRO C 428 -39.00 32.92 -43.04
CA PRO C 428 -39.80 34.08 -42.62
C PRO C 428 -40.53 34.77 -43.76
N ALA C 429 -39.96 34.77 -44.95
CA ALA C 429 -40.58 35.39 -46.13
C ALA C 429 -41.11 34.32 -47.06
N SER C 430 -42.36 34.47 -47.49
CA SER C 430 -42.96 33.50 -48.39
C SER C 430 -42.31 33.57 -49.76
N TRP C 431 -42.30 32.42 -50.45
CA TRP C 431 -41.69 32.35 -51.77
C TRP C 431 -42.56 33.05 -52.80
N SER C 432 -41.97 33.33 -53.95
CA SER C 432 -42.63 34.03 -55.04
C SER C 432 -42.88 33.09 -56.21
N ASN C 433 -44.04 33.26 -56.86
CA ASN C 433 -44.43 32.46 -58.02
C ASN C 433 -44.47 30.97 -57.66
N ILE C 434 -45.35 30.64 -56.72
CA ILE C 434 -45.51 29.29 -56.21
C ILE C 434 -46.94 28.84 -56.45
N ASP C 435 -47.09 27.65 -57.05
CA ASP C 435 -48.39 27.05 -57.30
C ASP C 435 -48.42 25.67 -56.66
N THR C 436 -49.38 25.44 -55.78
CA THR C 436 -49.50 24.18 -55.07
C THR C 436 -50.42 23.17 -55.76
N LYS C 437 -51.01 23.54 -56.90
CA LYS C 437 -51.92 22.66 -57.62
C LYS C 437 -51.10 21.69 -58.48
N ASN C 438 -50.67 20.61 -57.84
CA ASN C 438 -49.87 19.60 -58.53
C ASN C 438 -50.05 18.26 -57.80
N GLN C 439 -49.69 17.18 -58.50
CA GLN C 439 -49.78 15.85 -57.91
C GLN C 439 -48.58 14.99 -58.25
N ASP C 440 -47.51 15.56 -58.82
CA ASP C 440 -46.31 14.81 -59.16
C ASP C 440 -45.15 15.11 -58.21
N GLY C 441 -45.45 15.53 -56.99
CA GLY C 441 -44.43 15.85 -56.02
C GLY C 441 -43.76 14.63 -55.44
N LEU C 442 -42.73 14.89 -54.62
CA LEU C 442 -41.98 13.80 -54.01
C LEU C 442 -42.85 12.99 -53.05
N GLN C 443 -43.68 13.67 -52.25
CA GLN C 443 -44.57 12.97 -51.33
C GLN C 443 -46.03 13.18 -51.69
N SER C 444 -46.53 14.42 -51.74
CA SER C 444 -47.92 14.68 -52.09
C SER C 444 -48.06 15.58 -53.30
N VAL C 445 -47.45 16.78 -53.28
CA VAL C 445 -47.62 17.78 -54.32
C VAL C 445 -46.26 18.39 -54.65
N ALA C 446 -46.20 19.13 -55.75
CA ALA C 446 -44.99 19.82 -56.16
C ALA C 446 -45.28 21.30 -56.40
N ASN C 447 -44.31 22.02 -56.94
CA ASN C 447 -44.45 23.44 -57.23
C ASN C 447 -44.54 23.61 -58.74
N LYS C 448 -45.60 24.28 -59.20
CA LYS C 448 -45.80 24.55 -60.62
C LYS C 448 -45.31 25.97 -60.90
N LEU C 449 -44.03 26.09 -61.22
CA LEU C 449 -43.40 27.38 -61.49
C LEU C 449 -43.45 27.69 -62.97
N SER C 450 -43.93 28.88 -63.32
CA SER C 450 -43.98 29.37 -64.69
C SER C 450 -43.23 30.68 -64.74
N GLY C 451 -41.93 30.60 -65.01
CA GLY C 451 -41.09 31.78 -65.05
C GLY C 451 -39.86 31.69 -64.17
N GLU C 452 -39.77 32.55 -63.16
CA GLU C 452 -38.63 32.58 -62.26
C GLU C 452 -39.12 32.73 -60.84
N THR C 453 -38.29 32.29 -59.90
CA THR C 453 -38.58 32.40 -58.47
C THR C 453 -37.45 33.16 -57.79
N LYS C 454 -37.82 34.22 -57.06
CA LYS C 454 -36.88 35.01 -56.28
C LYS C 454 -37.38 35.10 -54.84
N ILE C 455 -36.46 34.95 -53.89
CA ILE C 455 -36.78 34.97 -52.48
C ILE C 455 -35.92 36.03 -51.80
N ILE C 456 -36.52 36.82 -50.92
CA ILE C 456 -35.83 37.82 -50.14
C ILE C 456 -35.76 37.31 -48.70
N ILE C 457 -34.61 36.79 -48.31
CA ILE C 457 -34.42 36.16 -47.01
C ILE C 457 -33.76 37.18 -46.09
N PRO C 458 -34.40 37.59 -44.99
CA PRO C 458 -33.72 38.43 -44.01
C PRO C 458 -32.55 37.68 -43.37
N MET C 459 -31.49 38.44 -43.07
CA MET C 459 -30.28 37.85 -42.50
C MET C 459 -30.24 37.91 -40.99
N SER C 460 -31.32 38.40 -40.35
CA SER C 460 -31.36 38.44 -38.89
C SER C 460 -31.24 37.04 -38.29
N LYS C 461 -31.91 36.06 -38.90
CA LYS C 461 -31.81 34.67 -38.48
C LYS C 461 -30.67 33.93 -39.17
N LEU C 462 -29.66 34.66 -39.66
CA LEU C 462 -28.52 34.07 -40.35
C LEU C 462 -27.26 34.27 -39.51
N LYS C 463 -26.45 33.22 -39.42
CA LYS C 463 -25.23 33.28 -38.61
C LYS C 463 -24.09 33.83 -39.45
N PRO C 464 -23.45 34.92 -39.05
CA PRO C 464 -22.36 35.48 -39.84
C PRO C 464 -21.12 34.60 -39.79
N TYR C 465 -20.24 34.82 -40.78
CA TYR C 465 -18.99 34.07 -40.92
C TYR C 465 -19.26 32.56 -40.99
N LYS C 466 -20.30 32.18 -41.72
CA LYS C 466 -20.70 30.79 -41.85
C LYS C 466 -20.99 30.47 -43.31
N ARG C 467 -20.82 29.19 -43.65
CA ARG C 467 -21.07 28.69 -44.99
C ARG C 467 -22.44 28.03 -45.06
N TYR C 468 -23.20 28.34 -46.10
CA TYR C 468 -24.53 27.80 -46.29
C TYR C 468 -24.65 27.18 -47.67
N VAL C 469 -25.47 26.13 -47.76
CA VAL C 469 -25.69 25.40 -48.99
C VAL C 469 -27.19 25.33 -49.26
N PHE C 470 -27.59 25.68 -50.49
CA PHE C 470 -28.97 25.59 -50.92
C PHE C 470 -29.17 24.30 -51.70
N SER C 471 -30.18 23.53 -51.31
CA SER C 471 -30.47 22.25 -51.94
C SER C 471 -31.93 22.20 -52.36
N GLY C 472 -32.20 21.45 -53.42
CA GLY C 472 -33.55 21.31 -53.93
C GLY C 472 -33.63 20.19 -54.93
N TYR C 473 -34.87 19.86 -55.28
CA TYR C 473 -35.16 18.79 -56.24
C TYR C 473 -35.94 19.37 -57.41
N SER C 474 -35.45 19.12 -58.63
CA SER C 474 -36.03 19.68 -59.84
C SER C 474 -36.46 18.56 -60.77
N LYS C 475 -37.65 18.70 -61.34
CA LYS C 475 -38.20 17.73 -62.29
C LYS C 475 -38.62 18.47 -63.56
N ASP C 476 -38.27 17.90 -64.71
CA ASP C 476 -38.58 18.51 -66.00
C ASP C 476 -38.70 17.42 -67.05
N PRO C 477 -39.92 16.95 -67.31
CA PRO C 477 -40.10 15.95 -68.38
C PRO C 477 -39.69 16.44 -69.75
N SER C 478 -39.79 17.75 -70.01
CA SER C 478 -39.43 18.28 -71.32
C SER C 478 -37.95 18.10 -71.62
N THR C 479 -37.10 18.28 -70.61
CA THR C 479 -35.64 18.19 -70.76
C THR C 479 -35.13 19.12 -71.85
N SER C 480 -35.70 20.33 -71.92
CA SER C 480 -35.32 21.30 -72.93
C SER C 480 -35.21 22.71 -72.35
N ASN C 481 -35.12 22.86 -71.04
CA ASN C 481 -35.05 24.16 -70.39
C ASN C 481 -33.78 24.25 -69.55
N SER C 482 -33.11 25.40 -69.64
CA SER C 482 -31.90 25.66 -68.88
C SER C 482 -32.20 26.62 -67.73
N ILE C 483 -31.71 26.28 -66.55
CA ILE C 483 -31.97 27.04 -65.33
C ILE C 483 -30.64 27.57 -64.79
N THR C 484 -30.58 28.87 -64.54
CA THR C 484 -29.42 29.51 -63.94
C THR C 484 -29.83 30.13 -62.61
N VAL C 485 -28.89 30.18 -61.67
CA VAL C 485 -29.14 30.66 -60.32
C VAL C 485 -28.21 31.84 -60.04
N ASN C 486 -28.76 32.88 -59.41
CA ASN C 486 -27.99 34.05 -59.00
C ASN C 486 -28.06 34.15 -57.47
N ILE C 487 -26.91 34.05 -56.82
CA ILE C 487 -26.82 34.05 -55.37
C ILE C 487 -25.89 35.19 -54.96
N LYS C 488 -26.35 36.02 -54.03
CA LYS C 488 -25.55 37.12 -53.51
C LYS C 488 -24.81 36.68 -52.26
N SER C 489 -23.50 36.91 -52.25
CA SER C 489 -22.65 36.52 -51.14
C SER C 489 -21.40 37.40 -51.17
N LYS C 490 -20.35 36.97 -50.45
CA LYS C 490 -19.07 37.69 -50.50
C LYS C 490 -18.57 37.78 -51.94
N GLU C 491 -18.71 36.69 -52.70
CA GLU C 491 -18.45 36.68 -54.13
C GLU C 491 -19.71 36.22 -54.84
N GLN C 492 -20.19 37.03 -55.78
CA GLN C 492 -21.42 36.69 -56.48
C GLN C 492 -21.24 35.44 -57.33
N LYS C 493 -22.18 34.52 -57.22
CA LYS C 493 -22.12 33.23 -57.91
C LYS C 493 -23.24 33.13 -58.92
N THR C 494 -22.90 32.74 -60.15
CA THR C 494 -23.86 32.53 -61.22
C THR C 494 -23.52 31.21 -61.91
N ASP C 495 -24.35 30.20 -61.71
CA ASP C 495 -24.12 28.88 -62.27
C ASP C 495 -25.37 28.41 -62.99
N TYR C 496 -25.17 27.49 -63.94
CA TYR C 496 -26.24 26.96 -64.76
C TYR C 496 -26.57 25.53 -64.34
N LEU C 497 -27.86 25.19 -64.46
CA LEU C 497 -28.34 23.86 -64.10
C LEU C 497 -29.16 23.29 -65.25
N VAL C 498 -28.97 22.00 -65.51
CA VAL C 498 -29.68 21.32 -66.59
C VAL C 498 -30.58 20.24 -65.97
N PRO C 499 -31.87 20.52 -65.76
CA PRO C 499 -32.75 19.53 -65.16
C PRO C 499 -32.92 18.30 -66.06
N GLU C 500 -33.10 17.15 -65.43
CA GLU C 500 -33.31 15.89 -66.12
C GLU C 500 -34.80 15.56 -66.16
N LYS C 501 -35.12 14.43 -66.78
CA LYS C 501 -36.52 14.01 -66.87
C LYS C 501 -37.11 13.72 -65.49
N ASP C 502 -36.34 13.06 -64.63
CA ASP C 502 -36.78 12.72 -63.29
C ASP C 502 -36.25 13.75 -62.30
N TYR C 503 -36.65 13.57 -61.04
CA TYR C 503 -36.21 14.48 -59.98
C TYR C 503 -34.70 14.38 -59.78
N THR C 504 -34.06 15.54 -59.66
CA THR C 504 -32.61 15.63 -59.50
C THR C 504 -32.29 16.60 -58.38
N LYS C 505 -31.37 16.20 -57.51
CA LYS C 505 -30.95 17.00 -56.38
C LYS C 505 -29.74 17.85 -56.78
N PHE C 506 -29.83 19.15 -56.51
CA PHE C 506 -28.75 20.09 -56.82
C PHE C 506 -28.33 20.81 -55.56
N SER C 507 -27.01 21.00 -55.40
CA SER C 507 -26.45 21.67 -54.24
C SER C 507 -25.53 22.79 -54.70
N TYR C 508 -25.70 23.97 -54.12
CA TYR C 508 -24.86 25.13 -54.41
C TYR C 508 -24.27 25.64 -53.10
N GLU C 509 -22.96 25.86 -53.10
CA GLU C 509 -22.22 26.20 -51.89
C GLU C 509 -21.78 27.66 -51.94
N PHE C 510 -21.99 28.37 -50.84
CA PHE C 510 -21.61 29.78 -50.75
C PHE C 510 -21.37 30.12 -49.28
N GLU C 511 -20.66 31.23 -49.07
CA GLU C 511 -20.32 31.69 -47.73
C GLU C 511 -20.80 33.12 -47.53
N THR C 512 -21.35 33.38 -46.35
CA THR C 512 -21.83 34.71 -45.96
C THR C 512 -20.99 35.22 -44.81
N THR C 513 -20.47 36.44 -44.95
CA THR C 513 -19.59 37.04 -43.96
C THR C 513 -20.10 38.41 -43.56
N GLY C 514 -20.01 38.70 -42.26
CA GLY C 514 -20.36 40.02 -41.76
C GLY C 514 -21.81 40.17 -41.35
N LYS C 515 -22.05 40.52 -40.08
CA LYS C 515 -23.41 40.77 -39.62
C LYS C 515 -23.95 42.06 -40.20
N ASP C 516 -23.12 43.11 -40.28
CA ASP C 516 -23.51 44.37 -40.89
C ASP C 516 -23.12 44.41 -42.36
N SER C 517 -23.56 43.42 -43.12
CA SER C 517 -23.25 43.29 -44.53
C SER C 517 -24.52 43.37 -45.36
N SER C 518 -24.35 43.23 -46.67
CA SER C 518 -25.48 43.28 -47.59
C SER C 518 -26.38 42.05 -47.40
N ASP C 519 -27.68 42.27 -47.62
CA ASP C 519 -28.64 41.18 -47.48
C ASP C 519 -28.42 40.13 -48.55
N ILE C 520 -28.58 38.86 -48.17
CA ILE C 520 -28.37 37.75 -49.09
C ILE C 520 -29.54 37.69 -50.06
N GLU C 521 -29.21 37.60 -51.36
CA GLU C 521 -30.21 37.55 -52.42
C GLU C 521 -30.07 36.24 -53.17
N ILE C 522 -31.18 35.51 -53.32
CA ILE C 522 -31.22 34.25 -54.05
C ILE C 522 -32.24 34.38 -55.15
N THR C 523 -31.83 34.08 -56.38
CA THR C 523 -32.71 34.17 -57.55
C THR C 523 -32.39 33.06 -58.52
N LEU C 524 -33.44 32.43 -59.05
CA LEU C 524 -33.30 31.39 -60.06
C LEU C 524 -34.34 31.62 -61.14
N THR C 525 -33.95 31.35 -62.40
CA THR C 525 -34.82 31.55 -63.55
C THR C 525 -34.98 30.25 -64.31
N SER C 526 -36.20 29.99 -64.77
CA SER C 526 -36.53 28.79 -65.54
C SER C 526 -37.07 29.20 -66.90
N SER C 527 -36.62 28.49 -67.94
CA SER C 527 -37.05 28.82 -69.30
C SER C 527 -38.54 28.58 -69.48
N GLY C 528 -39.06 27.48 -68.94
CA GLY C 528 -40.46 27.15 -69.09
C GLY C 528 -41.15 26.82 -67.78
N VAL C 529 -41.80 25.67 -67.72
CA VAL C 529 -42.51 25.21 -66.54
C VAL C 529 -41.70 24.10 -65.90
N ILE C 530 -41.38 24.26 -64.62
CA ILE C 530 -40.54 23.31 -63.89
C ILE C 530 -41.24 22.91 -62.61
N PHE C 531 -40.81 21.79 -62.05
CA PHE C 531 -41.32 21.27 -60.79
C PHE C 531 -40.21 21.31 -59.75
N LEU C 532 -40.50 21.92 -58.60
CA LEU C 532 -39.54 22.06 -57.52
C LEU C 532 -40.14 21.55 -56.22
N ASP C 533 -39.32 20.88 -55.41
CA ASP C 533 -39.77 20.36 -54.13
C ASP C 533 -38.57 20.18 -53.22
N ASN C 534 -38.83 20.27 -51.91
CA ASN C 534 -37.83 20.05 -50.87
C ASN C 534 -36.64 21.00 -51.04
N LEU C 535 -36.92 22.29 -50.91
CA LEU C 535 -35.90 23.32 -50.88
C LEU C 535 -35.41 23.50 -49.45
N SER C 536 -34.09 23.43 -49.25
CA SER C 536 -33.52 23.43 -47.92
C SER C 536 -32.35 24.41 -47.83
N ILE C 537 -32.16 24.96 -46.64
CA ILE C 537 -31.00 25.77 -46.31
C ILE C 537 -30.42 25.26 -45.00
N THR C 538 -29.13 24.95 -44.99
CA THR C 538 -28.49 24.34 -43.83
C THR C 538 -27.09 24.92 -43.65
N GLU C 539 -26.70 25.12 -42.40
CA GLU C 539 -25.37 25.62 -42.09
C GLU C 539 -24.31 24.58 -42.41
N LEU C 540 -23.12 25.07 -42.75
CA LEU C 540 -21.96 24.24 -43.01
C LEU C 540 -20.79 24.69 -42.13
N ASN C 541 -19.62 24.14 -42.39
CA ASN C 541 -18.44 24.48 -41.61
C ASN C 541 -18.05 25.94 -41.81
N SER C 542 -17.43 26.52 -40.79
CA SER C 542 -16.99 27.90 -40.85
C SER C 542 -15.88 28.09 -41.89
N GLU D 16 -47.16 -18.18 -7.34
CA GLU D 16 -47.20 -19.53 -6.78
C GLU D 16 -45.89 -19.88 -6.09
N ASP D 17 -45.00 -20.56 -6.83
CA ASP D 17 -43.69 -20.91 -6.30
C ASP D 17 -42.59 -20.68 -7.32
N LEU D 18 -42.81 -19.84 -8.32
CA LEU D 18 -41.82 -19.57 -9.36
C LEU D 18 -41.14 -18.23 -9.09
N ASP D 19 -39.81 -18.24 -9.07
CA ASP D 19 -39.00 -17.05 -8.84
C ASP D 19 -38.16 -16.82 -10.10
N THR D 20 -38.70 -16.04 -11.03
CA THR D 20 -38.01 -15.82 -12.30
C THR D 20 -36.75 -14.98 -12.09
N ASP D 21 -36.82 -13.95 -11.27
CA ASP D 21 -35.71 -13.03 -11.07
C ASP D 21 -34.88 -13.32 -9.83
N ASN D 22 -35.21 -14.38 -9.08
CA ASN D 22 -34.41 -14.86 -7.95
C ASN D 22 -34.22 -13.78 -6.89
N ASP D 23 -35.34 -13.29 -6.35
CA ASP D 23 -35.33 -12.34 -5.26
C ASP D 23 -36.11 -12.85 -4.04
N ASN D 24 -36.33 -14.16 -3.97
CA ASN D 24 -37.01 -14.81 -2.85
C ASN D 24 -38.45 -14.34 -2.69
N ILE D 25 -39.05 -13.85 -3.77
CA ILE D 25 -40.46 -13.47 -3.77
C ILE D 25 -41.12 -14.04 -5.03
N PRO D 26 -42.20 -14.82 -4.90
CA PRO D 26 -42.84 -15.39 -6.09
C PRO D 26 -43.39 -14.31 -7.01
N ASP D 27 -43.39 -14.61 -8.31
CA ASP D 27 -43.84 -13.65 -9.31
C ASP D 27 -45.30 -13.29 -9.12
N ALA D 28 -46.14 -14.29 -8.84
CA ALA D 28 -47.56 -14.02 -8.64
C ALA D 28 -47.82 -13.22 -7.37
N TYR D 29 -46.90 -13.26 -6.41
CA TYR D 29 -47.03 -12.40 -5.23
C TYR D 29 -46.63 -10.96 -5.55
N GLU D 30 -45.70 -10.76 -6.47
CA GLU D 30 -45.32 -9.41 -6.86
C GLU D 30 -46.36 -8.77 -7.78
N LYS D 31 -46.95 -9.56 -8.68
CA LYS D 31 -47.97 -9.03 -9.57
C LYS D 31 -49.18 -8.53 -8.78
N ASN D 32 -49.62 -9.31 -7.80
CA ASN D 32 -50.61 -8.88 -6.84
C ASN D 32 -49.87 -8.24 -5.66
N GLY D 33 -50.58 -8.01 -4.55
CA GLY D 33 -49.93 -7.52 -3.36
C GLY D 33 -49.20 -8.61 -2.61
N TYR D 34 -48.25 -8.18 -1.76
CA TYR D 34 -47.56 -9.10 -0.88
C TYR D 34 -47.10 -8.34 0.36
N THR D 35 -46.83 -9.09 1.42
CA THR D 35 -46.36 -8.51 2.67
C THR D 35 -45.44 -9.50 3.36
N ILE D 36 -44.62 -8.97 4.26
CA ILE D 36 -43.59 -9.76 4.95
C ILE D 36 -44.08 -10.09 6.35
N LYS D 37 -44.11 -11.38 6.68
CA LYS D 37 -44.49 -11.85 8.00
C LYS D 37 -43.48 -12.92 8.43
N ASP D 38 -42.69 -12.61 9.46
CA ASP D 38 -41.67 -13.53 9.99
C ASP D 38 -40.66 -13.92 8.91
N SER D 39 -40.14 -12.91 8.21
CA SER D 39 -39.05 -13.05 7.25
C SER D 39 -39.42 -13.90 6.04
N ILE D 40 -40.70 -14.14 5.79
CA ILE D 40 -41.16 -14.83 4.59
C ILE D 40 -42.34 -14.06 4.02
N ALA D 41 -42.30 -13.79 2.72
CA ALA D 41 -43.36 -13.04 2.06
C ALA D 41 -44.57 -13.95 1.84
N VAL D 42 -45.75 -13.44 2.19
CA VAL D 42 -46.99 -14.20 2.08
C VAL D 42 -47.99 -13.36 1.29
N LYS D 43 -49.02 -14.05 0.79
CA LYS D 43 -50.04 -13.38 -0.02
C LYS D 43 -50.74 -12.30 0.79
N TRP D 44 -50.96 -11.15 0.16
CA TRP D 44 -51.59 -10.02 0.82
C TRP D 44 -53.10 -10.22 0.89
N ASN D 45 -53.68 -9.84 2.04
CA ASN D 45 -55.11 -9.86 2.25
C ASN D 45 -55.56 -8.48 2.70
N ASP D 46 -56.81 -8.13 2.39
CA ASP D 46 -57.33 -6.82 2.73
C ASP D 46 -57.47 -6.62 4.24
N SER D 47 -57.48 -7.70 5.02
CA SER D 47 -57.62 -7.59 6.47
C SER D 47 -56.30 -7.24 7.16
N PHE D 48 -55.16 -7.50 6.51
CA PHE D 48 -53.88 -7.22 7.15
C PHE D 48 -53.63 -5.73 7.37
N ALA D 49 -54.37 -4.86 6.67
CA ALA D 49 -54.14 -3.42 6.81
C ALA D 49 -54.53 -2.91 8.18
N GLU D 50 -55.38 -3.63 8.92
CA GLU D 50 -55.79 -3.17 10.24
C GLU D 50 -54.69 -3.36 11.28
N GLN D 51 -53.83 -4.36 11.10
CA GLN D 51 -52.76 -4.63 12.05
C GLN D 51 -51.54 -3.74 11.84
N GLY D 52 -51.57 -2.85 10.84
CA GLY D 52 -50.45 -1.98 10.55
C GLY D 52 -49.62 -2.40 9.36
N TYR D 53 -49.83 -3.61 8.84
CA TYR D 53 -49.10 -4.07 7.66
C TYR D 53 -49.46 -3.22 6.45
N LYS D 54 -48.50 -3.04 5.56
CA LYS D 54 -48.68 -2.30 4.33
C LYS D 54 -48.76 -3.25 3.14
N LYS D 55 -49.08 -2.69 1.98
CA LYS D 55 -49.17 -3.43 0.74
C LYS D 55 -47.98 -3.09 -0.13
N TYR D 56 -47.28 -4.11 -0.63
CA TYR D 56 -46.09 -3.93 -1.45
C TYR D 56 -46.33 -4.53 -2.82
N VAL D 57 -45.97 -3.77 -3.87
CA VAL D 57 -46.03 -4.24 -5.25
C VAL D 57 -44.77 -3.80 -5.95
N SER D 58 -44.24 -4.67 -6.81
CA SER D 58 -43.02 -4.36 -7.55
C SER D 58 -42.95 -5.27 -8.77
N SER D 59 -42.02 -4.93 -9.67
CA SER D 59 -41.85 -5.72 -10.89
C SER D 59 -41.28 -7.09 -10.57
N TYR D 60 -41.71 -8.10 -11.33
CA TYR D 60 -41.29 -9.46 -11.12
C TYR D 60 -40.17 -9.89 -12.08
N LEU D 61 -39.56 -8.94 -12.77
CA LEU D 61 -38.45 -9.23 -13.67
C LEU D 61 -37.12 -8.66 -13.22
N GLU D 62 -37.10 -7.82 -12.18
CA GLU D 62 -35.86 -7.24 -11.67
C GLU D 62 -35.80 -7.46 -10.16
N SER D 63 -34.57 -7.69 -9.67
CA SER D 63 -34.36 -7.77 -8.23
C SER D 63 -34.26 -6.41 -7.58
N ASN D 64 -33.93 -5.37 -8.35
CA ASN D 64 -33.88 -3.98 -7.87
C ASN D 64 -34.93 -3.20 -8.67
N THR D 65 -36.14 -3.10 -8.11
CA THR D 65 -37.23 -2.46 -8.84
C THR D 65 -36.94 -0.98 -9.06
N ALA D 66 -36.41 -0.29 -8.05
CA ALA D 66 -36.13 1.14 -8.15
C ALA D 66 -34.68 1.44 -8.49
N GLY D 67 -33.85 0.42 -8.67
CA GLY D 67 -32.46 0.62 -9.03
C GLY D 67 -31.51 0.86 -7.86
N ASP D 68 -32.03 0.91 -6.63
CA ASP D 68 -31.18 1.15 -5.48
C ASP D 68 -30.41 -0.12 -5.12
N PRO D 69 -29.32 0.00 -4.34
CA PRO D 69 -28.46 -1.15 -4.04
C PRO D 69 -29.18 -2.33 -3.40
N TYR D 70 -30.25 -2.07 -2.64
CA TYR D 70 -30.94 -3.09 -1.87
C TYR D 70 -32.09 -3.66 -2.68
N THR D 71 -32.23 -4.99 -2.65
CA THR D 71 -33.21 -5.68 -3.47
C THR D 71 -34.61 -5.53 -2.88
N ASP D 72 -35.59 -6.17 -3.53
CA ASP D 72 -36.97 -6.08 -3.08
C ASP D 72 -37.16 -6.73 -1.72
N TYR D 73 -36.53 -7.89 -1.51
CA TYR D 73 -36.66 -8.58 -0.23
C TYR D 73 -36.05 -7.77 0.91
N GLN D 74 -34.86 -7.22 0.69
CA GLN D 74 -34.18 -6.45 1.74
C GLN D 74 -34.90 -5.15 2.04
N LYS D 75 -35.70 -4.63 1.11
CA LYS D 75 -36.47 -3.43 1.38
C LYS D 75 -37.80 -3.74 2.05
N ALA D 76 -38.53 -4.74 1.55
CA ALA D 76 -39.81 -5.11 2.14
C ALA D 76 -39.65 -5.64 3.55
N SER D 77 -38.65 -6.50 3.78
CA SER D 77 -38.48 -7.14 5.07
C SER D 77 -37.73 -6.27 6.08
N GLY D 78 -37.24 -5.11 5.66
CA GLY D 78 -36.48 -4.26 6.58
C GLY D 78 -35.17 -4.86 7.03
N SER D 79 -34.50 -5.60 6.14
CA SER D 79 -33.22 -6.22 6.43
C SER D 79 -32.06 -5.35 5.95
N ILE D 80 -32.23 -4.04 5.98
CA ILE D 80 -31.22 -3.08 5.55
C ILE D 80 -30.78 -2.26 6.74
N ASP D 81 -29.78 -1.41 6.50
CA ASP D 81 -29.26 -0.52 7.53
C ASP D 81 -30.37 0.30 8.16
N LYS D 82 -30.45 0.27 9.49
CA LYS D 82 -31.59 0.84 10.19
C LYS D 82 -31.65 2.36 10.11
N ALA D 83 -30.60 3.01 9.63
CA ALA D 83 -30.64 4.46 9.42
C ALA D 83 -31.41 4.85 8.17
N ILE D 84 -31.75 3.89 7.32
CA ILE D 84 -32.57 4.16 6.15
C ILE D 84 -34.03 4.19 6.57
N LYS D 85 -34.73 5.27 6.20
CA LYS D 85 -36.07 5.52 6.70
C LYS D 85 -37.04 4.43 6.28
N LEU D 86 -38.17 4.37 6.98
CA LEU D 86 -39.23 3.43 6.63
C LEU D 86 -39.93 3.80 5.33
N GLU D 87 -39.70 5.01 4.82
CA GLU D 87 -40.22 5.36 3.50
C GLU D 87 -39.56 4.53 2.41
N ALA D 88 -38.28 4.22 2.57
CA ALA D 88 -37.56 3.40 1.60
C ALA D 88 -37.87 1.92 1.71
N ARG D 89 -38.59 1.50 2.76
CA ARG D 89 -38.95 0.10 2.87
C ARG D 89 -39.89 -0.33 1.75
N ASP D 90 -40.63 0.61 1.17
CA ASP D 90 -41.43 0.30 0.00
C ASP D 90 -40.52 -0.06 -1.16
N PRO D 91 -40.79 -1.15 -1.89
CA PRO D 91 -39.92 -1.51 -3.03
C PRO D 91 -39.89 -0.45 -4.11
N LEU D 92 -40.95 0.36 -4.26
CA LEU D 92 -41.04 1.31 -5.34
C LEU D 92 -40.30 2.61 -5.09
N VAL D 93 -39.87 2.87 -3.85
CA VAL D 93 -39.18 4.11 -3.51
C VAL D 93 -37.69 3.82 -3.39
N ALA D 94 -36.88 4.56 -4.14
CA ALA D 94 -35.44 4.39 -4.12
C ALA D 94 -34.84 5.00 -2.86
N ALA D 95 -33.92 4.27 -2.24
CA ALA D 95 -33.21 4.73 -1.05
C ALA D 95 -31.93 5.43 -1.51
N TYR D 96 -32.05 6.69 -1.89
CA TYR D 96 -30.93 7.45 -2.41
C TYR D 96 -30.88 8.82 -1.74
N PRO D 97 -29.70 9.23 -1.27
CA PRO D 97 -29.60 10.46 -0.48
C PRO D 97 -29.33 11.70 -1.31
N VAL D 98 -29.94 12.82 -0.92
CA VAL D 98 -29.71 14.11 -1.57
C VAL D 98 -28.93 14.98 -0.57
N VAL D 99 -27.65 15.19 -0.84
CA VAL D 99 -26.77 15.88 0.08
C VAL D 99 -26.36 17.22 -0.53
N GLY D 100 -26.49 18.29 0.26
CA GLY D 100 -26.07 19.61 -0.17
C GLY D 100 -25.23 20.27 0.91
N VAL D 101 -24.58 21.37 0.50
CA VAL D 101 -23.69 22.11 1.38
C VAL D 101 -24.22 23.53 1.52
N GLY D 102 -24.31 24.00 2.76
CA GLY D 102 -24.82 25.33 3.07
C GLY D 102 -23.71 26.23 3.57
N MET D 103 -23.66 27.44 3.00
CA MET D 103 -22.66 28.44 3.37
C MET D 103 -23.25 29.34 4.45
N GLU D 104 -22.59 29.41 5.60
CA GLU D 104 -23.11 30.15 6.74
C GLU D 104 -22.43 31.51 6.94
N ASN D 105 -21.13 31.60 6.67
CA ASN D 105 -20.42 32.86 6.88
C ASN D 105 -19.27 32.95 5.90
N LEU D 106 -18.86 34.17 5.60
CA LEU D 106 -17.76 34.44 4.68
C LEU D 106 -16.91 35.56 5.25
N ILE D 107 -15.61 35.32 5.35
CA ILE D 107 -14.65 36.31 5.86
C ILE D 107 -13.52 36.44 4.85
N ILE D 108 -13.18 37.67 4.49
CA ILE D 108 -12.10 37.93 3.54
C ILE D 108 -11.11 38.93 4.11
N SER D 185 -1.00 37.76 -1.27
CA SER D 185 -2.35 38.30 -1.40
C SER D 185 -3.20 37.98 -0.18
N ALA D 186 -4.51 38.16 -0.32
CA ALA D 186 -5.44 37.89 0.78
C ALA D 186 -5.75 36.40 0.85
N TYR D 187 -6.49 36.02 1.88
CA TYR D 187 -6.91 34.64 2.10
C TYR D 187 -8.43 34.60 2.20
N ILE D 188 -9.00 33.42 1.95
CA ILE D 188 -10.44 33.23 1.98
C ILE D 188 -10.77 32.03 2.87
N ASN D 189 -11.91 32.12 3.56
CA ASN D 189 -12.40 31.02 4.38
C ASN D 189 -13.90 31.19 4.56
N ALA D 190 -14.56 30.10 4.93
CA ALA D 190 -16.00 30.10 5.11
C ALA D 190 -16.40 29.06 6.15
N ASN D 191 -17.60 29.25 6.70
CA ASN D 191 -18.21 28.30 7.62
C ASN D 191 -19.30 27.55 6.86
N VAL D 192 -19.11 26.26 6.67
CA VAL D 192 -20.03 25.44 5.89
C VAL D 192 -20.55 24.31 6.76
N ARG D 193 -21.71 23.78 6.35
CA ARG D 193 -22.36 22.70 7.08
C ARG D 193 -23.22 21.91 6.11
N TYR D 194 -23.04 20.59 6.09
CA TYR D 194 -23.67 19.76 5.09
C TYR D 194 -25.15 19.58 5.39
N TYR D 195 -25.83 18.85 4.52
CA TYR D 195 -27.26 18.59 4.64
C TYR D 195 -27.57 17.25 3.99
N ASN D 196 -28.70 16.66 4.35
CA ASN D 196 -29.16 15.42 3.72
C ASN D 196 -30.68 15.39 3.84
N THR D 197 -31.37 15.60 2.71
CA THR D 197 -32.83 15.58 2.67
C THR D 197 -33.37 14.29 2.08
N GLY D 198 -32.51 13.32 1.76
CA GLY D 198 -32.94 12.08 1.15
C GLY D 198 -33.53 11.12 2.15
N THR D 199 -33.37 9.82 1.87
CA THR D 199 -33.90 8.78 2.73
C THR D 199 -32.84 7.74 3.12
N ALA D 200 -31.57 7.98 2.82
CA ALA D 200 -30.52 7.03 3.14
C ALA D 200 -29.33 7.75 3.77
N PRO D 201 -28.68 7.15 4.76
CA PRO D 201 -27.46 7.72 5.29
C PRO D 201 -26.34 7.67 4.26
N MET D 202 -25.42 8.63 4.36
CA MET D 202 -24.32 8.77 3.42
C MET D 202 -23.03 8.85 4.23
N TYR D 203 -22.39 7.71 4.43
CA TYR D 203 -21.14 7.67 5.16
C TYR D 203 -20.00 8.25 4.32
N LYS D 204 -19.05 8.91 5.00
CA LYS D 204 -17.86 9.47 4.37
C LYS D 204 -18.23 10.45 3.26
N VAL D 205 -18.88 11.54 3.68
CA VAL D 205 -19.29 12.58 2.73
C VAL D 205 -18.07 13.37 2.27
N THR D 206 -17.92 13.50 0.96
CA THR D 206 -16.81 14.26 0.36
C THR D 206 -17.38 15.18 -0.72
N PRO D 207 -17.96 16.30 -0.32
CA PRO D 207 -18.58 17.20 -1.32
C PRO D 207 -17.54 17.88 -2.20
N THR D 208 -17.97 18.20 -3.42
CA THR D 208 -17.20 19.04 -4.33
C THR D 208 -17.96 20.34 -4.55
N THR D 209 -17.27 21.47 -4.36
CA THR D 209 -17.91 22.77 -4.36
C THR D 209 -17.26 23.68 -5.39
N ASN D 210 -18.03 24.67 -5.83
CA ASN D 210 -17.57 25.69 -6.75
C ASN D 210 -17.74 27.06 -6.11
N LEU D 211 -16.73 27.91 -6.27
CA LEU D 211 -16.75 29.28 -5.75
C LEU D 211 -16.91 30.22 -6.94
N VAL D 212 -18.11 30.75 -7.10
CA VAL D 212 -18.44 31.63 -8.23
C VAL D 212 -18.78 33.01 -7.68
N LEU D 213 -18.21 34.04 -8.30
CA LEU D 213 -18.49 35.42 -7.89
C LEU D 213 -19.60 36.02 -8.75
N ASP D 214 -19.37 36.11 -10.06
CA ASP D 214 -20.43 36.47 -11.01
C ASP D 214 -20.06 35.87 -12.36
N GLY D 215 -20.64 34.71 -12.67
CA GLY D 215 -20.33 34.04 -13.92
C GLY D 215 -19.06 33.21 -13.87
N GLU D 216 -17.91 33.86 -13.71
CA GLU D 216 -16.65 33.14 -13.64
C GLU D 216 -16.54 32.34 -12.35
N THR D 217 -15.87 31.21 -12.43
CA THR D 217 -15.63 30.34 -11.28
C THR D 217 -14.23 30.61 -10.74
N LEU D 218 -14.15 31.00 -9.47
CA LEU D 218 -12.85 31.31 -8.86
C LEU D 218 -11.98 30.06 -8.80
N ALA D 219 -12.51 28.98 -8.24
CA ALA D 219 -11.78 27.73 -8.11
C ALA D 219 -12.75 26.64 -7.68
N THR D 220 -12.43 25.41 -8.07
CA THR D 220 -13.18 24.24 -7.65
C THR D 220 -12.48 23.59 -6.46
N ILE D 221 -13.28 23.19 -5.46
CA ILE D 221 -12.74 22.69 -4.20
C ILE D 221 -13.27 21.29 -3.96
N LYS D 222 -12.41 20.44 -3.37
CA LYS D 222 -12.79 19.12 -2.92
C LYS D 222 -12.42 18.97 -1.45
N ALA D 223 -13.25 18.23 -0.72
CA ALA D 223 -13.03 18.07 0.71
C ALA D 223 -11.72 17.36 0.99
N GLN D 224 -10.94 17.91 1.93
CA GLN D 224 -9.70 17.29 2.38
C GLN D 224 -10.01 16.36 3.55
N ASP D 225 -8.96 15.92 4.25
CA ASP D 225 -9.13 15.01 5.37
C ASP D 225 -9.89 15.64 6.53
N ASN D 226 -10.06 16.96 6.53
CA ASN D 226 -10.75 17.64 7.61
C ASN D 226 -12.20 17.95 7.32
N GLN D 227 -12.61 17.90 6.05
CA GLN D 227 -13.98 18.24 5.64
C GLN D 227 -14.75 17.00 5.20
N ILE D 228 -14.51 15.87 5.87
CA ILE D 228 -15.18 14.61 5.53
C ILE D 228 -16.07 14.24 6.71
N GLY D 229 -17.38 14.17 6.46
CA GLY D 229 -18.32 13.79 7.49
C GLY D 229 -18.50 12.28 7.55
N ASN D 230 -18.06 11.67 8.64
CA ASN D 230 -18.08 10.21 8.75
C ASN D 230 -19.50 9.65 8.73
N ASN D 231 -20.50 10.43 9.15
CA ASN D 231 -21.88 9.98 9.12
C ASN D 231 -22.77 11.17 8.77
N LEU D 232 -23.86 10.88 8.05
CA LEU D 232 -24.88 11.92 7.77
C LEU D 232 -26.23 11.22 7.69
N SER D 233 -26.94 11.20 8.81
CA SER D 233 -28.26 10.61 8.86
C SER D 233 -29.25 11.48 8.08
N PRO D 234 -30.32 10.90 7.55
CA PRO D 234 -31.31 11.71 6.83
C PRO D 234 -31.91 12.79 7.71
N ASN D 235 -32.09 13.98 7.12
CA ASN D 235 -32.62 15.15 7.82
C ASN D 235 -31.74 15.54 9.01
N GLU D 236 -30.43 15.28 8.88
CA GLU D 236 -29.46 15.67 9.89
C GLU D 236 -28.24 16.25 9.19
N THR D 237 -27.50 17.08 9.92
CA THR D 237 -26.40 17.85 9.36
C THR D 237 -25.08 17.45 10.01
N TYR D 238 -23.99 17.77 9.31
CA TYR D 238 -22.64 17.63 9.85
C TYR D 238 -21.95 18.97 9.79
N PRO D 239 -21.54 19.57 10.93
CA PRO D 239 -21.74 19.05 12.29
C PRO D 239 -23.20 19.10 12.74
N LYS D 240 -23.55 18.29 13.73
CA LYS D 240 -24.94 18.18 14.15
C LYS D 240 -25.43 19.50 14.76
N LYS D 241 -26.73 19.56 15.01
CA LYS D 241 -27.32 20.73 15.63
C LYS D 241 -26.69 21.00 16.98
N GLY D 242 -26.38 22.27 17.24
CA GLY D 242 -25.69 22.64 18.47
C GLY D 242 -24.19 22.69 18.36
N LEU D 243 -23.62 22.30 17.22
CA LEU D 243 -22.19 22.36 16.98
C LEU D 243 -21.90 23.37 15.89
N SER D 244 -20.82 24.15 16.06
CA SER D 244 -20.49 25.19 15.10
C SER D 244 -20.08 24.57 13.76
N PRO D 245 -20.42 25.21 12.65
CA PRO D 245 -20.05 24.67 11.34
C PRO D 245 -18.54 24.63 11.15
N LEU D 246 -18.08 23.61 10.43
CA LEU D 246 -16.65 23.46 10.19
C LEU D 246 -16.14 24.56 9.27
N ALA D 247 -14.93 25.04 9.53
CA ALA D 247 -14.33 26.08 8.73
C ALA D 247 -13.68 25.49 7.48
N LEU D 248 -13.82 26.21 6.36
CA LEU D 248 -13.24 25.81 5.09
C LEU D 248 -11.95 26.60 4.88
N ASN D 249 -10.82 25.93 5.08
CA ASN D 249 -9.51 26.56 4.97
C ASN D 249 -8.63 25.94 3.90
N THR D 250 -8.52 24.62 3.87
CA THR D 250 -7.56 23.97 2.99
C THR D 250 -7.93 24.16 1.52
N MET D 251 -6.90 24.39 0.70
CA MET D 251 -7.04 24.54 -0.74
C MET D 251 -7.14 23.16 -1.39
N ASP D 252 -7.78 23.13 -2.56
CA ASP D 252 -7.96 21.90 -3.31
C ASP D 252 -6.62 21.22 -3.63
N ASN D 255 -1.78 21.28 3.22
CA ASN D 255 -2.19 22.24 4.23
C ASN D 255 -1.93 23.68 3.77
N ALA D 256 -2.47 24.02 2.60
CA ALA D 256 -2.33 25.35 2.03
C ALA D 256 -3.70 26.01 1.94
N ARG D 257 -3.72 27.34 2.09
CA ARG D 257 -4.96 28.10 2.02
C ARG D 257 -5.12 28.71 0.64
N LEU D 258 -6.38 28.81 0.19
CA LEU D 258 -6.66 29.34 -1.13
C LEU D 258 -6.27 30.81 -1.23
N ILE D 259 -5.78 31.20 -2.39
CA ILE D 259 -5.40 32.58 -2.67
C ILE D 259 -6.22 33.06 -3.86
N PRO D 260 -6.84 34.24 -3.81
CA PRO D 260 -7.58 34.75 -4.97
C PRO D 260 -6.66 34.91 -6.17
N ILE D 261 -7.21 34.60 -7.34
CA ILE D 261 -6.41 34.63 -8.56
C ILE D 261 -6.08 36.06 -8.96
N ASN D 262 -7.05 36.96 -8.88
CA ASN D 262 -6.85 38.33 -9.33
C ASN D 262 -7.33 39.34 -8.30
N TYR D 263 -7.33 40.62 -8.68
CA TYR D 263 -7.79 41.69 -7.79
C TYR D 263 -8.96 42.49 -8.36
N ASP D 264 -9.33 42.30 -9.62
CA ASP D 264 -10.56 42.89 -10.13
C ASP D 264 -11.78 42.31 -9.44
N GLN D 265 -11.65 41.10 -8.90
CA GLN D 265 -12.71 40.51 -8.09
C GLN D 265 -12.98 41.36 -6.85
N LEU D 266 -11.96 42.00 -6.30
CA LEU D 266 -12.16 42.89 -5.17
C LEU D 266 -13.04 44.08 -5.57
N LYS D 267 -12.77 44.68 -6.73
CA LYS D 267 -13.61 45.77 -7.21
C LYS D 267 -15.03 45.30 -7.49
N LYS D 268 -15.17 44.09 -8.04
CA LYS D 268 -16.51 43.54 -8.28
C LYS D 268 -17.27 43.36 -6.98
N LEU D 269 -16.60 42.84 -5.95
CA LEU D 269 -17.26 42.68 -4.64
C LEU D 269 -17.56 44.03 -4.00
N ASP D 270 -16.76 45.05 -4.29
CA ASP D 270 -17.04 46.39 -3.77
C ASP D 270 -18.34 46.95 -4.29
N SER D 271 -18.86 46.41 -5.39
CA SER D 271 -20.14 46.82 -5.96
C SER D 271 -21.33 46.14 -5.31
N GLY D 272 -21.16 45.58 -4.11
CA GLY D 272 -22.24 44.88 -3.44
C GLY D 272 -22.47 43.46 -3.90
N LYS D 273 -21.46 42.84 -4.51
CA LYS D 273 -21.56 41.48 -4.99
C LYS D 273 -21.03 40.51 -3.94
N GLN D 274 -21.41 39.23 -4.09
CA GLN D 274 -21.02 38.18 -3.16
C GLN D 274 -20.64 36.94 -3.95
N ILE D 275 -19.87 36.07 -3.30
CA ILE D 275 -19.40 34.83 -3.92
C ILE D 275 -20.39 33.73 -3.56
N LYS D 276 -21.10 33.23 -4.58
CA LYS D 276 -22.05 32.16 -4.37
C LYS D 276 -21.35 30.81 -4.30
N LEU D 277 -21.92 29.90 -3.50
CA LEU D 277 -21.39 28.56 -3.33
C LEU D 277 -22.44 27.55 -3.80
N GLU D 278 -22.06 26.69 -4.74
CA GLU D 278 -22.93 25.65 -5.25
C GLU D 278 -22.16 24.33 -5.28
N THR D 279 -22.86 23.23 -5.04
CA THR D 279 -22.25 21.92 -4.97
C THR D 279 -22.42 21.20 -6.30
N THR D 280 -21.30 20.90 -6.97
CA THR D 280 -21.36 20.18 -8.22
C THR D 280 -21.73 18.71 -8.00
N GLN D 281 -21.07 18.06 -7.04
CA GLN D 281 -21.30 16.65 -6.77
C GLN D 281 -20.85 16.32 -5.36
N VAL D 282 -21.36 15.20 -4.85
CA VAL D 282 -21.00 14.71 -3.52
C VAL D 282 -20.67 13.23 -3.62
N SER D 283 -19.55 12.84 -3.04
CA SER D 283 -19.13 11.45 -2.97
C SER D 283 -19.52 10.86 -1.62
N GLY D 284 -19.79 9.56 -1.60
CA GLY D 284 -20.21 8.93 -0.37
C GLY D 284 -20.32 7.43 -0.55
N ASN D 285 -20.60 6.77 0.57
CA ASN D 285 -20.66 5.31 0.65
C ASN D 285 -22.00 4.89 1.24
N TYR D 286 -22.31 3.61 1.11
CA TYR D 286 -23.46 3.01 1.77
C TYR D 286 -23.00 1.77 2.53
N GLY D 287 -23.94 1.16 3.25
CA GLY D 287 -23.64 0.05 4.14
C GLY D 287 -24.33 -1.23 3.69
N THR D 288 -23.55 -2.30 3.63
CA THR D 288 -24.05 -3.63 3.32
C THR D 288 -23.50 -4.61 4.34
N LYS D 289 -24.35 -5.51 4.81
CA LYS D 289 -23.96 -6.52 5.78
C LYS D 289 -23.35 -7.70 5.04
N ASN D 290 -22.05 -7.94 5.27
CA ASN D 290 -21.34 -8.99 4.56
C ASN D 290 -21.75 -10.36 5.11
N SER D 291 -21.08 -11.40 4.61
CA SER D 291 -21.39 -12.76 4.99
C SER D 291 -21.00 -13.08 6.43
N GLN D 292 -20.19 -12.24 7.08
CA GLN D 292 -19.79 -12.45 8.46
C GLN D 292 -20.63 -11.64 9.44
N GLY D 293 -21.61 -10.89 8.97
CA GLY D 293 -22.48 -10.12 9.83
C GLY D 293 -22.06 -8.68 10.05
N GLN D 294 -20.90 -8.27 9.54
CA GLN D 294 -20.41 -6.92 9.72
C GLN D 294 -20.89 -6.00 8.61
N ILE D 295 -20.99 -4.73 8.92
CA ILE D 295 -21.33 -3.70 7.93
C ILE D 295 -20.04 -3.14 7.35
N ILE D 296 -19.95 -3.13 6.02
CA ILE D 296 -18.79 -2.61 5.32
C ILE D 296 -19.22 -1.40 4.51
N THR D 297 -18.55 -0.26 4.72
CA THR D 297 -18.88 0.97 4.02
C THR D 297 -17.65 1.57 3.35
N GLU D 298 -16.74 0.72 2.87
CA GLU D 298 -15.51 1.18 2.23
C GLU D 298 -15.42 0.80 0.75
N GLY D 299 -15.80 -0.42 0.40
CA GLY D 299 -15.77 -0.82 -0.99
C GLY D 299 -16.96 -0.37 -1.81
N ASN D 300 -17.97 0.19 -1.16
CA ASN D 300 -19.21 0.60 -1.82
C ASN D 300 -19.19 2.09 -2.10
N SER D 301 -20.04 2.52 -3.04
CA SER D 301 -20.08 3.92 -3.45
C SER D 301 -21.43 4.23 -4.05
N TRP D 302 -22.03 5.35 -3.66
CA TRP D 302 -23.33 5.77 -4.19
C TRP D 302 -23.22 6.14 -5.67
N SER D 303 -22.04 6.62 -6.08
CA SER D 303 -21.82 7.09 -7.44
C SER D 303 -22.14 6.01 -8.47
N ASN D 304 -22.05 4.76 -8.06
CA ASN D 304 -22.42 3.64 -8.91
C ASN D 304 -23.92 3.52 -9.12
N TYR D 305 -24.73 3.91 -8.15
CA TYR D 305 -26.17 3.69 -8.17
C TYR D 305 -26.95 4.99 -8.28
N ILE D 306 -26.29 6.07 -8.71
CA ILE D 306 -26.96 7.36 -8.85
C ILE D 306 -27.49 7.57 -10.26
N SER D 307 -26.68 7.28 -11.28
CA SER D 307 -27.14 7.39 -12.66
C SER D 307 -28.30 6.45 -12.92
N GLN D 308 -28.21 5.22 -12.40
CA GLN D 308 -29.29 4.25 -12.59
C GLN D 308 -30.57 4.71 -11.89
N ILE D 309 -30.45 5.20 -10.66
CA ILE D 309 -31.63 5.62 -9.91
C ILE D 309 -32.29 6.86 -10.50
N ASP D 310 -31.51 7.87 -10.88
CA ASP D 310 -32.10 9.10 -11.42
C ASP D 310 -32.75 8.92 -12.77
N SER D 311 -32.43 7.84 -13.50
CA SER D 311 -32.97 7.61 -14.83
C SER D 311 -34.03 6.52 -14.87
N VAL D 312 -34.52 6.07 -13.71
CA VAL D 312 -35.52 5.01 -13.66
C VAL D 312 -36.66 5.47 -12.75
N SER D 313 -36.57 6.69 -12.24
CA SER D 313 -37.51 7.16 -11.23
C SER D 313 -38.08 8.50 -11.65
N ALA D 314 -39.13 8.93 -10.94
CA ALA D 314 -39.76 10.22 -11.12
C ALA D 314 -39.54 11.06 -9.88
N SER D 315 -39.03 12.28 -10.06
CA SER D 315 -38.65 13.12 -8.94
C SER D 315 -39.89 13.74 -8.28
N ILE D 316 -39.97 13.61 -6.96
CA ILE D 316 -41.03 14.23 -6.17
C ILE D 316 -40.39 14.97 -5.00
N ILE D 317 -40.78 16.22 -4.81
CA ILE D 317 -40.20 17.08 -3.79
C ILE D 317 -41.33 17.72 -2.99
N LEU D 318 -41.11 17.86 -1.68
CA LEU D 318 -42.07 18.51 -0.80
C LEU D 318 -41.35 19.56 0.04
N ASP D 319 -41.97 20.72 0.18
CA ASP D 319 -41.41 21.82 0.96
C ASP D 319 -42.42 22.23 2.02
N THR D 320 -42.01 22.17 3.28
CA THR D 320 -42.87 22.55 4.41
C THR D 320 -42.49 23.90 4.99
N GLY D 321 -41.76 24.71 4.25
CA GLY D 321 -41.33 26.01 4.75
C GLY D 321 -40.08 25.99 5.61
N SER D 322 -39.99 25.07 6.56
CA SER D 322 -38.83 24.95 7.43
C SER D 322 -37.85 23.88 7.00
N GLN D 323 -38.30 22.88 6.24
CA GLN D 323 -37.44 21.80 5.78
C GLN D 323 -37.92 21.32 4.42
N THR D 324 -37.01 20.67 3.70
CA THR D 324 -37.28 20.14 2.37
C THR D 324 -37.11 18.63 2.37
N PHE D 325 -37.99 17.95 1.65
CA PHE D 325 -37.92 16.50 1.49
C PHE D 325 -37.90 16.17 0.00
N GLU D 326 -36.94 15.32 -0.40
CA GLU D 326 -36.80 14.90 -1.78
C GLU D 326 -36.90 13.39 -1.87
N ARG D 327 -37.77 12.90 -2.75
CA ARG D 327 -38.00 11.47 -2.91
C ARG D 327 -37.99 11.12 -4.38
N ARG D 328 -37.61 9.87 -4.68
CA ARG D 328 -37.58 9.36 -6.03
C ARG D 328 -38.41 8.09 -6.09
N VAL D 329 -39.52 8.13 -6.84
CA VAL D 329 -40.42 7.00 -6.98
C VAL D 329 -40.20 6.36 -8.33
N ALA D 330 -40.09 5.03 -8.34
CA ALA D 330 -39.83 4.31 -9.57
C ALA D 330 -41.03 4.39 -10.52
N ALA D 331 -40.75 4.25 -11.81
CA ALA D 331 -41.79 4.32 -12.83
C ALA D 331 -41.40 3.42 -13.99
N LYS D 332 -42.39 3.11 -14.83
CA LYS D 332 -42.23 2.18 -15.93
C LYS D 332 -42.00 2.93 -17.24
N GLU D 333 -41.37 2.23 -18.19
CA GLU D 333 -41.17 2.78 -19.52
C GLU D 333 -42.45 2.69 -20.34
N GLN D 334 -42.52 3.50 -21.41
CA GLN D 334 -43.70 3.56 -22.24
C GLN D 334 -43.60 2.72 -23.51
N GLY D 335 -42.40 2.54 -24.05
CA GLY D 335 -42.21 1.80 -25.28
C GLY D 335 -41.78 0.36 -25.10
N ASN D 336 -41.75 -0.16 -23.88
CA ASN D 336 -41.29 -1.51 -23.62
C ASN D 336 -42.44 -2.36 -23.09
N PRO D 337 -42.72 -3.52 -23.71
CA PRO D 337 -43.76 -4.39 -23.18
C PRO D 337 -43.26 -5.30 -22.06
N GLU D 338 -41.93 -5.47 -22.00
CA GLU D 338 -41.31 -6.28 -20.97
C GLU D 338 -40.97 -5.50 -19.71
N ASP D 339 -41.33 -4.22 -19.65
CA ASP D 339 -41.13 -3.42 -18.44
C ASP D 339 -42.33 -3.63 -17.54
N LYS D 340 -42.16 -4.44 -16.49
CA LYS D 340 -43.25 -4.84 -15.62
C LYS D 340 -43.34 -3.99 -14.36
N THR D 341 -42.71 -2.81 -14.35
CA THR D 341 -42.80 -1.95 -13.19
C THR D 341 -44.24 -1.47 -13.01
N PRO D 342 -44.79 -1.56 -11.80
CA PRO D 342 -46.18 -1.13 -11.59
C PRO D 342 -46.34 0.37 -11.81
N GLU D 343 -47.55 0.76 -12.20
CA GLU D 343 -47.91 2.15 -12.40
C GLU D 343 -48.84 2.59 -11.28
N ILE D 344 -48.55 3.74 -10.68
CA ILE D 344 -49.31 4.25 -9.55
C ILE D 344 -49.71 5.69 -9.82
N THR D 345 -50.81 6.11 -9.22
CA THR D 345 -51.27 7.49 -9.35
C THR D 345 -50.33 8.43 -8.59
N ILE D 346 -50.42 9.71 -8.93
CA ILE D 346 -49.55 10.71 -8.29
C ILE D 346 -49.82 10.77 -6.79
N GLY D 347 -51.10 10.74 -6.40
CA GLY D 347 -51.43 10.77 -4.98
C GLY D 347 -50.89 9.55 -4.26
N GLU D 348 -51.05 8.37 -4.86
CA GLU D 348 -50.49 7.15 -4.28
C GLU D 348 -48.97 7.22 -4.22
N ALA D 349 -48.34 7.80 -5.24
CA ALA D 349 -46.89 7.95 -5.22
C ALA D 349 -46.45 8.85 -4.07
N ILE D 350 -47.16 9.95 -3.85
CA ILE D 350 -46.81 10.85 -2.75
C ILE D 350 -47.01 10.15 -1.41
N LYS D 351 -48.12 9.42 -1.27
CA LYS D 351 -48.37 8.70 -0.02
C LYS D 351 -47.29 7.66 0.24
N LYS D 352 -46.86 6.95 -0.80
CA LYS D 352 -45.78 5.97 -0.64
C LYS D 352 -44.48 6.64 -0.27
N ALA D 353 -44.16 7.76 -0.92
CA ALA D 353 -42.86 8.40 -0.73
C ALA D 353 -42.74 9.01 0.67
N PHE D 354 -43.75 9.78 1.08
CA PHE D 354 -43.65 10.51 2.34
C PHE D 354 -44.37 9.82 3.50
N SER D 355 -44.90 8.62 3.29
CA SER D 355 -45.62 7.87 4.32
C SER D 355 -46.74 8.70 4.93
N ALA D 356 -47.42 9.47 4.07
CA ALA D 356 -48.48 10.36 4.54
C ALA D 356 -49.68 9.56 5.01
N THR D 357 -50.21 9.92 6.18
CA THR D 357 -51.41 9.29 6.69
C THR D 357 -52.63 9.78 5.91
N LYS D 358 -53.59 8.88 5.71
CA LYS D 358 -54.78 9.17 4.92
C LYS D 358 -56.01 8.72 5.70
N ASN D 359 -56.85 9.68 6.10
CA ASN D 359 -58.07 9.38 6.85
C ASN D 359 -59.25 9.41 5.88
N GLY D 360 -59.40 8.33 5.13
CA GLY D 360 -60.50 8.20 4.20
C GLY D 360 -60.24 8.84 2.85
N GLU D 361 -60.23 10.17 2.81
CA GLU D 361 -59.96 10.90 1.58
C GLU D 361 -58.86 11.95 1.72
N LEU D 362 -58.80 12.62 2.86
CA LEU D 362 -57.82 13.67 3.07
C LEU D 362 -56.44 13.08 3.28
N LEU D 363 -55.42 13.81 2.79
CA LEU D 363 -54.03 13.40 2.89
C LEU D 363 -53.30 14.32 3.85
N TYR D 364 -52.70 13.75 4.89
CA TYR D 364 -51.96 14.50 5.90
C TYR D 364 -50.53 14.01 5.98
N PHE D 365 -49.59 14.95 6.05
CA PHE D 365 -48.18 14.60 6.20
C PHE D 365 -47.86 14.26 7.65
N ASN D 366 -48.00 15.24 8.54
CA ASN D 366 -47.86 15.06 9.98
C ASN D 366 -48.97 15.79 10.71
N GLY D 367 -50.19 15.66 10.20
CA GLY D 367 -51.29 16.52 10.60
C GLY D 367 -51.43 17.77 9.77
N ILE D 368 -50.48 18.05 8.89
CA ILE D 368 -50.54 19.20 8.00
C ILE D 368 -51.24 18.77 6.72
N PRO D 369 -52.35 19.40 6.35
CA PRO D 369 -53.03 19.03 5.09
C PRO D 369 -52.16 19.31 3.89
N ILE D 370 -51.90 18.25 3.11
CA ILE D 370 -51.10 18.35 1.90
C ILE D 370 -51.92 17.83 0.73
N ASP D 371 -53.23 17.90 0.85
CA ASP D 371 -54.13 17.39 -0.19
C ASP D 371 -54.06 18.28 -1.43
N GLU D 372 -54.87 17.92 -2.44
CA GLU D 372 -54.85 18.65 -3.70
C GLU D 372 -55.24 20.12 -3.50
N SER D 373 -56.30 20.36 -2.73
CA SER D 373 -56.81 21.71 -2.55
C SER D 373 -56.09 22.49 -1.47
N CYS D 374 -55.24 21.85 -0.68
CA CYS D 374 -54.58 22.49 0.45
C CYS D 374 -53.12 22.84 0.16
N VAL D 375 -52.68 22.79 -1.10
CA VAL D 375 -51.30 23.08 -1.44
C VAL D 375 -51.23 23.40 -2.93
N GLU D 376 -50.18 24.12 -3.33
CA GLU D 376 -49.95 24.47 -4.72
C GLU D 376 -48.85 23.60 -5.30
N LEU D 377 -49.15 22.95 -6.42
CA LEU D 377 -48.21 22.05 -7.09
C LEU D 377 -47.49 22.80 -8.21
N ILE D 378 -46.19 22.55 -8.33
CA ILE D 378 -45.35 23.21 -9.31
C ILE D 378 -44.70 22.15 -10.20
N PHE D 379 -44.76 22.37 -11.52
CA PHE D 379 -44.18 21.45 -12.49
C PHE D 379 -43.38 22.24 -13.50
N ASP D 380 -42.50 21.54 -14.22
CA ASP D 380 -41.76 22.14 -15.31
C ASP D 380 -42.56 22.01 -16.60
N ASP D 381 -41.94 22.33 -17.74
CA ASP D 381 -42.69 22.42 -19.00
C ASP D 381 -43.18 21.06 -19.47
N ASN D 382 -42.29 20.06 -19.50
CA ASN D 382 -42.68 18.76 -20.01
C ASN D 382 -43.73 18.09 -19.13
N THR D 383 -43.55 18.18 -17.81
CA THR D 383 -44.54 17.61 -16.90
C THR D 383 -45.87 18.34 -17.04
N SER D 384 -45.84 19.65 -17.19
CA SER D 384 -47.09 20.41 -17.37
C SER D 384 -47.81 19.98 -18.65
N GLU D 385 -47.06 19.78 -19.74
CA GLU D 385 -47.68 19.33 -20.98
C GLU D 385 -48.26 17.92 -20.82
N ILE D 386 -47.54 17.04 -20.12
CA ILE D 386 -48.05 15.68 -19.91
C ILE D 386 -49.34 15.71 -19.09
N ILE D 387 -49.37 16.52 -18.04
CA ILE D 387 -50.57 16.64 -17.21
C ILE D 387 -51.73 17.21 -18.03
N LYS D 388 -51.46 18.24 -18.83
CA LYS D 388 -52.52 18.83 -19.65
C LYS D 388 -53.08 17.81 -20.63
N GLU D 389 -52.20 17.01 -21.25
CA GLU D 389 -52.66 15.99 -22.18
C GLU D 389 -53.49 14.92 -21.48
N GLN D 390 -53.04 14.48 -20.30
CA GLN D 390 -53.70 13.38 -19.61
C GLN D 390 -54.95 13.80 -18.83
N LEU D 391 -55.16 15.10 -18.60
CA LEU D 391 -56.31 15.53 -17.82
C LEU D 391 -57.61 15.39 -18.60
N LYS D 392 -57.60 15.74 -19.88
CA LYS D 392 -58.83 15.77 -20.66
C LYS D 392 -59.41 14.38 -20.88
N TYR D 393 -58.60 13.33 -20.78
CA TYR D 393 -59.09 11.96 -20.95
C TYR D 393 -59.63 11.37 -19.66
N LEU D 394 -59.60 12.11 -18.56
CA LEU D 394 -60.08 11.62 -17.27
C LEU D 394 -61.29 12.44 -16.84
N ASP D 395 -62.36 11.75 -16.43
CA ASP D 395 -63.56 12.43 -16.00
C ASP D 395 -63.37 13.11 -14.65
N ASP D 396 -62.56 12.52 -13.77
CA ASP D 396 -62.36 13.08 -12.44
C ASP D 396 -61.67 14.43 -12.52
N LYS D 397 -60.72 14.59 -13.43
CA LYS D 397 -59.96 15.84 -13.60
C LYS D 397 -59.25 16.23 -12.31
N LYS D 398 -58.66 15.24 -11.64
CA LYS D 398 -57.87 15.46 -10.44
C LYS D 398 -56.43 15.07 -10.73
N ILE D 399 -55.50 15.95 -10.35
CA ILE D 399 -54.09 15.71 -10.66
C ILE D 399 -53.59 14.46 -9.94
N TYR D 400 -54.05 14.24 -8.72
CA TYR D 400 -53.62 13.08 -7.94
C TYR D 400 -54.13 11.77 -8.51
N ASN D 401 -55.06 11.80 -9.44
CA ASN D 401 -55.54 10.60 -10.11
C ASN D 401 -54.77 10.28 -11.39
N VAL D 402 -53.81 11.12 -11.76
CA VAL D 402 -53.03 10.91 -12.97
C VAL D 402 -51.92 9.90 -12.68
N LYS D 403 -51.73 8.95 -13.60
CA LYS D 403 -50.69 7.95 -13.44
C LYS D 403 -49.31 8.59 -13.46
N LEU D 404 -48.43 8.14 -12.57
CA LEU D 404 -47.07 8.65 -12.53
C LEU D 404 -46.28 8.14 -13.73
N GLU D 405 -45.53 9.05 -14.35
CA GLU D 405 -44.74 8.71 -15.53
C GLU D 405 -43.28 9.06 -15.28
N ARG D 406 -42.39 8.27 -15.88
CA ARG D 406 -40.96 8.42 -15.65
C ARG D 406 -40.46 9.77 -16.16
N GLY D 407 -39.56 10.38 -15.39
CA GLY D 407 -38.91 11.60 -15.79
C GLY D 407 -39.58 12.88 -15.35
N MET D 408 -40.77 12.80 -14.76
CA MET D 408 -41.47 14.02 -14.34
C MET D 408 -40.77 14.67 -13.16
N ASN D 409 -40.82 15.99 -13.12
CA ASN D 409 -40.26 16.79 -12.03
C ASN D 409 -41.42 17.47 -11.32
N ILE D 410 -41.55 17.22 -10.02
CA ILE D 410 -42.65 17.76 -9.23
C ILE D 410 -42.09 18.46 -8.00
N LEU D 411 -42.64 19.63 -7.69
CA LEU D 411 -42.27 20.39 -6.50
C LEU D 411 -43.54 20.81 -5.78
N ILE D 412 -43.58 20.56 -4.47
CA ILE D 412 -44.74 20.87 -3.65
C ILE D 412 -44.32 21.88 -2.60
N LYS D 413 -45.02 23.01 -2.54
CA LYS D 413 -44.70 24.10 -1.61
C LYS D 413 -45.93 24.35 -0.74
N VAL D 414 -45.82 23.97 0.53
CA VAL D 414 -46.93 24.15 1.49
C VAL D 414 -47.12 25.64 1.74
N PRO D 415 -48.32 26.18 1.55
CA PRO D 415 -48.54 27.61 1.79
C PRO D 415 -48.35 27.96 3.25
N SER D 416 -47.79 29.15 3.50
CA SER D 416 -47.59 29.61 4.87
C SER D 416 -48.91 29.99 5.53
N TYR D 417 -49.75 30.73 4.81
CA TYR D 417 -51.07 31.13 5.31
C TYR D 417 -52.13 30.44 4.46
N PHE D 418 -52.99 29.66 5.11
CA PHE D 418 -54.05 28.91 4.44
C PHE D 418 -55.28 28.92 5.32
N THR D 419 -56.42 29.33 4.76
CA THR D 419 -57.69 29.36 5.47
C THR D 419 -58.70 28.48 4.73
N ASN D 420 -59.45 27.69 5.48
CA ASN D 420 -60.51 26.85 4.93
C ASN D 420 -61.86 27.12 5.58
N PHE D 421 -61.94 28.07 6.52
CA PHE D 421 -63.15 28.44 7.24
C PHE D 421 -63.71 27.28 8.06
N ASP D 422 -62.96 26.20 8.24
CA ASP D 422 -63.43 25.05 9.00
C ASP D 422 -62.60 24.80 10.26
N GLU D 423 -61.28 24.64 10.14
CA GLU D 423 -60.47 24.27 11.28
C GLU D 423 -59.12 24.99 11.36
N TYR D 424 -58.83 25.93 10.47
CA TYR D 424 -57.52 26.58 10.49
C TYR D 424 -57.65 27.98 9.92
N ASN D 425 -57.30 28.99 10.73
CA ASN D 425 -57.29 30.39 10.28
C ASN D 425 -56.10 31.06 10.97
N ASN D 426 -54.96 31.10 10.27
CA ASN D 426 -53.73 31.66 10.83
C ASN D 426 -53.51 33.11 10.44
N PHE D 427 -54.45 33.72 9.74
CA PHE D 427 -54.28 35.11 9.33
C PHE D 427 -54.34 36.03 10.55
N PRO D 428 -53.34 36.90 10.74
CA PRO D 428 -53.38 37.80 11.91
C PRO D 428 -54.57 38.74 11.92
N ALA D 429 -55.05 39.16 10.76
CA ALA D 429 -56.17 40.09 10.65
C ALA D 429 -57.38 39.36 10.07
N SER D 430 -58.53 39.53 10.72
CA SER D 430 -59.75 38.90 10.27
C SER D 430 -60.23 39.53 8.96
N TRP D 431 -60.85 38.71 8.12
CA TRP D 431 -61.36 39.16 6.85
C TRP D 431 -62.64 39.99 7.04
N SER D 432 -63.08 40.62 5.95
CA SER D 432 -64.25 41.48 5.97
C SER D 432 -65.37 40.85 5.14
N ASN D 433 -66.60 40.99 5.63
CA ASN D 433 -67.79 40.47 4.96
C ASN D 433 -67.67 38.96 4.73
N ILE D 434 -67.60 38.23 5.83
CA ILE D 434 -67.45 36.78 5.82
C ILE D 434 -68.66 36.16 6.52
N ASP D 435 -69.28 35.19 5.86
CA ASP D 435 -70.42 34.46 6.41
C ASP D 435 -70.12 32.97 6.35
N THR D 436 -70.18 32.31 7.49
CA THR D 436 -69.88 30.89 7.59
C THR D 436 -71.11 30.01 7.46
N LYS D 437 -72.29 30.59 7.30
CA LYS D 437 -73.53 29.81 7.18
C LYS D 437 -73.66 29.34 5.73
N ASN D 438 -73.05 28.20 5.44
CA ASN D 438 -73.09 27.64 4.10
C ASN D 438 -72.84 26.14 4.17
N GLN D 439 -73.20 25.45 3.09
CA GLN D 439 -72.98 24.01 3.00
C GLN D 439 -72.48 23.59 1.63
N ASP D 440 -72.07 24.52 0.77
CA ASP D 440 -71.61 24.22 -0.58
C ASP D 440 -70.09 24.20 -0.67
N GLY D 441 -69.40 24.13 0.46
CA GLY D 441 -67.95 24.16 0.46
C GLY D 441 -67.34 22.89 -0.11
N LEU D 442 -66.03 22.98 -0.37
CA LEU D 442 -65.32 21.84 -0.94
C LEU D 442 -65.31 20.65 0.00
N GLN D 443 -65.11 20.90 1.30
CA GLN D 443 -65.07 19.80 2.27
C GLN D 443 -66.24 19.86 3.25
N SER D 444 -66.41 20.94 4.01
CA SER D 444 -67.51 21.04 4.95
C SER D 444 -68.42 22.23 4.67
N VAL D 445 -67.88 23.45 4.62
CA VAL D 445 -68.65 24.67 4.44
C VAL D 445 -67.89 25.61 3.52
N ALA D 446 -68.57 26.64 3.05
CA ALA D 446 -67.99 27.67 2.19
C ALA D 446 -68.12 29.04 2.86
N ASN D 447 -67.70 30.07 2.14
CA ASN D 447 -67.79 31.45 2.60
C ASN D 447 -68.81 32.17 1.74
N LYS D 448 -69.80 32.78 2.38
CA LYS D 448 -70.87 33.50 1.67
C LYS D 448 -70.51 34.98 1.65
N LEU D 449 -70.01 35.45 0.53
CA LEU D 449 -69.63 36.85 0.35
C LEU D 449 -70.75 37.59 -0.36
N SER D 450 -71.16 38.73 0.21
CA SER D 450 -72.17 39.60 -0.38
C SER D 450 -71.54 40.99 -0.49
N GLY D 451 -70.88 41.25 -1.62
CA GLY D 451 -70.22 42.52 -1.83
C GLY D 451 -68.77 42.38 -2.23
N GLU D 452 -67.87 42.88 -1.38
CA GLU D 452 -66.44 42.87 -1.65
C GLU D 452 -65.68 42.40 -0.41
N THR D 453 -64.49 41.86 -0.65
CA THR D 453 -63.61 41.39 0.41
C THR D 453 -62.29 42.14 0.35
N LYS D 454 -61.89 42.72 1.47
CA LYS D 454 -60.61 43.41 1.59
C LYS D 454 -59.94 42.98 2.89
N ILE D 455 -58.62 42.81 2.84
CA ILE D 455 -57.85 42.37 3.98
C ILE D 455 -56.63 43.26 4.14
N ILE D 456 -56.32 43.62 5.37
CA ILE D 456 -55.14 44.41 5.70
C ILE D 456 -54.14 43.47 6.35
N ILE D 457 -53.04 43.19 5.65
CA ILE D 457 -52.03 42.24 6.11
C ILE D 457 -50.79 43.03 6.54
N PRO D 458 -50.45 43.04 7.83
CA PRO D 458 -49.19 43.66 8.25
C PRO D 458 -48.01 42.87 7.72
N MET D 459 -46.92 43.60 7.42
CA MET D 459 -45.72 42.99 6.87
C MET D 459 -44.78 42.48 7.96
N SER D 460 -45.10 42.73 9.24
CA SER D 460 -44.25 42.28 10.33
C SER D 460 -44.02 40.77 10.29
N LYS D 461 -45.02 40.01 9.82
CA LYS D 461 -44.89 38.57 9.63
C LYS D 461 -44.65 38.21 8.17
N LEU D 462 -44.05 39.11 7.39
CA LEU D 462 -43.77 38.89 5.99
C LEU D 462 -42.26 38.95 5.75
N LYS D 463 -41.82 38.24 4.70
CA LYS D 463 -40.42 38.18 4.35
C LYS D 463 -40.14 39.13 3.20
N PRO D 464 -39.27 40.13 3.39
CA PRO D 464 -39.01 41.09 2.32
C PRO D 464 -38.28 40.46 1.14
N TYR D 465 -38.40 41.12 -0.01
CA TYR D 465 -37.76 40.68 -1.25
C TYR D 465 -38.21 39.27 -1.64
N LYS D 466 -39.49 38.98 -1.43
CA LYS D 466 -40.07 37.68 -1.76
C LYS D 466 -41.19 37.87 -2.77
N ARG D 467 -41.68 36.75 -3.32
CA ARG D 467 -42.76 36.75 -4.32
C ARG D 467 -43.88 35.87 -3.79
N TYR D 468 -44.80 36.48 -3.05
CA TYR D 468 -45.94 35.75 -2.53
C TYR D 468 -47.02 35.65 -3.59
N VAL D 469 -47.78 34.55 -3.57
CA VAL D 469 -48.80 34.27 -4.57
C VAL D 469 -50.14 34.10 -3.87
N PHE D 470 -51.16 34.80 -4.38
CA PHE D 470 -52.52 34.75 -3.84
C PHE D 470 -53.28 33.67 -4.60
N SER D 471 -53.50 32.53 -3.95
CA SER D 471 -54.17 31.39 -4.56
C SER D 471 -55.42 31.03 -3.75
N GLY D 472 -56.49 30.70 -4.46
CA GLY D 472 -57.74 30.34 -3.81
C GLY D 472 -58.71 29.75 -4.81
N TYR D 473 -59.85 29.30 -4.28
CA TYR D 473 -60.89 28.68 -5.08
C TYR D 473 -62.16 29.51 -5.01
N SER D 474 -62.83 29.66 -6.15
CA SER D 474 -64.06 30.42 -6.25
C SER D 474 -65.10 29.63 -7.03
N LYS D 475 -66.37 29.82 -6.65
CA LYS D 475 -67.49 29.14 -7.29
C LYS D 475 -68.65 30.11 -7.48
N ASP D 476 -69.22 30.10 -8.69
CA ASP D 476 -70.35 30.93 -9.03
C ASP D 476 -71.31 30.18 -9.96
N PRO D 477 -72.30 29.47 -9.41
CA PRO D 477 -73.27 28.78 -10.28
C PRO D 477 -74.04 29.73 -11.19
N SER D 478 -74.23 30.98 -10.78
CA SER D 478 -74.96 31.94 -11.61
C SER D 478 -74.22 32.22 -12.92
N THR D 479 -72.90 32.29 -12.88
CA THR D 479 -72.06 32.58 -14.04
C THR D 479 -72.47 33.90 -14.71
N SER D 480 -72.81 34.89 -13.89
CA SER D 480 -73.21 36.20 -14.39
C SER D 480 -72.55 37.35 -13.62
N ASN D 481 -71.60 37.06 -12.74
CA ASN D 481 -70.93 38.08 -11.94
C ASN D 481 -69.46 38.13 -12.31
N SER D 482 -68.94 39.33 -12.52
CA SER D 482 -67.54 39.55 -12.85
C SER D 482 -66.79 40.05 -11.64
N ILE D 483 -65.62 39.46 -11.38
CA ILE D 483 -64.81 39.76 -10.21
C ILE D 483 -63.50 40.38 -10.67
N THR D 484 -63.17 41.54 -10.12
CA THR D 484 -61.90 42.20 -10.36
C THR D 484 -61.13 42.31 -9.04
N VAL D 485 -59.81 42.21 -9.13
CA VAL D 485 -58.94 42.17 -7.95
C VAL D 485 -58.05 43.40 -7.95
N ASN D 486 -57.86 43.97 -6.76
CA ASN D 486 -56.95 45.10 -6.55
C ASN D 486 -55.87 44.64 -5.59
N ILE D 487 -54.62 44.59 -6.06
CA ILE D 487 -53.49 44.10 -5.29
C ILE D 487 -52.43 45.20 -5.23
N LYS D 488 -51.96 45.51 -4.02
CA LYS D 488 -50.90 46.48 -3.82
C LYS D 488 -49.58 45.75 -3.61
N SER D 489 -48.57 46.15 -4.37
CA SER D 489 -47.26 45.52 -4.34
C SER D 489 -46.24 46.53 -4.87
N LYS D 490 -45.04 46.05 -5.23
CA LYS D 490 -44.06 46.91 -5.87
C LYS D 490 -44.64 47.57 -7.11
N GLU D 491 -45.44 46.84 -7.88
CA GLU D 491 -46.19 47.39 -9.00
C GLU D 491 -47.66 47.04 -8.79
N GLN D 492 -48.52 48.06 -8.80
CA GLN D 492 -49.94 47.84 -8.60
C GLN D 492 -50.53 47.07 -9.77
N LYS D 493 -51.28 46.02 -9.46
CA LYS D 493 -51.86 45.14 -10.47
C LYS D 493 -53.37 45.08 -10.28
N THR D 494 -54.10 45.16 -11.39
CA THR D 494 -55.55 45.06 -11.39
C THR D 494 -55.95 44.13 -12.54
N ASP D 495 -56.66 43.05 -12.20
CA ASP D 495 -57.06 42.05 -13.18
C ASP D 495 -58.51 41.66 -12.95
N TYR D 496 -59.15 41.16 -14.01
CA TYR D 496 -60.54 40.75 -13.96
C TYR D 496 -60.63 39.23 -14.05
N LEU D 497 -61.60 38.66 -13.34
CA LEU D 497 -61.80 37.22 -13.29
C LEU D 497 -63.26 36.89 -13.55
N VAL D 498 -63.49 35.79 -14.26
CA VAL D 498 -64.84 35.31 -14.55
C VAL D 498 -64.97 33.90 -14.01
N PRO D 499 -65.43 33.74 -12.77
CA PRO D 499 -65.56 32.38 -12.20
C PRO D 499 -66.60 31.56 -12.94
N GLU D 500 -66.38 30.25 -12.96
CA GLU D 500 -67.25 29.32 -13.65
C GLU D 500 -68.36 28.83 -12.73
N LYS D 501 -69.17 27.90 -13.23
CA LYS D 501 -70.29 27.39 -12.46
C LYS D 501 -69.81 26.63 -11.22
N ASP D 502 -68.78 25.80 -11.37
CA ASP D 502 -68.24 25.00 -10.28
C ASP D 502 -67.05 25.72 -9.65
N TYR D 503 -66.43 25.05 -8.68
CA TYR D 503 -65.26 25.61 -8.02
C TYR D 503 -64.08 25.66 -8.98
N THR D 504 -63.43 26.82 -9.04
CA THR D 504 -62.28 27.02 -9.91
C THR D 504 -61.17 27.72 -9.13
N LYS D 505 -59.93 27.32 -9.41
CA LYS D 505 -58.77 27.85 -8.72
C LYS D 505 -58.19 29.02 -9.50
N PHE D 506 -57.91 30.12 -8.80
CA PHE D 506 -57.30 31.30 -9.38
C PHE D 506 -56.04 31.64 -8.59
N SER D 507 -54.99 32.02 -9.32
CA SER D 507 -53.71 32.38 -8.71
C SER D 507 -53.24 33.70 -9.30
N TYR D 508 -52.77 34.60 -8.42
CA TYR D 508 -52.26 35.89 -8.82
C TYR D 508 -50.84 36.06 -8.30
N GLU D 509 -49.92 36.41 -9.19
CA GLU D 509 -48.52 36.55 -8.84
C GLU D 509 -48.16 38.01 -8.61
N PHE D 510 -47.49 38.28 -7.49
CA PHE D 510 -47.04 39.62 -7.17
C PHE D 510 -45.74 39.52 -6.37
N GLU D 511 -44.98 40.61 -6.40
CA GLU D 511 -43.68 40.68 -5.74
C GLU D 511 -43.69 41.80 -4.71
N THR D 512 -43.24 41.48 -3.49
CA THR D 512 -43.11 42.45 -2.41
C THR D 512 -41.64 42.69 -2.13
N THR D 513 -41.22 43.96 -2.18
CA THR D 513 -39.83 44.33 -2.01
C THR D 513 -39.71 45.46 -1.00
N GLY D 514 -38.72 45.35 -0.12
CA GLY D 514 -38.44 46.40 0.85
C GLY D 514 -39.17 46.22 2.16
N LYS D 515 -38.43 46.03 3.25
CA LYS D 515 -39.06 45.89 4.56
C LYS D 515 -39.76 47.18 4.98
N ASP D 516 -39.11 48.33 4.77
CA ASP D 516 -39.69 49.63 5.11
C ASP D 516 -40.39 50.23 3.89
N SER D 517 -41.37 49.50 3.38
CA SER D 517 -42.14 49.90 2.21
C SER D 517 -43.61 50.04 2.59
N SER D 518 -44.43 50.34 1.59
CA SER D 518 -45.86 50.49 1.81
C SER D 518 -46.49 49.16 2.23
N ASP D 519 -47.49 49.24 3.10
CA ASP D 519 -48.18 48.04 3.55
C ASP D 519 -48.91 47.38 2.39
N ILE D 520 -48.92 46.05 2.39
CA ILE D 520 -49.54 45.28 1.32
C ILE D 520 -51.06 45.36 1.46
N GLU D 521 -51.72 45.74 0.37
CA GLU D 521 -53.18 45.87 0.34
C GLU D 521 -53.75 44.89 -0.68
N ILE D 522 -54.70 44.07 -0.25
CA ILE D 522 -55.37 43.10 -1.11
C ILE D 522 -56.86 43.38 -1.06
N THR D 523 -57.47 43.57 -2.22
CA THR D 523 -58.89 43.88 -2.30
C THR D 523 -59.53 43.08 -3.42
N LEU D 524 -60.70 42.51 -3.14
CA LEU D 524 -61.47 41.77 -4.13
C LEU D 524 -62.93 42.20 -4.06
N THR D 525 -63.54 42.36 -5.22
CA THR D 525 -64.92 42.80 -5.32
C THR D 525 -65.72 41.79 -6.14
N SER D 526 -66.94 41.50 -5.68
CA SER D 526 -67.83 40.56 -6.33
C SER D 526 -69.12 41.28 -6.71
N SER D 527 -69.59 41.05 -7.93
CA SER D 527 -70.82 41.68 -8.38
C SER D 527 -72.02 41.19 -7.58
N GLY D 528 -72.08 39.89 -7.31
CA GLY D 528 -73.18 39.33 -6.55
C GLY D 528 -72.74 38.54 -5.34
N VAL D 529 -73.21 37.30 -5.23
CA VAL D 529 -72.87 36.40 -4.14
C VAL D 529 -71.96 35.31 -4.68
N ILE D 530 -70.79 35.14 -4.02
CA ILE D 530 -69.81 34.16 -4.45
C ILE D 530 -69.46 33.26 -3.27
N PHE D 531 -68.90 32.08 -3.60
CA PHE D 531 -68.48 31.10 -2.61
C PHE D 531 -66.97 30.98 -2.63
N LEU D 532 -66.35 31.10 -1.46
CA LEU D 532 -64.90 31.03 -1.33
C LEU D 532 -64.52 29.93 -0.36
N ASP D 533 -63.51 29.15 -0.73
CA ASP D 533 -63.01 28.08 0.13
C ASP D 533 -61.57 27.78 -0.25
N ASN D 534 -60.79 27.36 0.75
CA ASN D 534 -59.39 26.97 0.59
C ASN D 534 -58.58 28.10 -0.06
N LEU D 535 -58.53 29.23 0.65
CA LEU D 535 -57.73 30.37 0.24
C LEU D 535 -56.37 30.27 0.91
N SER D 536 -55.30 30.44 0.13
CA SER D 536 -53.96 30.20 0.61
C SER D 536 -53.03 31.32 0.18
N ILE D 537 -51.97 31.52 0.97
CA ILE D 537 -50.88 32.43 0.65
C ILE D 537 -49.61 31.61 0.59
N THR D 538 -48.98 31.57 -0.58
CA THR D 538 -47.83 30.72 -0.83
C THR D 538 -46.60 31.58 -1.10
N GLU D 539 -45.50 31.26 -0.45
CA GLU D 539 -44.24 31.96 -0.69
C GLU D 539 -43.52 31.35 -1.88
N LEU D 540 -43.95 31.71 -3.09
CA LEU D 540 -43.36 31.17 -4.29
C LEU D 540 -41.97 31.78 -4.51
N ASN D 541 -41.18 31.12 -5.35
CA ASN D 541 -39.81 31.51 -5.67
C ASN D 541 -39.65 33.01 -5.85
N SER D 542 -38.70 33.61 -5.15
CA SER D 542 -38.45 35.04 -5.24
C SER D 542 -37.77 35.42 -6.55
N GLU E 16 -37.39 -24.67 22.26
CA GLU E 16 -37.78 -25.43 21.08
C GLU E 16 -36.62 -25.58 20.11
N ASP E 17 -36.94 -25.79 18.83
CA ASP E 17 -35.93 -25.95 17.80
C ASP E 17 -35.92 -24.82 16.78
N LEU E 18 -37.04 -24.10 16.62
CA LEU E 18 -37.11 -23.04 15.62
C LEU E 18 -36.12 -21.93 15.93
N ASP E 19 -35.42 -21.47 14.90
CA ASP E 19 -34.45 -20.37 15.02
C ASP E 19 -34.57 -19.54 13.73
N THR E 20 -35.42 -18.52 13.77
CA THR E 20 -35.68 -17.73 12.57
C THR E 20 -34.53 -16.80 12.24
N ASP E 21 -33.98 -16.12 13.24
CA ASP E 21 -32.96 -15.11 13.00
C ASP E 21 -31.57 -15.68 12.81
N ASN E 22 -31.38 -16.98 13.08
CA ASN E 22 -30.09 -17.66 12.92
C ASN E 22 -29.02 -17.00 13.80
N ASP E 23 -29.26 -17.04 15.11
CA ASP E 23 -28.31 -16.52 16.09
C ASP E 23 -28.08 -17.49 17.25
N ASN E 24 -28.30 -18.79 17.04
CA ASN E 24 -28.02 -19.85 18.00
C ASN E 24 -28.90 -19.79 19.24
N ILE E 25 -29.96 -18.99 19.24
CA ILE E 25 -30.91 -18.94 20.34
C ILE E 25 -32.31 -19.21 19.80
N PRO E 26 -33.04 -20.18 20.36
CA PRO E 26 -34.39 -20.46 19.85
C PRO E 26 -35.33 -19.29 20.09
N ASP E 27 -36.32 -19.17 19.19
CA ASP E 27 -37.27 -18.06 19.28
C ASP E 27 -38.09 -18.13 20.56
N ALA E 28 -38.42 -19.34 21.01
CA ALA E 28 -39.21 -19.47 22.23
C ALA E 28 -38.47 -18.92 23.44
N TYR E 29 -37.15 -19.16 23.51
CA TYR E 29 -36.38 -18.61 24.63
C TYR E 29 -36.18 -17.11 24.50
N GLU E 30 -36.18 -16.58 23.28
CA GLU E 30 -36.02 -15.14 23.11
C GLU E 30 -37.31 -14.40 23.47
N LYS E 31 -38.47 -14.94 23.08
CA LYS E 31 -39.73 -14.29 23.41
C LYS E 31 -39.93 -14.24 24.92
N ASN E 32 -39.63 -15.33 25.61
CA ASN E 32 -39.63 -15.36 27.06
C ASN E 32 -38.23 -15.00 27.55
N GLY E 33 -37.95 -15.22 28.83
CA GLY E 33 -36.60 -15.03 29.33
C GLY E 33 -35.68 -16.17 28.94
N TYR E 34 -34.38 -15.88 28.90
CA TYR E 34 -33.38 -16.89 28.63
C TYR E 34 -32.08 -16.49 29.30
N THR E 35 -31.31 -17.51 29.69
CA THR E 35 -30.00 -17.32 30.30
C THR E 35 -29.00 -18.24 29.61
N ILE E 36 -27.72 -17.90 29.76
CA ILE E 36 -26.64 -18.65 29.13
C ILE E 36 -25.93 -19.46 30.21
N LYS E 37 -25.90 -20.78 30.03
CA LYS E 37 -25.19 -21.68 30.92
C LYS E 37 -24.33 -22.62 30.08
N ASP E 38 -23.04 -22.68 30.41
CA ASP E 38 -22.08 -23.50 29.67
C ASP E 38 -22.09 -23.16 28.18
N SER E 39 -22.19 -21.86 27.87
CA SER E 39 -22.23 -21.34 26.51
C SER E 39 -23.42 -21.87 25.71
N ILE E 40 -24.44 -22.39 26.40
CA ILE E 40 -25.65 -22.90 25.77
C ILE E 40 -26.84 -22.19 26.38
N ALA E 41 -27.69 -21.61 25.53
CA ALA E 41 -28.89 -20.95 26.01
C ALA E 41 -29.84 -21.95 26.65
N VAL E 42 -30.43 -21.55 27.77
CA VAL E 42 -31.34 -22.42 28.52
C VAL E 42 -32.56 -21.61 28.93
N LYS E 43 -33.67 -22.30 29.15
CA LYS E 43 -34.91 -21.65 29.54
C LYS E 43 -34.76 -20.99 30.91
N TRP E 44 -35.23 -19.75 31.03
CA TRP E 44 -35.13 -19.02 32.27
C TRP E 44 -36.06 -19.62 33.33
N ASN E 45 -35.56 -19.68 34.56
CA ASN E 45 -36.33 -20.15 35.70
C ASN E 45 -36.26 -19.10 36.80
N ASP E 46 -37.34 -19.00 37.58
CA ASP E 46 -37.39 -18.01 38.65
C ASP E 46 -36.41 -18.32 39.78
N SER E 47 -35.92 -19.55 39.87
CA SER E 47 -35.00 -19.93 40.93
C SER E 47 -33.55 -19.58 40.61
N PHE E 48 -33.26 -19.12 39.39
CA PHE E 48 -31.89 -18.77 39.01
C PHE E 48 -31.49 -17.39 39.51
N ALA E 49 -32.42 -16.60 40.04
CA ALA E 49 -32.11 -15.21 40.39
C ALA E 49 -31.11 -15.12 41.55
N GLU E 50 -31.29 -15.97 42.57
CA GLU E 50 -30.42 -15.87 43.74
C GLU E 50 -29.00 -16.32 43.44
N GLN E 51 -28.82 -17.23 42.48
CA GLN E 51 -27.49 -17.74 42.16
C GLN E 51 -26.62 -16.72 41.45
N GLY E 52 -27.18 -15.59 41.03
CA GLY E 52 -26.42 -14.55 40.36
C GLY E 52 -26.69 -14.41 38.88
N TYR E 53 -27.58 -15.20 38.32
CA TYR E 53 -27.90 -15.10 36.90
C TYR E 53 -28.81 -13.91 36.64
N LYS E 54 -28.90 -13.54 35.36
CA LYS E 54 -29.78 -12.48 34.91
C LYS E 54 -30.66 -13.00 33.78
N LYS E 55 -31.86 -12.45 33.69
CA LYS E 55 -32.83 -12.86 32.68
C LYS E 55 -32.75 -11.90 31.51
N TYR E 56 -32.50 -12.44 30.32
CA TYR E 56 -32.34 -11.66 29.10
C TYR E 56 -33.53 -11.88 28.18
N VAL E 57 -33.98 -10.81 27.53
CA VAL E 57 -35.02 -10.88 26.51
C VAL E 57 -34.59 -10.00 25.34
N SER E 58 -34.89 -10.45 24.13
CA SER E 58 -34.52 -9.71 22.93
C SER E 58 -35.50 -10.06 21.81
N SER E 59 -35.20 -9.57 20.62
CA SER E 59 -36.08 -9.79 19.46
C SER E 59 -35.66 -11.05 18.72
N TYR E 60 -36.64 -11.89 18.40
CA TYR E 60 -36.39 -13.17 17.75
C TYR E 60 -36.31 -13.07 16.24
N LEU E 61 -36.39 -11.86 15.67
CA LEU E 61 -36.26 -11.66 14.25
C LEU E 61 -35.01 -10.89 13.86
N GLU E 62 -34.21 -10.46 14.83
CA GLU E 62 -32.99 -9.71 14.57
C GLU E 62 -31.80 -10.40 15.22
N SER E 63 -30.69 -10.46 14.48
CA SER E 63 -29.46 -11.00 15.03
C SER E 63 -28.70 -9.97 15.87
N ASN E 64 -29.01 -8.68 15.73
CA ASN E 64 -28.45 -7.61 16.54
C ASN E 64 -29.64 -6.79 17.06
N THR E 65 -30.14 -7.15 18.24
CA THR E 65 -31.32 -6.48 18.77
C THR E 65 -31.04 -5.01 19.05
N ALA E 66 -29.88 -4.69 19.60
CA ALA E 66 -29.51 -3.32 19.89
C ALA E 66 -28.75 -2.65 18.75
N GLY E 67 -28.51 -3.35 17.66
CA GLY E 67 -27.86 -2.76 16.51
C GLY E 67 -26.34 -2.73 16.55
N ASP E 68 -25.74 -3.22 17.62
CA ASP E 68 -24.29 -3.19 17.75
C ASP E 68 -23.64 -4.33 16.96
N PRO E 69 -22.33 -4.25 16.70
CA PRO E 69 -21.66 -5.28 15.88
C PRO E 69 -21.73 -6.69 16.46
N TYR E 70 -21.96 -6.81 17.77
CA TYR E 70 -21.94 -8.09 18.45
C TYR E 70 -23.37 -8.61 18.59
N THR E 71 -23.58 -9.87 18.18
CA THR E 71 -24.91 -10.44 18.09
C THR E 71 -25.45 -10.76 19.48
N ASP E 72 -26.71 -11.18 19.51
CA ASP E 72 -27.39 -11.45 20.78
C ASP E 72 -26.71 -12.60 21.54
N TYR E 73 -26.37 -13.68 20.83
CA TYR E 73 -25.71 -14.79 21.49
C TYR E 73 -24.32 -14.40 21.97
N GLN E 74 -23.59 -13.63 21.16
CA GLN E 74 -22.25 -13.19 21.57
C GLN E 74 -22.31 -12.32 22.81
N LYS E 75 -23.31 -11.43 22.88
CA LYS E 75 -23.45 -10.58 24.06
C LYS E 75 -23.87 -11.39 25.27
N ALA E 76 -24.89 -12.23 25.13
CA ALA E 76 -25.43 -12.96 26.27
C ALA E 76 -24.41 -13.95 26.82
N SER E 77 -23.66 -14.62 25.95
CA SER E 77 -22.68 -15.60 26.37
C SER E 77 -21.34 -15.00 26.79
N GLY E 78 -21.18 -13.69 26.65
CA GLY E 78 -19.95 -13.04 27.05
C GLY E 78 -18.75 -13.46 26.22
N SER E 79 -18.95 -13.71 24.93
CA SER E 79 -17.88 -14.11 24.02
C SER E 79 -17.37 -12.93 23.20
N ILE E 80 -17.36 -11.74 23.80
CA ILE E 80 -16.95 -10.52 23.11
C ILE E 80 -15.67 -10.01 23.76
N ASP E 81 -15.16 -8.89 23.26
CA ASP E 81 -13.95 -8.27 23.82
C ASP E 81 -14.13 -8.07 25.32
N LYS E 82 -13.10 -8.46 26.09
CA LYS E 82 -13.21 -8.45 27.54
C LYS E 82 -13.18 -7.06 28.14
N ALA E 83 -12.76 -6.04 27.38
CA ALA E 83 -12.77 -4.68 27.88
C ALA E 83 -14.16 -4.07 27.92
N ILE E 84 -15.14 -4.70 27.25
CA ILE E 84 -16.50 -4.20 27.25
C ILE E 84 -17.15 -4.52 28.59
N LYS E 85 -17.78 -3.52 29.20
CA LYS E 85 -18.37 -3.68 30.52
C LYS E 85 -19.55 -4.65 30.47
N LEU E 86 -19.84 -5.24 31.63
CA LEU E 86 -21.01 -6.12 31.73
C LEU E 86 -22.32 -5.35 31.66
N GLU E 87 -22.27 -4.02 31.74
CA GLU E 87 -23.46 -3.22 31.46
C GLU E 87 -23.94 -3.41 30.03
N ALA E 88 -23.01 -3.76 29.12
CA ALA E 88 -23.34 -4.03 27.73
C ALA E 88 -23.46 -5.52 27.45
N ARG E 89 -23.48 -6.37 28.47
CA ARG E 89 -23.73 -7.79 28.27
C ARG E 89 -25.20 -8.08 28.00
N ASP E 90 -26.08 -7.14 28.31
CA ASP E 90 -27.50 -7.31 28.04
C ASP E 90 -27.77 -7.06 26.57
N PRO E 91 -28.41 -7.98 25.84
CA PRO E 91 -28.67 -7.77 24.41
C PRO E 91 -29.44 -6.50 24.08
N LEU E 92 -30.18 -5.96 25.07
CA LEU E 92 -30.94 -4.74 24.86
C LEU E 92 -30.09 -3.47 25.02
N VAL E 93 -28.88 -3.58 25.55
CA VAL E 93 -27.99 -2.43 25.71
C VAL E 93 -26.85 -2.58 24.71
N ALA E 94 -26.65 -1.55 23.89
CA ALA E 94 -25.64 -1.58 22.86
C ALA E 94 -24.28 -1.16 23.39
N ALA E 95 -23.23 -1.74 22.82
CA ALA E 95 -21.86 -1.31 23.09
C ALA E 95 -21.56 -0.10 22.21
N TYR E 96 -21.10 0.98 22.83
CA TYR E 96 -20.99 2.23 22.10
C TYR E 96 -19.94 3.14 22.73
N PRO E 97 -18.90 3.52 21.98
CA PRO E 97 -17.88 4.43 22.51
C PRO E 97 -18.36 5.87 22.46
N VAL E 98 -18.43 6.51 23.63
CA VAL E 98 -18.78 7.93 23.71
C VAL E 98 -17.53 8.68 24.13
N VAL E 99 -16.79 9.22 23.16
CA VAL E 99 -15.48 9.80 23.39
C VAL E 99 -15.54 11.31 23.12
N GLY E 100 -14.86 12.06 23.98
CA GLY E 100 -14.76 13.51 23.84
C GLY E 100 -13.36 13.97 24.16
N VAL E 101 -13.19 15.30 24.12
CA VAL E 101 -11.90 15.92 24.40
C VAL E 101 -12.11 17.01 25.46
N GLY E 102 -11.14 17.16 26.34
CA GLY E 102 -11.18 18.20 27.37
C GLY E 102 -9.87 18.96 27.39
N MET E 103 -9.93 20.21 27.85
CA MET E 103 -8.76 21.06 27.97
C MET E 103 -8.46 21.33 29.43
N GLU E 104 -7.16 21.39 29.75
CA GLU E 104 -6.72 21.82 31.07
C GLU E 104 -5.49 22.71 31.00
N ASN E 105 -5.11 23.18 29.82
CA ASN E 105 -4.05 24.16 29.64
C ASN E 105 -4.21 24.79 28.27
N LEU E 106 -3.92 26.09 28.19
CA LEU E 106 -4.08 26.84 26.96
C LEU E 106 -2.91 27.79 26.76
N ILE E 107 -2.50 27.95 25.49
CA ILE E 107 -1.42 28.84 25.11
C ILE E 107 -1.97 29.84 24.12
N ILE E 108 -1.70 31.13 24.36
CA ILE E 108 -2.18 32.20 23.49
C ILE E 108 -1.57 32.07 22.10
N ALA E 125 -4.95 23.26 34.50
CA ALA E 125 -5.24 24.51 35.20
C ALA E 125 -6.57 25.09 34.74
N THR E 126 -7.38 24.26 34.07
CA THR E 126 -8.67 24.68 33.55
C THR E 126 -9.62 23.50 33.61
N THR E 127 -10.55 23.52 34.58
CA THR E 127 -11.50 22.44 34.73
C THR E 127 -12.64 22.57 33.72
N ASN E 128 -13.33 21.45 33.50
CA ASN E 128 -14.45 21.40 32.57
C ASN E 128 -15.54 20.51 33.14
N SER E 129 -16.79 20.81 32.77
CA SER E 129 -17.95 20.03 33.18
C SER E 129 -18.66 19.54 31.93
N LYS E 130 -18.97 18.24 31.91
CA LYS E 130 -19.56 17.61 30.73
C LYS E 130 -21.07 17.80 30.65
N THR E 131 -21.72 18.24 31.71
CA THR E 131 -23.18 18.35 31.77
C THR E 131 -23.60 19.75 32.20
N ASP E 132 -22.99 20.76 31.58
CA ASP E 132 -23.37 22.15 31.84
C ASP E 132 -24.25 22.73 30.75
N ALA E 133 -23.96 22.44 29.48
CA ALA E 133 -24.79 22.95 28.39
C ALA E 133 -26.17 22.32 28.38
N ASN E 134 -26.36 21.19 29.08
CA ASN E 134 -27.67 20.56 29.17
C ASN E 134 -28.43 20.94 30.43
N THR E 135 -27.76 21.49 31.43
CA THR E 135 -28.41 22.00 32.63
C THR E 135 -28.57 23.52 32.61
N VAL E 136 -28.18 24.17 31.50
CA VAL E 136 -28.33 25.62 31.39
C VAL E 136 -29.67 26.03 30.78
N GLY E 137 -30.33 25.13 30.08
CA GLY E 137 -31.58 25.45 29.42
C GLY E 137 -32.80 25.07 30.21
N VAL E 138 -32.63 24.84 31.51
CA VAL E 138 -33.70 24.40 32.40
C VAL E 138 -34.09 25.56 33.31
N SER E 139 -35.39 25.79 33.43
CA SER E 139 -35.95 26.76 34.37
C SER E 139 -36.69 25.99 35.46
N ILE E 140 -36.33 26.26 36.71
CA ILE E 140 -36.86 25.52 37.84
C ILE E 140 -38.12 26.23 38.35
N SER E 141 -39.24 25.51 38.37
CA SER E 141 -40.51 26.04 38.81
C SER E 141 -40.70 25.78 40.30
N ALA E 142 -41.50 26.64 40.93
CA ALA E 142 -41.79 26.47 42.36
C ALA E 142 -42.61 25.21 42.61
N GLY E 143 -43.54 24.90 41.71
CA GLY E 143 -44.39 23.74 41.87
C GLY E 143 -44.34 22.84 40.66
N TYR E 144 -44.72 21.58 40.89
CA TYR E 144 -44.73 20.56 39.85
C TYR E 144 -46.14 19.98 39.71
N GLN E 145 -46.53 19.68 38.47
CA GLN E 145 -47.83 19.07 38.23
C GLN E 145 -47.86 17.67 38.83
N ASN E 146 -49.07 17.23 39.17
CA ASN E 146 -49.26 15.94 39.83
C ASN E 146 -48.79 14.80 38.93
N GLY E 147 -47.72 14.12 39.34
CA GLY E 147 -47.18 12.99 38.63
C GLY E 147 -46.00 13.30 37.73
N PHE E 148 -45.79 14.55 37.37
CA PHE E 148 -44.70 14.96 36.49
C PHE E 148 -43.68 15.73 37.33
N THR E 149 -42.77 15.00 37.95
CA THR E 149 -41.65 15.61 38.68
C THR E 149 -40.40 15.66 37.80
N GLY E 150 -40.55 16.32 36.66
CA GLY E 150 -39.48 16.42 35.68
C GLY E 150 -39.16 17.86 35.33
N ASN E 151 -38.11 18.01 34.53
CA ASN E 151 -37.63 19.32 34.11
C ASN E 151 -37.38 19.30 32.61
N ILE E 152 -37.42 20.49 32.01
CA ILE E 152 -37.32 20.66 30.56
C ILE E 152 -36.06 21.46 30.25
N THR E 153 -35.32 21.02 29.25
CA THR E 153 -34.15 21.74 28.76
C THR E 153 -34.30 21.99 27.27
N THR E 154 -33.80 23.13 26.83
CA THR E 154 -33.90 23.55 25.43
C THR E 154 -32.62 23.36 24.64
N SER E 155 -31.57 22.84 25.27
CA SER E 155 -30.28 22.67 24.61
C SER E 155 -29.70 21.29 24.94
N TYR E 156 -30.54 20.26 24.86
CA TYR E 156 -30.13 18.91 25.21
C TYR E 156 -29.24 18.36 24.10
N SER E 157 -27.94 18.29 24.39
CA SER E 157 -26.97 17.68 23.49
C SER E 157 -26.14 16.68 24.30
N HIS E 158 -25.67 15.63 23.62
CA HIS E 158 -24.97 14.55 24.30
C HIS E 158 -23.69 15.04 24.96
N THR E 159 -23.12 14.23 25.85
CA THR E 159 -21.99 14.63 26.67
C THR E 159 -20.72 14.91 25.86
N THR E 160 -20.77 14.79 24.53
CA THR E 160 -19.61 15.12 23.71
C THR E 160 -19.24 16.59 23.84
N ASP E 161 -20.23 17.48 23.88
CA ASP E 161 -19.95 18.89 24.04
C ASP E 161 -19.41 19.17 25.44
N ASN E 162 -18.55 20.18 25.55
CA ASN E 162 -17.90 20.47 26.81
C ASN E 162 -17.50 21.94 26.85
N SER E 163 -17.67 22.56 28.01
CA SER E 163 -17.23 23.93 28.24
C SER E 163 -16.38 23.97 29.50
N THR E 164 -15.51 24.98 29.58
CA THR E 164 -14.53 25.08 30.63
C THR E 164 -14.71 26.36 31.43
N ALA E 165 -14.11 26.38 32.62
CA ALA E 165 -14.11 27.54 33.50
C ALA E 165 -12.74 27.64 34.14
N VAL E 166 -11.96 28.64 33.74
CA VAL E 166 -10.60 28.78 34.21
C VAL E 166 -10.60 29.18 35.69
N GLN E 167 -9.92 28.40 36.51
CA GLN E 167 -9.81 28.68 37.94
C GLN E 167 -8.57 29.46 38.31
N ASP E 168 -7.69 29.76 37.33
CA ASP E 168 -6.47 30.51 37.63
C ASP E 168 -6.76 31.98 37.87
N SER E 169 -7.87 32.50 37.34
CA SER E 169 -8.18 33.92 37.49
C SER E 169 -8.66 34.23 38.91
N ASN E 170 -8.41 35.45 39.34
CA ASN E 170 -8.86 35.93 40.65
C ASN E 170 -9.64 37.24 40.53
N GLY E 171 -10.12 37.57 39.33
CA GLY E 171 -10.85 38.81 39.09
C GLY E 171 -10.21 39.73 38.07
N GLU E 172 -9.13 39.33 37.41
CA GLU E 172 -8.45 40.16 36.44
C GLU E 172 -8.82 39.72 35.02
N SER E 173 -8.29 40.43 34.03
CA SER E 173 -8.51 40.12 32.63
C SER E 173 -7.27 39.46 32.03
N TRP E 174 -7.43 38.95 30.81
CA TRP E 174 -6.34 38.30 30.10
C TRP E 174 -5.53 39.25 29.24
N ASN E 175 -5.87 40.55 29.24
CA ASN E 175 -5.12 41.53 28.47
C ASN E 175 -3.83 41.96 29.15
N THR E 176 -3.62 41.57 30.40
CA THR E 176 -2.39 41.91 31.10
C THR E 176 -1.20 41.19 30.47
N GLY E 177 -0.07 41.88 30.39
CA GLY E 177 1.13 41.32 29.81
C GLY E 177 1.24 41.54 28.32
N LEU E 178 0.30 40.99 27.55
CA LEU E 178 0.27 41.12 26.11
C LEU E 178 -0.95 41.93 25.69
N SER E 179 -0.72 42.96 24.89
CA SER E 179 -1.80 43.82 24.43
C SER E 179 -1.39 44.48 23.11
N ILE E 180 -2.38 45.00 22.40
CA ILE E 180 -2.14 45.67 21.13
C ILE E 180 -2.88 47.00 21.08
N ILE E 188 -0.48 29.36 20.71
CA ILE E 188 -1.00 28.81 19.47
C ILE E 188 -1.36 27.34 19.66
N ASN E 189 -0.81 26.74 20.71
CA ASN E 189 -1.03 25.34 21.00
C ASN E 189 -1.98 25.17 22.19
N ALA E 190 -2.29 23.92 22.52
CA ALA E 190 -3.17 23.62 23.63
C ALA E 190 -2.91 22.19 24.08
N ASN E 191 -3.38 21.87 25.29
CA ASN E 191 -3.26 20.54 25.85
C ASN E 191 -4.64 19.92 25.98
N VAL E 192 -4.76 18.67 25.53
CA VAL E 192 -6.02 17.95 25.52
C VAL E 192 -5.80 16.57 26.14
N ARG E 193 -6.91 15.89 26.42
CA ARG E 193 -6.86 14.53 26.95
C ARG E 193 -8.20 13.86 26.65
N TYR E 194 -8.20 12.86 25.78
CA TYR E 194 -9.42 12.19 25.39
C TYR E 194 -10.02 11.44 26.59
N TYR E 195 -11.33 11.23 26.54
CA TYR E 195 -12.02 10.51 27.60
C TYR E 195 -13.18 9.73 26.98
N ASN E 196 -13.37 8.51 27.46
CA ASN E 196 -14.44 7.62 27.00
C ASN E 196 -15.39 7.37 28.16
N THR E 197 -16.69 7.51 27.89
CA THR E 197 -17.72 7.27 28.89
C THR E 197 -18.71 6.18 28.47
N GLY E 198 -18.44 5.48 27.38
CA GLY E 198 -19.33 4.46 26.88
C GLY E 198 -19.12 3.13 27.57
N THR E 199 -19.59 2.06 26.91
CA THR E 199 -19.48 0.71 27.43
C THR E 199 -18.51 -0.15 26.64
N ALA E 200 -17.88 0.39 25.61
CA ALA E 200 -16.94 -0.36 24.79
C ALA E 200 -15.71 0.51 24.52
N PRO E 201 -14.54 -0.10 24.40
CA PRO E 201 -13.34 0.67 24.07
C PRO E 201 -13.26 0.98 22.59
N MET E 202 -12.61 2.10 22.28
CA MET E 202 -12.36 2.51 20.90
C MET E 202 -10.86 2.44 20.65
N TYR E 203 -10.47 1.64 19.66
CA TYR E 203 -9.07 1.47 19.30
C TYR E 203 -8.69 2.48 18.21
N LYS E 204 -7.52 3.11 18.36
CA LYS E 204 -6.99 4.07 17.41
C LYS E 204 -7.96 5.25 17.23
N VAL E 205 -8.12 5.99 18.32
CA VAL E 205 -9.01 7.16 18.32
C VAL E 205 -8.39 8.27 17.49
N THR E 206 -9.25 9.06 16.84
CA THR E 206 -8.81 10.15 15.97
C THR E 206 -9.85 11.26 15.95
N PRO E 207 -9.95 12.06 17.02
CA PRO E 207 -10.97 13.11 17.05
C PRO E 207 -10.69 14.20 16.02
N THR E 208 -11.77 14.81 15.55
CA THR E 208 -11.71 15.97 14.65
C THR E 208 -12.41 17.12 15.36
N THR E 209 -11.65 17.86 16.16
CA THR E 209 -12.22 18.89 17.02
C THR E 209 -12.41 20.19 16.25
N ASN E 210 -13.33 21.01 16.74
CA ASN E 210 -13.67 22.30 16.14
C ASN E 210 -13.17 23.41 17.05
N LEU E 211 -12.33 24.30 16.50
CA LEU E 211 -11.76 25.40 17.27
C LEU E 211 -12.71 26.59 17.19
N VAL E 212 -13.73 26.56 18.03
CA VAL E 212 -14.74 27.60 18.06
C VAL E 212 -14.19 28.81 18.80
N LEU E 213 -14.19 29.97 18.14
CA LEU E 213 -13.63 31.18 18.74
C LEU E 213 -14.64 31.87 19.65
N ASP E 214 -15.74 32.35 19.07
CA ASP E 214 -16.82 32.99 19.84
C ASP E 214 -18.17 32.58 19.29
N GLY E 215 -18.33 31.28 18.99
CA GLY E 215 -19.42 30.82 18.18
C GLY E 215 -19.10 30.74 16.70
N GLU E 216 -17.93 31.25 16.30
CA GLU E 216 -17.45 31.16 14.93
C GLU E 216 -16.20 30.28 14.94
N THR E 217 -16.14 29.35 13.99
CA THR E 217 -15.07 28.35 13.96
C THR E 217 -13.82 28.93 13.32
N LEU E 218 -12.71 28.92 14.06
CA LEU E 218 -11.45 29.44 13.53
C LEU E 218 -10.88 28.51 12.46
N ALA E 219 -10.58 27.28 12.84
CA ALA E 219 -10.05 26.30 11.89
C ALA E 219 -10.25 24.91 12.46
N THR E 220 -10.71 24.00 11.60
CA THR E 220 -10.88 22.61 11.99
C THR E 220 -9.53 21.89 12.02
N ILE E 221 -9.37 20.98 12.96
CA ILE E 221 -8.12 20.25 13.17
C ILE E 221 -8.43 18.80 13.45
N LYS E 222 -7.57 17.90 12.96
CA LYS E 222 -7.75 16.47 13.09
C LYS E 222 -6.44 15.81 13.51
N ALA E 223 -6.53 14.81 14.37
CA ALA E 223 -5.36 14.03 14.74
C ALA E 223 -4.76 13.38 13.51
N GLN E 224 -3.44 13.50 13.35
CA GLN E 224 -2.79 12.99 12.14
C GLN E 224 -1.83 11.84 12.42
N ASP E 225 -0.80 12.02 13.24
CA ASP E 225 0.13 10.91 13.41
C ASP E 225 0.47 10.59 14.86
N ASN E 226 0.59 11.59 15.73
CA ASN E 226 1.13 11.35 17.07
C ASN E 226 0.12 11.53 18.19
N GLN E 227 -1.00 12.21 17.94
CA GLN E 227 -2.06 12.33 18.96
C GLN E 227 -3.18 11.33 18.72
N ILE E 228 -2.84 10.12 18.26
CA ILE E 228 -3.79 9.05 18.04
C ILE E 228 -3.58 8.03 19.15
N GLY E 229 -4.57 7.91 20.03
CA GLY E 229 -4.46 6.99 21.16
C GLY E 229 -4.77 5.57 20.73
N ASN E 230 -3.82 4.66 20.95
CA ASN E 230 -4.00 3.27 20.49
C ASN E 230 -5.16 2.61 21.22
N ASN E 231 -5.27 2.80 22.53
CA ASN E 231 -6.28 2.13 23.34
C ASN E 231 -6.96 3.13 24.25
N LEU E 232 -8.29 3.14 24.23
CA LEU E 232 -9.08 4.03 25.08
C LEU E 232 -10.21 3.20 25.69
N SER E 233 -9.95 2.60 26.84
CA SER E 233 -10.96 1.77 27.51
C SER E 233 -12.08 2.65 28.05
N PRO E 234 -13.27 2.06 28.26
CA PRO E 234 -14.36 2.84 28.85
C PRO E 234 -14.00 3.35 30.23
N ASN E 235 -14.49 4.55 30.55
CA ASN E 235 -14.23 5.23 31.82
C ASN E 235 -12.75 5.51 32.04
N GLU E 236 -11.95 5.49 30.99
CA GLU E 236 -10.52 5.78 31.05
C GLU E 236 -10.20 6.98 30.16
N THR E 237 -8.92 7.34 30.12
CA THR E 237 -8.49 8.52 29.40
C THR E 237 -7.16 8.23 28.70
N TYR E 238 -6.90 8.99 27.63
CA TYR E 238 -5.61 8.97 26.97
C TYR E 238 -5.04 10.39 26.95
N PRO E 239 -3.91 10.65 27.62
CA PRO E 239 -3.14 9.69 28.44
C PRO E 239 -3.87 9.33 29.74
N LYS E 240 -3.42 8.27 30.40
CA LYS E 240 -4.07 7.79 31.61
C LYS E 240 -3.97 8.80 32.74
N LYS E 241 -4.60 8.49 33.88
CA LYS E 241 -4.67 9.45 34.98
C LYS E 241 -3.30 9.80 35.53
N GLY E 242 -2.31 8.92 35.35
CA GLY E 242 -0.99 9.17 35.90
C GLY E 242 -0.01 9.79 34.94
N LEU E 243 -0.51 10.40 33.87
CA LEU E 243 0.35 10.98 32.84
C LEU E 243 -0.14 12.37 32.49
N SER E 244 0.80 13.23 32.09
CA SER E 244 0.47 14.59 31.71
C SER E 244 -0.25 14.62 30.37
N PRO E 245 -1.05 15.65 30.12
CA PRO E 245 -1.75 15.75 28.84
C PRO E 245 -0.78 15.98 27.68
N LEU E 246 -1.23 15.57 26.50
CA LEU E 246 -0.44 15.75 25.29
C LEU E 246 -0.77 17.09 24.63
N ALA E 247 0.13 17.55 23.78
CA ALA E 247 0.08 18.89 23.22
C ALA E 247 -0.50 18.88 21.81
N LEU E 248 -1.27 19.90 21.48
CA LEU E 248 -1.81 20.07 20.15
C LEU E 248 -0.70 20.41 19.15
N ASN E 249 -0.92 20.05 17.90
CA ASN E 249 0.04 20.33 16.83
C ASN E 249 0.26 21.83 16.67
N ILE E 259 -1.60 30.65 13.18
CA ILE E 259 -2.92 31.20 12.90
C ILE E 259 -3.27 32.29 13.91
N PRO E 260 -3.16 33.55 13.49
CA PRO E 260 -3.45 34.66 14.40
C PRO E 260 -4.89 34.60 14.92
N ILE E 261 -5.05 34.99 16.19
CA ILE E 261 -6.35 35.02 16.85
C ILE E 261 -6.70 36.48 17.13
N ASN E 262 -7.92 36.87 16.75
CA ASN E 262 -8.35 38.25 16.90
C ASN E 262 -8.44 38.63 18.38
N TYR E 263 -7.86 39.77 18.74
CA TYR E 263 -7.86 40.22 20.12
C TYR E 263 -9.19 40.81 20.56
N ASP E 264 -10.09 41.08 19.60
CA ASP E 264 -11.36 41.71 19.95
C ASP E 264 -12.21 40.82 20.85
N GLN E 265 -12.24 39.53 20.58
CA GLN E 265 -13.05 38.60 21.37
C GLN E 265 -12.34 38.14 22.64
N LEU E 266 -11.08 38.53 22.85
CA LEU E 266 -10.45 38.28 24.13
C LEU E 266 -11.19 38.98 25.26
N LYS E 267 -11.68 40.19 25.01
CA LYS E 267 -12.50 40.89 26.01
C LYS E 267 -13.78 40.12 26.28
N LYS E 268 -14.42 39.59 25.22
CA LYS E 268 -15.64 38.81 25.41
C LYS E 268 -15.38 37.57 26.25
N LEU E 269 -14.30 36.85 25.96
CA LEU E 269 -13.96 35.67 26.75
C LEU E 269 -13.51 36.04 28.17
N ASP E 270 -13.02 37.26 28.37
CA ASP E 270 -12.70 37.70 29.73
C ASP E 270 -13.96 38.02 30.52
N SER E 271 -14.96 38.62 29.86
CA SER E 271 -16.24 38.85 30.52
C SER E 271 -16.93 37.54 30.88
N GLY E 272 -16.77 36.51 30.05
CA GLY E 272 -17.29 35.19 30.34
C GLY E 272 -16.44 34.10 29.71
N LYS E 273 -15.97 33.16 30.53
CA LYS E 273 -15.05 32.12 30.09
C LYS E 273 -15.84 31.00 29.44
N GLN E 274 -15.96 31.03 28.12
CA GLN E 274 -16.70 30.02 27.36
C GLN E 274 -15.93 29.61 26.12
N ILE E 275 -14.62 29.38 26.28
CA ILE E 275 -13.82 28.89 25.16
C ILE E 275 -14.30 27.49 24.77
N LYS E 276 -14.34 27.22 23.47
CA LYS E 276 -14.91 26.00 22.94
C LYS E 276 -13.90 25.29 22.03
N LEU E 277 -13.69 24.01 22.29
CA LEU E 277 -12.93 23.12 21.42
C LEU E 277 -13.70 21.81 21.25
N GLU E 278 -14.98 21.95 20.87
CA GLU E 278 -15.89 20.82 20.78
C GLU E 278 -15.41 19.82 19.73
N THR E 279 -15.75 18.55 19.96
CA THR E 279 -15.40 17.46 19.06
C THR E 279 -16.59 17.15 18.17
N THR E 280 -16.44 17.45 16.87
CA THR E 280 -17.52 17.18 15.93
C THR E 280 -17.66 15.69 15.65
N GLN E 281 -16.54 15.00 15.42
CA GLN E 281 -16.57 13.59 15.07
C GLN E 281 -15.29 12.93 15.54
N VAL E 282 -15.40 11.63 15.82
CA VAL E 282 -14.26 10.81 16.21
C VAL E 282 -14.28 9.53 15.39
N SER E 283 -13.09 9.09 14.97
CA SER E 283 -12.95 7.86 14.20
C SER E 283 -12.14 6.84 15.00
N GLY E 284 -12.55 5.58 14.91
CA GLY E 284 -11.88 4.54 15.66
C GLY E 284 -12.28 3.17 15.15
N ASN E 285 -11.79 2.15 15.84
CA ASN E 285 -12.02 0.77 15.43
C ASN E 285 -12.65 -0.05 16.56
N TYR E 286 -12.88 -1.33 16.31
CA TYR E 286 -13.33 -2.26 17.34
C TYR E 286 -12.82 -3.65 16.99
N GLY E 287 -12.78 -4.51 18.01
CA GLY E 287 -12.09 -5.79 17.91
C GLY E 287 -13.05 -6.96 17.87
N THR E 288 -12.87 -7.81 16.86
CA THR E 288 -13.60 -9.07 16.73
C THR E 288 -12.61 -10.17 16.39
N LYS E 289 -12.94 -11.39 16.80
CA LYS E 289 -12.11 -12.54 16.47
C LYS E 289 -12.18 -12.83 14.96
N ASN E 290 -11.13 -13.49 14.47
CA ASN E 290 -11.07 -13.87 13.06
C ASN E 290 -10.84 -15.37 12.93
N SER E 291 -10.51 -15.82 11.72
CA SER E 291 -10.35 -17.26 11.50
C SER E 291 -9.23 -17.83 12.36
N GLN E 292 -8.11 -17.11 12.46
CA GLN E 292 -7.01 -17.58 13.29
C GLN E 292 -7.33 -17.53 14.78
N GLY E 293 -8.32 -16.74 15.18
CA GLY E 293 -8.70 -16.63 16.57
C GLY E 293 -8.12 -15.46 17.32
N GLN E 294 -7.44 -14.54 16.64
CA GLN E 294 -6.82 -13.39 17.28
C GLN E 294 -7.65 -12.13 17.03
N ILE E 295 -7.76 -11.30 18.07
CA ILE E 295 -8.51 -10.06 17.95
C ILE E 295 -7.92 -9.22 16.82
N ILE E 296 -8.78 -8.79 15.90
CA ILE E 296 -8.37 -7.98 14.76
C ILE E 296 -9.15 -6.68 14.80
N THR E 297 -8.45 -5.56 14.56
CA THR E 297 -9.05 -4.23 14.55
C THR E 297 -8.64 -3.46 13.30
N GLU E 298 -8.41 -4.17 12.20
CA GLU E 298 -7.86 -3.52 11.00
C GLU E 298 -8.94 -2.81 10.20
N GLY E 299 -9.94 -3.55 9.72
CA GLY E 299 -10.97 -2.96 8.89
C GLY E 299 -12.21 -2.52 9.64
N ASN E 300 -12.41 -3.06 10.84
CA ASN E 300 -13.59 -2.74 11.63
C ASN E 300 -13.54 -1.29 12.09
N SER E 301 -14.69 -0.61 12.02
CA SER E 301 -14.80 0.78 12.43
C SER E 301 -16.15 1.01 13.10
N TRP E 302 -16.22 2.06 13.91
CA TRP E 302 -17.48 2.41 14.58
C TRP E 302 -18.30 3.38 13.74
N SER E 303 -17.75 3.83 12.61
CA SER E 303 -18.47 4.80 11.79
C SER E 303 -19.62 4.13 11.07
N ASN E 304 -19.56 2.80 10.95
CA ASN E 304 -20.66 2.05 10.37
C ASN E 304 -21.82 1.93 11.34
N TYR E 305 -21.54 1.69 12.61
CA TYR E 305 -22.56 1.39 13.62
C TYR E 305 -22.85 2.58 14.51
N ILE E 306 -22.74 3.80 13.99
CA ILE E 306 -23.13 5.01 14.71
C ILE E 306 -24.47 5.52 14.25
N SER E 307 -24.67 5.64 12.94
CA SER E 307 -25.96 6.10 12.42
C SER E 307 -27.05 5.07 12.64
N GLN E 308 -26.68 3.82 12.90
CA GLN E 308 -27.67 2.77 13.10
C GLN E 308 -28.09 2.66 14.56
N ILE E 309 -27.13 2.63 15.48
CA ILE E 309 -27.46 2.50 16.89
C ILE E 309 -28.15 3.75 17.42
N ASP E 310 -27.72 4.93 16.99
CA ASP E 310 -28.31 6.18 17.45
C ASP E 310 -29.70 6.44 16.87
N SER E 311 -30.13 5.63 15.90
CA SER E 311 -31.45 5.78 15.29
C SER E 311 -32.42 4.68 15.71
N VAL E 312 -32.02 3.79 16.61
CA VAL E 312 -32.87 2.69 17.07
C VAL E 312 -32.90 2.58 18.59
N SER E 313 -32.22 3.46 19.32
CA SER E 313 -32.08 3.33 20.76
C SER E 313 -32.37 4.66 21.43
N ALA E 314 -32.75 4.59 22.70
CA ALA E 314 -33.06 5.75 23.51
C ALA E 314 -31.86 6.13 24.36
N SER E 315 -31.48 7.41 24.31
CA SER E 315 -30.31 7.89 25.03
C SER E 315 -30.65 8.09 26.51
N ILE E 316 -29.69 7.72 27.37
CA ILE E 316 -29.84 7.85 28.81
C ILE E 316 -28.49 8.26 29.38
N ILE E 317 -28.48 9.32 30.20
CA ILE E 317 -27.26 9.86 30.79
C ILE E 317 -27.42 9.92 32.30
N LEU E 318 -26.39 9.50 33.02
CA LEU E 318 -26.36 9.56 34.48
C LEU E 318 -25.13 10.34 34.90
N ASP E 319 -25.32 11.44 35.61
CA ASP E 319 -24.24 12.30 36.07
C ASP E 319 -24.14 12.18 37.59
N THR E 320 -22.98 11.77 38.08
CA THR E 320 -22.74 11.59 39.50
C THR E 320 -21.85 12.68 40.09
N GLY E 321 -21.84 13.85 39.46
CA GLY E 321 -21.04 14.95 39.96
C GLY E 321 -19.57 14.84 39.62
N SER E 322 -18.95 13.72 40.00
CA SER E 322 -17.53 13.49 39.72
C SER E 322 -17.34 12.87 38.34
N GLN E 323 -17.97 11.73 38.09
CA GLN E 323 -17.90 11.06 36.80
C GLN E 323 -19.23 11.15 36.07
N THR E 324 -19.23 10.67 34.84
CA THR E 324 -20.43 10.70 34.00
C THR E 324 -20.52 9.39 33.23
N PHE E 325 -21.74 8.99 32.92
CA PHE E 325 -22.00 7.79 32.14
C PHE E 325 -23.03 8.10 31.06
N GLU E 326 -22.94 7.36 29.96
CA GLU E 326 -23.88 7.54 28.85
C GLU E 326 -24.18 6.19 28.23
N ARG E 327 -25.46 5.88 28.09
CA ARG E 327 -25.91 4.58 27.61
C ARG E 327 -26.98 4.75 26.55
N ARG E 328 -27.13 3.73 25.71
CA ARG E 328 -28.19 3.65 24.73
C ARG E 328 -28.92 2.34 24.91
N VAL E 329 -30.25 2.40 25.05
CA VAL E 329 -31.08 1.23 25.28
C VAL E 329 -32.00 1.06 24.08
N ALA E 330 -32.01 -0.15 23.51
CA ALA E 330 -32.84 -0.41 22.34
C ALA E 330 -34.32 -0.39 22.72
N ALA E 331 -35.13 0.18 21.83
CA ALA E 331 -36.57 0.26 22.04
C ALA E 331 -37.28 -0.11 20.74
N LYS E 332 -38.52 -0.58 20.88
CA LYS E 332 -39.29 -1.01 19.73
C LYS E 332 -39.97 0.18 19.05
N GLU E 333 -40.22 0.02 17.76
CA GLU E 333 -40.92 1.05 16.99
C GLU E 333 -42.42 0.94 17.21
N GLN E 334 -43.13 2.00 16.82
CA GLN E 334 -44.58 2.08 17.01
C GLN E 334 -45.36 1.65 15.77
N GLY E 335 -44.98 2.15 14.60
CA GLY E 335 -45.72 1.85 13.39
C GLY E 335 -45.39 0.52 12.74
N ASN E 336 -44.36 -0.18 13.23
CA ASN E 336 -43.94 -1.44 12.63
C ASN E 336 -44.54 -2.59 13.39
N PRO E 337 -45.45 -3.37 12.80
CA PRO E 337 -45.97 -4.56 13.49
C PRO E 337 -44.97 -5.71 13.54
N GLU E 338 -43.87 -5.63 12.80
CA GLU E 338 -42.87 -6.68 12.76
C GLU E 338 -41.68 -6.39 13.67
N ASP E 339 -41.77 -5.38 14.51
CA ASP E 339 -40.70 -5.07 15.47
C ASP E 339 -40.95 -5.87 16.73
N LYS E 340 -40.13 -6.89 16.95
CA LYS E 340 -40.32 -7.83 18.05
C LYS E 340 -39.42 -7.51 19.25
N THR E 341 -38.79 -6.34 19.27
CA THR E 341 -37.95 -5.96 20.40
C THR E 341 -38.82 -5.82 21.64
N PRO E 342 -38.41 -6.35 22.78
CA PRO E 342 -39.23 -6.26 24.00
C PRO E 342 -39.43 -4.82 24.45
N GLU E 343 -40.59 -4.58 25.04
CA GLU E 343 -40.94 -3.27 25.58
C GLU E 343 -40.65 -3.25 27.07
N ILE E 344 -39.93 -2.23 27.52
CA ILE E 344 -39.47 -2.14 28.90
C ILE E 344 -39.86 -0.78 29.47
N THR E 345 -39.86 -0.72 30.80
CA THR E 345 -40.14 0.52 31.51
C THR E 345 -38.87 1.35 31.67
N ILE E 346 -39.03 2.58 32.15
CA ILE E 346 -37.89 3.46 32.33
C ILE E 346 -37.01 2.97 33.47
N GLY E 347 -37.61 2.53 34.58
CA GLY E 347 -36.81 2.01 35.68
C GLY E 347 -36.05 0.75 35.31
N GLU E 348 -36.71 -0.16 34.58
CA GLU E 348 -36.03 -1.35 34.11
C GLU E 348 -34.92 -1.01 33.13
N ALA E 349 -35.15 -0.01 32.27
CA ALA E 349 -34.10 0.44 31.36
C ALA E 349 -32.90 1.00 32.11
N ILE E 350 -33.15 1.79 33.16
CA ILE E 350 -32.06 2.32 33.97
C ILE E 350 -31.28 1.19 34.63
N LYS E 351 -32.00 0.23 35.21
CA LYS E 351 -31.36 -0.89 35.88
C LYS E 351 -30.51 -1.70 34.91
N LYS E 352 -31.03 -1.96 33.71
CA LYS E 352 -30.28 -2.74 32.73
C LYS E 352 -29.08 -1.97 32.21
N ALA E 353 -29.22 -0.67 31.99
CA ALA E 353 -28.14 0.10 31.40
C ALA E 353 -27.00 0.31 32.40
N PHE E 354 -27.32 0.69 33.63
CA PHE E 354 -26.29 1.05 34.60
C PHE E 354 -25.94 -0.07 35.57
N SER E 355 -26.54 -1.25 35.40
CA SER E 355 -26.28 -2.40 36.28
C SER E 355 -26.52 -2.04 37.75
N ALA E 356 -27.56 -1.26 38.00
CA ALA E 356 -27.89 -0.85 39.35
C ALA E 356 -28.50 -2.01 40.12
N THR E 357 -28.33 -1.99 41.44
CA THR E 357 -28.87 -3.01 42.31
C THR E 357 -30.27 -2.63 42.77
N LYS E 358 -31.06 -3.64 43.08
CA LYS E 358 -32.47 -3.46 43.47
C LYS E 358 -32.64 -3.96 44.90
N ASN E 359 -32.76 -3.02 45.83
CA ASN E 359 -32.99 -3.35 47.24
C ASN E 359 -34.49 -3.24 47.54
N GLY E 360 -35.24 -4.17 46.97
CA GLY E 360 -36.68 -4.17 47.13
C GLY E 360 -37.38 -3.35 46.05
N GLU E 361 -37.74 -2.12 46.38
CA GLU E 361 -38.37 -1.22 45.43
C GLU E 361 -37.49 -0.05 45.01
N LEU E 362 -36.60 0.40 45.89
CA LEU E 362 -35.74 1.55 45.61
C LEU E 362 -34.49 1.08 44.88
N LEU E 363 -34.06 1.88 43.90
CA LEU E 363 -32.90 1.56 43.08
C LEU E 363 -31.65 2.22 43.66
N TYR E 364 -30.61 1.41 43.87
CA TYR E 364 -29.34 1.89 44.38
C TYR E 364 -28.25 1.68 43.33
N PHE E 365 -27.23 2.54 43.37
CA PHE E 365 -26.14 2.48 42.40
C PHE E 365 -24.86 2.92 43.09
N ASN E 366 -24.00 1.95 43.42
CA ASN E 366 -22.70 2.22 44.03
C ASN E 366 -22.84 3.03 45.32
N GLY E 367 -23.92 2.78 46.06
CA GLY E 367 -24.21 3.48 47.28
C GLY E 367 -24.85 4.83 47.11
N ILE E 368 -25.09 5.27 45.87
CA ILE E 368 -25.74 6.54 45.60
C ILE E 368 -27.14 6.23 45.07
N PRO E 369 -28.20 6.56 45.81
CA PRO E 369 -29.56 6.24 45.33
C PRO E 369 -29.86 6.94 44.02
N ILE E 370 -30.55 6.22 43.13
CA ILE E 370 -30.89 6.76 41.82
C ILE E 370 -32.39 6.60 41.58
N ASP E 371 -33.16 6.44 42.66
CA ASP E 371 -34.60 6.37 42.55
C ASP E 371 -35.16 7.70 42.06
N GLU E 372 -36.40 7.67 41.56
CA GLU E 372 -36.96 8.87 40.95
C GLU E 372 -37.12 10.00 41.97
N SER E 373 -37.39 9.64 43.23
CA SER E 373 -37.55 10.65 44.27
C SER E 373 -36.22 11.24 44.71
N CYS E 374 -35.14 10.48 44.61
CA CYS E 374 -33.85 10.89 45.15
C CYS E 374 -32.98 11.63 44.14
N VAL E 375 -33.41 11.76 42.88
CA VAL E 375 -32.64 12.42 41.84
C VAL E 375 -33.53 13.45 41.15
N GLU E 376 -32.96 14.11 40.14
CA GLU E 376 -33.64 15.16 39.38
C GLU E 376 -33.57 14.79 37.90
N LEU E 377 -34.63 14.17 37.39
CA LEU E 377 -34.67 13.78 35.98
C LEU E 377 -34.83 15.00 35.10
N ILE E 378 -34.16 14.99 33.95
CA ILE E 378 -34.23 16.07 32.96
C ILE E 378 -34.50 15.44 31.59
N PHE E 379 -35.54 15.94 30.92
CA PHE E 379 -35.92 15.46 29.60
C PHE E 379 -35.88 16.61 28.59
N ASP E 380 -36.14 16.29 27.34
CA ASP E 380 -36.35 17.26 26.29
C ASP E 380 -37.86 17.38 26.02
N ASP E 381 -38.22 18.14 24.99
CA ASP E 381 -39.63 18.39 24.73
C ASP E 381 -40.38 17.11 24.36
N ASN E 382 -39.81 16.31 23.46
CA ASN E 382 -40.49 15.10 23.00
C ASN E 382 -40.66 14.10 24.13
N THR E 383 -39.59 13.84 24.89
CA THR E 383 -39.67 12.90 26.00
C THR E 383 -40.67 13.38 27.04
N SER E 384 -40.63 14.67 27.36
CA SER E 384 -41.54 15.21 28.36
C SER E 384 -42.99 15.10 27.93
N GLU E 385 -43.29 15.41 26.66
CA GLU E 385 -44.67 15.31 26.21
C GLU E 385 -45.13 13.87 26.14
N ILE E 386 -44.26 12.94 25.76
CA ILE E 386 -44.61 11.52 25.77
C ILE E 386 -44.94 11.08 27.20
N ILE E 387 -44.10 11.49 28.15
CA ILE E 387 -44.32 11.11 29.55
C ILE E 387 -45.63 11.70 30.06
N LYS E 388 -45.91 12.95 29.73
CA LYS E 388 -47.15 13.58 30.16
C LYS E 388 -48.36 12.87 29.58
N GLU E 389 -48.29 12.51 28.29
CA GLU E 389 -49.42 11.83 27.65
C GLU E 389 -49.63 10.44 28.23
N GLN E 390 -48.56 9.72 28.52
CA GLN E 390 -48.68 8.35 29.01
C GLN E 390 -48.87 8.26 30.52
N LEU E 391 -48.74 9.37 31.25
CA LEU E 391 -48.93 9.32 32.70
C LEU E 391 -50.40 9.42 33.08
N LYS E 392 -51.23 10.07 32.26
CA LYS E 392 -52.64 10.20 32.57
C LYS E 392 -53.36 8.86 32.62
N TYR E 393 -52.82 7.84 31.95
CA TYR E 393 -53.39 6.51 31.96
C TYR E 393 -52.87 5.64 33.10
N LEU E 394 -51.93 6.15 33.89
CA LEU E 394 -51.30 5.39 34.96
C LEU E 394 -51.82 5.87 36.31
N ASP E 395 -52.27 4.92 37.14
CA ASP E 395 -52.78 5.28 38.46
C ASP E 395 -51.63 5.57 39.43
N ASP E 396 -50.52 4.83 39.30
CA ASP E 396 -49.40 5.02 40.22
C ASP E 396 -48.74 6.37 40.03
N LYS E 397 -48.75 6.90 38.80
CA LYS E 397 -48.18 8.21 38.49
C LYS E 397 -46.70 8.29 38.90
N LYS E 398 -45.92 7.37 38.33
CA LYS E 398 -44.49 7.29 38.58
C LYS E 398 -43.76 7.25 37.25
N ILE E 399 -42.72 8.09 37.13
CA ILE E 399 -42.00 8.18 35.87
C ILE E 399 -41.26 6.87 35.58
N TYR E 400 -40.72 6.24 36.61
CA TYR E 400 -39.97 5.01 36.41
C TYR E 400 -40.84 3.86 35.92
N ASN E 401 -42.16 3.95 36.08
CA ASN E 401 -43.06 2.92 35.60
C ASN E 401 -43.48 3.11 34.14
N VAL E 402 -43.22 4.28 33.57
CA VAL E 402 -43.60 4.53 32.19
C VAL E 402 -42.73 3.71 31.25
N LYS E 403 -43.34 3.17 30.19
CA LYS E 403 -42.62 2.35 29.23
C LYS E 403 -41.63 3.18 28.43
N LEU E 404 -40.41 2.68 28.30
CA LEU E 404 -39.40 3.36 27.49
C LEU E 404 -39.78 3.32 26.02
N GLU E 405 -39.53 4.42 25.32
CA GLU E 405 -39.92 4.56 23.92
C GLU E 405 -38.72 5.00 23.10
N ARG E 406 -38.70 4.57 21.84
CA ARG E 406 -37.63 4.94 20.92
C ARG E 406 -37.61 6.46 20.72
N GLY E 407 -36.41 7.04 20.81
CA GLY E 407 -36.23 8.47 20.65
C GLY E 407 -36.13 9.24 21.95
N MET E 408 -36.38 8.60 23.08
CA MET E 408 -36.33 9.29 24.37
C MET E 408 -34.92 9.77 24.70
N ASN E 409 -34.85 10.91 25.38
CA ASN E 409 -33.60 11.43 25.91
C ASN E 409 -33.79 11.77 27.38
N ILE E 410 -32.97 11.18 28.24
CA ILE E 410 -33.11 11.34 29.68
C ILE E 410 -31.73 11.63 30.26
N LEU E 411 -31.68 12.59 31.19
CA LEU E 411 -30.46 12.91 31.93
C LEU E 411 -30.78 12.84 33.42
N ILE E 412 -29.99 12.06 34.15
CA ILE E 412 -30.16 11.89 35.59
C ILE E 412 -29.02 12.63 36.28
N LYS E 413 -29.36 13.69 37.02
CA LYS E 413 -28.38 14.49 37.75
C LYS E 413 -28.61 14.26 39.23
N VAL E 414 -27.79 13.40 39.83
CA VAL E 414 -27.97 13.10 41.26
C VAL E 414 -27.63 14.33 42.06
N PRO E 415 -28.29 14.59 43.19
CA PRO E 415 -27.98 15.78 43.98
C PRO E 415 -26.63 15.68 44.66
N SER E 416 -25.98 16.82 44.81
CA SER E 416 -24.70 16.85 45.52
C SER E 416 -24.88 16.47 46.98
N TYR E 417 -25.93 16.99 47.63
CA TYR E 417 -26.24 16.68 49.02
C TYR E 417 -27.69 16.21 49.10
N PHE E 418 -27.89 15.06 49.73
CA PHE E 418 -29.21 14.45 49.83
C PHE E 418 -29.42 13.89 51.24
N THR E 419 -30.64 14.05 51.74
CA THR E 419 -31.01 13.47 53.03
C THR E 419 -32.47 13.07 52.99
N ASN E 420 -32.78 11.93 53.59
CA ASN E 420 -34.14 11.42 53.67
C ASN E 420 -34.54 11.00 55.08
N PHE E 421 -33.64 11.13 56.06
CA PHE E 421 -33.85 10.82 57.47
C PHE E 421 -34.07 9.33 57.71
N ASP E 422 -34.02 8.48 56.68
CA ASP E 422 -34.22 7.06 56.86
C ASP E 422 -32.89 6.32 57.04
N GLU E 423 -32.03 6.36 56.01
CA GLU E 423 -30.73 5.69 56.09
C GLU E 423 -29.58 6.48 55.50
N TYR E 424 -29.82 7.53 54.70
CA TYR E 424 -28.76 8.24 54.01
C TYR E 424 -28.78 9.70 54.42
N ASN E 425 -27.65 10.18 54.95
CA ASN E 425 -27.46 11.59 55.29
C ASN E 425 -26.02 11.96 54.92
N ASN E 426 -25.85 12.68 53.82
CA ASN E 426 -24.54 13.10 53.36
C ASN E 426 -24.27 14.59 53.59
N PHE E 427 -25.16 15.27 54.30
CA PHE E 427 -24.96 16.69 54.59
C PHE E 427 -23.79 16.86 55.55
N PRO E 428 -23.01 17.94 55.40
CA PRO E 428 -21.87 18.16 56.31
C PRO E 428 -22.28 18.31 57.76
N ALA E 429 -23.44 18.87 58.04
CA ALA E 429 -23.92 19.07 59.40
C ALA E 429 -25.36 18.58 59.52
N SER E 430 -25.70 18.10 60.71
CA SER E 430 -27.05 17.61 60.96
C SER E 430 -28.03 18.78 61.05
N TRP E 431 -29.23 18.56 60.53
CA TRP E 431 -30.26 19.59 60.56
C TRP E 431 -30.76 19.77 61.99
N SER E 432 -30.90 21.03 62.42
CA SER E 432 -31.39 21.33 63.75
C SER E 432 -32.90 21.15 63.82
N ASN E 433 -33.37 20.74 65.00
CA ASN E 433 -34.80 20.57 65.29
C ASN E 433 -35.45 19.60 64.31
N ILE E 434 -34.99 18.34 64.36
CA ILE E 434 -35.50 17.28 63.52
C ILE E 434 -36.01 16.15 64.40
N ASP E 435 -37.19 15.63 64.08
CA ASP E 435 -37.77 14.49 64.79
C ASP E 435 -37.86 13.31 63.84
N THR E 436 -37.32 12.17 64.28
CA THR E 436 -37.30 10.96 63.47
C THR E 436 -38.47 10.04 63.75
N LYS E 437 -39.08 10.12 64.94
CA LYS E 437 -40.16 9.23 65.35
C LYS E 437 -41.43 9.63 64.61
N ASN E 438 -41.52 9.18 63.35
CA ASN E 438 -42.69 9.43 62.52
C ASN E 438 -42.92 8.20 61.65
N GLN E 439 -44.08 8.19 60.97
CA GLN E 439 -44.42 7.07 60.11
C GLN E 439 -45.06 7.49 58.80
N ASP E 440 -45.02 8.77 58.45
CA ASP E 440 -45.69 9.27 57.26
C ASP E 440 -44.72 9.49 56.09
N GLY E 441 -43.48 9.01 56.19
CA GLY E 441 -42.54 9.19 55.11
C GLY E 441 -42.80 8.25 53.95
N LEU E 442 -42.19 8.59 52.81
CA LEU E 442 -42.37 7.77 51.60
C LEU E 442 -41.64 6.43 51.69
N GLN E 443 -40.44 6.40 52.26
CA GLN E 443 -39.64 5.18 52.27
C GLN E 443 -39.64 4.50 53.64
N SER E 444 -39.15 5.19 54.67
CA SER E 444 -39.23 4.66 56.03
C SER E 444 -39.98 5.58 56.97
N VAL E 445 -39.54 6.83 57.11
CA VAL E 445 -40.09 7.78 58.08
C VAL E 445 -40.03 9.17 57.46
N ALA E 446 -40.64 10.13 58.16
CA ALA E 446 -40.61 11.54 57.78
C ALA E 446 -40.02 12.35 58.93
N ASN E 447 -39.95 13.67 58.72
CA ASN E 447 -39.45 14.60 59.72
C ASN E 447 -40.61 15.44 60.22
N LYS E 448 -40.82 15.45 61.54
CA LYS E 448 -41.90 16.23 62.15
C LYS E 448 -41.43 17.68 62.27
N LEU E 449 -41.88 18.52 61.35
CA LEU E 449 -41.50 19.93 61.34
C LEU E 449 -42.50 20.73 62.16
N SER E 450 -42.03 21.33 63.24
CA SER E 450 -42.88 22.15 64.10
C SER E 450 -42.01 23.27 64.67
N GLY E 451 -42.04 24.44 64.04
CA GLY E 451 -41.21 25.55 64.45
C GLY E 451 -40.26 26.01 63.37
N GLU E 452 -38.96 26.01 63.68
CA GLU E 452 -37.94 26.43 62.73
C GLU E 452 -36.85 25.38 62.65
N THR E 453 -36.40 25.09 61.42
CA THR E 453 -35.29 24.19 61.17
C THR E 453 -34.21 24.96 60.43
N LYS E 454 -33.00 24.96 60.99
CA LYS E 454 -31.90 25.78 60.48
C LYS E 454 -30.71 24.86 60.25
N ILE E 455 -30.10 24.96 59.07
CA ILE E 455 -28.97 24.12 58.69
C ILE E 455 -27.71 24.97 58.62
N ILE E 456 -26.59 24.39 59.03
CA ILE E 456 -25.28 25.02 58.94
C ILE E 456 -24.54 24.36 57.79
N ILE E 457 -24.41 25.06 56.68
CA ILE E 457 -23.72 24.57 55.50
C ILE E 457 -22.53 25.48 55.21
N PRO E 458 -21.33 25.07 55.59
CA PRO E 458 -20.15 25.88 55.26
C PRO E 458 -19.97 26.01 53.76
N MET E 459 -19.56 27.20 53.32
CA MET E 459 -19.37 27.45 51.90
C MET E 459 -18.13 26.74 51.36
N SER E 460 -17.14 26.46 52.21
CA SER E 460 -15.92 25.80 51.75
C SER E 460 -16.23 24.42 51.18
N LYS E 461 -17.29 23.77 51.65
CA LYS E 461 -17.71 22.49 51.09
C LYS E 461 -18.51 22.65 49.81
N LEU E 462 -18.82 23.87 49.40
CA LEU E 462 -19.59 24.15 48.20
C LEU E 462 -18.70 24.76 47.13
N LYS E 463 -18.92 24.36 45.89
CA LYS E 463 -18.09 24.83 44.79
C LYS E 463 -18.47 26.28 44.42
N PRO E 464 -17.50 27.19 44.38
CA PRO E 464 -17.84 28.59 44.08
C PRO E 464 -18.25 28.78 42.63
N TYR E 465 -19.03 29.85 42.41
CA TYR E 465 -19.52 30.23 41.08
C TYR E 465 -20.29 29.10 40.42
N LYS E 466 -21.05 28.34 41.21
CA LYS E 466 -21.80 27.19 40.72
C LYS E 466 -23.27 27.42 41.04
N ARG E 467 -24.12 27.29 40.03
CA ARG E 467 -25.56 27.46 40.24
C ARG E 467 -26.13 26.21 40.88
N TYR E 468 -27.00 26.39 41.88
CA TYR E 468 -27.55 25.29 42.65
C TYR E 468 -29.07 25.45 42.78
N VAL E 469 -29.73 24.35 43.14
CA VAL E 469 -31.16 24.36 43.46
C VAL E 469 -31.38 23.55 44.72
N PHE E 470 -32.49 23.82 45.40
CA PHE E 470 -32.92 23.08 46.57
C PHE E 470 -34.23 22.38 46.25
N SER E 471 -34.28 21.07 46.48
CA SER E 471 -35.44 20.27 46.15
C SER E 471 -35.81 19.39 47.34
N GLY E 472 -37.08 19.00 47.40
CA GLY E 472 -37.55 18.17 48.49
C GLY E 472 -39.01 17.82 48.32
N TYR E 473 -39.57 17.23 49.38
CA TYR E 473 -40.96 16.80 49.40
C TYR E 473 -41.63 17.36 50.65
N SER E 474 -42.94 17.49 50.59
CA SER E 474 -43.72 18.01 51.71
C SER E 474 -45.11 17.39 51.69
N LYS E 475 -45.66 17.21 52.90
CA LYS E 475 -46.99 16.62 53.05
C LYS E 475 -47.67 17.25 54.26
N ASP E 476 -48.98 17.47 54.14
CA ASP E 476 -49.78 18.01 55.23
C ASP E 476 -51.23 17.58 55.05
N PRO E 477 -51.64 16.47 55.69
CA PRO E 477 -53.04 16.03 55.55
C PRO E 477 -54.06 17.05 56.03
N SER E 478 -53.70 17.87 57.03
CA SER E 478 -54.63 18.88 57.52
C SER E 478 -54.91 19.95 56.48
N THR E 479 -53.92 20.26 55.64
CA THR E 479 -54.03 21.30 54.60
C THR E 479 -54.47 22.63 55.19
N SER E 480 -53.87 23.00 56.33
CA SER E 480 -54.18 24.24 57.01
C SER E 480 -52.99 25.11 57.33
N ASN E 481 -51.78 24.57 57.36
CA ASN E 481 -50.59 25.35 57.70
C ASN E 481 -49.94 25.92 56.45
N SER E 482 -49.05 26.89 56.67
CA SER E 482 -48.29 27.53 55.61
C SER E 482 -46.82 27.50 55.96
N ILE E 483 -45.98 27.44 54.93
CA ILE E 483 -44.53 27.30 55.09
C ILE E 483 -43.85 28.44 54.35
N THR E 484 -42.95 29.15 55.04
CA THR E 484 -42.13 30.18 54.43
C THR E 484 -40.67 29.81 54.63
N VAL E 485 -39.86 30.03 53.60
CA VAL E 485 -38.45 29.67 53.62
C VAL E 485 -37.62 30.85 53.16
N ASN E 486 -36.37 30.89 53.61
CA ASN E 486 -35.43 31.94 53.23
C ASN E 486 -34.10 31.27 52.90
N ILE E 487 -33.41 31.83 51.91
CA ILE E 487 -32.14 31.30 51.43
C ILE E 487 -31.07 32.35 51.61
N LYS E 488 -29.95 31.97 52.21
CA LYS E 488 -28.81 32.86 52.42
C LYS E 488 -27.79 32.59 51.31
N SER E 489 -27.73 33.51 50.35
CA SER E 489 -26.83 33.37 49.20
C SER E 489 -26.46 34.78 48.76
N LYS E 490 -25.94 34.90 47.54
CA LYS E 490 -25.62 36.22 46.99
C LYS E 490 -26.85 37.12 46.89
N GLU E 491 -28.04 36.54 46.85
CA GLU E 491 -29.28 37.28 46.83
C GLU E 491 -30.14 36.89 48.03
N GLN E 492 -30.72 37.89 48.68
CA GLN E 492 -31.56 37.68 49.86
C GLN E 492 -33.01 37.57 49.40
N LYS E 493 -33.52 36.35 49.32
CA LYS E 493 -34.87 36.10 48.84
C LYS E 493 -35.59 35.13 49.78
N THR E 494 -36.90 35.30 49.90
CA THR E 494 -37.74 34.42 50.68
C THR E 494 -38.98 34.06 49.87
N ASP E 495 -39.48 32.85 50.07
CA ASP E 495 -40.63 32.35 49.33
C ASP E 495 -41.61 31.67 50.27
N TYR E 496 -42.87 31.62 49.86
CA TYR E 496 -43.93 30.98 50.61
C TYR E 496 -44.38 29.71 49.92
N LEU E 497 -44.63 28.67 50.71
CA LEU E 497 -45.05 27.38 50.19
C LEU E 497 -46.19 26.85 51.04
N VAL E 498 -47.16 26.20 50.39
CA VAL E 498 -48.29 25.58 51.05
C VAL E 498 -48.36 24.12 50.64
N PRO E 499 -48.41 23.17 51.58
CA PRO E 499 -48.48 21.76 51.20
C PRO E 499 -49.88 21.33 50.81
N GLU E 500 -50.03 20.09 50.37
CA GLU E 500 -51.31 19.55 49.95
C GLU E 500 -51.64 18.27 50.71
N LYS E 501 -52.71 17.58 50.28
CA LYS E 501 -53.13 16.37 50.98
C LYS E 501 -52.05 15.29 50.92
N ASP E 502 -51.42 15.11 49.77
CA ASP E 502 -50.37 14.12 49.59
C ASP E 502 -49.03 14.79 49.38
N TYR E 503 -47.99 13.98 49.24
CA TYR E 503 -46.65 14.50 49.04
C TYR E 503 -46.53 15.20 47.68
N THR E 504 -45.86 16.34 47.69
CA THR E 504 -45.63 17.12 46.48
C THR E 504 -44.18 17.59 46.45
N LYS E 505 -43.71 17.93 45.25
CA LYS E 505 -42.32 18.32 45.05
C LYS E 505 -42.23 19.83 44.90
N PHE E 506 -41.28 20.42 45.62
CA PHE E 506 -41.01 21.85 45.55
C PHE E 506 -39.53 22.07 45.27
N SER E 507 -39.23 23.15 44.56
CA SER E 507 -37.84 23.44 44.19
C SER E 507 -37.68 24.93 43.95
N TYR E 508 -36.57 25.48 44.46
CA TYR E 508 -36.22 26.88 44.25
C TYR E 508 -34.78 26.98 43.72
N GLU E 509 -34.25 28.19 43.64
CA GLU E 509 -32.91 28.43 43.11
C GLU E 509 -32.10 29.26 44.09
N PHE E 510 -30.81 28.95 44.15
CA PHE E 510 -29.86 29.75 44.92
C PHE E 510 -28.47 29.55 44.33
N GLU E 511 -27.69 30.62 44.29
CA GLU E 511 -26.39 30.63 43.62
C GLU E 511 -25.28 30.89 44.64
N THR E 512 -24.04 30.83 44.16
CA THR E 512 -22.87 31.11 44.97
C THR E 512 -21.94 32.04 44.20
N THR E 513 -21.16 32.82 44.94
CA THR E 513 -20.24 33.78 44.33
C THR E 513 -18.97 33.85 45.14
N GLY E 514 -17.82 33.79 44.46
CA GLY E 514 -16.54 33.90 45.10
C GLY E 514 -16.11 32.64 45.82
N LYS E 515 -14.80 32.43 45.95
CA LYS E 515 -14.28 31.27 46.68
C LYS E 515 -14.15 31.52 48.17
N ASP E 516 -14.33 32.76 48.63
CA ASP E 516 -14.25 33.10 50.04
C ASP E 516 -15.32 34.17 50.31
N SER E 517 -16.43 33.75 50.91
CA SER E 517 -17.55 34.64 51.19
C SER E 517 -18.36 34.03 52.32
N SER E 518 -19.56 34.58 52.54
CA SER E 518 -20.43 34.09 53.59
C SER E 518 -20.91 32.68 53.29
N ASP E 519 -21.14 31.90 54.34
CA ASP E 519 -21.61 30.54 54.20
C ASP E 519 -23.05 30.50 53.72
N ILE E 520 -23.43 29.37 53.14
CA ILE E 520 -24.78 29.16 52.63
C ILE E 520 -25.65 28.65 53.77
N GLU E 521 -26.72 29.37 54.08
CA GLU E 521 -27.62 29.02 55.17
C GLU E 521 -29.05 28.90 54.64
N ILE E 522 -29.75 27.86 55.07
CA ILE E 522 -31.12 27.60 54.66
C ILE E 522 -31.99 27.54 55.92
N THR E 523 -33.12 28.24 55.90
CA THR E 523 -34.03 28.30 57.03
C THR E 523 -35.37 27.68 56.63
N LEU E 524 -35.84 26.74 57.45
CA LEU E 524 -37.12 26.08 57.25
C LEU E 524 -38.06 26.53 58.37
N THR E 525 -39.20 27.10 57.99
CA THR E 525 -40.18 27.61 58.94
C THR E 525 -41.56 27.10 58.60
N SER E 526 -42.26 26.58 59.61
CA SER E 526 -43.61 26.07 59.44
C SER E 526 -44.49 26.59 60.57
N SER E 527 -45.79 26.65 60.29
CA SER E 527 -46.75 27.14 61.28
C SER E 527 -47.11 26.04 62.28
N GLY E 528 -47.66 24.93 61.78
CA GLY E 528 -48.04 23.83 62.64
C GLY E 528 -47.11 22.64 62.51
N VAL E 529 -47.66 21.48 62.20
CA VAL E 529 -46.89 20.25 62.02
C VAL E 529 -46.90 19.88 60.54
N ILE E 530 -45.71 19.68 59.99
CA ILE E 530 -45.53 19.30 58.59
C ILE E 530 -44.59 18.11 58.52
N PHE E 531 -44.77 17.30 57.48
CA PHE E 531 -43.91 16.15 57.22
C PHE E 531 -42.97 16.47 56.07
N LEU E 532 -41.68 16.26 56.28
CA LEU E 532 -40.66 16.53 55.28
C LEU E 532 -39.85 15.26 55.02
N ASP E 533 -39.54 15.02 53.75
CA ASP E 533 -38.78 13.84 53.37
C ASP E 533 -38.06 14.12 52.05
N ASN E 534 -36.95 13.40 51.84
CA ASN E 534 -36.18 13.47 50.60
C ASN E 534 -35.76 14.90 50.27
N LEU E 535 -34.97 15.48 51.19
CA LEU E 535 -34.41 16.81 50.98
C LEU E 535 -33.08 16.69 50.27
N SER E 536 -32.95 17.38 49.13
CA SER E 536 -31.78 17.24 48.28
C SER E 536 -31.34 18.60 47.75
N ILE E 537 -30.06 18.68 47.40
CA ILE E 537 -29.47 19.87 46.79
C ILE E 537 -28.78 19.42 45.50
N THR E 538 -29.27 19.89 44.36
CA THR E 538 -28.80 19.46 43.06
C THR E 538 -27.97 20.57 42.41
N GLU E 539 -26.86 20.17 41.79
CA GLU E 539 -25.91 21.10 41.18
C GLU E 539 -26.31 21.38 39.73
N LEU E 540 -26.44 22.66 39.39
CA LEU E 540 -26.83 23.09 38.05
C LEU E 540 -25.64 23.66 37.29
N ASN E 541 -25.92 24.29 36.15
CA ASN E 541 -24.90 24.76 35.21
C ASN E 541 -24.06 25.90 35.76
N SER E 542 -23.16 26.41 34.93
CA SER E 542 -22.20 27.43 35.36
C SER E 542 -22.83 28.82 35.36
N THR E 543 -22.61 29.53 36.46
CA THR E 543 -23.01 30.93 36.56
C THR E 543 -22.10 31.80 35.70
N PRO E 544 -22.64 32.87 35.12
CA PRO E 544 -21.80 33.76 34.30
C PRO E 544 -20.77 34.49 35.16
N GLU E 545 -19.64 34.81 34.53
CA GLU E 545 -18.56 35.51 35.21
C GLU E 545 -18.91 36.98 35.41
N GLU F 16 -15.18 -38.78 29.98
CA GLU F 16 -14.60 -37.60 30.61
C GLU F 16 -13.64 -36.90 29.65
N ASP F 17 -13.96 -36.94 28.36
CA ASP F 17 -13.17 -36.27 27.34
C ASP F 17 -13.91 -35.10 26.70
N LEU F 18 -14.92 -34.57 27.39
CA LEU F 18 -15.68 -33.44 26.85
C LEU F 18 -14.79 -32.20 26.75
N ASP F 19 -14.95 -31.47 25.66
CA ASP F 19 -14.19 -30.25 25.40
C ASP F 19 -15.19 -29.14 25.06
N THR F 20 -15.51 -28.31 26.05
CA THR F 20 -16.53 -27.28 25.85
C THR F 20 -16.01 -26.15 24.96
N ASP F 21 -14.78 -25.69 25.19
CA ASP F 21 -14.21 -24.58 24.44
C ASP F 21 -13.28 -25.03 23.32
N ASN F 22 -13.08 -26.34 23.15
CA ASN F 22 -12.27 -26.88 22.05
C ASN F 22 -10.85 -26.32 22.07
N ASP F 23 -10.24 -26.34 23.26
CA ASP F 23 -8.86 -25.88 23.44
C ASP F 23 -7.87 -27.02 23.57
N ASN F 24 -8.25 -28.23 23.13
CA ASN F 24 -7.42 -29.44 23.17
C ASN F 24 -7.16 -29.93 24.59
N ILE F 25 -7.87 -29.41 25.58
CA ILE F 25 -7.73 -29.87 26.96
C ILE F 25 -9.11 -30.22 27.51
N PRO F 26 -9.30 -31.42 28.05
CA PRO F 26 -10.63 -31.79 28.58
C PRO F 26 -11.03 -30.92 29.76
N ASP F 27 -12.34 -30.80 29.94
CA ASP F 27 -12.87 -29.91 30.98
C ASP F 27 -12.47 -30.38 32.38
N ALA F 28 -12.48 -31.69 32.61
CA ALA F 28 -12.18 -32.20 33.95
C ALA F 28 -10.75 -31.87 34.36
N TYR F 29 -9.78 -32.13 33.48
CA TYR F 29 -8.40 -31.80 33.80
C TYR F 29 -8.21 -30.30 33.98
N GLU F 30 -8.83 -29.50 33.10
CA GLU F 30 -8.72 -28.06 33.21
C GLU F 30 -9.37 -27.52 34.47
N LYS F 31 -10.31 -28.27 35.05
CA LYS F 31 -10.93 -27.86 36.31
C LYS F 31 -10.06 -28.26 37.50
N ASN F 32 -9.61 -29.51 37.54
CA ASN F 32 -8.85 -29.98 38.69
C ASN F 32 -7.38 -29.60 38.58
N GLY F 33 -6.70 -30.07 37.54
CA GLY F 33 -5.29 -29.79 37.34
C GLY F 33 -4.66 -30.75 36.37
N TYR F 34 -3.80 -30.26 35.49
CA TYR F 34 -3.24 -31.07 34.42
C TYR F 34 -1.77 -30.71 34.22
N THR F 35 -1.14 -31.42 33.29
CA THR F 35 0.24 -31.15 32.90
C THR F 35 0.44 -31.71 31.50
N ILE F 36 1.49 -31.24 30.83
CA ILE F 36 1.76 -31.58 29.44
C ILE F 36 2.83 -32.66 29.40
N LYS F 37 2.54 -33.76 28.71
CA LYS F 37 3.49 -34.84 28.53
C LYS F 37 3.38 -35.34 27.10
N ASP F 38 4.48 -35.20 26.34
CA ASP F 38 4.54 -35.58 24.93
C ASP F 38 3.42 -34.92 24.14
N SER F 39 3.25 -33.62 24.35
CA SER F 39 2.28 -32.78 23.65
C SER F 39 0.84 -33.18 23.93
N ILE F 40 0.60 -33.96 25.00
CA ILE F 40 -0.74 -34.37 25.40
C ILE F 40 -0.95 -33.95 26.85
N ALA F 41 -2.08 -33.30 27.11
CA ALA F 41 -2.42 -32.89 28.48
C ALA F 41 -3.00 -34.07 29.25
N VAL F 42 -2.37 -34.41 30.37
CA VAL F 42 -2.77 -35.55 31.17
C VAL F 42 -3.12 -35.09 32.57
N LYS F 43 -3.78 -35.96 33.32
CA LYS F 43 -4.18 -35.64 34.68
C LYS F 43 -2.94 -35.46 35.57
N TRP F 44 -3.03 -34.51 36.49
CA TRP F 44 -1.90 -34.21 37.36
C TRP F 44 -1.88 -35.15 38.56
N ASN F 45 -0.68 -35.64 38.87
CA ASN F 45 -0.45 -36.49 40.04
C ASN F 45 0.71 -35.91 40.82
N ASP F 46 0.61 -35.98 42.16
CA ASP F 46 1.64 -35.40 43.01
C ASP F 46 2.99 -36.09 42.87
N SER F 47 3.02 -37.29 42.30
CA SER F 47 4.29 -37.97 42.06
C SER F 47 5.10 -37.35 40.94
N PHE F 48 4.52 -36.43 40.17
CA PHE F 48 5.23 -35.79 39.06
C PHE F 48 6.11 -34.64 39.52
N ALA F 49 5.97 -34.19 40.77
CA ALA F 49 6.72 -33.02 41.24
C ALA F 49 8.21 -33.29 41.31
N GLU F 50 8.61 -34.52 41.64
CA GLU F 50 10.02 -34.82 41.81
C GLU F 50 10.79 -34.75 40.50
N GLN F 51 10.12 -34.95 39.37
CA GLN F 51 10.76 -34.88 38.06
C GLN F 51 10.82 -33.45 37.51
N GLY F 52 10.29 -32.47 38.22
CA GLY F 52 10.31 -31.10 37.78
C GLY F 52 9.07 -30.62 37.08
N TYR F 53 7.98 -31.39 37.11
CA TYR F 53 6.75 -30.98 36.44
C TYR F 53 5.99 -29.96 37.27
N LYS F 54 5.09 -29.25 36.62
CA LYS F 54 4.27 -28.22 37.25
C LYS F 54 2.80 -28.53 37.04
N LYS F 55 1.98 -28.10 37.98
CA LYS F 55 0.54 -28.32 37.93
C LYS F 55 -0.13 -27.07 37.37
N TYR F 56 -0.77 -27.21 36.21
CA TYR F 56 -1.43 -26.10 35.54
C TYR F 56 -2.93 -26.19 35.76
N VAL F 57 -3.54 -25.08 36.16
CA VAL F 57 -4.98 -24.99 36.36
C VAL F 57 -5.46 -23.71 35.69
N SER F 58 -6.57 -23.80 34.95
CA SER F 58 -7.11 -22.66 34.21
C SER F 58 -8.62 -22.83 34.13
N SER F 59 -9.24 -22.07 33.23
CA SER F 59 -10.68 -22.06 33.06
C SER F 59 -11.08 -22.96 31.90
N TYR F 60 -12.23 -23.62 32.04
CA TYR F 60 -12.71 -24.57 31.05
C TYR F 60 -13.77 -23.98 30.13
N LEU F 61 -14.04 -22.68 30.23
CA LEU F 61 -15.00 -22.01 29.36
C LEU F 61 -14.38 -21.00 28.42
N GLU F 62 -13.14 -20.59 28.64
CA GLU F 62 -12.45 -19.62 27.81
C GLU F 62 -11.26 -20.28 27.12
N SER F 63 -11.08 -19.99 25.83
CA SER F 63 -9.93 -20.47 25.10
C SER F 63 -8.70 -19.61 25.33
N ASN F 64 -8.84 -18.50 26.05
CA ASN F 64 -7.71 -17.65 26.44
C ASN F 64 -8.00 -17.20 27.87
N THR F 65 -7.47 -17.95 28.84
CA THR F 65 -7.80 -17.68 30.24
C THR F 65 -7.27 -16.32 30.69
N ALA F 66 -6.07 -15.95 30.27
CA ALA F 66 -5.45 -14.71 30.69
C ALA F 66 -5.68 -13.55 29.72
N GLY F 67 -6.33 -13.80 28.58
CA GLY F 67 -6.58 -12.76 27.60
C GLY F 67 -5.44 -12.47 26.66
N ASP F 68 -4.32 -13.18 26.77
CA ASP F 68 -3.17 -13.00 25.90
C ASP F 68 -3.35 -13.78 24.60
N PRO F 69 -2.60 -13.42 23.54
CA PRO F 69 -2.87 -14.00 22.22
C PRO F 69 -2.64 -15.50 22.11
N TYR F 70 -2.12 -16.13 23.16
CA TYR F 70 -1.79 -17.55 23.13
C TYR F 70 -2.79 -18.33 23.96
N THR F 71 -3.27 -19.44 23.40
CA THR F 71 -4.31 -20.22 24.05
C THR F 71 -3.76 -20.94 25.28
N ASP F 72 -4.64 -21.70 25.95
CA ASP F 72 -4.23 -22.45 27.13
C ASP F 72 -3.28 -23.58 26.77
N TYR F 73 -3.62 -24.35 25.72
CA TYR F 73 -2.77 -25.45 25.30
C TYR F 73 -1.41 -24.95 24.81
N GLN F 74 -1.42 -23.85 24.05
CA GLN F 74 -0.17 -23.32 23.51
C GLN F 74 0.79 -22.93 24.63
N LYS F 75 0.27 -22.28 25.67
CA LYS F 75 1.13 -21.86 26.77
C LYS F 75 1.53 -23.03 27.65
N ALA F 76 0.61 -23.96 27.90
CA ALA F 76 0.92 -25.11 28.75
C ALA F 76 1.99 -26.00 28.11
N SER F 77 1.87 -26.25 26.81
CA SER F 77 2.83 -27.11 26.12
C SER F 77 4.03 -26.34 25.57
N GLY F 78 4.02 -25.01 25.65
CA GLY F 78 5.15 -24.24 25.16
C GLY F 78 5.24 -24.16 23.66
N SER F 79 4.15 -24.37 22.94
CA SER F 79 4.15 -24.26 21.49
C SER F 79 4.00 -22.81 21.06
N ILE F 80 4.84 -21.94 21.61
CA ILE F 80 4.85 -20.51 21.31
C ILE F 80 6.28 -20.09 21.02
N ASP F 81 6.47 -18.79 20.82
CA ASP F 81 7.81 -18.24 20.63
C ASP F 81 8.69 -18.61 21.82
N LYS F 82 9.90 -19.09 21.52
CA LYS F 82 10.79 -19.54 22.58
C LYS F 82 11.37 -18.37 23.38
N ALA F 83 11.34 -17.16 22.83
CA ALA F 83 11.82 -15.99 23.55
C ALA F 83 10.89 -15.59 24.69
N ILE F 84 9.71 -16.18 24.78
CA ILE F 84 8.77 -15.88 25.86
C ILE F 84 9.24 -16.56 27.13
N LYS F 85 9.15 -15.84 28.25
CA LYS F 85 9.69 -16.33 29.51
C LYS F 85 8.96 -17.59 29.96
N LEU F 86 9.65 -18.37 30.80
CA LEU F 86 9.07 -19.61 31.31
C LEU F 86 7.95 -19.33 32.30
N GLU F 87 7.94 -18.16 32.93
CA GLU F 87 6.85 -17.81 33.85
C GLU F 87 5.56 -17.47 33.13
N ALA F 88 5.59 -17.32 31.81
CA ALA F 88 4.38 -17.12 31.03
C ALA F 88 3.77 -18.43 30.54
N ARG F 89 4.42 -19.56 30.80
CA ARG F 89 3.87 -20.85 30.39
C ARG F 89 2.56 -21.16 31.10
N ASP F 90 2.43 -20.73 32.35
CA ASP F 90 1.19 -20.95 33.08
C ASP F 90 0.06 -20.18 32.38
N PRO F 91 -1.09 -20.83 32.14
CA PRO F 91 -2.18 -20.13 31.44
C PRO F 91 -2.69 -18.91 32.20
N LEU F 92 -2.52 -18.88 33.53
CA LEU F 92 -3.03 -17.76 34.31
C LEU F 92 -2.16 -16.52 34.12
N VAL F 93 -0.84 -16.69 34.07
CA VAL F 93 0.08 -15.56 33.94
C VAL F 93 0.09 -15.13 32.48
N ALA F 94 -0.46 -13.94 32.22
CA ALA F 94 -0.57 -13.45 30.85
C ALA F 94 0.80 -13.03 30.32
N ALA F 95 1.02 -13.30 29.03
CA ALA F 95 2.17 -12.75 28.33
C ALA F 95 1.92 -11.29 28.02
N TYR F 96 2.89 -10.43 28.36
CA TYR F 96 2.67 -9.00 28.25
C TYR F 96 4.01 -8.29 28.12
N PRO F 97 4.24 -7.53 27.04
CA PRO F 97 5.43 -6.68 27.00
C PRO F 97 5.23 -5.37 27.71
N VAL F 98 6.21 -4.93 28.49
CA VAL F 98 6.14 -3.67 29.23
C VAL F 98 7.38 -2.87 28.85
N VAL F 99 7.25 -2.01 27.85
CA VAL F 99 8.37 -1.27 27.29
C VAL F 99 8.32 0.17 27.80
N GLY F 100 9.46 0.64 28.32
CA GLY F 100 9.57 2.01 28.77
C GLY F 100 10.74 2.73 28.14
N VAL F 101 10.97 3.98 28.53
CA VAL F 101 12.05 4.79 27.97
C VAL F 101 12.72 5.55 29.10
N GLY F 102 14.04 5.59 29.07
CA GLY F 102 14.80 6.35 30.05
C GLY F 102 15.98 7.03 29.38
N MET F 103 16.37 8.18 29.93
CA MET F 103 17.46 8.97 29.36
C MET F 103 18.69 8.90 30.25
N GLU F 104 19.84 9.23 29.66
CA GLU F 104 21.09 9.29 30.39
C GLU F 104 21.79 10.62 30.17
N ASN F 105 21.68 11.18 28.96
CA ASN F 105 22.37 12.40 28.58
C ASN F 105 21.37 13.49 28.24
N LEU F 106 21.66 14.71 28.69
CA LEU F 106 20.84 15.88 28.40
C LEU F 106 21.59 16.80 27.44
N ILE F 107 20.93 17.20 26.36
CA ILE F 107 21.52 18.11 25.39
C ILE F 107 20.54 19.21 25.04
N SER F 123 24.88 16.14 28.37
CA SER F 123 26.13 16.69 28.87
C SER F 123 26.47 16.13 30.24
N ARG F 124 25.45 15.67 30.96
CA ARG F 124 25.62 15.10 32.29
C ARG F 124 24.94 13.74 32.36
N ALA F 125 25.61 12.78 33.00
CA ALA F 125 25.07 11.44 33.14
C ALA F 125 24.04 11.41 34.27
N THR F 126 22.90 10.78 34.00
CA THR F 126 21.83 10.67 34.98
C THR F 126 21.36 9.22 35.04
N THR F 127 20.97 8.77 36.23
CA THR F 127 20.44 7.44 36.45
C THR F 127 18.95 7.52 36.77
N ASN F 128 18.19 6.58 36.26
CA ASN F 128 16.74 6.58 36.37
C ASN F 128 16.26 5.43 37.25
N SER F 129 15.25 5.71 38.07
CA SER F 129 14.62 4.71 38.92
C SER F 129 13.19 4.51 38.45
N LYS F 130 12.83 3.25 38.17
CA LYS F 130 11.52 2.96 37.58
C LYS F 130 10.40 3.14 38.60
N THR F 131 10.59 2.63 39.82
CA THR F 131 9.54 2.62 40.84
C THR F 131 9.61 3.82 41.78
N ASP F 132 10.11 4.97 41.30
CA ASP F 132 10.15 6.15 42.14
C ASP F 132 8.76 6.64 42.49
N ALA F 133 7.83 6.62 41.53
CA ALA F 133 6.50 7.15 41.73
C ALA F 133 5.66 6.31 42.67
N ASN F 134 5.86 4.99 42.70
CA ASN F 134 5.07 4.14 43.57
C ASN F 134 5.47 4.28 45.03
N THR F 135 6.65 4.86 45.31
CA THR F 135 7.13 5.01 46.67
C THR F 135 7.34 6.46 47.10
N VAL F 136 7.15 7.43 46.19
CA VAL F 136 7.34 8.83 46.58
C VAL F 136 6.23 9.28 47.52
N GLY F 137 4.98 8.92 47.22
CA GLY F 137 3.85 9.35 48.01
C GLY F 137 3.40 8.35 49.06
N VAL F 138 4.30 7.91 49.93
CA VAL F 138 3.98 6.95 50.98
C VAL F 138 4.44 7.52 52.32
N SER F 139 3.64 7.31 53.36
CA SER F 139 3.99 7.69 54.72
C SER F 139 4.10 6.44 55.58
N ILE F 140 5.13 6.39 56.42
CA ILE F 140 5.40 5.24 57.27
C ILE F 140 5.11 5.63 58.71
N SER F 141 4.29 4.82 59.37
CA SER F 141 3.94 5.04 60.77
C SER F 141 4.90 4.29 61.69
N ALA F 142 4.86 4.64 62.98
CA ALA F 142 5.72 3.99 63.95
C ALA F 142 5.39 2.51 64.09
N GLY F 143 4.10 2.17 64.11
CA GLY F 143 3.67 0.80 64.24
C GLY F 143 2.62 0.46 63.19
N TYR F 144 2.35 -0.85 63.08
CA TYR F 144 1.37 -1.36 62.14
C TYR F 144 0.22 -2.00 62.90
N GLN F 145 -0.94 -2.04 62.26
CA GLN F 145 -2.17 -2.50 62.90
C GLN F 145 -2.17 -4.03 62.96
N ASN F 146 -3.29 -4.60 63.40
CA ASN F 146 -3.39 -6.04 63.57
C ASN F 146 -3.36 -6.77 62.24
N GLY F 147 -2.59 -7.86 62.19
CA GLY F 147 -2.54 -8.71 61.02
C GLY F 147 -1.83 -8.09 59.82
N PHE F 148 -2.34 -6.95 59.37
CA PHE F 148 -1.78 -6.29 58.19
C PHE F 148 -0.40 -5.71 58.51
N THR F 149 0.57 -6.00 57.65
CA THR F 149 1.94 -5.51 57.80
C THR F 149 2.45 -4.97 56.46
N GLY F 150 1.62 -4.17 55.80
CA GLY F 150 1.99 -3.57 54.53
C GLY F 150 1.98 -2.06 54.58
N ASN F 151 1.91 -1.42 53.42
CA ASN F 151 1.91 0.03 53.34
C ASN F 151 0.93 0.47 52.26
N ILE F 152 0.51 1.72 52.35
CA ILE F 152 -0.47 2.31 51.42
C ILE F 152 0.20 3.48 50.71
N THR F 153 0.12 3.48 49.39
CA THR F 153 0.67 4.56 48.58
C THR F 153 -0.42 5.52 48.15
N THR F 154 0.00 6.68 47.61
CA THR F 154 -0.92 7.70 47.16
C THR F 154 -0.71 8.13 45.71
N SER F 155 0.39 7.72 45.07
CA SER F 155 0.70 8.07 43.69
C SER F 155 1.13 6.84 42.92
N TYR F 156 0.34 5.76 43.03
CA TYR F 156 0.69 4.50 42.41
C TYR F 156 0.81 4.66 40.89
N SER F 157 1.76 3.94 40.31
CA SER F 157 2.01 3.97 38.88
C SER F 157 2.59 2.62 38.47
N HIS F 158 3.12 2.54 37.27
CA HIS F 158 3.70 1.32 36.72
C HIS F 158 5.16 1.56 36.35
N THR F 159 5.78 0.54 35.77
CA THR F 159 7.16 0.65 35.34
C THR F 159 7.31 1.37 34.00
N THR F 160 6.21 1.56 33.27
CA THR F 160 6.27 2.30 32.01
C THR F 160 6.70 3.75 32.26
N ASP F 161 6.10 4.39 33.26
CA ASP F 161 6.55 5.71 33.66
C ASP F 161 7.93 5.62 34.30
N ASN F 162 8.78 6.60 34.01
CA ASN F 162 10.15 6.60 34.49
C ASN F 162 10.48 7.96 35.07
N SER F 163 11.32 7.95 36.11
CA SER F 163 11.78 9.16 36.78
C SER F 163 13.30 9.17 36.79
N THR F 164 13.89 10.30 36.39
CA THR F 164 15.33 10.44 36.31
C THR F 164 15.85 11.31 37.44
N ALA F 165 17.08 11.04 37.86
CA ALA F 165 17.73 11.79 38.93
C ALA F 165 19.22 11.87 38.65
N VAL F 166 19.77 13.08 38.75
CA VAL F 166 21.18 13.31 38.44
C VAL F 166 22.04 12.76 39.57
N GLN F 167 23.08 12.01 39.21
CA GLN F 167 24.00 11.44 40.19
C GLN F 167 25.38 12.09 40.18
N ASP F 168 25.74 12.79 39.11
CA ASP F 168 27.04 13.42 38.99
C ASP F 168 27.07 14.86 39.48
N SER F 169 25.96 15.36 40.04
CA SER F 169 25.92 16.73 40.52
C SER F 169 26.86 16.92 41.70
N ASN F 170 27.54 18.06 41.73
CA ASN F 170 28.47 18.41 42.80
C ASN F 170 28.08 19.73 43.46
N GLY F 171 26.80 20.08 43.44
CA GLY F 171 26.32 21.30 44.04
C GLY F 171 26.26 22.50 43.12
N GLU F 172 26.77 22.39 41.89
CA GLU F 172 26.72 23.50 40.97
C GLU F 172 25.35 23.59 40.30
N SER F 173 25.06 24.74 39.71
CA SER F 173 23.80 25.00 39.05
C SER F 173 23.98 24.93 37.53
N TRP F 174 22.84 24.82 36.84
CA TRP F 174 22.85 24.75 35.38
C TRP F 174 23.03 26.11 34.73
N ASN F 175 22.91 27.20 35.49
CA ASN F 175 23.09 28.53 34.91
C ASN F 175 24.51 28.75 34.43
N THR F 176 25.49 28.25 35.18
CA THR F 176 26.88 28.42 34.81
C THR F 176 27.18 27.74 33.48
N GLY F 177 27.90 28.44 32.61
CA GLY F 177 28.26 27.91 31.30
C GLY F 177 27.48 28.56 30.18
N LEU F 178 26.18 28.77 30.39
CA LEU F 178 25.32 29.42 29.41
C LEU F 178 24.75 30.73 29.90
N SER F 179 24.11 30.73 31.08
CA SER F 179 23.51 31.91 31.67
C SER F 179 22.51 32.57 30.72
N ILE F 180 21.46 31.81 30.40
CA ILE F 180 20.41 32.26 29.49
C ILE F 180 19.19 32.62 30.31
N ASN F 181 18.66 33.83 30.07
CA ASN F 181 17.49 34.30 30.79
C ASN F 181 16.40 34.76 29.83
N ALA F 190 18.25 14.08 24.81
CA ALA F 190 17.63 13.46 23.64
C ALA F 190 18.17 12.05 23.43
N ASN F 191 18.90 11.54 24.42
CA ASN F 191 19.45 10.19 24.39
C ASN F 191 18.57 9.27 25.21
N VAL F 192 18.10 8.19 24.59
CA VAL F 192 17.13 7.29 25.21
C VAL F 192 17.58 5.85 24.99
N ARG F 193 16.99 4.94 25.77
CA ARG F 193 17.27 3.51 25.64
C ARG F 193 16.07 2.75 26.16
N TYR F 194 15.35 2.07 25.27
CA TYR F 194 14.16 1.33 25.66
C TYR F 194 14.54 0.13 26.52
N TYR F 195 13.57 -0.38 27.27
CA TYR F 195 13.77 -1.56 28.09
C TYR F 195 12.43 -2.26 28.32
N ASN F 196 12.49 -3.57 28.52
CA ASN F 196 11.31 -4.39 28.74
C ASN F 196 11.36 -4.99 30.13
N THR F 197 10.23 -5.01 30.82
CA THR F 197 10.09 -5.66 32.12
C THR F 197 9.03 -6.75 32.10
N GLY F 198 8.45 -7.05 30.94
CA GLY F 198 7.40 -8.03 30.83
C GLY F 198 7.95 -9.44 30.59
N THR F 199 7.09 -10.29 30.05
CA THR F 199 7.42 -11.69 29.82
C THR F 199 7.53 -12.08 28.36
N ALA F 200 7.13 -11.21 27.43
CA ALA F 200 7.17 -11.55 26.02
C ALA F 200 7.90 -10.47 25.23
N PRO F 201 8.67 -10.85 24.23
CA PRO F 201 9.34 -9.85 23.38
C PRO F 201 8.34 -9.06 22.55
N MET F 202 8.70 -7.81 22.27
CA MET F 202 7.90 -6.93 21.42
C MET F 202 8.72 -6.58 20.19
N TYR F 203 8.16 -6.82 19.01
CA TYR F 203 8.82 -6.54 17.75
C TYR F 203 8.32 -5.21 17.18
N LYS F 204 9.22 -4.50 16.50
CA LYS F 204 8.96 -3.19 15.93
C LYS F 204 8.44 -2.22 16.99
N VAL F 205 9.29 -1.95 17.97
CA VAL F 205 8.94 -1.09 19.09
C VAL F 205 8.94 0.36 18.63
N THR F 206 7.80 1.03 18.75
CA THR F 206 7.66 2.44 18.37
C THR F 206 7.01 3.20 19.52
N PRO F 207 7.80 3.55 20.53
CA PRO F 207 7.23 4.24 21.69
C PRO F 207 6.90 5.70 21.41
N THR F 208 6.00 6.24 22.23
CA THR F 208 5.63 7.65 22.19
C THR F 208 6.00 8.27 23.53
N THR F 209 6.75 9.37 23.49
CA THR F 209 7.31 9.96 24.69
C THR F 209 6.71 11.34 24.95
N ASN F 210 6.70 11.73 26.22
CA ASN F 210 6.24 13.04 26.66
C ASN F 210 7.25 13.63 27.62
N LEU F 211 7.40 14.96 27.56
CA LEU F 211 8.33 15.68 28.41
C LEU F 211 7.54 16.44 29.47
N VAL F 212 7.74 16.09 30.73
CA VAL F 212 6.96 16.69 31.80
C VAL F 212 7.36 18.15 32.01
N LEU F 213 8.66 18.46 31.91
CA LEU F 213 9.18 19.80 32.21
C LEU F 213 8.69 20.28 33.58
N ASP F 214 8.68 19.37 34.55
CA ASP F 214 8.22 19.64 35.90
C ASP F 214 6.76 20.09 35.94
N GLY F 215 5.95 19.71 34.97
CA GLY F 215 4.54 20.01 35.02
C GLY F 215 3.86 20.41 33.72
N GLU F 216 4.61 20.94 32.76
CA GLU F 216 4.03 21.46 31.53
C GLU F 216 4.69 20.78 30.32
N THR F 217 3.86 20.14 29.48
CA THR F 217 4.38 19.36 28.37
C THR F 217 4.89 20.27 27.25
N LEU F 218 5.89 19.77 26.51
CA LEU F 218 6.42 20.50 25.36
C LEU F 218 5.76 20.05 24.06
N ALA F 219 5.91 18.77 23.72
CA ALA F 219 5.39 18.22 22.49
C ALA F 219 5.45 16.71 22.58
N THR F 220 4.74 16.04 21.68
CA THR F 220 4.72 14.59 21.62
C THR F 220 5.75 14.11 20.60
N ILE F 221 6.62 13.20 21.02
CA ILE F 221 7.69 12.66 20.18
C ILE F 221 7.43 11.17 19.99
N LYS F 222 7.43 10.72 18.74
CA LYS F 222 7.18 9.33 18.41
C LYS F 222 8.31 8.80 17.55
N ALA F 223 8.71 7.55 17.80
CA ALA F 223 9.77 6.91 17.04
C ALA F 223 9.37 6.80 15.56
N GLN F 224 10.06 7.55 14.70
CA GLN F 224 9.60 7.67 13.31
C GLN F 224 10.29 6.66 12.38
N ASP F 225 11.59 6.81 12.17
CA ASP F 225 12.26 5.93 11.22
C ASP F 225 13.53 5.28 11.75
N ASN F 226 14.34 6.00 12.53
CA ASN F 226 15.67 5.54 12.88
C ASN F 226 15.76 4.97 14.30
N GLN F 227 14.70 5.08 15.09
CA GLN F 227 14.71 4.63 16.48
C GLN F 227 13.58 3.65 16.73
N ILE F 228 13.41 2.70 15.82
CA ILE F 228 12.41 1.64 15.93
C ILE F 228 13.17 0.34 16.15
N GLY F 229 13.10 -0.19 17.37
CA GLY F 229 13.74 -1.46 17.67
C GLY F 229 13.05 -2.63 17.01
N ASN F 230 13.75 -3.33 16.12
CA ASN F 230 13.12 -4.43 15.39
C ASN F 230 12.69 -5.54 16.32
N ASN F 231 13.51 -5.87 17.32
CA ASN F 231 13.14 -6.86 18.31
C ASN F 231 13.70 -6.43 19.67
N LEU F 232 13.02 -6.85 20.73
CA LEU F 232 13.38 -6.39 22.07
C LEU F 232 12.89 -7.44 23.08
N SER F 233 13.81 -8.26 23.55
CA SER F 233 13.49 -9.36 24.46
C SER F 233 13.22 -8.83 25.86
N PRO F 234 12.57 -9.63 26.72
CA PRO F 234 12.37 -9.20 28.11
C PRO F 234 13.69 -9.01 28.83
N ASN F 235 13.71 -8.02 29.73
CA ASN F 235 14.90 -7.66 30.50
C ASN F 235 16.07 -7.29 29.61
N GLU F 236 15.77 -6.75 28.43
CA GLU F 236 16.79 -6.32 27.47
C GLU F 236 16.50 -4.90 27.04
N THR F 237 17.42 -4.32 26.28
CA THR F 237 17.33 -2.93 25.86
C THR F 237 17.59 -2.82 24.37
N TYR F 238 17.23 -1.67 23.80
CA TYR F 238 17.61 -1.32 22.43
C TYR F 238 18.11 0.12 22.45
N PRO F 239 19.41 0.36 22.21
CA PRO F 239 20.43 -0.63 21.87
C PRO F 239 20.81 -1.52 23.04
N LYS F 240 21.32 -2.71 22.74
CA LYS F 240 21.65 -3.67 23.79
C LYS F 240 22.77 -3.15 24.67
N LYS F 241 23.05 -3.88 25.74
CA LYS F 241 24.09 -3.47 26.68
C LYS F 241 25.44 -3.38 25.99
N GLY F 242 26.22 -2.38 26.38
CA GLY F 242 27.51 -2.12 25.76
C GLY F 242 27.46 -1.20 24.56
N LEU F 243 26.29 -0.84 24.08
CA LEU F 243 26.13 0.08 22.96
C LEU F 243 25.65 1.43 23.46
N SER F 244 26.05 2.49 22.76
CA SER F 244 25.76 3.84 23.21
C SER F 244 24.25 4.10 23.13
N PRO F 245 23.72 4.98 23.99
CA PRO F 245 22.29 5.26 23.96
C PRO F 245 21.85 5.83 22.62
N LEU F 246 20.64 5.48 22.22
CA LEU F 246 20.10 5.93 20.95
C LEU F 246 19.76 7.42 21.00
N ALA F 247 19.82 8.07 19.85
CA ALA F 247 19.63 9.51 19.74
C ALA F 247 18.48 9.80 18.78
N LEU F 248 17.57 10.66 19.21
CA LEU F 248 16.44 11.08 18.40
C LEU F 248 16.66 12.49 17.86
N ASN F 249 15.89 12.83 16.83
CA ASN F 249 15.99 14.13 16.20
C ASN F 249 14.64 14.84 16.11
N THR F 250 13.57 14.07 15.99
CA THR F 250 12.23 14.64 15.88
C THR F 250 11.21 13.78 16.61
N PRO F 260 12.52 23.73 23.74
CA PRO F 260 13.21 24.90 24.28
C PRO F 260 13.03 25.03 25.80
N ILE F 261 14.00 25.67 26.45
CA ILE F 261 13.98 25.84 27.90
C ILE F 261 13.86 27.33 28.21
N ASN F 262 13.28 27.64 29.36
CA ASN F 262 13.02 29.03 29.75
C ASN F 262 13.45 29.26 31.20
N TYR F 263 13.45 30.53 31.59
CA TYR F 263 13.97 31.02 32.85
C TYR F 263 13.46 30.25 34.06
N ASP F 264 12.14 30.28 34.28
CA ASP F 264 11.57 29.59 35.44
C ASP F 264 11.83 28.09 35.38
N GLN F 265 11.94 27.53 34.17
CA GLN F 265 12.29 26.12 34.05
C GLN F 265 13.69 25.83 34.58
N LEU F 266 14.66 26.69 34.23
CA LEU F 266 15.99 26.56 34.81
C LEU F 266 15.93 26.70 36.33
N LYS F 267 15.13 27.66 36.82
CA LYS F 267 15.06 27.90 38.26
C LYS F 267 14.51 26.68 38.99
N LYS F 268 13.46 26.04 38.46
CA LYS F 268 12.91 24.88 39.13
C LYS F 268 13.79 23.65 38.95
N LEU F 269 14.51 23.56 37.83
CA LEU F 269 15.42 22.43 37.63
C LEU F 269 16.62 22.52 38.55
N ASP F 270 17.06 23.75 38.87
CA ASP F 270 18.25 23.91 39.70
C ASP F 270 18.06 23.33 41.10
N SER F 271 16.89 23.53 41.69
CA SER F 271 16.64 23.07 43.05
C SER F 271 15.22 22.53 43.17
N GLY F 272 15.07 21.42 43.87
CA GLY F 272 13.76 20.89 44.20
C GLY F 272 13.21 19.87 43.23
N LYS F 273 12.93 20.30 41.99
CA LYS F 273 12.26 19.47 41.01
C LYS F 273 13.26 18.85 40.03
N GLN F 274 12.84 17.74 39.43
CA GLN F 274 13.64 17.04 38.43
C GLN F 274 12.76 16.68 37.24
N ILE F 275 13.39 16.55 36.08
CA ILE F 275 12.68 16.27 34.84
C ILE F 275 12.66 14.75 34.61
N LYS F 276 11.49 14.22 34.29
CA LYS F 276 11.30 12.80 34.05
C LYS F 276 10.64 12.59 32.71
N LEU F 277 10.97 11.47 32.07
CA LEU F 277 10.41 11.11 30.77
C LEU F 277 9.37 10.02 30.95
N GLU F 278 8.16 10.29 30.48
CA GLU F 278 7.03 9.37 30.61
C GLU F 278 6.50 9.02 29.23
N THR F 279 6.20 7.75 29.02
CA THR F 279 5.71 7.27 27.74
C THR F 279 4.21 7.00 27.84
N THR F 280 3.44 7.62 26.96
CA THR F 280 1.99 7.41 26.96
C THR F 280 1.63 6.04 26.42
N GLN F 281 2.25 5.62 25.31
CA GLN F 281 1.89 4.37 24.67
C GLN F 281 3.09 3.83 23.90
N VAL F 282 3.05 2.53 23.64
CA VAL F 282 4.06 1.84 22.84
C VAL F 282 3.33 0.93 21.85
N SER F 283 3.78 0.94 20.60
CA SER F 283 3.18 0.13 19.54
C SER F 283 4.17 -0.91 19.07
N GLY F 284 3.75 -2.17 19.06
CA GLY F 284 4.63 -3.26 18.66
C GLY F 284 3.92 -4.54 18.31
N ASN F 285 4.58 -5.42 17.57
CA ASN F 285 4.01 -6.67 17.08
C ASN F 285 4.43 -7.83 17.96
N TYR F 286 3.76 -8.96 17.76
CA TYR F 286 4.13 -10.22 18.39
C TYR F 286 4.18 -11.32 17.32
N GLY F 287 4.86 -12.41 17.67
CA GLY F 287 5.10 -13.49 16.72
C GLY F 287 4.09 -14.62 16.90
N THR F 288 3.46 -14.99 15.79
CA THR F 288 2.52 -16.10 15.76
C THR F 288 2.88 -17.02 14.60
N LYS F 289 2.75 -18.32 14.83
CA LYS F 289 3.14 -19.30 13.82
C LYS F 289 2.24 -19.20 12.58
N ASN F 290 2.87 -19.29 11.42
CA ASN F 290 2.16 -19.28 10.16
C ASN F 290 1.66 -20.70 9.85
N SER F 291 0.73 -20.80 8.90
CA SER F 291 0.19 -22.10 8.53
C SER F 291 1.23 -23.02 7.91
N GLN F 292 2.33 -22.47 7.41
CA GLN F 292 3.40 -23.26 6.81
C GLN F 292 4.52 -23.56 7.80
N GLY F 293 4.39 -23.13 9.05
CA GLY F 293 5.42 -23.34 10.04
C GLY F 293 6.30 -22.14 10.31
N GLN F 294 6.17 -21.08 9.52
CA GLN F 294 6.97 -19.87 9.72
C GLN F 294 6.37 -19.01 10.83
N ILE F 295 7.13 -17.99 11.23
CA ILE F 295 6.69 -17.02 12.22
C ILE F 295 6.46 -15.69 11.51
N ILE F 296 5.25 -15.15 11.64
CA ILE F 296 4.86 -13.90 11.01
C ILE F 296 4.64 -12.86 12.09
N THR F 297 5.18 -11.65 11.87
CA THR F 297 5.05 -10.56 12.81
C THR F 297 4.46 -9.31 12.16
N GLU F 298 3.75 -9.47 11.06
CA GLU F 298 3.13 -8.36 10.35
C GLU F 298 1.62 -8.49 10.46
N GLY F 299 0.96 -7.44 10.96
CA GLY F 299 -0.46 -7.45 11.19
C GLY F 299 -0.87 -7.89 12.58
N ASN F 300 0.06 -8.40 13.36
CA ASN F 300 -0.17 -8.75 14.76
C ASN F 300 0.21 -7.54 15.59
N SER F 301 -0.71 -7.06 16.41
CA SER F 301 -0.44 -5.91 17.27
C SER F 301 -0.69 -6.27 18.73
N TRP F 302 0.12 -5.66 19.60
CA TRP F 302 -0.10 -5.75 21.04
C TRP F 302 -1.11 -4.73 21.52
N SER F 303 -1.47 -3.77 20.67
CA SER F 303 -2.48 -2.77 21.01
C SER F 303 -3.88 -3.37 21.04
N ASN F 304 -4.04 -4.60 20.57
CA ASN F 304 -5.31 -5.31 20.65
C ASN F 304 -5.52 -6.03 21.98
N TYR F 305 -4.44 -6.47 22.62
CA TYR F 305 -4.54 -7.25 23.85
C TYR F 305 -3.96 -6.50 25.04
N ILE F 306 -4.13 -5.18 25.08
CA ILE F 306 -3.68 -4.41 26.24
C ILE F 306 -4.91 -4.05 27.07
N SER F 307 -5.91 -3.46 26.44
CA SER F 307 -7.13 -3.11 27.16
C SER F 307 -7.93 -4.36 27.55
N GLN F 308 -7.62 -5.50 26.94
CA GLN F 308 -8.29 -6.74 27.33
C GLN F 308 -7.54 -7.43 28.46
N ILE F 309 -6.21 -7.52 28.35
CA ILE F 309 -5.42 -8.12 29.42
C ILE F 309 -5.48 -7.31 30.71
N ASP F 310 -5.42 -5.99 30.61
CA ASP F 310 -5.39 -5.14 31.81
C ASP F 310 -6.71 -5.15 32.57
N SER F 311 -7.81 -5.54 31.92
CA SER F 311 -9.11 -5.54 32.57
C SER F 311 -9.46 -6.89 33.20
N VAL F 312 -8.60 -7.89 33.07
CA VAL F 312 -8.88 -9.21 33.62
C VAL F 312 -7.68 -9.69 34.44
N SER F 313 -6.84 -8.75 34.87
CA SER F 313 -5.59 -9.10 35.52
C SER F 313 -5.39 -8.25 36.76
N ALA F 314 -4.55 -8.75 37.67
CA ALA F 314 -4.15 -8.05 38.88
C ALA F 314 -2.65 -7.78 38.79
N SER F 315 -2.29 -6.50 38.69
CA SER F 315 -0.90 -6.12 38.46
C SER F 315 -0.03 -6.42 39.68
N ILE F 316 1.16 -6.93 39.41
CA ILE F 316 2.15 -7.22 40.45
C ILE F 316 3.51 -6.73 39.99
N ILE F 317 4.22 -6.00 40.86
CA ILE F 317 5.53 -5.46 40.56
C ILE F 317 6.51 -5.92 41.63
N LEU F 318 7.67 -6.41 41.20
CA LEU F 318 8.74 -6.81 42.09
C LEU F 318 9.98 -6.00 41.78
N ASP F 319 10.57 -5.39 42.80
CA ASP F 319 11.78 -4.58 42.64
C ASP F 319 12.91 -5.23 43.42
N THR F 320 13.97 -5.60 42.71
CA THR F 320 15.15 -6.21 43.32
C THR F 320 16.26 -5.19 43.58
N GLY F 321 15.99 -3.92 43.38
CA GLY F 321 17.00 -2.87 43.54
C GLY F 321 17.72 -2.50 42.25
N SER F 322 18.14 -3.51 41.48
CA SER F 322 18.82 -3.29 40.21
C SER F 322 17.93 -3.52 39.00
N GLN F 323 17.14 -4.58 39.00
CA GLN F 323 16.23 -4.90 37.90
C GLN F 323 14.83 -5.09 38.44
N THR F 324 13.85 -4.58 37.70
CA THR F 324 12.45 -4.60 38.10
C THR F 324 11.65 -5.50 37.16
N PHE F 325 10.69 -6.23 37.74
CA PHE F 325 9.79 -7.09 36.99
C PHE F 325 8.35 -6.64 37.22
N GLU F 326 7.60 -6.57 36.14
CA GLU F 326 6.19 -6.19 36.19
C GLU F 326 5.36 -7.28 35.55
N ARG F 327 4.45 -7.87 36.33
CA ARG F 327 3.70 -9.04 35.87
C ARG F 327 2.21 -8.82 36.08
N ARG F 328 1.42 -9.40 35.19
CA ARG F 328 -0.04 -9.38 35.27
C ARG F 328 -0.54 -10.80 35.44
N VAL F 329 -1.44 -11.00 36.40
CA VAL F 329 -1.98 -12.32 36.72
C VAL F 329 -3.49 -12.26 36.62
N ALA F 330 -4.09 -13.20 35.89
CA ALA F 330 -5.53 -13.23 35.73
C ALA F 330 -6.24 -13.57 37.03
N ALA F 331 -7.50 -13.16 37.13
CA ALA F 331 -8.27 -13.38 38.34
C ALA F 331 -9.76 -13.44 37.98
N LYS F 332 -10.56 -13.88 38.94
CA LYS F 332 -12.00 -14.05 38.77
C LYS F 332 -12.76 -12.90 39.43
N GLU F 333 -13.79 -12.43 38.74
CA GLU F 333 -14.66 -11.38 39.25
C GLU F 333 -16.01 -12.00 39.60
N GLN F 334 -16.53 -11.62 40.77
CA GLN F 334 -17.68 -12.30 41.35
C GLN F 334 -19.01 -11.89 40.73
N GLY F 335 -19.03 -10.83 39.91
CA GLY F 335 -20.27 -10.38 39.32
C GLY F 335 -20.88 -11.35 38.33
N ASN F 336 -20.12 -12.35 37.89
CA ASN F 336 -20.59 -13.34 36.93
C ASN F 336 -20.44 -14.73 37.51
N PRO F 337 -21.51 -15.52 37.65
CA PRO F 337 -21.35 -16.90 38.10
C PRO F 337 -20.80 -17.84 37.05
N GLU F 338 -20.70 -17.40 35.80
CA GLU F 338 -20.11 -18.19 34.73
C GLU F 338 -18.62 -17.98 34.57
N ASP F 339 -18.01 -17.14 35.41
CA ASP F 339 -16.58 -16.89 35.37
C ASP F 339 -15.87 -18.03 36.10
N LYS F 340 -15.24 -18.92 35.35
CA LYS F 340 -14.63 -20.13 35.89
C LYS F 340 -13.12 -19.99 36.08
N THR F 341 -12.63 -18.76 36.25
CA THR F 341 -11.22 -18.56 36.53
C THR F 341 -10.88 -19.11 37.92
N PRO F 342 -9.84 -19.93 38.03
CA PRO F 342 -9.52 -20.54 39.33
C PRO F 342 -9.12 -19.50 40.36
N GLU F 343 -9.35 -19.85 41.63
CA GLU F 343 -9.01 -19.01 42.76
C GLU F 343 -7.65 -19.41 43.30
N ILE F 344 -6.74 -18.45 43.41
CA ILE F 344 -5.39 -18.67 43.94
C ILE F 344 -5.05 -17.53 44.89
N THR F 345 -4.37 -17.86 45.98
CA THR F 345 -3.99 -16.87 46.96
C THR F 345 -2.89 -15.97 46.40
N ILE F 346 -2.55 -14.93 47.17
CA ILE F 346 -1.52 -14.00 46.74
C ILE F 346 -0.16 -14.67 46.70
N GLY F 347 0.13 -15.55 47.67
CA GLY F 347 1.40 -16.24 47.67
C GLY F 347 1.58 -17.15 46.47
N GLU F 348 0.55 -17.93 46.15
CA GLU F 348 0.62 -18.81 44.99
C GLU F 348 0.69 -18.00 43.70
N ALA F 349 -0.04 -16.89 43.62
CA ALA F 349 0.03 -16.03 42.44
C ALA F 349 1.43 -15.45 42.27
N ILE F 350 2.06 -15.03 43.36
CA ILE F 350 3.43 -14.51 43.29
C ILE F 350 4.38 -15.60 42.82
N LYS F 351 4.25 -16.81 43.39
CA LYS F 351 5.12 -17.91 43.02
C LYS F 351 4.97 -18.26 41.54
N LYS F 352 3.74 -18.27 41.05
CA LYS F 352 3.52 -18.55 39.63
C LYS F 352 4.07 -17.44 38.74
N ALA F 353 3.86 -16.18 39.14
CA ALA F 353 4.25 -15.07 38.29
C ALA F 353 5.76 -14.96 38.17
N PHE F 354 6.49 -15.15 39.28
CA PHE F 354 7.94 -14.97 39.26
C PHE F 354 8.70 -16.29 39.29
N SER F 355 8.02 -17.42 39.19
CA SER F 355 8.66 -18.74 39.14
C SER F 355 9.59 -18.96 40.33
N ALA F 356 9.14 -18.56 41.51
CA ALA F 356 9.94 -18.71 42.72
C ALA F 356 9.91 -20.16 43.21
N THR F 357 10.87 -20.49 44.05
CA THR F 357 11.00 -21.83 44.62
C THR F 357 10.63 -21.79 46.09
N LYS F 358 9.72 -22.68 46.49
CA LYS F 358 9.23 -22.73 47.86
C LYS F 358 10.10 -23.69 48.67
N ASN F 359 11.05 -23.13 49.40
CA ASN F 359 11.94 -23.91 50.28
C ASN F 359 11.16 -24.28 51.54
N GLY F 360 10.36 -25.33 51.41
CA GLY F 360 9.48 -25.73 52.49
C GLY F 360 8.14 -25.01 52.42
N GLU F 361 7.99 -23.95 53.19
CA GLU F 361 6.80 -23.10 53.13
C GLU F 361 7.15 -21.62 52.95
N LEU F 362 8.39 -21.32 52.57
CA LEU F 362 8.83 -19.95 52.36
C LEU F 362 9.26 -19.76 50.91
N LEU F 363 8.99 -18.59 50.37
CA LEU F 363 9.35 -18.29 49.00
C LEU F 363 10.79 -17.80 48.91
N TYR F 364 11.38 -17.95 47.72
CA TYR F 364 12.75 -17.54 47.49
C TYR F 364 12.92 -17.18 46.02
N PHE F 365 13.50 -16.01 45.75
CA PHE F 365 13.73 -15.52 44.40
C PHE F 365 15.21 -15.30 44.20
N ASN F 366 15.86 -16.21 43.47
CA ASN F 366 17.30 -16.15 43.24
C ASN F 366 18.08 -16.05 44.54
N GLY F 367 17.66 -16.84 45.52
CA GLY F 367 18.23 -16.81 46.85
C GLY F 367 17.67 -15.73 47.76
N ILE F 368 17.29 -14.59 47.19
CA ILE F 368 16.70 -13.51 48.00
C ILE F 368 15.32 -13.96 48.48
N PRO F 369 15.01 -13.84 49.77
CA PRO F 369 13.66 -14.18 50.24
C PRO F 369 12.67 -13.07 49.95
N ILE F 370 11.47 -13.46 49.56
CA ILE F 370 10.44 -12.49 49.18
C ILE F 370 9.18 -12.71 50.02
N ASP F 371 9.35 -13.32 51.18
CA ASP F 371 8.22 -13.47 52.10
C ASP F 371 7.84 -12.12 52.69
N GLU F 372 6.57 -12.03 53.14
CA GLU F 372 6.07 -10.76 53.65
C GLU F 372 6.83 -10.29 54.88
N SER F 373 7.46 -11.21 55.62
CA SER F 373 8.26 -10.84 56.77
C SER F 373 9.69 -10.43 56.39
N CYS F 374 10.11 -10.69 55.15
CA CYS F 374 11.45 -10.37 54.71
C CYS F 374 11.50 -9.22 53.72
N VAL F 375 10.35 -8.76 53.22
CA VAL F 375 10.28 -7.63 52.29
C VAL F 375 9.16 -6.71 52.73
N GLU F 376 9.06 -5.57 52.07
CA GLU F 376 8.03 -4.57 52.34
C GLU F 376 7.03 -4.57 51.19
N LEU F 377 5.76 -4.82 51.50
CA LEU F 377 4.70 -4.85 50.51
C LEU F 377 4.00 -3.49 50.49
N ILE F 378 3.83 -2.93 49.28
CA ILE F 378 3.16 -1.65 49.09
C ILE F 378 1.94 -1.89 48.22
N PHE F 379 0.78 -1.49 48.71
CA PHE F 379 -0.49 -1.69 48.04
C PHE F 379 -1.05 -0.35 47.57
N ASP F 380 -2.22 -0.41 46.95
CA ASP F 380 -3.04 0.74 46.64
C ASP F 380 -4.18 0.83 47.66
N ASP F 381 -4.90 1.95 47.64
CA ASP F 381 -5.96 2.16 48.62
C ASP F 381 -7.04 1.08 48.49
N ASN F 382 -7.47 0.80 47.27
CA ASN F 382 -8.50 -0.23 47.06
C ASN F 382 -7.98 -1.61 47.47
N THR F 383 -6.76 -1.94 47.06
CA THR F 383 -6.18 -3.22 47.45
C THR F 383 -6.00 -3.32 48.95
N SER F 384 -5.55 -2.22 49.58
CA SER F 384 -5.35 -2.23 51.02
C SER F 384 -6.67 -2.43 51.77
N GLU F 385 -7.73 -1.75 51.34
CA GLU F 385 -9.00 -1.91 52.05
C GLU F 385 -9.61 -3.28 51.79
N ILE F 386 -9.43 -3.85 50.58
CA ILE F 386 -9.89 -5.21 50.33
C ILE F 386 -9.16 -6.19 51.24
N ILE F 387 -7.84 -6.04 51.35
CA ILE F 387 -7.06 -6.91 52.22
C ILE F 387 -7.52 -6.76 53.66
N LYS F 388 -7.69 -5.53 54.13
CA LYS F 388 -8.08 -5.31 55.53
C LYS F 388 -9.45 -5.90 55.82
N GLU F 389 -10.40 -5.76 54.89
CA GLU F 389 -11.74 -6.28 55.14
C GLU F 389 -11.76 -7.81 55.13
N GLN F 390 -10.93 -8.44 54.29
CA GLN F 390 -11.01 -9.89 54.20
C GLN F 390 -9.91 -10.61 54.99
N LEU F 391 -9.09 -9.90 55.77
CA LEU F 391 -8.18 -10.59 56.68
C LEU F 391 -8.89 -11.15 57.91
N LYS F 392 -9.86 -10.40 58.44
CA LYS F 392 -10.48 -10.78 59.71
C LYS F 392 -11.21 -12.11 59.61
N TYR F 393 -11.69 -12.47 58.42
CA TYR F 393 -12.41 -13.73 58.24
C TYR F 393 -11.49 -14.94 58.22
N LEU F 394 -10.17 -14.73 58.16
CA LEU F 394 -9.20 -15.81 58.15
C LEU F 394 -8.48 -15.87 59.49
N ASP F 395 -8.35 -17.08 60.04
CA ASP F 395 -7.68 -17.25 61.32
C ASP F 395 -6.16 -17.15 61.20
N ASP F 396 -5.60 -17.55 60.06
CA ASP F 396 -4.15 -17.54 59.90
C ASP F 396 -3.61 -16.11 59.93
N LYS F 397 -4.31 -15.17 59.29
CA LYS F 397 -3.94 -13.75 59.27
C LYS F 397 -2.55 -13.54 58.67
N LYS F 398 -2.42 -13.89 57.40
CA LYS F 398 -1.22 -13.63 56.62
C LYS F 398 -1.60 -13.05 55.27
N ILE F 399 -0.85 -12.04 54.83
CA ILE F 399 -1.17 -11.36 53.58
C ILE F 399 -1.05 -12.31 52.40
N TYR F 400 0.00 -13.13 52.38
CA TYR F 400 0.19 -14.07 51.29
C TYR F 400 -0.86 -15.17 51.26
N ASN F 401 -1.67 -15.32 52.31
CA ASN F 401 -2.72 -16.34 52.36
C ASN F 401 -4.09 -15.69 52.14
N VAL F 402 -4.17 -14.77 51.17
CA VAL F 402 -5.40 -14.05 50.88
C VAL F 402 -5.74 -14.24 49.41
N LYS F 403 -7.02 -14.44 49.12
CA LYS F 403 -7.47 -14.65 47.75
C LYS F 403 -7.18 -13.42 46.89
N LEU F 404 -6.90 -13.66 45.62
CA LEU F 404 -6.52 -12.61 44.68
C LEU F 404 -7.70 -12.30 43.76
N GLU F 405 -8.05 -11.03 43.67
CA GLU F 405 -9.16 -10.57 42.85
C GLU F 405 -8.65 -9.65 41.75
N ARG F 406 -9.42 -9.55 40.67
CA ARG F 406 -9.00 -8.74 39.54
C ARG F 406 -9.08 -7.25 39.88
N GLY F 407 -8.19 -6.48 39.28
CA GLY F 407 -8.15 -5.05 39.48
C GLY F 407 -7.27 -4.57 40.61
N MET F 408 -6.73 -5.49 41.42
CA MET F 408 -5.86 -5.08 42.52
C MET F 408 -4.50 -4.63 41.99
N ASN F 409 -3.79 -3.88 42.83
CA ASN F 409 -2.43 -3.44 42.54
C ASN F 409 -1.54 -3.82 43.71
N ILE F 410 -0.45 -4.53 43.41
CA ILE F 410 0.50 -4.98 44.43
C ILE F 410 1.89 -4.55 44.01
N LEU F 411 2.76 -4.38 45.01
CA LEU F 411 4.14 -3.99 44.78
C LEU F 411 5.01 -4.58 45.87
N ILE F 412 6.19 -5.04 45.48
CA ILE F 412 7.16 -5.62 46.40
C ILE F 412 8.46 -4.83 46.29
N LYS F 413 9.02 -4.45 47.42
CA LYS F 413 10.29 -3.72 47.48
C LYS F 413 11.27 -4.56 48.28
N VAL F 414 12.17 -5.25 47.60
CA VAL F 414 13.15 -6.10 48.28
C VAL F 414 14.13 -5.21 49.04
N PRO F 415 14.36 -5.45 50.33
CA PRO F 415 15.31 -4.60 51.08
C PRO F 415 16.73 -4.74 50.52
N SER F 416 17.46 -3.62 50.56
CA SER F 416 18.85 -3.64 50.11
C SER F 416 19.72 -4.46 51.04
N TYR F 417 19.58 -4.24 52.36
CA TYR F 417 20.30 -5.00 53.37
C TYR F 417 19.29 -5.58 54.34
N PHE F 418 19.40 -6.88 54.61
CA PHE F 418 18.44 -7.56 55.48
C PHE F 418 19.10 -8.77 56.11
N THR F 419 18.82 -8.99 57.39
CA THR F 419 19.34 -10.15 58.12
C THR F 419 18.19 -10.81 58.86
N ASN F 420 18.19 -12.14 58.84
CA ASN F 420 17.19 -12.93 59.57
C ASN F 420 17.79 -13.74 60.70
N PHE F 421 19.09 -13.57 60.97
CA PHE F 421 19.83 -14.27 62.02
C PHE F 421 19.86 -15.77 61.84
N ASP F 422 19.37 -16.29 60.72
CA ASP F 422 19.29 -17.74 60.51
C ASP F 422 20.21 -18.20 59.39
N GLU F 423 20.02 -17.68 58.17
CA GLU F 423 20.91 -18.02 57.06
C GLU F 423 21.28 -16.84 56.18
N TYR F 424 20.59 -15.70 56.27
CA TYR F 424 20.79 -14.58 55.37
C TYR F 424 21.32 -13.39 56.13
N ASN F 425 22.45 -12.85 55.66
CA ASN F 425 23.01 -11.63 56.25
C ASN F 425 23.94 -11.03 55.19
N ASN F 426 23.56 -9.89 54.62
CA ASN F 426 24.36 -9.21 53.63
C ASN F 426 24.81 -7.83 54.11
N PHE F 427 24.85 -7.62 55.42
CA PHE F 427 25.28 -6.33 55.94
C PHE F 427 26.76 -6.11 55.63
N PRO F 428 27.15 -4.90 55.21
CA PRO F 428 28.58 -4.64 54.96
C PRO F 428 29.44 -4.80 56.19
N ALA F 429 28.93 -4.49 57.37
CA ALA F 429 29.66 -4.60 58.62
C ALA F 429 28.89 -5.48 59.59
N SER F 430 29.63 -6.20 60.43
CA SER F 430 29.03 -7.10 61.38
C SER F 430 28.35 -6.34 62.52
N TRP F 431 27.39 -6.99 63.16
CA TRP F 431 26.68 -6.43 64.29
C TRP F 431 27.53 -6.53 65.55
N SER F 432 26.94 -6.17 66.69
CA SER F 432 27.59 -6.25 67.98
C SER F 432 26.67 -6.93 68.98
N ASN F 433 27.25 -7.80 69.81
CA ASN F 433 26.51 -8.52 70.86
C ASN F 433 25.34 -9.30 70.27
N ILE F 434 25.69 -10.27 69.43
CA ILE F 434 24.70 -11.13 68.77
C ILE F 434 24.52 -12.40 69.59
N ASP F 435 23.30 -12.65 70.04
CA ASP F 435 22.97 -13.84 70.80
C ASP F 435 22.10 -14.73 69.91
N THR F 436 22.70 -15.82 69.41
CA THR F 436 22.03 -16.71 68.48
C THR F 436 21.44 -17.95 69.13
N LYS F 437 21.89 -18.30 70.34
CA LYS F 437 21.45 -19.53 70.99
C LYS F 437 20.03 -19.41 71.51
N ASN F 438 19.06 -19.70 70.66
CA ASN F 438 17.64 -19.66 71.03
C ASN F 438 16.85 -20.38 69.95
N GLN F 439 15.57 -20.60 70.24
CA GLN F 439 14.65 -21.18 69.26
C GLN F 439 13.30 -20.48 69.26
N ASP F 440 13.22 -19.26 69.78
CA ASP F 440 11.98 -18.50 69.84
C ASP F 440 11.80 -17.58 68.64
N GLY F 441 12.70 -17.61 67.66
CA GLY F 441 12.58 -16.74 66.51
C GLY F 441 11.48 -17.19 65.57
N LEU F 442 11.23 -16.34 64.56
CA LEU F 442 10.18 -16.62 63.59
C LEU F 442 10.49 -17.89 62.80
N GLN F 443 11.74 -18.06 62.37
CA GLN F 443 12.11 -19.23 61.59
C GLN F 443 13.05 -20.16 62.35
N SER F 444 14.22 -19.68 62.77
CA SER F 444 15.15 -20.51 63.53
C SER F 444 15.49 -19.94 64.89
N VAL F 445 15.98 -18.71 64.96
CA VAL F 445 16.47 -18.11 66.20
C VAL F 445 16.03 -16.65 66.25
N ALA F 446 16.26 -16.02 67.40
CA ALA F 446 16.01 -14.60 67.58
C ALA F 446 17.16 -13.99 68.37
N ASN F 447 17.38 -12.71 68.19
CA ASN F 447 18.44 -11.99 68.88
C ASN F 447 17.93 -11.53 70.24
N LYS F 448 18.56 -12.01 71.30
CA LYS F 448 18.16 -11.67 72.67
C LYS F 448 18.79 -10.34 73.04
N LEU F 449 18.08 -9.25 72.77
CA LEU F 449 18.57 -7.92 73.07
C LEU F 449 18.50 -7.66 74.57
N SER F 450 19.59 -7.96 75.28
CA SER F 450 19.71 -7.72 76.71
C SER F 450 20.90 -6.80 76.92
N GLY F 451 20.64 -5.49 76.87
CA GLY F 451 21.70 -4.51 76.99
C GLY F 451 21.79 -3.59 75.80
N GLU F 452 22.90 -3.67 75.05
CA GLU F 452 23.12 -2.78 73.92
C GLU F 452 23.69 -3.57 72.76
N THR F 453 23.15 -3.30 71.57
CA THR F 453 23.68 -3.82 70.31
C THR F 453 23.81 -2.66 69.33
N LYS F 454 24.96 -2.59 68.66
CA LYS F 454 25.29 -1.46 67.80
C LYS F 454 25.71 -1.95 66.43
N ILE F 455 25.35 -1.18 65.40
CA ILE F 455 25.72 -1.47 64.02
C ILE F 455 26.25 -0.20 63.39
N ILE F 456 27.30 -0.34 62.58
CA ILE F 456 27.92 0.79 61.89
C ILE F 456 27.81 0.53 60.39
N ILE F 457 27.20 1.47 59.67
CA ILE F 457 26.99 1.36 58.23
C ILE F 457 27.87 2.42 57.56
N PRO F 458 28.86 2.02 56.75
CA PRO F 458 29.64 3.02 56.01
C PRO F 458 28.77 3.83 55.07
N MET F 459 29.08 5.11 54.94
CA MET F 459 28.28 5.99 54.08
C MET F 459 28.42 5.60 52.61
N SER F 460 29.60 5.09 52.22
CA SER F 460 29.82 4.71 50.83
C SER F 460 28.97 3.50 50.43
N LYS F 461 28.44 2.76 51.40
CA LYS F 461 27.63 1.58 51.11
C LYS F 461 26.16 1.92 50.86
N LEU F 462 25.78 3.19 50.96
CA LEU F 462 24.40 3.61 50.73
C LEU F 462 24.37 4.76 49.75
N LYS F 463 23.40 4.73 48.84
CA LYS F 463 23.25 5.81 47.88
C LYS F 463 22.72 7.06 48.58
N PRO F 464 23.37 8.21 48.41
CA PRO F 464 22.97 9.41 49.14
C PRO F 464 21.71 10.04 48.55
N TYR F 465 21.19 11.02 49.28
CA TYR F 465 20.02 11.80 48.87
C TYR F 465 18.80 10.92 48.62
N LYS F 466 18.68 9.84 49.37
CA LYS F 466 17.57 8.90 49.21
C LYS F 466 16.96 8.60 50.58
N ARG F 467 15.64 8.62 50.67
CA ARG F 467 14.96 8.21 51.89
C ARG F 467 15.10 6.70 52.06
N TYR F 468 15.23 6.27 53.32
CA TYR F 468 15.42 4.87 53.65
C TYR F 468 14.46 4.47 54.76
N VAL F 469 14.14 3.18 54.81
CA VAL F 469 13.20 2.63 55.78
C VAL F 469 13.93 1.61 56.64
N PHE F 470 13.84 1.79 57.96
CA PHE F 470 14.39 0.85 58.93
C PHE F 470 13.24 0.12 59.59
N SER F 471 13.19 -1.21 59.41
CA SER F 471 12.05 -1.99 59.87
C SER F 471 12.52 -3.35 60.38
N GLY F 472 11.73 -3.93 61.26
CA GLY F 472 12.05 -5.22 61.84
C GLY F 472 10.88 -5.75 62.65
N TYR F 473 11.09 -6.89 63.28
CA TYR F 473 10.08 -7.55 64.11
C TYR F 473 10.64 -7.74 65.51
N SER F 474 9.79 -7.51 66.51
CA SER F 474 10.22 -7.63 67.90
C SER F 474 9.00 -7.93 68.78
N LYS F 475 9.28 -8.44 69.98
CA LYS F 475 8.24 -8.75 70.94
C LYS F 475 8.85 -8.80 72.33
N ASP F 476 7.98 -8.72 73.34
CA ASP F 476 8.38 -8.80 74.74
C ASP F 476 7.41 -9.71 75.47
N PRO F 477 7.81 -10.94 75.81
CA PRO F 477 6.93 -11.80 76.61
C PRO F 477 6.58 -11.21 77.97
N SER F 478 7.52 -10.50 78.59
CA SER F 478 7.26 -9.93 79.91
C SER F 478 6.39 -8.68 79.84
N THR F 479 6.39 -7.97 78.71
CA THR F 479 5.62 -6.73 78.53
C THR F 479 5.95 -5.72 79.62
N SER F 480 7.23 -5.64 79.98
CA SER F 480 7.68 -4.71 81.01
C SER F 480 9.00 -4.05 80.64
N ASN F 481 9.23 -3.84 79.35
CA ASN F 481 10.48 -3.27 78.86
C ASN F 481 10.17 -2.21 77.81
N SER F 482 11.11 -1.28 77.64
CA SER F 482 11.00 -0.21 76.66
C SER F 482 12.20 -0.24 75.74
N ILE F 483 11.96 0.12 74.48
CA ILE F 483 12.97 0.09 73.43
C ILE F 483 13.12 1.50 72.87
N THR F 484 14.35 2.01 72.86
CA THR F 484 14.69 3.28 72.22
C THR F 484 15.71 3.03 71.13
N VAL F 485 15.54 3.70 69.99
CA VAL F 485 16.42 3.53 68.84
C VAL F 485 16.95 4.89 68.43
N ASN F 486 18.26 4.97 68.22
CA ASN F 486 18.91 6.18 67.75
C ASN F 486 19.32 5.99 66.30
N ILE F 487 19.02 6.97 65.46
CA ILE F 487 19.36 6.93 64.04
C ILE F 487 20.30 8.09 63.74
N LYS F 488 21.42 7.79 63.08
CA LYS F 488 22.40 8.80 62.71
C LYS F 488 22.19 9.16 61.24
N SER F 489 21.70 10.38 61.00
CA SER F 489 21.40 10.84 59.66
C SER F 489 21.59 12.35 59.62
N LYS F 490 21.05 13.00 58.59
CA LYS F 490 21.08 14.46 58.54
C LYS F 490 20.32 15.08 59.70
N GLU F 491 19.36 14.36 60.26
CA GLU F 491 18.56 14.82 61.41
C GLU F 491 18.47 13.65 62.39
N GLN F 492 19.42 13.60 63.34
CA GLN F 492 19.43 12.53 64.33
C GLN F 492 18.22 12.64 65.25
N LYS F 493 17.56 11.51 65.50
CA LYS F 493 16.37 11.48 66.32
C LYS F 493 16.38 10.22 67.19
N THR F 494 15.93 10.38 68.43
CA THR F 494 15.77 9.28 69.37
C THR F 494 14.30 9.19 69.76
N ASP F 495 13.74 7.98 69.65
CA ASP F 495 12.33 7.77 69.90
C ASP F 495 12.13 6.45 70.65
N TYR F 496 11.02 6.36 71.36
CA TYR F 496 10.69 5.20 72.18
C TYR F 496 9.56 4.39 71.56
N LEU F 497 9.56 3.09 71.87
CA LEU F 497 8.50 2.19 71.46
C LEU F 497 8.32 1.13 72.53
N VAL F 498 7.11 0.60 72.64
CA VAL F 498 6.76 -0.41 73.63
C VAL F 498 6.51 -1.73 72.91
N PRO F 499 7.38 -2.72 73.10
CA PRO F 499 7.11 -4.06 72.54
C PRO F 499 5.85 -4.66 73.16
N GLU F 500 5.18 -5.49 72.37
CA GLU F 500 3.98 -6.18 72.81
C GLU F 500 4.30 -7.65 73.10
N LYS F 501 3.26 -8.39 73.51
CA LYS F 501 3.44 -9.80 73.85
C LYS F 501 3.86 -10.62 72.63
N ASP F 502 3.21 -10.37 71.49
CA ASP F 502 3.49 -11.11 70.27
C ASP F 502 4.38 -10.29 69.33
N TYR F 503 4.89 -10.96 68.31
CA TYR F 503 5.72 -10.29 67.31
C TYR F 503 4.92 -9.21 66.60
N THR F 504 5.43 -7.99 66.64
CA THR F 504 4.78 -6.85 66.00
C THR F 504 5.80 -6.10 65.16
N LYS F 505 5.44 -5.78 63.93
CA LYS F 505 6.34 -5.08 63.03
C LYS F 505 6.45 -3.61 63.40
N PHE F 506 7.67 -3.08 63.34
CA PHE F 506 7.93 -1.67 63.58
C PHE F 506 8.79 -1.12 62.44
N SER F 507 8.60 0.16 62.14
CA SER F 507 9.33 0.78 61.04
C SER F 507 9.57 2.25 61.36
N TYR F 508 10.68 2.78 60.83
CA TYR F 508 11.03 4.17 61.01
C TYR F 508 11.81 4.64 59.80
N GLU F 509 11.88 5.96 59.62
CA GLU F 509 12.50 6.58 58.45
C GLU F 509 13.75 7.33 58.85
N PHE F 510 14.67 7.45 57.88
CA PHE F 510 15.87 8.27 58.02
C PHE F 510 16.39 8.57 56.62
N GLU F 511 16.97 9.75 56.47
CA GLU F 511 17.42 10.26 55.18
C GLU F 511 18.94 10.26 55.10
N THR F 512 19.45 10.64 53.93
CA THR F 512 20.88 10.79 53.70
C THR F 512 21.12 12.10 52.95
N THR F 513 22.32 12.65 53.10
CA THR F 513 22.67 13.93 52.51
C THR F 513 24.11 13.85 51.98
N GLY F 514 24.25 13.62 50.68
CA GLY F 514 25.55 13.64 50.02
C GLY F 514 26.46 12.48 50.38
N LYS F 515 27.45 12.23 49.53
CA LYS F 515 28.42 11.17 49.80
C LYS F 515 29.50 11.61 50.79
N ASP F 516 29.62 12.91 51.05
CA ASP F 516 30.60 13.44 51.99
C ASP F 516 29.98 13.59 53.38
N SER F 517 29.50 12.46 53.91
CA SER F 517 28.85 12.41 55.21
C SER F 517 29.54 11.40 56.10
N SER F 518 29.17 11.41 57.38
CA SER F 518 29.77 10.51 58.35
C SER F 518 29.13 9.13 58.26
N ASP F 519 29.56 8.23 59.15
CA ASP F 519 29.02 6.88 59.17
C ASP F 519 27.62 6.87 59.76
N ILE F 520 26.91 5.76 59.56
CA ILE F 520 25.55 5.58 60.04
C ILE F 520 25.60 4.67 61.26
N GLU F 521 25.14 5.17 62.40
CA GLU F 521 25.17 4.44 63.66
C GLU F 521 23.74 4.26 64.17
N ILE F 522 23.39 3.03 64.50
CA ILE F 522 22.08 2.70 65.05
C ILE F 522 22.28 1.99 66.39
N THR F 523 21.56 2.44 67.41
CA THR F 523 21.67 1.89 68.75
C THR F 523 20.36 1.20 69.12
N LEU F 524 20.47 -0.04 69.59
CA LEU F 524 19.33 -0.84 70.04
C LEU F 524 19.47 -1.03 71.55
N THR F 525 18.87 -0.12 72.31
CA THR F 525 18.94 -0.17 73.77
C THR F 525 17.68 -0.81 74.31
N SER F 526 17.85 -1.76 75.23
CA SER F 526 16.74 -2.49 75.82
C SER F 526 16.78 -2.34 77.34
N SER F 527 15.62 -2.12 77.95
CA SER F 527 15.53 -2.10 79.39
C SER F 527 15.85 -3.46 79.99
N GLY F 528 15.38 -4.53 79.36
CA GLY F 528 15.65 -5.88 79.81
C GLY F 528 15.85 -6.85 78.67
N VAL F 529 15.18 -7.99 78.73
CA VAL F 529 15.29 -9.01 77.68
C VAL F 529 14.31 -8.67 76.57
N ILE F 530 14.83 -8.51 75.35
CA ILE F 530 14.02 -8.16 74.18
C ILE F 530 14.47 -9.02 73.01
N PHE F 531 13.50 -9.48 72.23
CA PHE F 531 13.74 -10.38 71.10
C PHE F 531 13.65 -9.61 69.79
N LEU F 532 14.62 -9.84 68.91
CA LEU F 532 14.65 -9.20 67.59
C LEU F 532 14.81 -10.27 66.52
N ASP F 533 14.26 -9.98 65.34
CA ASP F 533 14.35 -10.88 64.19
C ASP F 533 13.90 -10.13 62.94
N ASN F 534 14.46 -10.53 61.80
CA ASN F 534 14.06 -10.02 60.49
C ASN F 534 14.21 -8.50 60.40
N LEU F 535 15.45 -8.04 60.53
CA LEU F 535 15.76 -6.62 60.42
C LEU F 535 16.22 -6.30 59.00
N SER F 536 15.62 -5.28 58.40
CA SER F 536 15.87 -4.98 57.00
C SER F 536 15.92 -3.48 56.78
N ILE F 537 16.58 -3.09 55.69
CA ILE F 537 16.68 -1.70 55.24
C ILE F 537 16.28 -1.64 53.78
N THR F 538 15.35 -0.74 53.45
CA THR F 538 14.86 -0.59 52.09
C THR F 538 15.09 0.84 51.62
N GLU F 539 15.14 1.02 50.31
CA GLU F 539 15.43 2.31 49.69
C GLU F 539 14.14 2.92 49.16
N LEU F 540 13.78 4.09 49.69
CA LEU F 540 12.62 4.83 49.23
C LEU F 540 13.03 5.84 48.17
N ASN F 541 12.14 6.79 47.88
CA ASN F 541 12.36 7.80 46.85
C ASN F 541 13.61 8.62 47.13
N SER F 542 14.01 9.39 46.12
CA SER F 542 15.17 10.27 46.23
C SER F 542 14.75 11.61 46.83
N THR F 543 15.51 12.06 47.83
CA THR F 543 15.20 13.32 48.49
C THR F 543 15.43 14.49 47.53
N PRO F 544 14.71 15.60 47.71
CA PRO F 544 14.96 16.78 46.88
C PRO F 544 16.39 17.28 47.04
N GLU F 545 16.97 17.74 45.93
CA GLU F 545 18.36 18.15 45.88
C GLU F 545 18.45 19.63 45.58
N ILE F 546 19.28 20.34 46.34
CA ILE F 546 19.48 21.77 46.14
C ILE F 546 20.75 22.02 45.33
N GLU G 16 9.73 -46.19 15.37
CA GLU G 16 9.94 -46.80 14.06
C GLU G 16 9.12 -46.10 12.98
N ASP G 17 7.90 -45.70 13.33
CA ASP G 17 7.06 -44.93 12.43
C ASP G 17 6.33 -43.77 13.09
N LEU G 18 6.35 -43.66 14.41
CA LEU G 18 5.69 -42.54 15.08
C LEU G 18 6.44 -41.24 14.80
N ASP G 19 5.67 -40.18 14.53
CA ASP G 19 6.24 -38.86 14.22
C ASP G 19 5.46 -37.82 15.03
N THR G 20 5.92 -37.57 16.25
CA THR G 20 5.21 -36.65 17.14
C THR G 20 5.33 -35.22 16.65
N ASP G 21 6.55 -34.77 16.35
CA ASP G 21 6.76 -33.39 15.91
C ASP G 21 6.29 -33.15 14.48
N ASN G 22 5.98 -34.20 13.73
CA ASN G 22 5.46 -34.09 12.36
C ASN G 22 6.45 -33.34 11.47
N ASP G 23 7.64 -33.94 11.29
CA ASP G 23 8.65 -33.38 10.39
C ASP G 23 9.30 -34.47 9.54
N ASN G 24 8.59 -35.57 9.32
CA ASN G 24 9.06 -36.66 8.45
C ASN G 24 10.32 -37.33 9.00
N ILE G 25 10.45 -37.39 10.33
CA ILE G 25 11.56 -38.11 10.95
C ILE G 25 11.02 -38.91 12.13
N PRO G 26 11.22 -40.24 12.16
CA PRO G 26 10.70 -41.03 13.28
C PRO G 26 11.35 -40.66 14.60
N ASP G 27 10.60 -40.87 15.68
CA ASP G 27 11.08 -40.49 17.01
C ASP G 27 12.30 -41.28 17.44
N ALA G 28 12.29 -42.59 17.17
CA ALA G 28 13.40 -43.44 17.61
C ALA G 28 14.70 -43.07 16.90
N TYR G 29 14.64 -42.91 15.57
CA TYR G 29 15.83 -42.55 14.81
C TYR G 29 16.38 -41.20 15.24
N GLU G 30 15.50 -40.28 15.62
CA GLU G 30 15.93 -38.94 15.99
C GLU G 30 16.42 -38.87 17.43
N LYS G 31 15.93 -39.76 18.30
CA LYS G 31 16.44 -39.88 19.66
C LYS G 31 17.82 -40.54 19.68
N ASN G 32 17.98 -41.63 18.92
CA ASN G 32 19.26 -42.34 18.93
C ASN G 32 20.27 -41.68 18.00
N GLY G 33 19.95 -41.61 16.71
CA GLY G 33 20.84 -41.03 15.73
C GLY G 33 20.47 -41.47 14.32
N TYR G 34 20.52 -40.54 13.36
CA TYR G 34 20.04 -40.83 12.02
C TYR G 34 20.90 -40.10 11.00
N THR G 35 20.89 -40.64 9.78
CA THR G 35 21.51 -40.01 8.63
C THR G 35 20.56 -40.11 7.45
N ILE G 36 20.72 -39.21 6.49
CA ILE G 36 19.80 -39.10 5.36
C ILE G 36 20.45 -39.74 4.14
N LYS G 37 19.77 -40.72 3.56
CA LYS G 37 20.18 -41.37 2.31
C LYS G 37 18.99 -41.41 1.38
N ASP G 38 19.19 -40.94 0.15
CA ASP G 38 18.11 -40.83 -0.85
C ASP G 38 16.94 -40.00 -0.34
N SER G 39 17.26 -38.95 0.42
CA SER G 39 16.26 -38.06 1.02
C SER G 39 15.29 -38.80 1.94
N ILE G 40 15.73 -39.96 2.47
CA ILE G 40 14.95 -40.76 3.39
C ILE G 40 15.81 -41.03 4.62
N ALA G 41 15.29 -40.68 5.79
CA ALA G 41 16.03 -40.91 7.03
C ALA G 41 16.20 -42.40 7.28
N VAL G 42 17.41 -42.80 7.66
CA VAL G 42 17.73 -44.18 7.99
C VAL G 42 18.46 -44.22 9.32
N LYS G 43 18.44 -45.39 9.94
CA LYS G 43 19.11 -45.56 11.23
C LYS G 43 20.61 -45.46 11.08
N TRP G 44 21.26 -44.71 11.97
CA TRP G 44 22.69 -44.50 11.90
C TRP G 44 23.44 -45.78 12.25
N ASN G 45 24.56 -45.99 11.57
CA ASN G 45 25.39 -47.17 11.79
C ASN G 45 26.84 -46.73 11.92
N ASP G 46 27.63 -47.53 12.65
CA ASP G 46 29.04 -47.20 12.82
C ASP G 46 29.81 -47.30 11.52
N SER G 47 29.41 -48.21 10.63
CA SER G 47 30.10 -48.40 9.36
C SER G 47 29.88 -47.25 8.39
N PHE G 48 28.97 -46.32 8.69
CA PHE G 48 28.72 -45.18 7.82
C PHE G 48 29.75 -44.07 7.97
N ALA G 49 30.63 -44.16 8.97
CA ALA G 49 31.59 -43.08 9.21
C ALA G 49 32.57 -42.94 8.06
N GLU G 50 33.09 -44.07 7.56
CA GLU G 50 34.09 -44.00 6.49
C GLU G 50 33.48 -43.63 5.15
N GLN G 51 32.19 -43.90 4.96
CA GLN G 51 31.54 -43.54 3.71
C GLN G 51 31.42 -42.04 3.53
N GLY G 52 31.50 -41.27 4.61
CA GLY G 52 31.41 -39.82 4.55
C GLY G 52 30.15 -39.25 5.19
N TYR G 53 29.19 -40.08 5.57
CA TYR G 53 27.98 -39.60 6.20
C TYR G 53 28.26 -39.11 7.61
N LYS G 54 27.24 -38.52 8.25
CA LYS G 54 27.36 -37.98 9.59
C LYS G 54 26.15 -38.39 10.41
N LYS G 55 26.34 -38.39 11.73
CA LYS G 55 25.32 -38.84 12.67
C LYS G 55 24.61 -37.60 13.25
N TYR G 56 23.39 -37.36 12.78
CA TYR G 56 22.59 -36.24 13.27
C TYR G 56 21.64 -36.72 14.36
N VAL G 57 21.57 -35.97 15.45
CA VAL G 57 20.65 -36.24 16.56
C VAL G 57 20.02 -34.93 16.98
N SER G 58 18.71 -34.94 17.22
CA SER G 58 17.99 -33.72 17.55
C SER G 58 16.79 -34.08 18.44
N SER G 59 16.03 -33.05 18.82
CA SER G 59 14.91 -33.23 19.72
C SER G 59 13.67 -33.71 18.96
N TYR G 60 12.98 -34.69 19.54
CA TYR G 60 11.85 -35.34 18.87
C TYR G 60 10.51 -34.72 19.21
N LEU G 61 10.51 -33.57 19.89
CA LEU G 61 9.27 -32.87 20.23
C LEU G 61 9.12 -31.53 19.53
N GLU G 62 10.12 -31.08 18.77
CA GLU G 62 10.05 -29.82 18.05
C GLU G 62 10.62 -30.02 16.66
N SER G 63 10.02 -29.32 15.69
CA SER G 63 10.49 -29.37 14.31
C SER G 63 11.75 -28.54 14.10
N ASN G 64 11.85 -27.39 14.75
CA ASN G 64 13.02 -26.53 14.67
C ASN G 64 13.77 -26.63 16.01
N THR G 65 14.66 -27.61 16.10
CA THR G 65 15.44 -27.79 17.32
C THR G 65 16.34 -26.60 17.58
N ALA G 66 16.98 -26.09 16.53
CA ALA G 66 17.88 -24.95 16.69
C ALA G 66 17.14 -23.64 16.86
N GLY G 67 15.94 -23.52 16.29
CA GLY G 67 15.20 -22.28 16.29
C GLY G 67 15.22 -21.54 14.97
N ASP G 68 16.04 -21.97 14.02
CA ASP G 68 16.14 -21.31 12.73
C ASP G 68 14.90 -21.63 11.88
N PRO G 69 14.64 -20.82 10.83
CA PRO G 69 13.44 -21.01 10.02
C PRO G 69 13.29 -22.40 9.42
N TYR G 70 14.40 -23.05 9.09
CA TYR G 70 14.39 -24.34 8.42
C TYR G 70 14.31 -25.46 9.44
N THR G 71 13.47 -26.45 9.17
CA THR G 71 13.21 -27.52 10.11
C THR G 71 14.40 -28.48 10.18
N ASP G 72 14.26 -29.51 11.01
CA ASP G 72 15.32 -30.51 11.14
C ASP G 72 15.50 -31.29 9.85
N TYR G 73 14.39 -31.69 9.22
CA TYR G 73 14.50 -32.44 7.97
C TYR G 73 15.08 -31.59 6.85
N GLN G 74 14.66 -30.32 6.78
CA GLN G 74 15.15 -29.44 5.71
C GLN G 74 16.65 -29.20 5.84
N LYS G 75 17.20 -29.31 7.04
CA LYS G 75 18.64 -29.11 7.22
C LYS G 75 19.41 -30.41 7.04
N ALA G 76 18.94 -31.50 7.65
CA ALA G 76 19.64 -32.77 7.54
C ALA G 76 19.64 -33.28 6.11
N SER G 77 18.51 -33.18 5.42
CA SER G 77 18.43 -33.64 4.04
C SER G 77 19.11 -32.68 3.06
N GLY G 78 19.33 -31.44 3.46
CA GLY G 78 19.96 -30.47 2.58
C GLY G 78 19.01 -29.77 1.63
N SER G 79 17.72 -29.74 1.93
CA SER G 79 16.73 -29.10 1.06
C SER G 79 16.52 -27.64 1.45
N ILE G 80 17.62 -26.88 1.55
CA ILE G 80 17.59 -25.46 1.86
C ILE G 80 18.44 -24.73 0.83
N ASP G 81 18.58 -23.42 1.03
CA ASP G 81 19.42 -22.63 0.14
C ASP G 81 20.84 -23.17 0.12
N LYS G 82 21.44 -23.23 -1.06
CA LYS G 82 22.78 -23.78 -1.20
C LYS G 82 23.87 -22.82 -0.73
N ALA G 83 23.53 -21.57 -0.44
CA ALA G 83 24.50 -20.63 0.10
C ALA G 83 24.71 -20.79 1.59
N ILE G 84 23.92 -21.63 2.25
CA ILE G 84 24.05 -21.88 3.69
C ILE G 84 25.11 -22.95 3.88
N LYS G 85 26.09 -22.67 4.75
CA LYS G 85 27.26 -23.51 4.92
C LYS G 85 26.91 -24.95 5.26
N LEU G 86 27.83 -25.88 4.96
CA LEU G 86 27.60 -27.29 5.26
C LEU G 86 27.57 -27.57 6.76
N GLU G 87 28.12 -26.68 7.58
CA GLU G 87 28.09 -26.86 9.03
C GLU G 87 26.72 -26.54 9.62
N ALA G 88 25.87 -25.82 8.88
CA ALA G 88 24.52 -25.52 9.36
C ALA G 88 23.52 -26.62 9.04
N ARG G 89 23.91 -27.61 8.23
CA ARG G 89 23.03 -28.75 7.98
C ARG G 89 22.82 -29.59 9.22
N ASP G 90 23.70 -29.47 10.21
CA ASP G 90 23.48 -30.10 11.50
C ASP G 90 22.25 -29.48 12.15
N PRO G 91 21.26 -30.26 12.58
CA PRO G 91 20.06 -29.67 13.18
C PRO G 91 20.33 -28.84 14.42
N LEU G 92 21.45 -29.05 15.10
CA LEU G 92 21.76 -28.33 16.33
C LEU G 92 22.48 -27.02 16.09
N VAL G 93 22.86 -26.71 14.85
CA VAL G 93 23.51 -25.46 14.51
C VAL G 93 22.52 -24.60 13.72
N ALA G 94 22.19 -23.43 14.25
CA ALA G 94 21.16 -22.59 13.65
C ALA G 94 21.76 -21.74 12.54
N ALA G 95 21.07 -21.68 11.41
CA ALA G 95 21.43 -20.78 10.32
C ALA G 95 21.12 -19.35 10.75
N TYR G 96 22.16 -18.58 11.05
CA TYR G 96 22.00 -17.27 11.66
C TYR G 96 23.05 -16.33 11.12
N PRO G 97 22.66 -15.34 10.30
CA PRO G 97 23.63 -14.38 9.77
C PRO G 97 24.05 -13.39 10.85
N VAL G 98 25.36 -13.14 10.94
CA VAL G 98 25.91 -12.15 11.86
C VAL G 98 26.53 -11.05 11.01
N VAL G 99 25.77 -9.98 10.77
CA VAL G 99 26.15 -8.94 9.82
C VAL G 99 26.59 -7.71 10.59
N GLY G 100 27.75 -7.17 10.23
CA GLY G 100 28.24 -5.93 10.80
C GLY G 100 28.72 -4.99 9.70
N VAL G 101 29.03 -3.76 10.13
CA VAL G 101 29.46 -2.70 9.21
C VAL G 101 30.82 -2.19 9.69
N GLY G 102 31.76 -2.08 8.75
CA GLY G 102 33.08 -1.54 9.03
C GLY G 102 33.27 -0.15 8.46
N MET G 103 34.50 0.33 8.60
CA MET G 103 34.89 1.64 8.10
C MET G 103 36.26 1.55 7.47
N GLU G 104 36.41 2.10 6.27
CA GLU G 104 37.68 2.08 5.56
C GLU G 104 38.27 3.48 5.38
N ASN G 105 37.49 4.42 4.86
CA ASN G 105 37.94 5.79 4.67
C ASN G 105 36.91 6.74 5.29
N LEU G 106 37.42 7.77 5.96
CA LEU G 106 36.57 8.76 6.61
C LEU G 106 36.97 10.15 6.16
N ILE G 107 35.98 11.04 6.06
CA ILE G 107 36.18 12.41 5.62
C ILE G 107 35.65 13.34 6.71
N ILE G 108 36.45 14.31 7.10
CA ILE G 108 36.05 15.27 8.12
C ILE G 108 35.10 16.31 7.52
N SER G 123 40.31 11.45 6.22
CA SER G 123 41.03 11.78 5.00
C SER G 123 42.23 10.86 4.81
N ARG G 124 42.34 9.84 5.66
CA ARG G 124 43.46 8.91 5.63
C ARG G 124 42.94 7.49 5.77
N ALA G 125 43.74 6.54 5.30
CA ALA G 125 43.33 5.13 5.30
C ALA G 125 43.23 4.60 6.72
N THR G 126 42.33 3.64 6.92
CA THR G 126 42.09 3.05 8.23
C THR G 126 41.99 1.54 8.09
N THR G 127 42.45 0.84 9.12
CA THR G 127 42.35 -0.61 9.21
C THR G 127 41.40 -0.98 10.33
N ASN G 128 40.79 -2.16 10.21
CA ASN G 128 39.77 -2.59 11.16
C ASN G 128 40.15 -3.94 11.75
N SER G 129 39.61 -4.20 12.94
CA SER G 129 39.74 -5.49 13.60
C SER G 129 38.47 -5.75 14.39
N LYS G 130 38.08 -7.02 14.45
CA LYS G 130 36.81 -7.40 15.07
C LYS G 130 36.97 -7.71 16.56
N THR G 131 37.85 -8.65 16.89
CA THR G 131 38.04 -9.09 18.27
C THR G 131 39.02 -8.14 18.98
N ASP G 132 38.49 -6.97 19.33
CA ASP G 132 39.24 -5.97 20.10
C ASP G 132 38.63 -5.70 21.46
N ALA G 133 37.32 -5.45 21.52
CA ALA G 133 36.65 -5.16 22.78
C ALA G 133 36.55 -6.38 23.69
N ASN G 134 36.79 -7.58 23.16
CA ASN G 134 36.69 -8.80 23.96
C ASN G 134 37.96 -9.10 24.76
N THR G 135 39.02 -8.30 24.59
CA THR G 135 40.25 -8.54 25.31
C THR G 135 40.83 -7.27 25.95
N VAL G 136 40.12 -6.14 25.89
CA VAL G 136 40.63 -4.92 26.52
C VAL G 136 40.64 -5.06 28.04
N GLY G 137 39.65 -5.75 28.60
CA GLY G 137 39.53 -5.89 30.04
C GLY G 137 39.98 -7.23 30.56
N VAL G 138 41.07 -7.76 30.04
CA VAL G 138 41.60 -9.06 30.44
C VAL G 138 42.91 -8.84 31.19
N SER G 139 43.01 -9.41 32.39
CA SER G 139 44.22 -9.36 33.19
C SER G 139 45.03 -10.63 32.98
N ILE G 140 46.35 -10.48 32.99
CA ILE G 140 47.28 -11.57 32.74
C ILE G 140 47.93 -11.97 34.06
N SER G 141 47.84 -13.27 34.38
CA SER G 141 48.41 -13.81 35.59
C SER G 141 49.62 -14.68 35.27
N ALA G 142 50.57 -14.73 36.20
CA ALA G 142 51.77 -15.53 35.99
C ALA G 142 51.44 -17.02 35.91
N GLY G 143 50.53 -17.49 36.77
CA GLY G 143 50.16 -18.89 36.81
C GLY G 143 48.65 -19.06 36.79
N TYR G 144 48.23 -20.30 36.59
CA TYR G 144 46.83 -20.68 36.52
C TYR G 144 46.47 -21.53 37.74
N GLN G 145 45.19 -21.90 37.82
CA GLN G 145 44.65 -22.67 38.93
C GLN G 145 44.43 -24.12 38.49
N ASN G 146 43.88 -24.92 39.41
CA ASN G 146 43.65 -26.33 39.14
C ASN G 146 42.50 -26.51 38.16
N GLY G 147 42.71 -27.35 37.16
CA GLY G 147 41.67 -27.67 36.20
C GLY G 147 41.38 -26.55 35.21
N PHE G 148 41.01 -25.38 35.72
CA PHE G 148 40.70 -24.25 34.86
C PHE G 148 41.92 -23.82 34.07
N THR G 149 41.73 -23.61 32.76
CA THR G 149 42.81 -23.24 31.87
C THR G 149 42.50 -22.06 30.97
N GLY G 150 41.26 -21.58 30.92
CA GLY G 150 40.91 -20.46 30.08
C GLY G 150 41.21 -19.12 30.73
N ASN G 151 40.31 -18.16 30.60
CA ASN G 151 40.47 -16.84 31.19
C ASN G 151 39.10 -16.27 31.48
N ILE G 152 39.09 -15.09 32.10
CA ILE G 152 37.85 -14.40 32.48
C ILE G 152 37.91 -12.98 31.94
N THR G 153 36.84 -12.55 31.29
CA THR G 153 36.75 -11.22 30.71
C THR G 153 35.49 -10.53 31.21
N THR G 154 35.63 -9.24 31.54
CA THR G 154 34.51 -8.44 32.03
C THR G 154 33.80 -7.69 30.92
N SER G 155 34.22 -7.85 29.66
CA SER G 155 33.59 -7.19 28.53
C SER G 155 33.50 -8.17 27.38
N TYR G 156 32.30 -8.70 27.13
CA TYR G 156 32.06 -9.66 26.06
C TYR G 156 31.26 -8.97 24.96
N SER G 157 31.82 -8.96 23.74
CA SER G 157 31.15 -8.36 22.60
C SER G 157 31.27 -9.29 21.40
N HIS G 158 30.22 -9.35 20.60
CA HIS G 158 30.21 -10.22 19.44
C HIS G 158 30.93 -9.56 18.27
N THR G 159 30.93 -10.25 17.12
CA THR G 159 31.56 -9.70 15.92
C THR G 159 30.77 -8.55 15.31
N THR G 160 29.56 -8.29 15.79
CA THR G 160 28.76 -7.19 15.28
C THR G 160 29.45 -5.85 15.50
N ASP G 161 30.03 -5.67 16.68
CA ASP G 161 30.73 -4.43 17.01
C ASP G 161 32.13 -4.45 16.39
N ASN G 162 32.43 -3.49 15.54
CA ASN G 162 33.71 -3.39 14.86
C ASN G 162 34.40 -2.10 15.28
N SER G 163 35.69 -2.20 15.63
CA SER G 163 36.48 -1.07 16.06
C SER G 163 37.57 -0.79 15.02
N THR G 164 37.64 0.47 14.57
CA THR G 164 38.62 0.86 13.58
C THR G 164 39.99 1.07 14.22
N ALA G 165 41.01 1.22 13.37
CA ALA G 165 42.38 1.43 13.84
C ALA G 165 43.10 2.24 12.77
N VAL G 166 43.25 3.54 13.02
CA VAL G 166 43.93 4.42 12.07
C VAL G 166 45.43 4.22 12.18
N GLN G 167 46.09 3.94 11.05
CA GLN G 167 47.53 3.72 11.04
C GLN G 167 48.30 4.74 10.22
N ASP G 168 47.63 5.62 9.49
CA ASP G 168 48.32 6.61 8.67
C ASP G 168 48.91 7.75 9.49
N SER G 169 48.45 7.96 10.72
CA SER G 169 49.00 9.02 11.55
C SER G 169 50.43 8.69 11.97
N ASN G 170 51.29 9.71 11.95
CA ASN G 170 52.69 9.58 12.34
C ASN G 170 52.96 10.30 13.67
N GLY G 171 52.01 10.23 14.59
CA GLY G 171 52.13 10.90 15.87
C GLY G 171 51.66 12.33 15.90
N GLU G 172 51.18 12.86 14.79
CA GLU G 172 50.69 14.24 14.73
C GLU G 172 49.21 14.30 15.11
N SER G 173 48.74 15.51 15.37
CA SER G 173 47.36 15.74 15.74
C SER G 173 46.52 16.07 14.50
N TRP G 174 45.20 16.00 14.67
CA TRP G 174 44.28 16.32 13.58
C TRP G 174 44.26 17.82 13.28
N ASN G 175 44.85 18.64 14.14
CA ASN G 175 44.89 20.08 13.89
C ASN G 175 45.71 20.42 12.65
N THR G 176 46.66 19.55 12.29
CA THR G 176 47.50 19.78 11.12
C THR G 176 46.66 19.79 9.85
N GLY G 177 46.54 20.94 9.21
CA GLY G 177 45.74 21.10 8.00
C GLY G 177 44.32 21.55 8.25
N LEU G 178 43.71 21.08 9.35
CA LEU G 178 42.35 21.47 9.69
C LEU G 178 42.32 22.66 10.63
N SER G 179 42.95 22.52 11.81
CA SER G 179 43.04 23.58 12.81
C SER G 179 41.66 24.12 13.17
N ILE G 180 40.75 23.20 13.46
CA ILE G 180 39.39 23.57 13.84
C ILE G 180 39.37 23.98 15.31
N ASN G 181 38.88 25.18 15.58
CA ASN G 181 38.82 25.69 16.95
C ASN G 181 37.43 26.23 17.27
N ASN G 189 30.79 12.67 5.69
CA ASN G 189 30.90 11.59 4.72
C ASN G 189 31.87 10.52 5.22
N ALA G 190 31.60 9.27 4.84
CA ALA G 190 32.43 8.15 5.27
C ALA G 190 32.31 7.03 4.26
N ASN G 191 33.24 6.08 4.33
CA ASN G 191 33.26 4.91 3.48
C ASN G 191 33.13 3.66 4.33
N VAL G 192 32.17 2.81 4.00
CA VAL G 192 31.88 1.60 4.75
C VAL G 192 31.85 0.41 3.80
N ARG G 193 31.81 -0.78 4.38
CA ARG G 193 31.70 -2.01 3.61
C ARG G 193 31.16 -3.09 4.54
N TYR G 194 29.94 -3.56 4.27
CA TYR G 194 29.31 -4.55 5.14
C TYR G 194 30.09 -5.87 5.10
N TYR G 195 30.05 -6.59 6.21
CA TYR G 195 30.72 -7.89 6.31
C TYR G 195 29.85 -8.85 7.07
N ASN G 196 29.79 -10.10 6.60
CA ASN G 196 29.00 -11.15 7.21
C ASN G 196 29.92 -12.27 7.66
N THR G 197 29.77 -12.72 8.91
CA THR G 197 30.57 -13.80 9.46
C THR G 197 29.71 -14.93 10.02
N GLY G 198 28.41 -14.94 9.72
CA GLY G 198 27.54 -15.97 10.25
C GLY G 198 27.59 -17.25 9.45
N THR G 199 26.42 -17.86 9.21
CA THR G 199 26.36 -19.10 8.45
C THR G 199 25.18 -19.15 7.49
N ALA G 200 24.65 -18.00 7.08
CA ALA G 200 23.51 -17.96 6.18
C ALA G 200 23.60 -16.69 5.35
N PRO G 201 23.03 -16.69 4.14
CA PRO G 201 23.02 -15.47 3.34
C PRO G 201 21.90 -14.53 3.76
N MET G 202 22.14 -13.23 3.71
CA MET G 202 21.20 -12.23 4.22
C MET G 202 20.88 -11.27 3.09
N TYR G 203 19.73 -11.45 2.45
CA TYR G 203 19.29 -10.57 1.39
C TYR G 203 18.73 -9.26 1.95
N LYS G 204 18.87 -8.19 1.16
CA LYS G 204 18.32 -6.88 1.49
C LYS G 204 18.86 -6.37 2.84
N VAL G 205 20.17 -6.17 2.88
CA VAL G 205 20.83 -5.71 4.08
C VAL G 205 20.56 -4.23 4.27
N THR G 206 19.94 -3.87 5.39
CA THR G 206 19.62 -2.47 5.72
C THR G 206 20.12 -2.21 7.14
N PRO G 207 21.41 -1.93 7.29
CA PRO G 207 21.98 -1.77 8.63
C PRO G 207 21.75 -0.37 9.20
N THR G 208 21.80 -0.30 10.52
CA THR G 208 21.64 0.95 11.26
C THR G 208 22.87 1.15 12.14
N THR G 209 23.52 2.30 12.00
CA THR G 209 24.78 2.58 12.67
C THR G 209 24.65 3.80 13.58
N ASN G 210 25.66 3.99 14.43
CA ASN G 210 25.78 5.15 15.29
C ASN G 210 27.20 5.70 15.25
N LEU G 211 27.32 7.02 15.38
CA LEU G 211 28.63 7.67 15.52
C LEU G 211 28.90 7.79 17.02
N VAL G 212 29.61 6.80 17.55
CA VAL G 212 29.82 6.73 19.00
C VAL G 212 30.66 7.91 19.49
N LEU G 213 31.63 8.34 18.69
CA LEU G 213 32.52 9.45 19.03
C LEU G 213 33.21 9.24 20.38
N ASP G 214 33.43 7.97 20.74
CA ASP G 214 34.08 7.60 21.99
C ASP G 214 33.29 8.08 23.20
N GLY G 215 32.02 7.70 23.24
CA GLY G 215 31.17 7.90 24.39
C GLY G 215 30.01 8.85 24.21
N GLU G 216 29.87 9.54 23.08
CA GLU G 216 28.78 10.48 22.87
C GLU G 216 28.23 10.32 21.46
N THR G 217 27.02 9.78 21.36
CA THR G 217 26.40 9.56 20.06
C THR G 217 26.09 10.89 19.36
N LEU G 218 26.14 10.86 18.03
CA LEU G 218 25.85 12.02 17.21
C LEU G 218 24.59 11.87 16.37
N ALA G 219 24.52 10.81 15.57
CA ALA G 219 23.37 10.60 14.70
C ALA G 219 23.23 9.12 14.41
N THR G 220 21.99 8.64 14.34
CA THR G 220 21.69 7.23 14.07
C THR G 220 21.47 7.08 12.56
N ILE G 221 22.57 6.94 11.83
CA ILE G 221 22.50 6.83 10.38
C ILE G 221 21.88 5.50 9.99
N LYS G 222 20.95 5.53 9.03
CA LYS G 222 20.32 4.34 8.49
C LYS G 222 20.49 4.31 6.98
N ALA G 223 20.82 3.13 6.45
CA ALA G 223 20.93 2.95 5.01
C ALA G 223 19.57 3.09 4.36
N GLN G 224 19.35 4.16 3.59
CA GLN G 224 18.00 4.48 3.14
C GLN G 224 17.62 3.67 1.90
N ASP G 225 18.28 3.93 0.76
CA ASP G 225 17.97 3.19 -0.46
C ASP G 225 19.19 2.78 -1.27
N ASN G 226 20.31 3.49 -1.19
CA ASN G 226 21.47 3.18 -2.02
C ASN G 226 22.45 2.25 -1.32
N GLN G 227 22.45 2.23 0.01
CA GLN G 227 23.36 1.39 0.79
C GLN G 227 22.74 0.07 1.19
N ILE G 228 21.84 -0.48 0.35
CA ILE G 228 21.18 -1.75 0.62
C ILE G 228 21.77 -2.78 -0.33
N GLY G 229 22.33 -3.85 0.23
CA GLY G 229 22.89 -4.92 -0.58
C GLY G 229 21.83 -5.97 -0.88
N ASN G 230 21.73 -6.35 -2.15
CA ASN G 230 20.72 -7.33 -2.56
C ASN G 230 20.95 -8.67 -1.88
N ASN G 231 22.20 -9.10 -1.79
CA ASN G 231 22.52 -10.37 -1.15
C ASN G 231 23.92 -10.30 -0.56
N LEU G 232 24.15 -11.14 0.44
CA LEU G 232 25.43 -11.16 1.15
C LEU G 232 25.65 -12.56 1.68
N SER G 233 26.45 -13.34 0.98
CA SER G 233 26.75 -14.71 1.37
C SER G 233 27.68 -14.73 2.57
N PRO G 234 27.71 -15.83 3.33
CA PRO G 234 28.60 -15.90 4.49
C PRO G 234 30.06 -15.76 4.09
N ASN G 235 30.83 -15.10 4.96
CA ASN G 235 32.25 -14.84 4.73
C ASN G 235 32.48 -14.07 3.44
N GLU G 236 31.60 -13.11 3.17
CA GLU G 236 31.72 -12.22 2.02
C GLU G 236 31.45 -10.80 2.48
N THR G 237 31.51 -9.86 1.54
CA THR G 237 31.31 -8.44 1.83
C THR G 237 30.44 -7.83 0.74
N TYR G 238 29.95 -6.62 1.01
CA TYR G 238 29.23 -5.82 0.02
C TYR G 238 29.79 -4.41 0.03
N PRO G 239 30.46 -3.95 -1.04
CA PRO G 239 30.73 -4.72 -2.27
C PRO G 239 31.81 -5.78 -2.08
N LYS G 240 31.85 -6.77 -2.97
CA LYS G 240 32.79 -7.86 -2.84
C LYS G 240 34.22 -7.35 -2.95
N LYS G 241 35.17 -8.24 -2.64
CA LYS G 241 36.58 -7.87 -2.69
C LYS G 241 36.98 -7.46 -4.10
N GLY G 242 37.70 -6.34 -4.20
CA GLY G 242 38.10 -5.79 -5.48
C GLY G 242 37.27 -4.63 -5.96
N LEU G 243 36.28 -4.19 -5.18
CA LEU G 243 35.44 -3.05 -5.55
C LEU G 243 35.57 -1.95 -4.51
N SER G 244 35.28 -0.73 -4.93
CA SER G 244 35.42 0.42 -4.05
C SER G 244 34.46 0.30 -2.86
N PRO G 245 34.85 0.81 -1.70
CA PRO G 245 33.98 0.72 -0.52
C PRO G 245 32.71 1.52 -0.70
N LEU G 246 31.65 1.05 -0.05
CA LEU G 246 30.37 1.75 -0.09
C LEU G 246 30.50 3.12 0.59
N ALA G 247 29.85 4.11 0.00
CA ALA G 247 29.90 5.49 0.50
C ALA G 247 28.51 5.90 0.97
N LEU G 248 28.43 6.38 2.22
CA LEU G 248 27.19 6.87 2.79
C LEU G 248 27.32 8.37 3.05
N ASN G 249 26.29 9.13 2.67
CA ASN G 249 26.30 10.57 2.86
C ASN G 249 24.95 11.12 3.31
N THR G 250 24.00 10.27 3.67
CA THR G 250 22.69 10.72 4.11
C THR G 250 21.98 9.64 4.92
N PRO G 260 29.43 18.38 12.71
CA PRO G 260 29.05 18.15 14.11
C PRO G 260 30.27 17.91 15.01
N ILE G 261 31.36 17.43 14.42
CA ILE G 261 32.58 17.22 15.19
C ILE G 261 33.17 18.56 15.58
N ASN G 262 33.47 18.72 16.86
CA ASN G 262 34.00 19.97 17.40
C ASN G 262 35.39 19.74 17.97
N TYR G 263 35.92 20.77 18.64
CA TYR G 263 37.31 20.77 19.08
C TYR G 263 37.57 19.73 20.17
N ASP G 264 36.61 19.51 21.07
CA ASP G 264 36.82 18.57 22.17
C ASP G 264 37.05 17.15 21.65
N GLN G 265 36.13 16.67 20.80
CA GLN G 265 36.35 15.37 20.19
C GLN G 265 37.54 15.39 19.23
N LEU G 266 37.94 16.57 18.75
CA LEU G 266 39.18 16.65 17.97
C LEU G 266 40.38 16.31 18.84
N LYS G 267 40.44 16.85 20.06
CA LYS G 267 41.50 16.43 20.99
C LYS G 267 41.37 14.95 21.32
N LYS G 268 40.14 14.48 21.50
CA LYS G 268 39.92 13.06 21.80
C LYS G 268 40.49 12.18 20.70
N LEU G 269 40.30 12.56 19.44
CA LEU G 269 40.92 11.84 18.33
C LEU G 269 42.44 11.98 18.37
N ASP G 270 42.94 13.17 18.74
CA ASP G 270 44.38 13.36 18.87
C ASP G 270 44.95 12.48 19.97
N SER G 271 44.15 12.17 20.99
CA SER G 271 44.64 11.35 22.10
C SER G 271 44.99 9.94 21.65
N GLY G 272 44.35 9.47 20.58
CA GLY G 272 44.63 8.13 20.07
C GLY G 272 43.49 7.15 20.22
N LYS G 273 42.26 7.65 20.15
CA LYS G 273 41.07 6.82 20.24
C LYS G 273 40.35 6.82 18.90
N GLN G 274 40.04 5.61 18.41
CA GLN G 274 39.43 5.46 17.09
C GLN G 274 37.91 5.46 17.19
N ILE G 275 37.28 6.17 16.26
CA ILE G 275 35.82 6.24 16.19
C ILE G 275 35.32 4.95 15.57
N LYS G 276 34.86 4.01 16.41
CA LYS G 276 34.27 2.79 15.89
C LYS G 276 32.87 3.05 15.36
N LEU G 277 32.45 2.22 14.42
CA LEU G 277 31.11 2.31 13.83
C LEU G 277 30.33 1.09 14.31
N GLU G 278 29.55 1.27 15.37
CA GLU G 278 28.78 0.19 15.97
C GLU G 278 27.37 0.18 15.38
N THR G 279 26.87 -1.02 15.09
CA THR G 279 25.56 -1.19 14.48
C THR G 279 24.60 -1.74 15.53
N THR G 280 23.49 -1.02 15.76
CA THR G 280 22.49 -1.46 16.71
C THR G 280 21.73 -2.67 16.19
N GLN G 281 21.28 -2.62 14.94
CA GLN G 281 20.46 -3.67 14.37
C GLN G 281 20.60 -3.66 12.86
N VAL G 282 20.43 -4.84 12.26
CA VAL G 282 20.44 -4.99 10.81
C VAL G 282 19.23 -5.81 10.42
N SER G 283 18.56 -5.40 9.35
CA SER G 283 17.33 -6.03 8.90
C SER G 283 17.52 -6.63 7.51
N GLY G 284 17.06 -7.86 7.33
CA GLY G 284 17.21 -8.55 6.06
C GLY G 284 16.40 -9.83 5.98
N ASN G 285 16.11 -10.27 4.76
CA ASN G 285 15.25 -11.42 4.52
C ASN G 285 16.07 -12.70 4.39
N TYR G 286 15.37 -13.83 4.45
CA TYR G 286 15.97 -15.14 4.21
C TYR G 286 15.27 -15.82 3.05
N GLY G 287 15.96 -16.80 2.47
CA GLY G 287 15.40 -17.53 1.34
C GLY G 287 14.58 -18.72 1.81
N THR G 288 13.47 -18.97 1.11
CA THR G 288 12.60 -20.08 1.41
C THR G 288 11.92 -20.53 0.14
N LYS G 289 11.62 -21.83 0.06
CA LYS G 289 10.99 -22.38 -1.13
C LYS G 289 9.52 -21.96 -1.19
N ASN G 290 8.83 -22.44 -2.22
CA ASN G 290 7.44 -22.08 -2.45
C ASN G 290 6.70 -23.30 -2.98
N SER G 291 5.42 -23.11 -3.30
CA SER G 291 4.59 -24.16 -3.86
C SER G 291 4.76 -24.30 -5.36
N GLN G 292 5.64 -23.50 -5.97
CA GLN G 292 5.89 -23.55 -7.41
C GLN G 292 7.37 -23.74 -7.72
N GLY G 293 8.17 -24.12 -6.72
CA GLY G 293 9.58 -24.35 -6.91
C GLY G 293 10.46 -23.12 -6.85
N GLN G 294 9.89 -21.95 -6.62
CA GLN G 294 10.65 -20.71 -6.60
C GLN G 294 11.23 -20.44 -5.21
N ILE G 295 12.11 -19.44 -5.14
CA ILE G 295 12.66 -18.95 -3.89
C ILE G 295 12.15 -17.53 -3.69
N ILE G 296 11.39 -17.31 -2.62
CA ILE G 296 10.77 -16.02 -2.34
C ILE G 296 11.48 -15.42 -1.12
N THR G 297 11.91 -14.17 -1.25
CA THR G 297 12.52 -13.44 -0.15
C THR G 297 11.77 -12.13 0.13
N GLU G 298 10.51 -12.04 -0.28
CA GLU G 298 9.67 -10.89 0.00
C GLU G 298 8.66 -11.28 1.05
N GLY G 299 8.65 -10.56 2.17
CA GLY G 299 7.83 -10.90 3.30
C GLY G 299 8.52 -11.72 4.36
N ASN G 300 9.56 -12.47 4.00
CA ASN G 300 10.39 -13.16 4.98
C ASN G 300 11.29 -12.14 5.66
N SER G 301 11.53 -12.33 6.96
CA SER G 301 12.39 -11.43 7.71
C SER G 301 13.14 -12.20 8.78
N TRP G 302 14.41 -11.86 8.96
CA TRP G 302 15.23 -12.48 9.98
C TRP G 302 14.90 -11.99 11.39
N SER G 303 14.39 -10.77 11.55
CA SER G 303 14.12 -10.20 12.86
C SER G 303 13.13 -11.02 13.67
N ASN G 304 12.32 -11.86 13.03
CA ASN G 304 11.40 -12.75 13.73
C ASN G 304 12.11 -13.93 14.40
N TYR G 305 13.24 -14.37 13.86
CA TYR G 305 13.92 -15.56 14.33
C TYR G 305 15.21 -15.24 15.10
N ILE G 306 15.38 -13.99 15.52
CA ILE G 306 16.59 -13.59 16.23
C ILE G 306 16.43 -13.85 17.72
N SER G 307 15.30 -13.40 18.27
CA SER G 307 15.05 -13.53 19.71
C SER G 307 14.83 -14.99 20.10
N GLN G 308 14.59 -15.84 19.11
CA GLN G 308 14.44 -17.28 19.35
C GLN G 308 15.75 -18.04 19.23
N ILE G 309 16.60 -17.67 18.28
CA ILE G 309 17.92 -18.27 18.16
C ILE G 309 18.83 -17.85 19.31
N ASP G 310 18.80 -16.56 19.67
CA ASP G 310 19.69 -16.06 20.72
C ASP G 310 19.30 -16.56 22.11
N SER G 311 18.01 -16.78 22.35
CA SER G 311 17.54 -17.18 23.66
C SER G 311 17.45 -18.69 23.84
N VAL G 312 17.92 -19.46 22.85
CA VAL G 312 17.90 -20.92 22.96
C VAL G 312 19.27 -21.55 22.78
N SER G 313 20.18 -20.93 22.03
CA SER G 313 21.46 -21.53 21.69
C SER G 313 22.56 -21.00 22.60
N ALA G 314 23.78 -21.49 22.36
CA ALA G 314 24.97 -21.04 23.07
C ALA G 314 25.94 -20.44 22.08
N SER G 315 26.43 -19.23 22.37
CA SER G 315 27.25 -18.50 21.44
C SER G 315 28.71 -18.96 21.48
N ILE G 316 29.27 -19.21 20.31
CA ILE G 316 30.68 -19.59 20.17
C ILE G 316 31.29 -18.73 19.07
N ILE G 317 32.44 -18.12 19.36
CA ILE G 317 33.13 -17.25 18.42
C ILE G 317 34.57 -17.70 18.30
N LEU G 318 35.05 -17.81 17.05
CA LEU G 318 36.43 -18.19 16.77
C LEU G 318 37.09 -17.09 15.95
N ASP G 319 38.28 -16.68 16.38
CA ASP G 319 39.06 -15.65 15.69
C ASP G 319 40.41 -16.26 15.31
N THR G 320 40.65 -16.38 14.01
CA THR G 320 41.88 -16.97 13.50
C THR G 320 42.91 -15.93 13.07
N GLY G 321 42.71 -14.66 13.47
CA GLY G 321 43.62 -13.61 13.09
C GLY G 321 43.18 -12.89 11.83
N SER G 322 43.15 -13.61 10.71
CA SER G 322 42.68 -13.05 9.46
C SER G 322 41.18 -13.25 9.26
N GLN G 323 40.65 -14.36 9.75
CA GLN G 323 39.23 -14.67 9.63
C GLN G 323 38.62 -14.84 11.02
N THR G 324 37.36 -14.43 11.14
CA THR G 324 36.60 -14.56 12.38
C THR G 324 35.23 -15.14 12.07
N PHE G 325 34.83 -16.15 12.84
CA PHE G 325 33.55 -16.83 12.64
C PHE G 325 32.76 -16.83 13.93
N GLU G 326 31.46 -16.56 13.83
CA GLU G 326 30.56 -16.55 14.98
C GLU G 326 29.38 -17.46 14.70
N ARG G 327 29.28 -18.54 15.46
CA ARG G 327 28.21 -19.52 15.31
C ARG G 327 27.38 -19.58 16.58
N ARG G 328 26.25 -20.29 16.48
CA ARG G 328 25.37 -20.55 17.61
C ARG G 328 25.02 -22.03 17.64
N VAL G 329 25.09 -22.64 18.82
CA VAL G 329 24.80 -24.06 18.99
C VAL G 329 23.71 -24.20 20.04
N ALA G 330 22.68 -24.97 19.73
CA ALA G 330 21.55 -25.13 20.63
C ALA G 330 21.98 -25.83 21.93
N ALA G 331 21.08 -25.80 22.90
CA ALA G 331 21.34 -26.40 24.21
C ALA G 331 20.02 -26.78 24.84
N LYS G 332 20.08 -27.27 26.07
CA LYS G 332 18.92 -27.76 26.80
C LYS G 332 18.64 -26.86 28.00
N GLU G 333 17.36 -26.62 28.26
CA GLU G 333 16.97 -25.80 29.40
C GLU G 333 16.97 -26.64 30.67
N GLN G 334 17.65 -26.15 31.70
CA GLN G 334 17.78 -26.91 32.94
C GLN G 334 16.44 -27.01 33.67
N GLY G 335 15.67 -25.91 33.70
CA GLY G 335 14.40 -25.93 34.41
C GLY G 335 13.38 -26.84 33.75
N ASN G 336 13.31 -26.82 32.43
CA ASN G 336 12.29 -27.59 31.70
C ASN G 336 12.61 -29.07 31.77
N PRO G 337 11.70 -29.91 32.28
CA PRO G 337 11.94 -31.36 32.26
C PRO G 337 11.54 -32.02 30.94
N GLU G 338 10.78 -31.34 30.09
CA GLU G 338 10.34 -31.88 28.82
C GLU G 338 11.11 -31.31 27.64
N ASP G 339 12.27 -30.71 27.88
CA ASP G 339 13.13 -30.20 26.81
C ASP G 339 14.02 -31.35 26.34
N LYS G 340 13.73 -31.88 25.16
CA LYS G 340 14.39 -33.08 24.67
C LYS G 340 15.61 -32.79 23.79
N THR G 341 16.05 -31.54 23.74
CA THR G 341 17.21 -31.19 22.94
C THR G 341 18.43 -31.95 23.44
N PRO G 342 19.16 -32.65 22.57
CA PRO G 342 20.34 -33.40 23.02
C PRO G 342 21.41 -32.49 23.59
N GLU G 343 22.12 -33.00 24.59
CA GLU G 343 23.20 -32.27 25.23
C GLU G 343 24.54 -32.87 24.82
N ILE G 344 25.46 -32.01 24.41
CA ILE G 344 26.79 -32.41 23.96
C ILE G 344 27.82 -31.51 24.62
N THR G 345 29.05 -32.03 24.73
CA THR G 345 30.10 -31.30 25.41
C THR G 345 30.60 -30.15 24.54
N ILE G 346 31.57 -29.40 25.06
CA ILE G 346 32.11 -28.26 24.34
C ILE G 346 32.88 -28.72 23.11
N GLY G 347 33.59 -29.84 23.21
CA GLY G 347 34.37 -30.32 22.09
C GLY G 347 33.50 -30.71 20.90
N GLU G 348 32.44 -31.39 21.16
CA GLU G 348 31.60 -31.77 20.05
C GLU G 348 31.02 -30.47 19.58
N ALA G 349 30.44 -29.69 20.39
CA ALA G 349 29.79 -28.48 19.92
C ALA G 349 30.70 -27.69 18.99
N ILE G 350 31.96 -27.54 19.37
CA ILE G 350 32.92 -26.80 18.53
C ILE G 350 33.13 -27.53 17.21
N LYS G 351 33.31 -28.85 17.26
CA LYS G 351 33.53 -29.62 16.05
C LYS G 351 32.34 -29.54 15.11
N LYS G 352 31.13 -29.60 15.66
CA LYS G 352 29.93 -29.50 14.82
C LYS G 352 29.78 -28.10 14.24
N ALA G 353 30.04 -27.07 15.05
CA ALA G 353 29.83 -25.70 14.59
C ALA G 353 30.82 -25.32 13.50
N PHE G 354 32.11 -25.59 13.72
CA PHE G 354 33.14 -25.14 12.80
C PHE G 354 33.57 -26.20 11.80
N SER G 355 32.93 -27.38 11.82
CA SER G 355 33.24 -28.46 10.89
C SER G 355 34.73 -28.82 10.93
N ALA G 356 35.28 -28.89 12.13
CA ALA G 356 36.69 -29.24 12.29
C ALA G 356 36.90 -30.73 12.00
N THR G 357 38.13 -31.07 11.64
CA THR G 357 38.53 -32.44 11.34
C THR G 357 39.21 -33.03 12.55
N LYS G 358 38.62 -34.11 13.08
CA LYS G 358 39.14 -34.77 14.29
C LYS G 358 40.18 -35.80 13.86
N ASN G 359 41.43 -35.37 13.77
CA ASN G 359 42.53 -36.24 13.36
C ASN G 359 43.01 -37.00 14.60
N GLY G 360 42.37 -38.13 14.88
CA GLY G 360 42.72 -38.92 16.03
C GLY G 360 41.97 -38.47 17.27
N GLU G 361 42.63 -37.69 18.13
CA GLU G 361 42.02 -37.13 19.31
C GLU G 361 42.08 -35.61 19.36
N LEU G 362 42.79 -34.97 18.45
CA LEU G 362 42.98 -33.53 18.46
C LEU G 362 42.21 -32.91 17.30
N LEU G 363 41.48 -31.84 17.58
CA LEU G 363 40.73 -31.16 16.54
C LEU G 363 41.68 -30.42 15.59
N TYR G 364 41.19 -30.16 14.39
CA TYR G 364 41.99 -29.48 13.37
C TYR G 364 41.06 -28.69 12.46
N PHE G 365 41.37 -27.41 12.26
CA PHE G 365 40.62 -26.53 11.36
C PHE G 365 41.60 -26.02 10.32
N ASN G 366 41.43 -26.47 9.07
CA ASN G 366 42.35 -26.15 7.98
C ASN G 366 43.78 -26.57 8.32
N GLY G 367 43.93 -27.62 9.13
CA GLY G 367 45.22 -28.06 9.60
C GLY G 367 45.74 -27.33 10.82
N ILE G 368 45.02 -26.30 11.29
CA ILE G 368 45.44 -25.53 12.44
C ILE G 368 44.71 -26.08 13.66
N PRO G 369 45.43 -26.54 14.69
CA PRO G 369 44.75 -27.09 15.87
C PRO G 369 44.03 -26.02 16.65
N ILE G 370 42.90 -26.41 17.25
CA ILE G 370 42.06 -25.49 18.01
C ILE G 370 41.79 -26.06 19.39
N ASP G 371 42.56 -27.07 19.78
CA ASP G 371 42.40 -27.68 21.10
C ASP G 371 42.75 -26.67 22.19
N GLU G 372 42.16 -26.87 23.37
CA GLU G 372 42.38 -25.94 24.48
C GLU G 372 43.84 -25.90 24.92
N SER G 373 44.63 -26.92 24.58
CA SER G 373 46.07 -26.90 24.83
C SER G 373 46.84 -26.20 23.72
N CYS G 374 46.15 -25.68 22.71
CA CYS G 374 46.79 -24.99 21.60
C CYS G 374 46.27 -23.58 21.39
N VAL G 375 45.16 -23.20 22.03
CA VAL G 375 44.57 -21.88 21.89
C VAL G 375 44.24 -21.34 23.27
N GLU G 376 44.02 -20.03 23.34
CA GLU G 376 43.69 -19.34 24.58
C GLU G 376 42.20 -19.00 24.55
N LEU G 377 41.42 -19.68 25.38
CA LEU G 377 39.98 -19.48 25.42
C LEU G 377 39.64 -18.23 26.22
N ILE G 378 38.46 -17.67 25.94
CA ILE G 378 37.96 -16.48 26.61
C ILE G 378 36.49 -16.68 26.95
N PHE G 379 36.14 -16.38 28.19
CA PHE G 379 34.75 -16.50 28.63
C PHE G 379 34.30 -15.24 29.35
N ASP G 380 33.11 -15.28 29.95
CA ASP G 380 32.61 -14.22 30.81
C ASP G 380 32.41 -14.79 32.22
N ASP G 381 31.82 -13.98 33.10
CA ASP G 381 31.75 -14.35 34.52
C ASP G 381 30.90 -15.60 34.74
N ASN G 382 29.67 -15.60 34.21
CA ASN G 382 28.75 -16.70 34.47
C ASN G 382 29.26 -18.01 33.87
N THR G 383 29.76 -17.95 32.63
CA THR G 383 30.32 -19.13 32.00
C THR G 383 31.53 -19.65 32.76
N SER G 384 32.39 -18.74 33.23
CA SER G 384 33.55 -19.16 34.01
C SER G 384 33.13 -19.84 35.30
N GLU G 385 32.13 -19.30 35.99
CA GLU G 385 31.66 -19.94 37.21
C GLU G 385 31.07 -21.32 36.91
N ILE G 386 30.29 -21.44 35.83
CA ILE G 386 29.69 -22.72 35.50
C ILE G 386 30.77 -23.75 35.18
N ILE G 387 31.77 -23.36 34.38
CA ILE G 387 32.81 -24.30 33.99
C ILE G 387 33.67 -24.68 35.18
N LYS G 388 33.93 -23.73 36.09
CA LYS G 388 34.70 -24.06 37.29
C LYS G 388 33.93 -25.03 38.18
N GLU G 389 32.64 -24.80 38.36
CA GLU G 389 31.83 -25.68 39.19
C GLU G 389 31.75 -27.08 38.59
N GLN G 390 31.55 -27.18 37.27
CA GLN G 390 31.37 -28.48 36.65
C GLN G 390 32.69 -29.20 36.37
N LEU G 391 33.82 -28.50 36.45
CA LEU G 391 35.11 -29.17 36.29
C LEU G 391 35.44 -30.04 37.50
N LYS G 392 35.06 -29.60 38.70
CA LYS G 392 35.39 -30.34 39.91
C LYS G 392 34.72 -31.71 39.96
N TYR G 393 33.66 -31.91 39.20
CA TYR G 393 32.97 -33.19 39.16
C TYR G 393 33.50 -34.14 38.09
N LEU G 394 34.54 -33.72 37.37
CA LEU G 394 35.10 -34.52 36.28
C LEU G 394 36.50 -35.00 36.65
N ASP G 395 36.73 -36.30 36.55
CA ASP G 395 38.04 -36.85 36.84
C ASP G 395 39.05 -36.48 35.76
N ASP G 396 38.59 -36.37 34.51
CA ASP G 396 39.49 -36.03 33.41
C ASP G 396 40.03 -34.61 33.57
N LYS G 397 39.20 -33.68 34.07
CA LYS G 397 39.60 -32.30 34.32
C LYS G 397 40.05 -31.61 33.03
N LYS G 398 39.18 -31.66 32.02
CA LYS G 398 39.43 -31.02 30.74
C LYS G 398 38.24 -30.15 30.36
N ILE G 399 38.54 -29.02 29.71
CA ILE G 399 37.50 -28.07 29.34
C ILE G 399 36.52 -28.71 28.34
N TYR G 400 37.05 -29.42 27.35
CA TYR G 400 36.25 -29.95 26.25
C TYR G 400 35.48 -31.21 26.61
N ASN G 401 35.39 -31.55 27.90
CA ASN G 401 34.61 -32.70 28.35
C ASN G 401 33.49 -32.28 29.30
N VAL G 402 32.95 -31.08 29.08
CA VAL G 402 31.93 -30.51 29.95
C VAL G 402 30.68 -30.24 29.11
N LYS G 403 29.53 -30.69 29.59
CA LYS G 403 28.28 -30.53 28.85
C LYS G 403 27.97 -29.05 28.63
N LEU G 404 27.60 -28.71 27.41
CA LEU G 404 27.23 -27.33 27.09
C LEU G 404 25.91 -26.96 27.73
N GLU G 405 25.80 -25.69 28.14
CA GLU G 405 24.62 -25.18 28.80
C GLU G 405 24.11 -23.94 28.08
N ARG G 406 22.80 -23.71 28.21
CA ARG G 406 22.17 -22.57 27.56
C ARG G 406 22.73 -21.25 28.10
N GLY G 407 23.02 -20.32 27.20
CA GLY G 407 23.54 -19.02 27.58
C GLY G 407 25.04 -18.94 27.72
N MET G 408 25.76 -20.04 27.49
CA MET G 408 27.21 -20.02 27.62
C MET G 408 27.85 -19.27 26.46
N ASN G 409 28.81 -18.39 26.79
CA ASN G 409 29.53 -17.61 25.79
C ASN G 409 30.99 -18.06 25.81
N ILE G 410 31.49 -18.45 24.64
CA ILE G 410 32.85 -18.94 24.49
C ILE G 410 33.52 -18.19 23.34
N LEU G 411 34.78 -17.80 23.53
CA LEU G 411 35.57 -17.17 22.49
C LEU G 411 36.90 -17.87 22.39
N ILE G 412 37.26 -18.30 21.18
CA ILE G 412 38.50 -19.04 20.93
C ILE G 412 39.46 -18.12 20.20
N LYS G 413 40.61 -17.87 20.79
CA LYS G 413 41.64 -17.02 20.20
C LYS G 413 42.77 -17.90 19.70
N VAL G 414 42.86 -18.05 18.38
CA VAL G 414 43.94 -18.84 17.79
C VAL G 414 45.22 -18.00 17.80
N PRO G 415 46.30 -18.51 18.37
CA PRO G 415 47.52 -17.69 18.50
C PRO G 415 48.19 -17.46 17.17
N SER G 416 48.97 -16.37 17.09
CA SER G 416 49.68 -16.04 15.87
C SER G 416 50.75 -17.09 15.57
N TYR G 417 51.59 -17.40 16.55
CA TYR G 417 52.64 -18.40 16.42
C TYR G 417 52.43 -19.50 17.45
N PHE G 418 52.60 -20.74 17.02
CA PHE G 418 52.39 -21.90 17.90
C PHE G 418 53.32 -23.02 17.49
N THR G 419 54.02 -23.59 18.47
CA THR G 419 54.93 -24.70 18.23
C THR G 419 54.78 -25.73 19.35
N ASN G 420 54.63 -26.98 18.96
CA ASN G 420 54.54 -28.09 19.91
C ASN G 420 55.67 -29.10 19.74
N PHE G 421 56.63 -28.83 18.85
CA PHE G 421 57.77 -29.70 18.58
C PHE G 421 57.37 -31.10 18.11
N ASP G 422 56.11 -31.27 17.69
CA ASP G 422 55.64 -32.58 17.24
C ASP G 422 55.35 -32.58 15.74
N GLU G 423 54.40 -31.75 15.29
CA GLU G 423 54.10 -31.64 13.86
C GLU G 423 53.92 -30.20 13.39
N TYR G 424 53.74 -29.23 14.29
CA TYR G 424 53.39 -27.87 13.92
C TYR G 424 54.45 -26.92 14.46
N ASN G 425 55.02 -26.08 13.60
CA ASN G 425 56.03 -25.12 14.01
C ASN G 425 55.99 -23.97 13.01
N ASN G 426 55.43 -22.83 13.42
CA ASN G 426 55.31 -21.66 12.55
C ASN G 426 56.11 -20.47 13.06
N PHE G 427 57.01 -20.67 14.01
CA PHE G 427 57.86 -19.58 14.46
C PHE G 427 58.77 -19.11 13.32
N PRO G 428 58.99 -17.81 13.16
CA PRO G 428 59.91 -17.34 12.12
C PRO G 428 61.33 -17.86 12.29
N ALA G 429 61.77 -18.04 13.54
CA ALA G 429 63.10 -18.55 13.84
C ALA G 429 62.98 -19.73 14.79
N SER G 430 63.97 -20.62 14.72
CA SER G 430 63.97 -21.81 15.56
C SER G 430 64.53 -21.48 16.94
N TRP G 431 63.98 -22.13 17.96
CA TRP G 431 64.47 -21.96 19.32
C TRP G 431 65.91 -22.47 19.43
N SER G 432 66.70 -21.78 20.25
CA SER G 432 68.06 -22.22 20.51
C SER G 432 68.07 -23.40 21.47
N ASN G 433 69.00 -24.32 21.26
CA ASN G 433 69.18 -25.50 22.10
C ASN G 433 67.89 -26.34 22.15
N ILE G 434 67.50 -26.83 20.98
CA ILE G 434 66.31 -27.66 20.85
C ILE G 434 66.70 -29.12 20.98
N ASP G 435 66.06 -29.82 21.90
CA ASP G 435 66.25 -31.25 22.08
C ASP G 435 64.92 -31.95 21.90
N THR G 436 64.91 -33.01 21.09
CA THR G 436 63.68 -33.71 20.74
C THR G 436 63.67 -35.19 21.11
N LYS G 437 64.80 -35.76 21.56
CA LYS G 437 64.87 -37.16 21.92
C LYS G 437 64.18 -37.35 23.27
N ASN G 438 62.85 -37.45 23.22
CA ASN G 438 62.05 -37.57 24.43
C ASN G 438 60.77 -38.31 24.11
N GLN G 439 60.15 -38.87 25.15
CA GLN G 439 58.85 -39.51 25.02
C GLN G 439 57.85 -39.08 26.08
N ASP G 440 58.30 -38.47 27.19
CA ASP G 440 57.42 -38.04 28.26
C ASP G 440 56.77 -36.68 27.97
N GLY G 441 56.77 -36.24 26.71
CA GLY G 441 56.17 -34.97 26.37
C GLY G 441 54.66 -34.99 26.51
N LEU G 442 54.06 -33.80 26.35
CA LEU G 442 52.62 -33.67 26.52
C LEU G 442 51.87 -34.48 25.48
N GLN G 443 52.34 -34.46 24.22
CA GLN G 443 51.75 -35.28 23.18
C GLN G 443 52.72 -36.36 22.68
N SER G 444 53.86 -35.96 22.13
CA SER G 444 54.89 -36.91 21.72
C SER G 444 56.23 -36.66 22.41
N VAL G 445 56.76 -35.44 22.33
CA VAL G 445 58.08 -35.12 22.85
C VAL G 445 58.01 -33.82 23.64
N ALA G 446 59.04 -33.59 24.44
CA ALA G 446 59.20 -32.34 25.18
C ALA G 446 60.65 -31.89 25.09
N ASN G 447 60.85 -30.58 25.22
CA ASN G 447 62.19 -30.01 25.16
C ASN G 447 62.80 -30.01 26.56
N LYS G 448 63.98 -30.62 26.67
CA LYS G 448 64.68 -30.71 27.96
C LYS G 448 65.32 -29.36 28.25
N LEU G 449 64.57 -28.51 28.96
CA LEU G 449 65.04 -27.18 29.31
C LEU G 449 66.04 -27.31 30.45
N SER G 450 67.28 -27.59 30.08
CA SER G 450 68.40 -27.72 31.01
C SER G 450 69.41 -26.64 30.67
N GLY G 451 69.23 -25.46 31.26
CA GLY G 451 70.11 -24.35 31.01
C GLY G 451 69.39 -23.10 30.51
N GLU G 452 69.74 -22.66 29.31
CA GLU G 452 69.16 -21.46 28.72
C GLU G 452 68.81 -21.71 27.26
N THR G 453 67.69 -21.12 26.83
CA THR G 453 67.27 -21.16 25.43
C THR G 453 66.81 -19.76 25.02
N LYS G 454 67.26 -19.31 23.86
CA LYS G 454 66.93 -17.98 23.36
C LYS G 454 66.22 -18.10 22.01
N ILE G 455 65.50 -17.04 21.65
CA ILE G 455 64.78 -16.98 20.39
C ILE G 455 64.83 -15.55 19.87
N ILE G 456 64.97 -15.41 18.55
CA ILE G 456 64.99 -14.12 17.89
C ILE G 456 63.71 -13.96 17.10
N ILE G 457 62.96 -12.89 17.39
CA ILE G 457 61.72 -12.58 16.67
C ILE G 457 61.81 -11.16 16.14
N PRO G 458 61.81 -10.97 14.82
CA PRO G 458 61.91 -9.62 14.27
C PRO G 458 60.71 -8.76 14.62
N MET G 459 60.96 -7.45 14.75
CA MET G 459 59.87 -6.52 15.03
C MET G 459 58.88 -6.45 13.88
N SER G 460 59.37 -6.51 12.64
CA SER G 460 58.49 -6.41 11.48
C SER G 460 57.46 -7.53 11.44
N LYS G 461 57.75 -8.67 12.07
CA LYS G 461 56.80 -9.77 12.12
C LYS G 461 55.71 -9.57 13.16
N LEU G 462 55.81 -8.54 13.99
CA LEU G 462 54.82 -8.25 15.02
C LEU G 462 54.11 -6.94 14.69
N LYS G 463 52.80 -6.93 14.85
CA LYS G 463 52.04 -5.72 14.59
C LYS G 463 52.32 -4.68 15.68
N PRO G 464 52.67 -3.45 15.31
CA PRO G 464 52.95 -2.43 16.33
C PRO G 464 51.68 -1.99 17.05
N TYR G 465 51.89 -1.39 18.22
CA TYR G 465 50.80 -0.87 19.05
C TYR G 465 49.82 -1.97 19.46
N LYS G 466 50.34 -3.18 19.71
CA LYS G 466 49.51 -4.32 20.06
C LYS G 466 50.02 -4.95 21.35
N ARG G 467 49.11 -5.57 22.08
CA ARG G 467 49.43 -6.28 23.32
C ARG G 467 49.44 -7.78 23.06
N TYR G 468 50.52 -8.43 23.44
CA TYR G 468 50.71 -9.86 23.20
C TYR G 468 50.67 -10.63 24.51
N VAL G 469 50.47 -11.94 24.39
CA VAL G 469 50.46 -12.85 25.52
C VAL G 469 51.33 -14.05 25.19
N PHE G 470 52.26 -14.39 26.08
CA PHE G 470 53.14 -15.54 25.93
C PHE G 470 52.70 -16.62 26.91
N SER G 471 52.46 -17.83 26.38
CA SER G 471 51.94 -18.91 27.19
C SER G 471 52.62 -20.22 26.81
N GLY G 472 52.62 -21.16 27.74
CA GLY G 472 53.23 -22.45 27.51
C GLY G 472 52.90 -23.40 28.65
N TYR G 473 53.41 -24.62 28.53
CA TYR G 473 53.22 -25.66 29.53
C TYR G 473 54.57 -26.11 30.04
N SER G 474 54.67 -26.25 31.37
CA SER G 474 55.93 -26.63 32.01
C SER G 474 55.67 -27.71 33.05
N LYS G 475 56.70 -28.48 33.35
CA LYS G 475 56.62 -29.54 34.34
C LYS G 475 58.01 -29.80 34.90
N ASP G 476 58.10 -29.91 36.23
CA ASP G 476 59.35 -30.21 36.93
C ASP G 476 59.13 -31.47 37.75
N PRO G 477 59.52 -32.64 37.23
CA PRO G 477 59.37 -33.87 38.02
C PRO G 477 60.12 -33.84 39.34
N SER G 478 61.29 -33.20 39.38
CA SER G 478 62.04 -33.11 40.63
C SER G 478 61.39 -32.17 41.64
N THR G 479 60.55 -31.25 41.17
CA THR G 479 59.87 -30.28 42.04
C THR G 479 60.85 -29.45 42.87
N SER G 480 62.06 -29.27 42.36
CA SER G 480 63.08 -28.49 43.04
C SER G 480 63.81 -27.49 42.15
N ASN G 481 63.80 -27.68 40.83
CA ASN G 481 64.50 -26.75 39.95
C ASN G 481 63.74 -25.42 39.86
N SER G 482 64.47 -24.36 39.58
CA SER G 482 63.93 -23.02 39.49
C SER G 482 63.91 -22.54 38.05
N ILE G 483 62.87 -21.79 37.69
CA ILE G 483 62.72 -21.22 36.36
C ILE G 483 62.64 -19.71 36.49
N THR G 484 63.51 -19.02 35.74
CA THR G 484 63.48 -17.57 35.65
C THR G 484 63.47 -17.17 34.19
N VAL G 485 62.59 -16.24 33.82
CA VAL G 485 62.43 -15.82 32.44
C VAL G 485 62.49 -14.30 32.36
N ASN G 486 62.88 -13.81 31.18
CA ASN G 486 62.94 -12.38 30.90
C ASN G 486 62.46 -12.12 29.48
N ILE G 487 61.75 -11.01 29.32
CA ILE G 487 61.26 -10.56 28.03
C ILE G 487 61.86 -9.19 27.74
N LYS G 488 62.47 -9.05 26.57
CA LYS G 488 63.18 -7.83 26.20
C LYS G 488 62.36 -7.11 25.13
N SER G 489 61.73 -6.01 25.53
CA SER G 489 60.88 -5.22 24.66
C SER G 489 60.98 -3.77 25.12
N LYS G 490 60.00 -2.95 24.75
CA LYS G 490 59.96 -1.57 25.24
C LYS G 490 59.82 -1.52 26.76
N GLU G 491 59.30 -2.57 27.38
CA GLU G 491 59.17 -2.67 28.85
C GLU G 491 59.75 -4.02 29.25
N GLN G 492 61.04 -4.05 29.56
CA GLN G 492 61.71 -5.28 29.95
C GLN G 492 61.31 -5.67 31.36
N LYS G 493 60.86 -6.92 31.52
CA LYS G 493 60.46 -7.44 32.82
C LYS G 493 61.00 -8.85 32.97
N THR G 494 61.54 -9.15 34.15
CA THR G 494 62.07 -10.46 34.47
C THR G 494 61.21 -11.11 35.55
N ASP G 495 60.76 -12.33 35.28
CA ASP G 495 59.89 -13.06 36.20
C ASP G 495 60.43 -14.47 36.41
N TYR G 496 60.08 -15.05 37.55
CA TYR G 496 60.52 -16.38 37.92
C TYR G 496 59.32 -17.23 38.29
N LEU G 497 59.39 -18.52 37.97
CA LEU G 497 58.33 -19.47 38.28
C LEU G 497 58.93 -20.75 38.82
N VAL G 498 58.12 -21.49 39.57
CA VAL G 498 58.53 -22.79 40.11
C VAL G 498 57.55 -23.85 39.60
N PRO G 499 57.94 -24.66 38.61
CA PRO G 499 57.03 -25.69 38.09
C PRO G 499 56.80 -26.78 39.12
N GLU G 500 55.80 -27.60 38.85
CA GLU G 500 55.37 -28.67 39.74
C GLU G 500 55.61 -30.02 39.09
N LYS G 501 55.23 -31.08 39.81
CA LYS G 501 55.43 -32.44 39.31
C LYS G 501 54.63 -32.69 38.04
N ASP G 502 53.38 -32.23 38.00
CA ASP G 502 52.51 -32.44 36.85
C ASP G 502 52.52 -31.22 35.94
N TYR G 503 51.95 -31.40 34.76
CA TYR G 503 51.89 -30.32 33.77
C TYR G 503 51.00 -29.19 34.25
N THR G 504 51.47 -27.96 34.03
CA THR G 504 50.73 -26.75 34.40
C THR G 504 50.80 -25.78 33.23
N LYS G 505 50.24 -24.59 33.44
CA LYS G 505 50.22 -23.55 32.41
C LYS G 505 50.62 -22.22 33.03
N PHE G 506 51.26 -21.38 32.23
CA PHE G 506 51.68 -20.06 32.66
C PHE G 506 51.46 -19.06 31.55
N SER G 507 51.27 -17.80 31.92
CA SER G 507 50.99 -16.73 30.97
C SER G 507 51.87 -15.52 31.28
N TYR G 508 52.28 -14.83 30.21
CA TYR G 508 53.08 -13.62 30.34
C TYR G 508 52.70 -12.68 29.21
N GLU G 509 52.68 -11.38 29.50
CA GLU G 509 52.23 -10.37 28.55
C GLU G 509 53.31 -9.31 28.35
N PHE G 510 53.30 -8.71 27.16
CA PHE G 510 54.20 -7.61 26.85
C PHE G 510 53.58 -6.81 25.71
N GLU G 511 54.06 -5.58 25.55
CA GLU G 511 53.54 -4.65 24.55
C GLU G 511 54.59 -4.39 23.48
N THR G 512 54.12 -3.79 22.38
CA THR G 512 54.99 -3.40 21.28
C THR G 512 54.62 -1.98 20.84
N THR G 513 55.60 -1.29 20.28
CA THR G 513 55.39 0.10 19.86
C THR G 513 56.34 0.42 18.71
N GLY G 514 55.79 0.97 17.64
CA GLY G 514 56.59 1.39 16.50
C GLY G 514 56.94 0.26 15.55
N LYS G 515 56.91 0.54 14.25
CA LYS G 515 57.26 -0.47 13.25
C LYS G 515 58.75 -0.67 13.13
N ASP G 516 59.57 0.27 13.60
CA ASP G 516 61.03 0.19 13.53
C ASP G 516 61.59 0.46 14.92
N SER G 517 61.97 -0.60 15.62
CA SER G 517 62.52 -0.52 16.96
C SER G 517 63.27 -1.80 17.26
N SER G 518 63.65 -1.98 18.53
CA SER G 518 64.35 -3.19 18.94
C SER G 518 63.46 -4.41 18.75
N ASP G 519 64.07 -5.53 18.36
CA ASP G 519 63.33 -6.76 18.14
C ASP G 519 62.87 -7.35 19.48
N ILE G 520 62.15 -8.47 19.40
CA ILE G 520 61.66 -9.18 20.56
C ILE G 520 62.43 -10.49 20.70
N GLU G 521 63.16 -10.62 21.81
CA GLU G 521 63.86 -11.86 22.14
C GLU G 521 63.46 -12.31 23.54
N ILE G 522 63.21 -13.61 23.69
CA ILE G 522 62.70 -14.21 24.92
C ILE G 522 63.76 -15.15 25.49
N THR G 523 63.98 -15.06 26.79
CA THR G 523 64.97 -15.90 27.48
C THR G 523 64.26 -16.90 28.37
N LEU G 524 64.66 -18.17 28.26
CA LEU G 524 64.12 -19.26 29.07
C LEU G 524 65.28 -19.90 29.84
N THR G 525 65.51 -19.42 31.05
CA THR G 525 66.60 -19.91 31.90
C THR G 525 66.08 -20.94 32.88
N SER G 526 66.82 -22.04 33.04
CA SER G 526 66.44 -23.13 33.91
C SER G 526 67.60 -23.49 34.83
N SER G 527 67.26 -24.11 35.97
CA SER G 527 68.25 -24.55 36.94
C SER G 527 68.65 -26.01 36.73
N GLY G 528 67.67 -26.92 36.68
CA GLY G 528 67.95 -28.32 36.50
C GLY G 528 67.38 -28.89 35.21
N VAL G 529 66.50 -29.88 35.35
CA VAL G 529 65.85 -30.53 34.21
C VAL G 529 64.39 -30.11 34.18
N ILE G 530 63.97 -29.47 33.10
CA ILE G 530 62.61 -28.95 32.96
C ILE G 530 62.06 -29.38 31.61
N PHE G 531 60.81 -29.82 31.60
CA PHE G 531 60.14 -30.27 30.38
C PHE G 531 59.21 -29.18 29.89
N LEU G 532 59.31 -28.82 28.62
CA LEU G 532 58.50 -27.79 28.01
C LEU G 532 57.77 -28.34 26.79
N ASP G 533 56.53 -27.90 26.62
CA ASP G 533 55.73 -28.27 25.46
C ASP G 533 54.63 -27.25 25.26
N ASN G 534 54.12 -27.19 24.03
CA ASN G 534 53.04 -26.28 23.65
C ASN G 534 53.37 -24.83 24.02
N LEU G 535 54.45 -24.33 23.41
CA LEU G 535 54.87 -22.96 23.60
C LEU G 535 54.33 -22.12 22.45
N SER G 536 53.55 -21.09 22.77
CA SER G 536 52.90 -20.28 21.76
C SER G 536 52.70 -18.87 22.28
N ILE G 537 52.47 -17.94 21.35
CA ILE G 537 52.27 -16.53 21.66
C ILE G 537 50.95 -16.07 21.07
N THR G 538 50.15 -15.36 21.86
CA THR G 538 48.82 -14.92 21.46
C THR G 538 48.77 -13.39 21.43
N GLU G 539 48.13 -12.87 20.38
CA GLU G 539 48.01 -11.43 20.15
C GLU G 539 46.64 -10.96 20.62
N LEU G 540 46.62 -10.20 21.72
CA LEU G 540 45.39 -9.66 22.27
C LEU G 540 45.13 -8.26 21.70
N ASN G 541 44.24 -7.51 22.34
CA ASN G 541 43.79 -6.20 21.88
C ASN G 541 44.93 -5.23 21.64
N SER G 542 44.65 -4.17 20.88
CA SER G 542 45.66 -3.18 20.50
C SER G 542 45.80 -2.14 21.61
N THR G 543 46.96 -2.09 22.24
CA THR G 543 47.22 -1.07 23.24
C THR G 543 47.42 0.28 22.56
N PRO G 544 46.88 1.35 23.12
CA PRO G 544 47.05 2.68 22.53
C PRO G 544 48.25 3.42 23.09
N GLU G 545 48.72 4.39 22.31
CA GLU G 545 49.83 5.26 22.71
C GLU G 545 49.43 6.71 22.50
N ILE G 546 49.90 7.57 23.40
CA ILE G 546 49.58 9.00 23.33
C ILE G 546 50.26 9.63 22.12
CA CA H . 16.90 -34.18 -11.75
CA CA I . 14.50 -37.30 -11.61
CA CA J . 51.78 -26.92 -36.60
CA CA K . 0.74 -25.65 -32.08
CA CA L . -1.46 -28.74 -31.73
CA CA M . 8.17 -7.55 -69.81
CA CA N . -24.30 -14.21 -30.17
CA CA O . -25.58 -17.87 -29.63
CA CA P . -44.17 16.18 -52.77
CA CA Q . -38.73 -8.23 -8.13
CA CA R . -39.68 -12.25 -7.94
CA CA S . -64.32 24.76 3.90
CA CA T . -32.18 -12.39 18.38
CA CA U . -33.81 -16.72 17.66
CA CA V . -39.26 7.83 54.32
CA CA W . -9.80 -23.20 28.53
CA CA X . -11.23 -27.22 27.72
CA CA Y . 13.88 -16.56 62.47
CA CA Z . 12.57 -32.61 15.17
CA CA AA . 10.65 -36.18 14.26
CA CA BA . 55.29 -32.01 22.04
#